data_7WYV
#
_entry.id   7WYV
#
_cell.length_a   1.00
_cell.length_b   1.00
_cell.length_c   1.00
_cell.angle_alpha   90.00
_cell.angle_beta   90.00
_cell.angle_gamma   90.00
#
_symmetry.space_group_name_H-M   'P 1'
#
loop_
_entity.id
_entity.type
_entity.pdbx_description
1 polymer 'Sodium/potassium-transporting ATPase subunit alpha'
2 polymer 'Na+,K+-ATPase beta subunit'
3 polymer 'FXYD domain-containing ion transport regulator'
4 branched alpha-D-mannopyranose-(1-3)-[alpha-D-mannopyranose-(1-6)]beta-D-mannopyranose-(1-4)-2-acetamido-2-deoxy-beta-D-glucopyranose-(1-4)-[alpha-L-fucopyranose-(1-6)]2-acetamido-2-deoxy-beta-D-glucopyranose
5 branched 2-acetamido-2-deoxy-beta-D-glucopyranose-(1-2)-alpha-D-mannopyranose-(1-3)-[alpha-D-mannopyranose-(1-6)]beta-D-mannopyranose-(1-4)-2-acetamido-2-deoxy-beta-D-glucopyranose-(1-4)-2-acetamido-2-deoxy-beta-D-glucopyranose
6 branched alpha-D-mannopyranose-(1-3)-beta-D-mannopyranose-(1-4)-2-acetamido-2-deoxy-beta-D-glucopyranose-(1-4)-[alpha-L-fucopyranose-(1-6)]2-acetamido-2-deoxy-beta-D-glucopyranose
7 branched 2-acetamido-2-deoxy-beta-D-glucopyranose-(1-4)-2-acetamido-2-deoxy-beta-D-glucopyranose
8 non-polymer 'MAGNESIUM ION'
9 non-polymer 'SODIUM ION'
10 non-polymer "ADENOSINE-5'-TRIPHOSPHATE"
11 non-polymer CHOLESTEROL
12 non-polymer 1,2-DIOLEOYL-SN-GLYCERO-3-PHOSPHOCHOLINE
13 water water
#
loop_
_entity_poly.entity_id
_entity_poly.type
_entity_poly.pdbx_seq_one_letter_code
_entity_poly.pdbx_strand_id
1 'polypeptide(L)'
;MGKGTASDKYEPAATSENATKSKKKGKKDKIDKKRDLDELKKEVSMDDHKLSLDELHNKYGTDLTRGLTNARAKEILARD
GPNSLTPPPTTPEWIKFCRQLFGGFSILLWIGAILCFLAYGIQAATEDEPANDNLYLGVVLSTVVIVTGCFSYYQEAKSS
RIMDSFKNMVPQQALVIRDGEKSTINAEFVVAGDLVEVKGGDRIPADLRIISAHGCKVDNSSLTGESEPQTRSPEFSSEN
PLETRNIAFFSTNCVEGTARGVVVYTGDRTVMGRIATLASGLEVGRTPIAIEIEHFIHIITGVAVFLGVSFFILSLILGY
SWLEAVIFLIGIIVANVPEGLLATVTVCLTLTAKRMARKNCLVKNLEAVETLGSTSTICS(PHD)KTGTLTQNRMTVAHM
WFDNQIHEADTTENQSGAAFDKTSATWSALSRIAALCNRAVFQAGQDNVPILKRSVAGDASESALLKCIELCCGSVQGMR
DRNPKIVEIPFNSTNKYQLSIHENEKSSESRYLLVMKGAPERILDRCSTILLNGAEEPLKEDMKEAFQNAYLELGGLGER
VLGFCHFALPEDKYNEGYPFDADEPNFPTTDLCFVGLMAMIDPPRAAVPDAVGKCRSAGIKVIMVTGDHPITAKAIAKGV
GIISEGNETIEDIAARLNIPIGQVNPRDAKACVVHGSDLKDLSTEVLDDILHYHTEIVFARTSPQQKLIIVEGCQRQGAI
VAVTGDGVNDSPALKKADIGVAMGISGSDVSKQAADMILLDDNFASIVTGVEEGRLIFDNLKKSIAYTLTSNIPEITPFL
VFIIGNVPLPLGTVTILCIDLGTDMVPAISLAYEQAESDIMKRQPRNPKTDKLVNERLISMAYGQIGMIQALGGFFSYFV
ILAENGFLPMDLIGKRVRWDDRWISDVEDSFGQQWTYEQRKIVEFTCHTSFFISIVVVQWADLIICKTRRNSIFQQGMKN
KILIFGLFEETALAAFLSYCPGTDVALRMYPLKPSWWFCAFPYSLIIFLYDEMRRFIIRRSPGGWVEQETYY
;
A,C
2 'polypeptide(L)'
;MARGKSKETDGGWKKFLWDSEKKEFLGRTGSSWFKIFLFYLIFYGCLAGIFIGTIQVLLLTLSDFEPKYQDRVAPPGLSH
APYAIKTEISFSISNPKSYESFVKSMHKLMDLYNESSQAGNSPFEDCSDTPADYIKRGDLDDSQGQKKACRFSRMWLKNC
SGLDDTTYGYAEGKPCVVAKLNRIIGFYPKPLKNTTDLPEELQANYNQYVLPLRCAAKREEDREKIGSIEYFGLGGYAGF
PLQYYPYYGKRLQKKYLQPLLAIQFTNLTQNMELRIECKVYGENIDYSEKDRFRGRFEVKIEVKS
;
B,D
3 'polypeptide(L)'
;MLGAATGLMVLVAVTQGVWAMDPEGPDNDERFTYDYYRLRVVGLIVAAVLCVIGIIILLAGKCRCKFNQNKRTRSNSGTA
TAQHLLQPGEATEC
;
G,E
#
loop_
_chem_comp.id
_chem_comp.type
_chem_comp.name
_chem_comp.formula
ATP non-polymer ADENOSINE-5'-TRIPHOSPHATE 'C10 H16 N5 O13 P3'
BMA D-saccharide, beta linking beta-D-mannopyranose 'C6 H12 O6'
CLR non-polymer CHOLESTEROL 'C27 H46 O'
FUC L-saccharide, alpha linking alpha-L-fucopyranose 'C6 H12 O5'
MAN D-saccharide, alpha linking alpha-D-mannopyranose 'C6 H12 O6'
MG non-polymer 'MAGNESIUM ION' 'Mg 2'
NA non-polymer 'SODIUM ION' 'Na 1'
NAG D-saccharide, beta linking 2-acetamido-2-deoxy-beta-D-glucopyranose 'C8 H15 N O6'
PCW non-polymer 1,2-DIOLEOYL-SN-GLYCERO-3-PHOSPHOCHOLINE 'C44 H85 N O8 P 1'
#
# COMPACT_ATOMS: atom_id res chain seq x y z
N ASP A 36 58.81 28.75 -34.20
CA ASP A 36 58.86 27.58 -33.33
C ASP A 36 58.68 26.32 -34.17
N LEU A 37 59.72 25.98 -34.93
CA LEU A 37 59.69 24.79 -35.77
C LEU A 37 59.57 23.55 -34.88
N ASP A 38 58.45 22.84 -34.97
CA ASP A 38 58.27 21.66 -34.15
C ASP A 38 59.10 20.48 -34.62
N GLU A 39 59.24 20.31 -35.95
CA GLU A 39 60.04 19.19 -36.43
C GLU A 39 61.49 19.31 -35.98
N LEU A 40 62.05 20.53 -36.00
CA LEU A 40 63.43 20.67 -35.58
C LEU A 40 63.55 20.49 -34.07
N LYS A 41 62.42 20.43 -33.38
CA LYS A 41 62.38 20.23 -31.95
C LYS A 41 62.00 18.81 -31.61
N LYS A 42 61.44 18.08 -32.60
CA LYS A 42 61.05 16.70 -32.39
C LYS A 42 62.23 15.77 -32.58
N GLU A 43 63.23 16.21 -33.34
CA GLU A 43 64.44 15.44 -33.61
C GLU A 43 65.22 15.22 -32.33
N VAL A 44 66.07 14.21 -32.33
CA VAL A 44 66.88 13.90 -31.16
C VAL A 44 68.02 14.91 -31.07
N SER A 45 68.35 15.30 -29.84
CA SER A 45 69.41 16.27 -29.58
C SER A 45 70.73 15.87 -30.24
N MET A 46 71.42 16.89 -30.74
CA MET A 46 72.73 16.76 -31.39
C MET A 46 73.70 17.63 -30.59
N ASP A 47 74.99 17.50 -30.85
CA ASP A 47 75.94 18.29 -30.09
C ASP A 47 77.30 18.30 -30.78
N ASP A 48 78.24 19.00 -30.13
CA ASP A 48 79.62 19.17 -30.57
C ASP A 48 80.58 18.59 -29.55
N HIS A 49 80.09 17.62 -28.76
CA HIS A 49 80.91 16.97 -27.74
C HIS A 49 82.18 16.38 -28.30
N LYS A 50 82.08 15.63 -29.41
CA LYS A 50 83.24 15.00 -30.03
C LYS A 50 84.15 16.07 -30.63
N LEU A 51 84.89 16.75 -29.77
CA LEU A 51 85.82 17.80 -30.16
C LEU A 51 86.98 17.78 -29.17
N SER A 52 87.73 18.87 -29.12
CA SER A 52 88.87 19.00 -28.22
C SER A 52 88.71 20.29 -27.44
N LEU A 53 89.63 20.55 -26.51
CA LEU A 53 89.53 21.78 -25.75
C LEU A 53 89.95 22.97 -26.62
N ASP A 54 90.88 22.74 -27.54
CA ASP A 54 91.33 23.81 -28.42
C ASP A 54 90.25 24.13 -29.43
N GLU A 55 89.60 23.10 -30.00
CA GLU A 55 88.55 23.34 -30.98
C GLU A 55 87.39 24.05 -30.33
N LEU A 56 87.06 23.69 -29.09
CA LEU A 56 85.97 24.34 -28.38
C LEU A 56 86.27 25.81 -28.13
N HIS A 57 87.48 26.07 -27.59
CA HIS A 57 87.86 27.45 -27.31
C HIS A 57 87.98 28.25 -28.60
N ASN A 58 88.28 27.59 -29.72
CA ASN A 58 88.40 28.28 -30.99
C ASN A 58 87.05 28.51 -31.63
N LYS A 59 86.04 27.73 -31.25
CA LYS A 59 84.72 27.91 -31.83
C LYS A 59 83.92 28.95 -31.07
N TYR A 60 83.94 28.92 -29.74
CA TYR A 60 83.18 29.92 -29.00
C TYR A 60 84.02 31.11 -28.58
N GLY A 61 85.33 30.93 -28.40
CA GLY A 61 86.21 32.01 -28.00
C GLY A 61 86.31 32.08 -26.49
N THR A 62 87.39 31.55 -25.90
CA THR A 62 87.51 31.60 -24.45
C THR A 62 88.87 31.10 -24.00
N ASP A 63 89.42 31.78 -22.99
CA ASP A 63 90.72 31.42 -22.43
C ASP A 63 90.51 30.29 -21.43
N LEU A 64 91.24 29.18 -21.61
CA LEU A 64 91.08 28.06 -20.71
C LEU A 64 91.58 28.38 -19.30
N THR A 65 92.54 29.30 -19.18
CA THR A 65 93.08 29.66 -17.87
C THR A 65 92.69 31.06 -17.41
N ARG A 66 92.12 31.89 -18.27
CA ARG A 66 91.72 33.24 -17.89
C ARG A 66 90.26 33.54 -18.15
N GLY A 67 89.55 32.71 -18.90
CA GLY A 67 88.15 32.98 -19.16
C GLY A 67 87.97 34.19 -20.06
N LEU A 68 86.76 34.73 -20.03
CA LEU A 68 86.41 35.89 -20.82
C LEU A 68 86.66 37.18 -20.05
N THR A 69 86.52 38.29 -20.76
CA THR A 69 86.72 39.62 -20.21
C THR A 69 85.35 40.20 -19.86
N ASN A 70 85.33 41.13 -18.90
CA ASN A 70 84.07 41.73 -18.50
C ASN A 70 83.38 42.45 -19.67
N ALA A 71 84.15 43.19 -20.47
CA ALA A 71 83.56 43.89 -21.61
C ALA A 71 83.00 42.89 -22.61
N ARG A 72 83.75 41.84 -22.92
CA ARG A 72 83.27 40.83 -23.86
C ARG A 72 82.09 40.08 -23.29
N ALA A 73 82.12 39.80 -21.98
CA ALA A 73 81.02 39.10 -21.34
C ALA A 73 79.73 39.90 -21.46
N LYS A 74 79.81 41.21 -21.19
CA LYS A 74 78.61 42.03 -21.29
C LYS A 74 78.17 42.16 -22.74
N GLU A 75 79.14 42.18 -23.68
CA GLU A 75 78.80 42.29 -25.10
C GLU A 75 77.99 41.08 -25.52
N ILE A 76 78.36 39.90 -25.01
CA ILE A 76 77.61 38.69 -25.39
C ILE A 76 76.29 38.64 -24.64
N LEU A 77 76.28 39.09 -23.38
CA LEU A 77 75.06 39.09 -22.58
C LEU A 77 73.99 39.90 -23.29
N ALA A 78 74.37 41.05 -23.84
CA ALA A 78 73.41 41.89 -24.55
C ALA A 78 73.21 41.41 -25.98
N ARG A 79 74.17 40.64 -26.51
CA ARG A 79 74.06 40.12 -27.86
C ARG A 79 73.03 39.00 -28.00
N ASP A 80 72.91 38.12 -27.00
CA ASP A 80 71.93 37.04 -27.16
C ASP A 80 70.90 36.83 -26.06
N GLY A 81 71.04 37.40 -24.86
CA GLY A 81 70.02 37.18 -23.87
C GLY A 81 70.44 36.44 -22.61
N PRO A 82 69.75 36.74 -21.50
CA PRO A 82 70.07 36.08 -20.23
C PRO A 82 69.82 34.57 -20.25
N ASN A 83 70.55 33.87 -19.39
CA ASN A 83 70.47 32.41 -19.25
C ASN A 83 69.27 32.03 -18.37
N SER A 84 68.08 32.42 -18.81
CA SER A 84 66.86 32.12 -18.07
C SER A 84 65.76 31.69 -19.02
N LEU A 85 65.07 30.61 -18.66
CA LEU A 85 63.99 30.08 -19.48
C LEU A 85 62.85 31.09 -19.61
N THR A 86 62.21 31.10 -20.77
CA THR A 86 61.11 32.00 -21.01
C THR A 86 59.92 31.62 -20.13
N PRO A 87 59.11 32.59 -19.72
CA PRO A 87 57.96 32.28 -18.86
C PRO A 87 56.83 31.66 -19.67
N PRO A 88 55.94 30.92 -19.03
CA PRO A 88 54.83 30.29 -19.75
C PRO A 88 53.85 31.32 -20.28
N PRO A 89 52.99 30.94 -21.23
CA PRO A 89 52.01 31.88 -21.79
C PRO A 89 50.86 32.14 -20.83
N THR A 90 50.85 33.34 -20.23
CA THR A 90 49.83 33.76 -19.27
C THR A 90 48.41 33.58 -19.80
N THR A 91 47.40 33.76 -18.94
CA THR A 91 46.01 33.60 -19.36
C THR A 91 45.04 34.44 -18.52
N PRO A 92 44.49 35.51 -19.08
CA PRO A 92 43.54 36.34 -18.31
C PRO A 92 42.36 35.51 -17.81
N GLU A 93 41.75 35.98 -16.72
CA GLU A 93 40.62 35.26 -16.14
C GLU A 93 39.35 35.34 -16.97
N TRP A 94 39.11 36.43 -17.72
CA TRP A 94 37.88 36.48 -18.50
C TRP A 94 37.89 35.51 -19.67
N ILE A 95 39.06 35.01 -20.04
CA ILE A 95 39.15 34.07 -21.16
C ILE A 95 38.69 32.70 -20.71
N LYS A 96 39.21 32.22 -19.57
CA LYS A 96 38.75 30.90 -19.16
C LYS A 96 37.34 30.92 -18.63
N PHE A 97 36.66 32.06 -18.69
CA PHE A 97 35.29 32.15 -18.23
C PHE A 97 34.42 32.07 -19.47
N CYS A 98 34.87 32.74 -20.53
CA CYS A 98 34.12 32.68 -21.76
C CYS A 98 34.21 31.26 -22.29
N ARG A 99 35.30 30.55 -21.96
CA ARG A 99 35.46 29.18 -22.40
C ARG A 99 34.39 28.29 -21.75
N GLN A 100 34.19 28.45 -20.44
CA GLN A 100 33.19 27.65 -19.74
C GLN A 100 31.78 28.01 -20.18
N LEU A 101 31.58 29.22 -20.70
CA LEU A 101 30.24 29.57 -21.14
C LEU A 101 29.88 28.90 -22.46
N PHE A 102 30.87 28.36 -23.18
CA PHE A 102 30.71 27.67 -24.44
C PHE A 102 31.01 26.18 -24.27
N GLY A 103 31.17 25.50 -25.39
CA GLY A 103 31.45 24.06 -25.38
C GLY A 103 30.50 23.33 -26.30
N GLY A 104 29.90 22.24 -25.82
CA GLY A 104 28.98 21.53 -26.67
C GLY A 104 27.57 21.54 -26.11
N PHE A 105 27.45 21.42 -24.79
CA PHE A 105 26.14 21.43 -24.14
C PHE A 105 25.63 22.86 -23.98
N SER A 106 26.48 23.74 -23.44
CA SER A 106 26.10 25.12 -23.25
C SER A 106 25.76 25.76 -24.58
N ILE A 107 26.38 25.31 -25.66
CA ILE A 107 26.09 25.88 -26.97
C ILE A 107 24.69 25.48 -27.39
N LEU A 108 24.29 24.24 -27.08
CA LEU A 108 22.95 23.80 -27.43
C LEU A 108 21.94 24.64 -26.66
N LEU A 109 22.21 24.92 -25.39
CA LEU A 109 21.27 25.73 -24.63
C LEU A 109 21.25 27.16 -25.16
N TRP A 110 22.38 27.61 -25.71
CA TRP A 110 22.45 28.96 -26.26
C TRP A 110 21.57 29.07 -27.49
N ILE A 111 21.67 28.07 -28.39
CA ILE A 111 20.84 28.12 -29.59
C ILE A 111 19.38 27.99 -29.20
N GLY A 112 19.09 27.28 -28.10
CA GLY A 112 17.71 27.15 -27.68
C GLY A 112 17.15 28.49 -27.25
N ALA A 113 17.94 29.25 -26.49
CA ALA A 113 17.48 30.57 -26.04
C ALA A 113 17.29 31.48 -27.24
N ILE A 114 18.20 31.41 -28.21
CA ILE A 114 18.10 32.24 -29.41
C ILE A 114 16.79 31.94 -30.14
N LEU A 115 16.48 30.65 -30.29
CA LEU A 115 15.25 30.25 -30.97
C LEU A 115 14.03 30.77 -30.23
N CYS A 116 14.06 30.70 -28.89
CA CYS A 116 12.93 31.18 -28.10
C CYS A 116 12.68 32.66 -28.36
N PHE A 117 13.76 33.45 -28.37
CA PHE A 117 13.55 34.89 -28.61
C PHE A 117 13.10 35.15 -30.04
N LEU A 118 13.50 34.30 -30.98
CA LEU A 118 13.07 34.51 -32.36
C LEU A 118 11.57 34.30 -32.46
N ALA A 119 11.08 33.22 -31.84
CA ALA A 119 9.65 32.95 -31.88
C ALA A 119 8.88 34.05 -31.15
N TYR A 120 9.48 34.65 -30.12
CA TYR A 120 8.77 35.71 -29.42
C TYR A 120 8.67 36.93 -30.31
N GLY A 121 9.75 37.24 -31.04
CA GLY A 121 9.72 38.39 -31.93
C GLY A 121 8.64 38.23 -32.98
N ILE A 122 8.56 37.03 -33.56
CA ILE A 122 7.54 36.76 -34.58
C ILE A 122 6.15 36.95 -34.00
N GLN A 123 5.91 36.41 -32.79
CA GLN A 123 4.59 36.56 -32.20
C GLN A 123 4.26 38.01 -31.86
N ALA A 124 5.29 38.81 -31.55
CA ALA A 124 5.04 40.20 -31.21
C ALA A 124 4.70 41.03 -32.44
N ALA A 125 5.41 40.80 -33.55
CA ALA A 125 5.14 41.56 -34.76
C ALA A 125 3.95 41.04 -35.54
N THR A 126 3.51 39.80 -35.31
CA THR A 126 2.37 39.25 -36.03
C THR A 126 1.03 39.32 -35.29
N GLU A 127 1.02 39.13 -33.97
CA GLU A 127 -0.22 39.16 -33.22
C GLU A 127 -0.19 40.16 -32.06
N ASP A 128 -1.38 40.66 -31.74
CA ASP A 128 -1.58 41.62 -30.66
C ASP A 128 -1.89 40.82 -29.40
N GLU A 129 -1.35 41.28 -28.26
CA GLU A 129 -1.48 40.67 -26.94
C GLU A 129 -0.60 39.42 -26.88
N PRO A 130 0.59 39.46 -27.49
CA PRO A 130 1.48 38.28 -27.48
C PRO A 130 1.83 37.79 -26.07
N ALA A 131 1.71 36.48 -25.87
CA ALA A 131 2.04 35.91 -24.57
C ALA A 131 3.54 36.00 -24.36
N ASN A 132 3.96 36.16 -23.11
CA ASN A 132 5.37 36.27 -22.77
C ASN A 132 6.01 34.95 -22.33
N ASP A 133 5.39 33.82 -22.65
CA ASP A 133 5.93 32.51 -22.27
C ASP A 133 7.35 32.30 -22.82
N ASN A 134 7.53 32.55 -24.11
CA ASN A 134 8.83 32.37 -24.76
C ASN A 134 9.92 33.27 -24.18
N LEU A 135 9.57 34.51 -23.82
CA LEU A 135 10.61 35.38 -23.28
C LEU A 135 11.08 34.88 -21.92
N TYR A 136 10.16 34.29 -21.15
CA TYR A 136 10.54 33.77 -19.84
C TYR A 136 11.45 32.56 -20.02
N LEU A 137 11.04 31.64 -20.90
CA LEU A 137 11.85 30.46 -21.15
C LEU A 137 13.25 30.82 -21.65
N GLY A 138 13.35 31.88 -22.45
CA GLY A 138 14.66 32.28 -22.96
C GLY A 138 15.56 32.89 -21.90
N VAL A 139 15.00 33.78 -21.06
CA VAL A 139 15.86 34.36 -20.04
C VAL A 139 16.27 33.27 -19.05
N VAL A 140 15.40 32.28 -18.84
CA VAL A 140 15.73 31.20 -17.91
C VAL A 140 16.88 30.37 -18.47
N LEU A 141 16.85 30.05 -19.77
CA LEU A 141 17.93 29.27 -20.35
C LEU A 141 19.25 30.01 -20.26
N SER A 142 19.23 31.33 -20.52
CA SER A 142 20.46 32.10 -20.44
C SER A 142 21.00 32.09 -19.02
N THR A 143 20.12 32.23 -18.03
CA THR A 143 20.57 32.22 -16.64
C THR A 143 21.17 30.86 -16.28
N VAL A 144 20.59 29.78 -16.79
CA VAL A 144 21.11 28.45 -16.49
C VAL A 144 22.54 28.32 -17.01
N VAL A 145 22.78 28.75 -18.24
CA VAL A 145 24.12 28.66 -18.81
C VAL A 145 25.11 29.50 -18.00
N ILE A 146 24.71 30.71 -17.63
CA ILE A 146 25.61 31.57 -16.86
C ILE A 146 25.96 30.96 -15.51
N VAL A 147 24.97 30.41 -14.80
CA VAL A 147 25.23 29.81 -13.49
C VAL A 147 26.16 28.61 -13.62
N THR A 148 25.93 27.75 -14.62
CA THR A 148 26.78 26.58 -14.79
C THR A 148 28.22 27.02 -15.05
N GLY A 149 28.39 28.07 -15.87
CA GLY A 149 29.74 28.53 -16.16
C GLY A 149 30.42 29.06 -14.91
N CYS A 150 29.69 29.82 -14.09
CA CYS A 150 30.28 30.35 -12.87
C CYS A 150 30.76 29.24 -11.94
N PHE A 151 29.95 28.18 -11.78
CA PHE A 151 30.34 27.08 -10.89
C PHE A 151 31.58 26.35 -11.41
N SER A 152 31.58 25.95 -12.69
CA SER A 152 32.74 25.24 -13.23
C SER A 152 34.00 26.09 -13.16
N TYR A 153 33.87 27.39 -13.43
CA TYR A 153 35.04 28.27 -13.39
C TYR A 153 35.57 28.39 -11.97
N TYR A 154 34.67 28.49 -10.98
CA TYR A 154 35.11 28.59 -9.60
C TYR A 154 35.91 27.36 -9.18
N GLN A 155 35.48 26.17 -9.65
CA GLN A 155 36.22 24.97 -9.27
C GLN A 155 37.61 24.96 -9.90
N GLU A 156 37.70 25.26 -11.19
CA GLU A 156 39.04 25.25 -11.79
C GLU A 156 39.93 26.34 -11.19
N ALA A 157 39.32 27.39 -10.61
CA ALA A 157 40.15 28.43 -10.01
C ALA A 157 40.67 27.95 -8.67
N LYS A 158 39.84 27.18 -7.95
CA LYS A 158 40.26 26.65 -6.66
C LYS A 158 41.49 25.79 -6.86
N SER A 159 41.42 24.90 -7.86
CA SER A 159 42.55 24.02 -8.15
C SER A 159 43.77 24.84 -8.57
N SER A 160 43.56 25.94 -9.31
CA SER A 160 44.71 26.73 -9.71
C SER A 160 45.39 27.39 -8.52
N ARG A 161 44.61 27.81 -7.52
CA ARG A 161 45.22 28.44 -6.35
C ARG A 161 46.04 27.44 -5.55
N ILE A 162 45.45 26.26 -5.29
CA ILE A 162 46.21 25.27 -4.53
C ILE A 162 47.42 24.82 -5.35
N MET A 163 47.38 24.99 -6.68
CA MET A 163 48.52 24.59 -7.49
C MET A 163 49.60 25.66 -7.45
N ASP A 164 49.20 26.93 -7.37
CA ASP A 164 50.17 28.02 -7.31
C ASP A 164 50.89 28.03 -5.97
N SER A 165 50.27 27.46 -4.93
CA SER A 165 50.99 27.48 -3.66
C SER A 165 52.22 26.49 -3.62
N PHE A 166 52.66 25.88 -4.72
CA PHE A 166 53.80 24.96 -4.72
C PHE A 166 55.06 25.47 -5.39
N LYS A 167 54.96 26.44 -6.31
CA LYS A 167 56.13 26.96 -7.02
C LYS A 167 56.99 27.84 -6.11
N ASN A 168 58.07 27.26 -5.57
CA ASN A 168 59.00 27.96 -4.70
C ASN A 168 60.28 28.19 -5.50
N MET A 169 60.52 29.43 -5.93
CA MET A 169 61.70 29.77 -6.72
C MET A 169 62.64 30.72 -5.98
N VAL A 170 63.75 30.19 -5.50
CA VAL A 170 64.75 30.95 -4.76
C VAL A 170 65.87 31.31 -5.74
N PRO A 171 66.30 32.58 -5.81
CA PRO A 171 67.38 32.95 -6.75
C PRO A 171 68.64 32.14 -6.51
N GLN A 172 69.38 31.91 -7.60
CA GLN A 172 70.62 31.14 -7.57
C GLN A 172 71.73 31.89 -8.29
N GLN A 173 72.94 31.83 -7.72
CA GLN A 173 74.11 32.50 -8.29
C GLN A 173 75.21 31.48 -8.59
N ALA A 174 75.81 31.62 -9.77
CA ALA A 174 76.88 30.75 -10.23
C ALA A 174 78.25 31.39 -10.03
N LEU A 175 79.28 30.55 -10.13
CA LEU A 175 80.67 30.96 -9.97
C LEU A 175 81.32 30.98 -11.35
N VAL A 176 81.61 32.18 -11.84
CA VAL A 176 82.22 32.39 -13.15
C VAL A 176 83.61 32.99 -12.94
N ILE A 177 84.52 32.64 -13.84
CA ILE A 177 85.90 33.12 -13.80
C ILE A 177 86.10 34.05 -14.99
N ARG A 178 86.31 35.34 -14.71
CA ARG A 178 86.52 36.34 -15.75
C ARG A 178 87.79 37.11 -15.45
N ASP A 179 88.59 37.34 -16.51
CA ASP A 179 89.85 38.06 -16.44
C ASP A 179 90.83 37.42 -15.47
N GLY A 180 90.54 36.20 -15.01
CA GLY A 180 91.39 35.50 -14.08
C GLY A 180 90.94 35.57 -12.65
N GLU A 181 89.70 35.99 -12.39
CA GLU A 181 89.18 36.09 -11.03
C GLU A 181 87.84 35.39 -10.92
N LYS A 182 87.60 34.83 -9.73
CA LYS A 182 86.38 34.11 -9.42
C LYS A 182 85.34 35.07 -8.86
N SER A 183 84.14 35.03 -9.41
CA SER A 183 83.06 35.90 -8.96
C SER A 183 81.75 35.14 -9.01
N THR A 184 80.87 35.43 -8.05
CA THR A 184 79.56 34.80 -7.97
C THR A 184 78.54 35.79 -8.48
N ILE A 185 77.98 35.50 -9.65
CA ILE A 185 76.98 36.37 -10.27
C ILE A 185 75.69 35.59 -10.48
N ASN A 186 74.59 36.35 -10.54
CA ASN A 186 73.27 35.76 -10.73
C ASN A 186 73.26 34.81 -11.92
N ALA A 187 72.43 33.77 -11.82
CA ALA A 187 72.33 32.79 -12.90
C ALA A 187 71.86 33.44 -14.21
N GLU A 188 71.13 34.54 -14.12
CA GLU A 188 70.62 35.24 -15.29
C GLU A 188 71.69 36.07 -15.98
N PHE A 189 72.93 36.07 -15.49
CA PHE A 189 74.02 36.84 -16.09
C PHE A 189 75.09 35.95 -16.71
N VAL A 190 74.87 34.64 -16.76
CA VAL A 190 75.85 33.74 -17.35
C VAL A 190 75.67 33.74 -18.86
N VAL A 191 76.78 33.77 -19.59
CA VAL A 191 76.74 33.77 -21.05
C VAL A 191 77.53 32.59 -21.59
N ALA A 192 77.50 32.41 -22.91
CA ALA A 192 78.22 31.32 -23.55
C ALA A 192 79.66 31.71 -23.80
N GLY A 193 80.59 30.89 -23.32
CA GLY A 193 82.02 31.13 -23.49
C GLY A 193 82.78 31.35 -22.19
N ASP A 194 82.15 31.95 -21.19
CA ASP A 194 82.89 32.17 -19.96
C ASP A 194 83.15 30.85 -19.23
N LEU A 195 84.10 30.90 -18.30
CA LEU A 195 84.47 29.73 -17.52
C LEU A 195 83.58 29.67 -16.28
N VAL A 196 83.07 28.48 -15.97
CA VAL A 196 82.21 28.29 -14.82
C VAL A 196 82.74 27.13 -13.99
N GLU A 197 82.82 27.34 -12.68
CA GLU A 197 83.30 26.35 -11.74
C GLU A 197 82.13 25.87 -10.89
N VAL A 198 82.10 24.57 -10.61
CA VAL A 198 81.04 23.97 -9.80
C VAL A 198 81.68 23.22 -8.65
N LYS A 199 80.89 23.06 -7.59
CA LYS A 199 81.29 22.37 -6.37
C LYS A 199 80.14 21.50 -5.88
N GLY A 200 80.48 20.34 -5.32
CA GLY A 200 79.49 19.42 -4.81
C GLY A 200 78.45 20.07 -3.93
N GLY A 201 77.22 20.15 -4.42
CA GLY A 201 76.14 20.75 -3.67
C GLY A 201 75.45 21.86 -4.45
N ASP A 202 76.12 22.35 -5.49
CA ASP A 202 75.58 23.40 -6.33
C ASP A 202 74.89 22.81 -7.56
N ARG A 203 74.19 23.68 -8.28
CA ARG A 203 73.45 23.31 -9.48
C ARG A 203 74.16 23.82 -10.73
N ILE A 204 74.21 22.99 -11.76
CA ILE A 204 74.85 23.35 -13.02
C ILE A 204 74.01 24.46 -13.65
N PRO A 205 74.56 25.66 -13.85
CA PRO A 205 73.77 26.75 -14.44
C PRO A 205 73.26 26.50 -15.85
N ALA A 206 74.16 26.39 -16.81
CA ALA A 206 73.83 26.16 -18.22
C ALA A 206 74.50 24.88 -18.70
N ASP A 207 74.44 24.64 -20.01
CA ASP A 207 75.05 23.44 -20.58
C ASP A 207 76.54 23.72 -20.74
N LEU A 208 77.35 23.10 -19.88
CA LEU A 208 78.80 23.23 -19.84
C LEU A 208 79.52 22.08 -20.54
N ARG A 209 80.79 22.32 -20.81
CA ARG A 209 81.70 21.37 -21.46
C ARG A 209 82.84 21.26 -20.45
N ILE A 210 82.84 20.18 -19.68
CA ILE A 210 83.86 19.95 -18.67
C ILE A 210 85.27 19.98 -19.27
N ILE A 211 86.15 20.75 -18.64
CA ILE A 211 87.53 20.87 -19.08
C ILE A 211 88.50 20.27 -18.07
N SER A 212 88.14 20.27 -16.78
CA SER A 212 88.99 19.72 -15.73
C SER A 212 88.09 19.40 -14.55
N ALA A 213 88.10 18.15 -14.08
CA ALA A 213 87.27 17.74 -12.97
C ALA A 213 88.13 17.03 -11.93
N HIS A 214 87.60 16.97 -10.70
CA HIS A 214 88.28 16.33 -9.57
C HIS A 214 87.25 15.47 -8.85
N GLY A 215 87.03 14.26 -9.36
CA GLY A 215 86.07 13.33 -8.78
C GLY A 215 84.70 13.98 -8.67
N CYS A 216 84.27 14.63 -9.74
CA CYS A 216 82.98 15.30 -9.77
C CYS A 216 81.87 14.41 -10.31
N LYS A 217 80.88 14.12 -9.48
CA LYS A 217 79.74 13.30 -9.83
C LYS A 217 78.54 14.22 -10.05
N VAL A 218 77.63 13.79 -10.92
CA VAL A 218 76.45 14.59 -11.21
C VAL A 218 75.20 13.71 -11.17
N ASP A 219 74.08 14.35 -10.86
CA ASP A 219 72.77 13.68 -10.76
C ASP A 219 71.95 13.99 -12.01
N ASN A 220 71.93 13.06 -12.96
CA ASN A 220 71.19 13.21 -14.21
C ASN A 220 69.86 12.46 -14.17
N SER A 221 69.19 12.45 -13.01
CA SER A 221 67.91 11.77 -12.87
C SER A 221 66.76 12.53 -13.51
N SER A 222 66.69 13.84 -13.33
CA SER A 222 65.60 14.62 -13.90
C SER A 222 65.66 14.66 -15.43
N LEU A 223 66.84 14.97 -15.99
CA LEU A 223 66.97 15.04 -17.44
C LEU A 223 67.10 13.68 -18.12
N THR A 224 68.17 12.94 -17.82
CA THR A 224 68.37 11.63 -18.44
C THR A 224 67.77 10.45 -17.69
N GLY A 225 67.29 10.64 -16.46
CA GLY A 225 66.70 9.53 -15.75
C GLY A 225 67.67 8.50 -15.21
N GLU A 226 68.94 8.86 -15.03
CA GLU A 226 69.94 7.93 -14.51
C GLU A 226 69.87 7.97 -12.98
N SER A 227 69.44 6.86 -12.39
CA SER A 227 69.31 6.75 -10.93
C SER A 227 70.62 6.94 -10.18
N GLU A 228 71.75 6.56 -10.78
CA GLU A 228 72.97 6.76 -10.01
C GLU A 228 73.77 7.94 -10.51
N PRO A 229 74.66 8.50 -9.65
CA PRO A 229 75.47 9.65 -10.05
C PRO A 229 76.57 9.31 -11.04
N GLN A 230 76.44 9.81 -12.27
CA GLN A 230 77.44 9.57 -13.29
C GLN A 230 78.59 10.54 -13.14
N THR A 231 79.82 10.00 -13.13
CA THR A 231 81.00 10.84 -12.98
C THR A 231 81.25 11.64 -14.25
N ARG A 232 81.53 12.93 -14.08
CA ARG A 232 81.80 13.84 -15.20
C ARG A 232 83.31 13.95 -15.39
N SER A 233 83.81 13.46 -16.52
CA SER A 233 85.23 13.51 -16.81
C SER A 233 85.48 14.38 -18.04
N PRO A 234 86.63 15.06 -18.09
CA PRO A 234 86.91 15.92 -19.26
C PRO A 234 87.02 15.17 -20.57
N GLU A 235 87.31 13.86 -20.52
CA GLU A 235 87.44 13.08 -21.73
C GLU A 235 86.06 12.67 -22.26
N PHE A 236 86.03 12.32 -23.54
CA PHE A 236 84.81 11.91 -24.21
C PHE A 236 84.70 10.39 -24.19
N SER A 237 83.48 9.88 -24.07
CA SER A 237 83.36 8.43 -24.03
C SER A 237 82.31 7.83 -24.95
N SER A 238 81.15 8.47 -25.12
CA SER A 238 80.12 7.92 -25.99
C SER A 238 79.64 8.93 -27.02
N GLU A 239 79.23 8.40 -28.17
CA GLU A 239 78.74 9.21 -29.28
C GLU A 239 77.46 9.96 -28.91
N ASN A 240 76.70 9.45 -27.94
CA ASN A 240 75.46 10.09 -27.52
C ASN A 240 75.78 11.18 -26.51
N PRO A 241 75.40 12.45 -26.75
CA PRO A 241 75.71 13.50 -25.77
C PRO A 241 75.14 13.24 -24.38
N LEU A 242 74.02 12.53 -24.28
CA LEU A 242 73.46 12.25 -22.96
C LEU A 242 74.27 11.22 -22.20
N GLU A 243 75.09 10.42 -22.90
CA GLU A 243 75.92 9.39 -22.29
C GLU A 243 77.35 9.83 -22.00
N THR A 244 77.88 10.81 -22.73
CA THR A 244 79.24 11.25 -22.48
C THR A 244 79.35 11.93 -21.12
N ARG A 245 80.57 11.97 -20.58
CA ARG A 245 80.84 12.57 -19.29
C ARG A 245 81.48 13.96 -19.37
N ASN A 246 81.78 14.46 -20.58
CA ASN A 246 82.39 15.77 -20.72
C ASN A 246 81.38 16.89 -20.92
N ILE A 247 80.10 16.66 -20.61
CA ILE A 247 79.08 17.68 -20.78
C ILE A 247 78.17 17.75 -19.55
N ALA A 248 78.02 18.94 -18.99
CA ALA A 248 77.17 19.17 -17.85
C ALA A 248 75.83 19.62 -18.39
N PHE A 249 74.75 19.33 -17.67
CA PHE A 249 73.44 19.73 -18.16
C PHE A 249 72.71 20.69 -17.24
N PHE A 250 71.84 21.48 -17.86
CA PHE A 250 71.03 22.48 -17.16
C PHE A 250 70.10 21.79 -16.17
N SER A 251 69.98 22.39 -14.98
CA SER A 251 69.16 21.95 -13.86
C SER A 251 69.73 20.74 -13.13
N THR A 252 70.94 20.29 -13.49
CA THR A 252 71.53 19.15 -12.82
C THR A 252 72.36 19.65 -11.64
N ASN A 253 72.52 18.79 -10.65
CA ASN A 253 73.28 19.14 -9.45
C ASN A 253 74.49 18.25 -9.30
N CYS A 254 75.59 18.84 -8.82
CA CYS A 254 76.85 18.13 -8.61
C CYS A 254 76.80 17.54 -7.21
N VAL A 255 76.72 16.21 -7.12
CA VAL A 255 76.65 15.54 -5.83
C VAL A 255 77.95 15.71 -5.05
N GLU A 256 79.05 15.18 -5.58
CA GLU A 256 80.34 15.28 -4.91
C GLU A 256 81.45 15.59 -5.90
N GLY A 257 82.35 16.48 -5.49
CA GLY A 257 83.48 16.88 -6.32
C GLY A 257 83.34 18.31 -6.83
N THR A 258 84.38 18.73 -7.53
CA THR A 258 84.47 20.06 -8.12
C THR A 258 84.87 19.92 -9.58
N ALA A 259 84.44 20.87 -10.40
CA ALA A 259 84.77 20.82 -11.81
C ALA A 259 84.75 22.21 -12.45
N ARG A 260 85.31 22.28 -13.65
CA ARG A 260 85.39 23.51 -14.43
C ARG A 260 84.78 23.21 -15.80
N GLY A 261 84.35 24.26 -16.49
CA GLY A 261 83.76 24.03 -17.81
C GLY A 261 83.40 25.31 -18.52
N VAL A 262 83.32 25.19 -19.84
CA VAL A 262 82.99 26.30 -20.73
C VAL A 262 81.52 26.18 -21.06
N VAL A 263 80.78 27.29 -20.91
CA VAL A 263 79.35 27.30 -21.20
C VAL A 263 79.15 27.11 -22.69
N VAL A 264 78.59 25.98 -23.08
CA VAL A 264 78.34 25.69 -24.50
C VAL A 264 76.95 26.15 -24.90
N TYR A 265 75.94 25.80 -24.12
CA TYR A 265 74.56 26.19 -24.42
C TYR A 265 74.03 27.02 -23.25
N THR A 266 73.28 28.07 -23.58
CA THR A 266 72.71 28.95 -22.58
C THR A 266 71.28 29.33 -22.96
N GLY A 267 70.50 29.71 -21.95
CA GLY A 267 69.13 30.11 -22.08
C GLY A 267 68.22 29.00 -22.59
N ASP A 268 67.16 29.42 -23.29
CA ASP A 268 66.20 28.49 -23.87
C ASP A 268 66.82 27.48 -24.83
N ARG A 269 67.97 27.81 -25.42
CA ARG A 269 68.62 26.91 -26.36
C ARG A 269 69.19 25.66 -25.69
N THR A 270 69.07 25.53 -24.38
CA THR A 270 69.59 24.35 -23.70
C THR A 270 68.71 23.13 -23.98
N VAL A 271 69.18 21.96 -23.53
CA VAL A 271 68.43 20.71 -23.74
C VAL A 271 67.05 20.80 -23.11
N MET A 272 66.99 21.00 -21.79
CA MET A 272 65.70 21.09 -21.14
C MET A 272 64.92 22.30 -21.61
N GLY A 273 65.59 23.27 -22.25
CA GLY A 273 64.88 24.43 -22.74
C GLY A 273 64.08 24.04 -23.96
N ARG A 274 64.71 23.27 -24.86
CA ARG A 274 64.02 22.82 -26.06
C ARG A 274 62.91 21.86 -25.66
N ILE A 275 63.16 21.05 -24.62
CA ILE A 275 62.12 20.11 -24.18
C ILE A 275 60.91 20.86 -23.64
N ALA A 276 61.14 21.91 -22.83
CA ALA A 276 60.02 22.67 -22.30
C ALA A 276 59.28 23.39 -23.42
N THR A 277 60.03 23.96 -24.37
CA THR A 277 59.39 24.66 -25.48
C THR A 277 58.56 23.70 -26.30
N LEU A 278 59.03 22.45 -26.46
CA LEU A 278 58.28 21.47 -27.22
C LEU A 278 57.00 21.09 -26.47
N ALA A 279 57.11 20.94 -25.14
CA ALA A 279 55.94 20.59 -24.36
C ALA A 279 54.88 21.68 -24.48
N SER A 280 55.30 22.94 -24.37
CA SER A 280 54.35 24.04 -24.50
C SER A 280 53.79 24.14 -25.91
N GLY A 281 54.56 23.70 -26.91
CA GLY A 281 54.11 23.77 -28.29
C GLY A 281 53.45 22.49 -28.77
N LEU A 282 52.60 21.92 -27.92
CA LEU A 282 51.88 20.70 -28.22
C LEU A 282 50.38 20.96 -28.03
N GLU A 283 49.56 20.18 -28.71
CA GLU A 283 48.13 20.38 -28.58
C GLU A 283 47.63 19.76 -27.27
N VAL A 284 46.35 19.93 -26.98
CA VAL A 284 45.77 19.40 -25.76
C VAL A 284 45.09 18.05 -26.02
N GLY A 285 44.15 18.03 -26.96
CA GLY A 285 43.43 16.82 -27.30
C GLY A 285 41.96 16.94 -26.96
N ARG A 286 41.28 15.80 -27.01
CA ARG A 286 39.85 15.74 -26.70
C ARG A 286 39.54 14.43 -25.98
N THR A 287 39.28 14.53 -24.66
CA THR A 287 38.96 13.41 -23.77
C THR A 287 37.77 12.57 -24.26
N PRO A 288 37.42 11.46 -23.56
CA PRO A 288 36.28 10.63 -24.03
C PRO A 288 34.88 11.07 -23.57
N ILE A 289 34.77 11.57 -22.33
CA ILE A 289 33.47 12.00 -21.83
C ILE A 289 32.89 13.08 -22.72
N ALA A 290 33.75 13.94 -23.28
CA ALA A 290 33.28 15.00 -24.16
C ALA A 290 32.73 14.42 -25.44
N ILE A 291 33.40 13.40 -26.00
CA ILE A 291 32.91 12.79 -27.23
C ILE A 291 31.56 12.14 -26.98
N GLU A 292 31.37 11.57 -25.78
CA GLU A 292 30.09 10.94 -25.48
C GLU A 292 28.99 12.00 -25.40
N ILE A 293 29.30 13.13 -24.76
CA ILE A 293 28.30 14.20 -24.65
C ILE A 293 27.96 14.72 -26.04
N GLU A 294 28.96 14.80 -26.92
CA GLU A 294 28.74 15.28 -28.28
C GLU A 294 27.81 14.36 -29.05
N HIS A 295 28.07 13.05 -28.99
CA HIS A 295 27.19 12.12 -29.71
C HIS A 295 25.79 12.13 -29.10
N PHE A 296 25.69 12.47 -27.80
CA PHE A 296 24.40 12.52 -27.14
C PHE A 296 23.61 13.68 -27.71
N ILE A 297 24.27 14.83 -27.84
CA ILE A 297 23.59 16.00 -28.40
C ILE A 297 23.21 15.72 -29.84
N HIS A 298 24.03 14.91 -30.54
CA HIS A 298 23.71 14.58 -31.92
C HIS A 298 22.37 13.86 -32.01
N ILE A 299 22.14 12.91 -31.10
CA ILE A 299 20.88 12.18 -31.12
C ILE A 299 19.72 13.08 -30.71
N ILE A 300 19.93 13.88 -29.66
CA ILE A 300 18.86 14.78 -29.20
C ILE A 300 18.42 15.73 -30.32
N THR A 301 19.39 16.25 -31.08
CA THR A 301 19.00 17.17 -32.15
C THR A 301 18.38 16.42 -33.31
N GLY A 302 18.79 15.16 -33.53
CA GLY A 302 18.20 14.42 -34.64
C GLY A 302 16.71 14.26 -34.41
N VAL A 303 16.34 13.72 -33.25
CA VAL A 303 14.91 13.53 -32.98
C VAL A 303 14.17 14.86 -32.83
N ALA A 304 14.85 15.95 -32.42
CA ALA A 304 14.15 17.22 -32.28
C ALA A 304 13.82 17.82 -33.64
N VAL A 305 14.79 17.87 -34.54
CA VAL A 305 14.47 18.45 -35.85
C VAL A 305 13.56 17.52 -36.62
N PHE A 306 13.54 16.22 -36.29
CA PHE A 306 12.66 15.33 -37.02
C PHE A 306 11.21 15.60 -36.61
N LEU A 307 10.95 15.68 -35.30
CA LEU A 307 9.59 15.94 -34.87
C LEU A 307 9.13 17.33 -35.31
N GLY A 308 10.07 18.28 -35.45
CA GLY A 308 9.63 19.60 -35.86
C GLY A 308 9.30 19.70 -37.33
N VAL A 309 10.18 19.21 -38.22
CA VAL A 309 9.86 19.31 -39.63
C VAL A 309 8.63 18.45 -39.97
N SER A 310 8.43 17.35 -39.22
CA SER A 310 7.27 16.52 -39.52
C SER A 310 5.99 17.19 -39.03
N PHE A 311 5.99 17.73 -37.81
CA PHE A 311 4.72 18.36 -37.47
C PHE A 311 4.54 19.68 -38.19
N PHE A 312 5.53 20.11 -38.97
CA PHE A 312 5.41 21.36 -39.70
C PHE A 312 4.66 21.04 -40.99
N ILE A 313 5.05 19.94 -41.63
CA ILE A 313 4.34 19.58 -42.85
C ILE A 313 2.92 19.16 -42.49
N LEU A 314 2.75 18.48 -41.34
CA LEU A 314 1.42 18.06 -40.92
C LEU A 314 0.53 19.26 -40.62
N SER A 315 1.09 20.29 -39.96
CA SER A 315 0.27 21.46 -39.66
C SER A 315 -0.10 22.16 -40.95
N LEU A 316 0.80 22.16 -41.94
CA LEU A 316 0.45 22.82 -43.19
C LEU A 316 -0.59 22.01 -43.93
N ILE A 317 -0.70 20.71 -43.62
CA ILE A 317 -1.68 19.85 -44.26
C ILE A 317 -3.04 19.95 -43.57
N LEU A 318 -3.08 20.53 -42.36
CA LEU A 318 -4.37 20.65 -41.68
C LEU A 318 -5.02 22.03 -41.78
N GLY A 319 -4.43 22.98 -42.53
CA GLY A 319 -5.01 24.31 -42.69
C GLY A 319 -4.27 25.47 -42.04
N TYR A 320 -3.58 25.26 -40.91
CA TYR A 320 -2.87 26.36 -40.27
C TYR A 320 -2.01 27.18 -41.23
N SER A 321 -1.74 28.44 -40.88
CA SER A 321 -0.94 29.30 -41.72
C SER A 321 0.56 29.09 -41.45
N TRP A 322 1.38 29.68 -42.33
CA TRP A 322 2.83 29.57 -42.20
C TRP A 322 3.33 30.20 -40.91
N LEU A 323 2.92 31.44 -40.65
CA LEU A 323 3.33 32.16 -39.44
C LEU A 323 3.19 31.31 -38.18
N GLU A 324 2.10 30.55 -38.07
CA GLU A 324 1.88 29.69 -36.91
C GLU A 324 2.74 28.43 -36.96
N ALA A 325 2.86 27.83 -38.13
CA ALA A 325 3.66 26.61 -38.27
C ALA A 325 5.12 26.86 -37.89
N VAL A 326 5.65 28.04 -38.18
CA VAL A 326 7.04 28.33 -37.83
C VAL A 326 7.20 28.33 -36.31
N ILE A 327 6.23 28.92 -35.61
CA ILE A 327 6.27 28.97 -34.16
C ILE A 327 6.15 27.55 -33.62
N PHE A 328 5.36 26.71 -34.30
CA PHE A 328 5.21 25.33 -33.83
C PHE A 328 6.52 24.57 -33.95
N LEU A 329 7.22 24.78 -35.07
CA LEU A 329 8.51 24.12 -35.29
C LEU A 329 9.51 24.52 -34.21
N ILE A 330 9.62 25.83 -33.96
CA ILE A 330 10.55 26.31 -32.95
C ILE A 330 10.16 25.79 -31.57
N GLY A 331 8.86 25.77 -31.28
CA GLY A 331 8.42 25.29 -29.97
C GLY A 331 8.74 23.83 -29.73
N ILE A 332 8.55 22.98 -30.74
CA ILE A 332 8.85 21.56 -30.53
C ILE A 332 10.35 21.35 -30.41
N ILE A 333 11.14 22.11 -31.16
CA ILE A 333 12.59 21.95 -31.08
C ILE A 333 13.08 22.37 -29.71
N VAL A 334 12.59 23.51 -29.20
CA VAL A 334 13.01 23.97 -27.89
C VAL A 334 12.55 22.99 -26.82
N ALA A 335 11.30 22.53 -26.91
CA ALA A 335 10.77 21.59 -25.93
C ALA A 335 11.59 20.31 -25.85
N ASN A 336 12.35 19.96 -26.89
CA ASN A 336 13.15 18.74 -26.82
C ASN A 336 14.58 18.98 -26.35
N VAL A 337 14.82 20.02 -25.55
CA VAL A 337 16.15 20.34 -25.04
C VAL A 337 16.17 20.25 -23.52
N PRO A 338 17.06 19.43 -22.92
CA PRO A 338 17.12 19.31 -21.45
C PRO A 338 17.85 20.47 -20.78
N GLU A 339 17.12 21.38 -20.13
CA GLU A 339 17.77 22.52 -19.47
C GLU A 339 18.56 22.10 -18.24
N GLY A 340 18.03 21.15 -17.46
CA GLY A 340 18.73 20.71 -16.27
C GLY A 340 19.76 19.62 -16.41
N LEU A 341 19.87 18.98 -17.56
CA LEU A 341 20.87 17.93 -17.71
C LEU A 341 22.27 18.50 -17.61
N LEU A 342 22.45 19.78 -17.96
CA LEU A 342 23.77 20.41 -17.89
C LEU A 342 24.21 20.60 -16.45
N ALA A 343 23.34 21.21 -15.63
CA ALA A 343 23.70 21.42 -14.23
C ALA A 343 23.84 20.09 -13.50
N THR A 344 22.98 19.13 -13.84
CA THR A 344 23.05 17.82 -13.19
C THR A 344 24.36 17.11 -13.53
N VAL A 345 24.77 17.14 -14.79
CA VAL A 345 26.01 16.48 -15.19
C VAL A 345 27.22 17.16 -14.54
N THR A 346 27.22 18.49 -14.49
CA THR A 346 28.35 19.20 -13.90
C THR A 346 28.46 18.91 -12.41
N VAL A 347 27.35 18.99 -11.67
CA VAL A 347 27.41 18.73 -10.24
C VAL A 347 27.78 17.27 -9.99
N CYS A 348 27.31 16.35 -10.83
CA CYS A 348 27.63 14.94 -10.68
C CYS A 348 29.14 14.71 -10.73
N LEU A 349 29.77 15.24 -11.79
CA LEU A 349 31.21 15.08 -11.92
C LEU A 349 31.96 15.74 -10.76
N THR A 350 31.49 16.92 -10.33
CA THR A 350 32.17 17.59 -9.22
C THR A 350 32.09 16.74 -7.94
N LEU A 351 30.97 16.05 -7.75
CA LEU A 351 30.84 15.21 -6.57
C LEU A 351 31.88 14.12 -6.60
N THR A 352 32.14 13.56 -7.79
CA THR A 352 33.16 12.52 -7.80
C THR A 352 34.56 13.11 -7.65
N ALA A 353 34.72 14.41 -7.90
CA ALA A 353 36.05 15.03 -7.76
C ALA A 353 36.42 15.29 -6.31
N LYS A 354 35.44 15.62 -5.45
CA LYS A 354 35.78 15.90 -4.05
C LYS A 354 36.35 14.68 -3.32
N ARG A 355 35.90 13.46 -3.64
CA ARG A 355 36.45 12.29 -2.95
C ARG A 355 37.95 12.19 -3.25
N MET A 356 38.30 12.32 -4.54
CA MET A 356 39.69 12.26 -4.93
C MET A 356 40.47 13.31 -4.16
N ALA A 357 39.88 14.50 -3.99
CA ALA A 357 40.59 15.52 -3.23
C ALA A 357 40.73 15.12 -1.77
N ARG A 358 39.86 14.22 -1.29
CA ARG A 358 39.94 13.77 0.10
C ARG A 358 41.07 12.77 0.27
N LYS A 359 41.40 12.03 -0.78
CA LYS A 359 42.48 11.03 -0.73
C LYS A 359 43.83 11.55 -1.22
N ASN A 360 43.95 12.84 -1.52
CA ASN A 360 45.16 13.51 -1.99
C ASN A 360 45.45 13.32 -3.47
N CYS A 361 44.40 13.28 -4.29
CA CYS A 361 44.51 13.10 -5.73
C CYS A 361 43.84 14.35 -6.30
N LEU A 362 44.64 15.31 -6.78
CA LEU A 362 44.06 16.54 -7.31
C LEU A 362 44.06 16.60 -8.83
N VAL A 363 42.92 16.99 -9.39
CA VAL A 363 42.74 17.12 -10.83
C VAL A 363 42.63 18.61 -11.15
N LYS A 364 43.35 19.04 -12.19
CA LYS A 364 43.29 20.45 -12.55
C LYS A 364 42.01 20.77 -13.32
N ASN A 365 41.63 19.91 -14.26
CA ASN A 365 40.43 20.10 -15.04
C ASN A 365 39.27 19.42 -14.32
N LEU A 366 38.10 19.36 -14.95
CA LEU A 366 36.95 18.72 -14.34
C LEU A 366 36.58 17.39 -14.97
N GLU A 367 36.81 17.21 -16.27
CA GLU A 367 36.49 15.97 -16.96
C GLU A 367 37.58 14.92 -16.84
N ALA A 368 38.78 15.30 -16.39
CA ALA A 368 39.88 14.35 -16.25
C ALA A 368 39.64 13.30 -15.18
N VAL A 369 38.50 13.34 -14.51
CA VAL A 369 38.19 12.36 -13.46
C VAL A 369 37.69 11.05 -14.05
N GLU A 370 37.12 11.07 -15.25
CA GLU A 370 36.60 9.86 -15.89
C GLU A 370 37.61 9.17 -16.79
N THR A 371 38.58 9.91 -17.34
CA THR A 371 39.59 9.30 -18.22
C THR A 371 40.31 8.12 -17.59
N LEU A 372 40.51 8.14 -16.27
CA LEU A 372 41.21 7.02 -15.62
C LEU A 372 40.42 5.72 -15.76
N GLY A 373 39.10 5.76 -15.60
CA GLY A 373 38.31 4.56 -15.72
C GLY A 373 38.30 3.95 -17.11
N SER A 374 38.40 4.78 -18.14
CA SER A 374 38.41 4.31 -19.52
C SER A 374 39.79 3.92 -20.02
N THR A 375 40.83 4.13 -19.24
CA THR A 375 42.18 3.78 -19.67
C THR A 375 42.33 2.27 -19.83
N SER A 376 43.12 1.88 -20.83
CA SER A 376 43.38 0.47 -21.12
C SER A 376 44.85 0.18 -21.36
N THR A 377 45.73 1.17 -21.22
CA THR A 377 47.16 0.99 -21.42
C THR A 377 47.85 2.10 -20.65
N ILE A 378 48.53 1.74 -19.56
CA ILE A 378 49.24 2.71 -18.72
C ILE A 378 50.73 2.62 -19.00
N CYS A 379 51.31 3.74 -19.44
CA CYS A 379 52.73 3.83 -19.75
C CYS A 379 53.36 4.52 -18.53
N SER A 380 54.19 3.78 -17.80
CA SER A 380 54.82 4.35 -16.62
C SER A 380 56.32 4.60 -16.74
N PHD A 381 56.82 5.43 -15.82
CA PHD A 381 58.22 5.78 -15.76
C PHD A 381 58.83 4.95 -14.58
O PHD A 381 58.08 4.54 -13.65
CB PHD A 381 58.47 7.28 -15.55
CG PHD A 381 59.89 7.73 -15.29
OD1 PHD A 381 60.70 7.74 -16.32
OD2 PHD A 381 60.35 8.08 -14.19
P PHD A 381 62.18 7.73 -16.01
OP1 PHD A 381 62.57 6.40 -15.44
OP2 PHD A 381 62.95 8.00 -17.27
OP3 PHD A 381 62.48 8.82 -15.01
N LYS A 382 60.13 4.73 -14.62
CA LYS A 382 60.79 3.95 -13.57
C LYS A 382 61.37 4.84 -12.46
N THR A 383 62.38 5.63 -12.79
CA THR A 383 63.02 6.51 -11.82
C THR A 383 62.07 7.63 -11.39
N GLY A 384 61.79 7.69 -10.09
CA GLY A 384 60.91 8.70 -9.53
C GLY A 384 59.44 8.33 -9.48
N THR A 385 59.00 7.38 -10.31
CA THR A 385 57.60 6.97 -10.33
C THR A 385 57.44 5.53 -9.83
N LEU A 386 58.06 4.58 -10.51
CA LEU A 386 57.96 3.18 -10.09
C LEU A 386 58.86 2.88 -8.91
N THR A 387 59.95 3.64 -8.76
CA THR A 387 60.91 3.47 -7.67
C THR A 387 60.90 4.69 -6.76
N GLN A 388 61.83 4.71 -5.81
CA GLN A 388 61.98 5.81 -4.85
C GLN A 388 63.14 6.73 -5.15
N ASN A 389 63.97 6.40 -6.13
CA ASN A 389 65.13 7.21 -6.51
C ASN A 389 66.07 7.43 -5.32
N ARG A 390 66.17 6.43 -4.45
CA ARG A 390 67.04 6.52 -3.27
C ARG A 390 67.70 5.18 -3.05
N MET A 391 69.04 5.18 -2.97
CA MET A 391 69.78 3.94 -2.76
C MET A 391 69.48 3.41 -1.37
N THR A 392 69.21 2.10 -1.29
CA THR A 392 68.91 1.47 -0.01
C THR A 392 69.52 0.07 0.03
N VAL A 393 70.04 -0.31 1.19
CA VAL A 393 70.65 -1.62 1.39
C VAL A 393 69.58 -2.67 1.20
N ALA A 394 69.71 -3.49 0.16
CA ALA A 394 68.72 -4.53 -0.13
C ALA A 394 69.07 -5.89 0.48
N HIS A 395 70.20 -6.47 0.10
CA HIS A 395 70.61 -7.76 0.62
C HIS A 395 71.97 -7.72 1.30
N MET A 396 72.15 -8.60 2.27
CA MET A 396 73.38 -8.72 3.03
C MET A 396 73.80 -10.17 3.13
N TRP A 397 75.11 -10.42 3.04
CA TRP A 397 75.65 -11.77 3.12
C TRP A 397 76.46 -11.92 4.40
N PHE A 398 76.20 -12.99 5.14
CA PHE A 398 76.90 -13.28 6.39
C PHE A 398 76.46 -14.66 6.87
N ASP A 399 77.41 -15.40 7.43
CA ASP A 399 77.17 -16.75 7.95
C ASP A 399 76.59 -17.65 6.86
N ASN A 400 77.22 -17.62 5.69
CA ASN A 400 76.82 -18.41 4.52
C ASN A 400 75.30 -18.45 4.38
N GLN A 401 74.69 -17.27 4.40
CA GLN A 401 73.24 -17.17 4.27
C GLN A 401 72.86 -15.77 3.81
N ILE A 402 72.01 -15.70 2.79
CA ILE A 402 71.57 -14.42 2.26
C ILE A 402 70.44 -13.89 3.14
N HIS A 403 70.55 -12.63 3.54
CA HIS A 403 69.56 -11.99 4.39
C HIS A 403 68.97 -10.80 3.65
N GLU A 404 67.67 -10.59 3.79
CA GLU A 404 66.97 -9.50 3.15
C GLU A 404 66.59 -8.44 4.17
N ALA A 405 66.72 -7.18 3.79
CA ALA A 405 66.41 -6.06 4.64
C ALA A 405 65.17 -5.35 4.11
N ASP A 406 64.49 -4.64 5.00
CA ASP A 406 63.28 -3.91 4.63
C ASP A 406 63.66 -2.66 3.85
N THR A 407 63.17 -2.55 2.62
CA THR A 407 63.45 -1.40 1.76
C THR A 407 62.17 -0.66 1.40
N THR A 408 61.33 -0.38 2.39
CA THR A 408 60.07 0.31 2.18
C THR A 408 60.04 1.62 2.97
N GLU A 409 59.54 2.67 2.31
CA GLU A 409 59.43 4.01 2.85
C GLU A 409 59.00 4.09 4.32
N ASN A 410 57.84 3.52 4.64
CA ASN A 410 57.33 3.53 6.00
C ASN A 410 57.87 2.43 6.89
N GLN A 411 58.81 1.62 6.41
CA GLN A 411 59.40 0.53 7.19
C GLN A 411 58.32 -0.41 7.75
N SER A 412 57.65 -1.09 6.83
CA SER A 412 56.59 -2.04 7.15
C SER A 412 56.97 -3.38 6.53
N GLY A 413 57.78 -4.15 7.24
CA GLY A 413 58.19 -5.44 6.73
C GLY A 413 58.69 -6.45 7.73
N ALA A 414 59.70 -7.23 7.35
CA ALA A 414 60.29 -8.26 8.19
C ALA A 414 61.74 -7.96 8.53
N ALA A 415 62.11 -8.19 9.79
CA ALA A 415 63.48 -7.95 10.25
C ALA A 415 64.40 -9.03 9.67
N PHE A 416 65.71 -8.87 9.89
CA PHE A 416 66.67 -9.83 9.37
C PHE A 416 67.39 -10.65 10.45
N ASP A 417 66.75 -10.91 11.59
CA ASP A 417 67.35 -11.71 12.66
C ASP A 417 68.63 -11.07 13.23
N LYS A 418 68.45 -9.96 13.94
CA LYS A 418 69.56 -9.24 14.53
C LYS A 418 70.02 -9.87 15.86
N THR A 419 70.29 -11.19 15.86
CA THR A 419 70.72 -11.86 17.08
C THR A 419 72.11 -12.50 17.03
N SER A 420 72.81 -12.46 15.90
CA SER A 420 74.13 -13.06 15.81
C SER A 420 75.23 -12.02 15.99
N ALA A 421 76.41 -12.51 16.39
CA ALA A 421 77.56 -11.62 16.59
C ALA A 421 78.09 -11.12 15.26
N THR A 422 77.95 -11.93 14.20
CA THR A 422 78.42 -11.55 12.88
C THR A 422 77.80 -10.22 12.48
N TRP A 423 76.49 -10.09 12.70
CA TRP A 423 75.80 -8.85 12.36
C TRP A 423 76.39 -7.68 13.13
N SER A 424 76.73 -7.90 14.40
CA SER A 424 77.31 -6.82 15.21
C SER A 424 78.64 -6.37 14.60
N ALA A 425 79.49 -7.34 14.23
CA ALA A 425 80.77 -6.98 13.63
C ALA A 425 80.56 -6.23 12.32
N LEU A 426 79.56 -6.66 11.55
CA LEU A 426 79.26 -6.01 10.28
C LEU A 426 78.82 -4.57 10.52
N SER A 427 77.99 -4.37 11.53
CA SER A 427 77.52 -3.03 11.86
C SER A 427 78.67 -2.15 12.28
N ARG A 428 79.62 -2.70 13.04
CA ARG A 428 80.76 -1.91 13.46
C ARG A 428 81.63 -1.52 12.27
N ILE A 429 81.85 -2.46 11.35
CA ILE A 429 82.67 -2.16 10.17
C ILE A 429 82.02 -1.07 9.33
N ALA A 430 80.73 -1.24 9.01
CA ALA A 430 80.03 -0.25 8.19
C ALA A 430 79.92 1.10 8.89
N ALA A 431 79.55 1.12 10.17
CA ALA A 431 79.42 2.38 10.90
C ALA A 431 80.75 3.09 11.10
N LEU A 432 81.85 2.35 11.14
CA LEU A 432 83.15 3.01 11.34
C LEU A 432 83.78 3.41 10.02
N CYS A 433 83.97 2.45 9.11
CA CYS A 433 84.57 2.74 7.81
C CYS A 433 83.53 3.43 6.93
N ASN A 434 83.22 4.68 7.29
CA ASN A 434 82.25 5.49 6.58
C ASN A 434 82.47 6.93 7.03
N ARG A 435 82.58 7.85 6.08
CA ARG A 435 82.81 9.26 6.38
C ARG A 435 81.55 10.13 6.27
N ALA A 436 80.41 9.57 5.89
CA ALA A 436 79.21 10.38 5.78
C ALA A 436 78.55 10.57 7.15
N VAL A 437 77.87 11.71 7.30
CA VAL A 437 77.17 12.05 8.54
C VAL A 437 75.92 12.84 8.18
N PHE A 438 74.85 12.61 8.94
CA PHE A 438 73.59 13.31 8.71
C PHE A 438 73.80 14.82 8.76
N GLN A 439 73.03 15.53 7.94
CA GLN A 439 73.13 16.98 7.90
C GLN A 439 72.57 17.57 9.18
N ALA A 440 73.26 18.59 9.71
CA ALA A 440 72.82 19.25 10.93
C ALA A 440 71.34 19.63 10.85
N GLY A 441 70.66 19.55 11.98
CA GLY A 441 69.25 19.90 12.08
C GLY A 441 68.22 18.99 11.42
N GLN A 442 68.37 17.67 11.54
CA GLN A 442 67.42 16.72 10.96
C GLN A 442 66.75 15.88 12.03
N ASP A 443 66.90 16.24 13.30
CA ASP A 443 66.32 15.55 14.45
C ASP A 443 64.81 15.33 14.36
N ASN A 444 64.14 15.98 13.40
CA ASN A 444 62.69 15.84 13.26
C ASN A 444 62.26 14.87 12.16
N VAL A 445 62.88 14.93 10.99
CA VAL A 445 62.51 14.04 9.87
C VAL A 445 62.79 12.58 10.23
N PRO A 446 62.29 11.62 9.47
CA PRO A 446 62.53 10.20 9.78
C PRO A 446 63.94 9.80 9.38
N ILE A 447 64.30 8.58 9.79
CA ILE A 447 65.63 8.03 9.51
C ILE A 447 65.91 7.88 8.02
N LEU A 448 64.88 7.67 7.20
CA LEU A 448 65.15 7.50 5.77
C LEU A 448 65.06 8.78 4.95
N LYS A 449 64.16 9.70 5.28
CA LYS A 449 64.05 10.94 4.51
C LYS A 449 65.01 12.05 4.93
N ARG A 450 65.98 11.80 5.81
CA ARG A 450 66.85 12.92 6.15
C ARG A 450 67.97 13.08 5.14
N SER A 451 68.55 14.28 5.11
CA SER A 451 69.64 14.59 4.20
C SER A 451 70.96 14.08 4.75
N VAL A 452 71.74 13.42 3.89
CA VAL A 452 73.04 12.87 4.26
C VAL A 452 74.08 13.41 3.29
N ALA A 453 75.12 14.04 3.82
CA ALA A 453 76.20 14.60 3.02
C ALA A 453 77.24 13.52 2.76
N GLY A 454 77.32 13.06 1.51
CA GLY A 454 78.27 12.03 1.15
C GLY A 454 77.78 11.27 -0.06
N ASP A 455 78.48 10.17 -0.35
CA ASP A 455 78.13 9.33 -1.49
C ASP A 455 76.82 8.62 -1.21
N ALA A 456 76.25 8.02 -2.27
CA ALA A 456 74.99 7.31 -2.12
C ALA A 456 75.17 5.98 -1.39
N SER A 457 76.25 5.26 -1.70
CA SER A 457 76.50 3.97 -1.05
C SER A 457 76.72 4.17 0.46
N GLU A 458 77.59 5.13 0.81
CA GLU A 458 77.85 5.38 2.21
C GLU A 458 76.60 5.88 2.91
N SER A 459 75.75 6.63 2.19
CA SER A 459 74.53 7.14 2.78
C SER A 459 73.59 5.99 3.10
N ALA A 460 73.45 5.04 2.17
CA ALA A 460 72.57 3.89 2.40
C ALA A 460 73.08 3.06 3.57
N LEU A 461 74.40 2.86 3.64
CA LEU A 461 74.95 2.08 4.75
C LEU A 461 74.71 2.78 6.08
N LEU A 462 74.92 4.10 6.12
CA LEU A 462 74.71 4.87 7.34
C LEU A 462 73.25 4.80 7.76
N LYS A 463 72.33 4.89 6.79
CA LYS A 463 70.91 4.84 7.12
C LYS A 463 70.53 3.47 7.67
N CYS A 464 71.06 2.39 7.08
CA CYS A 464 70.70 1.06 7.58
C CYS A 464 71.23 0.86 8.99
N ILE A 465 72.46 1.33 9.25
CA ILE A 465 73.02 1.17 10.59
C ILE A 465 72.25 2.03 11.59
N GLU A 466 71.89 3.25 11.22
CA GLU A 466 71.14 4.11 12.13
C GLU A 466 69.73 3.58 12.32
N LEU A 467 69.26 2.75 11.39
CA LEU A 467 67.92 2.19 11.45
C LEU A 467 67.84 1.00 12.41
N CYS A 468 68.74 0.03 12.28
CA CYS A 468 68.69 -1.13 13.17
C CYS A 468 69.88 -1.24 14.14
N CYS A 469 70.59 -0.15 14.41
CA CYS A 469 71.70 -0.23 15.34
C CYS A 469 71.83 1.01 16.23
N GLY A 470 70.81 1.85 16.28
CA GLY A 470 70.84 3.05 17.10
C GLY A 470 71.73 4.14 16.53
N SER A 471 71.82 5.23 17.29
CA SER A 471 72.62 6.41 16.95
C SER A 471 74.04 6.08 16.50
N VAL A 472 74.35 6.38 15.24
CA VAL A 472 75.69 6.11 14.71
C VAL A 472 76.69 7.11 15.28
N GLN A 473 76.24 8.31 15.65
CA GLN A 473 77.16 9.30 16.20
C GLN A 473 77.81 8.79 17.48
N GLY A 474 77.09 7.96 18.25
CA GLY A 474 77.65 7.44 19.47
C GLY A 474 78.49 6.22 19.16
N MET A 475 78.10 5.47 18.13
CA MET A 475 78.85 4.28 17.74
C MET A 475 80.22 4.71 17.21
N ARG A 476 80.28 5.90 16.61
CA ARG A 476 81.51 6.44 16.07
C ARG A 476 82.32 7.10 17.16
N ASP A 477 81.68 7.77 18.11
CA ASP A 477 82.45 8.39 19.17
C ASP A 477 82.92 7.36 20.20
N ARG A 478 82.33 6.16 20.17
CA ARG A 478 82.69 5.09 21.07
C ARG A 478 84.01 4.45 20.67
N ASN A 479 84.44 4.66 19.43
CA ASN A 479 85.69 4.13 18.88
C ASN A 479 86.36 5.25 18.10
N PRO A 480 87.42 5.86 18.63
CA PRO A 480 88.09 6.95 17.92
C PRO A 480 88.91 6.48 16.73
N LYS A 481 88.64 7.06 15.57
CA LYS A 481 89.35 6.72 14.35
C LYS A 481 90.76 7.30 14.39
N ILE A 482 91.76 6.45 14.32
CA ILE A 482 93.14 6.93 14.36
C ILE A 482 93.72 7.25 12.99
N VAL A 483 93.72 6.28 12.07
CA VAL A 483 94.29 6.56 10.75
C VAL A 483 93.39 5.99 9.66
N GLU A 484 93.11 6.79 8.62
CA GLU A 484 92.27 6.37 7.52
C GLU A 484 92.97 6.59 6.18
N ILE A 485 92.81 5.63 5.28
CA ILE A 485 93.39 5.67 3.94
C ILE A 485 92.23 5.88 2.98
N PRO A 486 92.12 7.04 2.32
CA PRO A 486 91.00 7.27 1.39
C PRO A 486 90.84 6.24 0.27
N PHE A 487 89.75 6.39 -0.49
CA PHE A 487 89.43 5.50 -1.59
C PHE A 487 90.16 5.90 -2.87
N ASN A 488 91.11 5.06 -3.27
CA ASN A 488 91.91 5.27 -4.47
C ASN A 488 91.22 4.57 -5.64
N SER A 489 91.51 5.04 -6.86
CA SER A 489 90.89 4.40 -8.01
C SER A 489 91.61 3.10 -8.34
N THR A 490 92.82 2.93 -7.81
CA THR A 490 93.66 1.76 -7.98
C THR A 490 93.48 0.78 -6.83
N ASN A 491 93.48 1.31 -5.59
CA ASN A 491 93.31 0.47 -4.42
C ASN A 491 91.92 -0.14 -4.34
N LYS A 492 90.92 0.56 -4.89
CA LYS A 492 89.52 0.14 -4.90
C LYS A 492 89.11 -0.41 -3.54
N TYR A 493 89.54 0.28 -2.47
CA TYR A 493 89.21 -0.13 -1.11
C TYR A 493 89.45 1.03 -0.16
N GLN A 494 88.63 1.09 0.88
CA GLN A 494 88.70 2.13 1.90
C GLN A 494 88.96 1.43 3.23
N LEU A 495 90.06 1.77 3.87
CA LEU A 495 90.43 1.16 5.15
C LEU A 495 90.73 2.22 6.19
N SER A 496 90.66 1.80 7.45
CA SER A 496 90.94 2.71 8.56
C SER A 496 91.06 1.92 9.85
N ILE A 497 91.88 2.44 10.75
CA ILE A 497 92.14 1.84 12.06
C ILE A 497 91.63 2.81 13.13
N HIS A 498 90.95 2.22 14.12
CA HIS A 498 90.37 2.92 15.26
C HIS A 498 90.67 2.12 16.52
N GLU A 499 90.45 2.77 17.66
CA GLU A 499 90.68 2.13 18.93
C GLU A 499 89.54 1.16 19.23
N ASN A 500 89.78 0.22 20.12
CA ASN A 500 88.77 -0.76 20.50
C ASN A 500 88.14 -0.32 21.81
N GLU A 501 86.81 -0.17 21.80
CA GLU A 501 86.06 0.25 22.99
C GLU A 501 85.98 -0.81 24.06
N LYS A 502 86.56 -1.99 23.86
CA LYS A 502 86.49 -3.03 24.88
C LYS A 502 87.29 -2.59 26.11
N SER A 503 86.64 -2.52 27.26
CA SER A 503 87.36 -2.10 28.47
C SER A 503 88.36 -3.15 28.92
N SER A 504 88.32 -4.35 28.34
CA SER A 504 89.23 -5.43 28.68
C SER A 504 90.27 -5.68 27.60
N GLU A 505 90.11 -5.07 26.42
CA GLU A 505 91.03 -5.24 25.31
C GLU A 505 91.40 -3.87 24.77
N SER A 506 92.69 -3.50 24.89
CA SER A 506 93.20 -2.22 24.41
C SER A 506 93.83 -2.32 23.03
N ARG A 507 93.57 -3.41 22.31
CA ARG A 507 94.13 -3.60 20.98
C ARG A 507 93.55 -2.58 20.00
N TYR A 508 93.95 -2.70 18.73
CA TYR A 508 93.52 -1.81 17.67
C TYR A 508 92.69 -2.57 16.64
N LEU A 509 91.67 -1.90 16.11
CA LEU A 509 90.79 -2.48 15.12
C LEU A 509 91.07 -1.87 13.75
N LEU A 510 91.08 -2.72 12.72
CA LEU A 510 91.32 -2.31 11.34
C LEU A 510 90.10 -2.78 10.55
N VAL A 511 89.52 -1.88 9.77
CA VAL A 511 88.35 -2.22 8.97
C VAL A 511 88.50 -1.69 7.56
N MET A 512 88.26 -2.56 6.57
CA MET A 512 88.37 -2.17 5.18
C MET A 512 87.10 -2.65 4.45
N LYS A 513 86.77 -1.94 3.38
CA LYS A 513 85.60 -2.25 2.58
C LYS A 513 85.89 -1.95 1.12
N GLY A 514 85.33 -2.75 0.22
CA GLY A 514 85.57 -2.54 -1.19
C GLY A 514 84.92 -3.58 -2.07
N ALA A 515 85.48 -3.72 -3.28
CA ALA A 515 84.96 -4.69 -4.23
C ALA A 515 85.09 -6.11 -3.66
N PRO A 516 84.07 -6.96 -3.82
CA PRO A 516 84.18 -8.33 -3.28
C PRO A 516 85.36 -9.12 -3.79
N GLU A 517 85.79 -8.91 -5.04
CA GLU A 517 86.93 -9.68 -5.55
C GLU A 517 88.23 -9.23 -4.88
N ARG A 518 88.46 -7.91 -4.82
CA ARG A 518 89.67 -7.40 -4.20
C ARG A 518 89.74 -7.79 -2.72
N ILE A 519 88.61 -7.65 -2.01
CA ILE A 519 88.60 -8.00 -0.60
C ILE A 519 88.77 -9.50 -0.41
N LEU A 520 88.20 -10.30 -1.33
CA LEU A 520 88.34 -11.75 -1.23
C LEU A 520 89.79 -12.17 -1.39
N ASP A 521 90.52 -11.48 -2.28
CA ASP A 521 91.92 -11.82 -2.48
C ASP A 521 92.80 -11.38 -1.31
N ARG A 522 92.25 -10.75 -0.28
CA ARG A 522 93.01 -10.29 0.86
C ARG A 522 92.58 -10.93 2.18
N CYS A 523 91.92 -12.08 2.15
CA CYS A 523 91.50 -12.71 3.39
C CYS A 523 91.90 -14.18 3.43
N SER A 524 91.85 -14.72 4.65
CA SER A 524 92.19 -16.12 4.89
C SER A 524 91.35 -16.73 6.00
N THR A 525 90.41 -15.97 6.57
CA THR A 525 89.55 -16.46 7.64
C THR A 525 88.14 -15.95 7.36
N ILE A 526 87.17 -16.54 8.07
CA ILE A 526 85.77 -16.18 7.91
C ILE A 526 85.11 -16.24 9.29
N LEU A 527 84.39 -15.17 9.65
CA LEU A 527 83.68 -15.05 10.91
C LEU A 527 82.33 -15.74 10.75
N LEU A 528 82.27 -17.01 11.15
CA LEU A 528 81.06 -17.81 11.06
C LEU A 528 80.41 -17.90 12.44
N ASN A 529 79.17 -17.41 12.54
CA ASN A 529 78.38 -17.42 13.77
C ASN A 529 79.13 -16.82 14.95
N GLY A 530 80.22 -16.10 14.70
CA GLY A 530 81.01 -15.49 15.75
C GLY A 530 82.42 -16.04 15.77
N ALA A 531 82.55 -17.36 15.71
CA ALA A 531 83.87 -17.98 15.71
C ALA A 531 84.55 -17.74 14.37
N GLU A 532 85.82 -18.14 14.28
CA GLU A 532 86.57 -17.96 13.05
C GLU A 532 86.83 -19.33 12.44
N GLU A 533 86.99 -19.35 11.11
CA GLU A 533 87.23 -20.59 10.39
C GLU A 533 88.11 -20.28 9.18
N PRO A 534 88.74 -21.29 8.59
CA PRO A 534 89.58 -21.04 7.41
C PRO A 534 88.74 -20.66 6.20
N LEU A 535 89.44 -20.25 5.14
CA LEU A 535 88.80 -19.84 3.89
C LEU A 535 88.88 -20.93 2.82
N LYS A 536 88.62 -22.18 3.18
CA LYS A 536 88.68 -23.28 2.23
C LYS A 536 87.79 -23.01 1.02
N GLU A 537 88.08 -23.71 -0.10
CA GLU A 537 87.33 -23.53 -1.33
C GLU A 537 85.81 -23.71 -1.18
N ASP A 538 85.35 -24.40 -0.14
CA ASP A 538 83.90 -24.58 0.00
C ASP A 538 83.22 -23.23 0.22
N MET A 539 83.72 -22.46 1.19
CA MET A 539 83.10 -21.16 1.42
C MET A 539 83.47 -20.19 0.31
N LYS A 540 84.58 -20.44 -0.39
CA LYS A 540 84.95 -19.55 -1.48
C LYS A 540 83.96 -19.70 -2.62
N GLU A 541 83.50 -20.93 -2.85
CA GLU A 541 82.54 -21.15 -3.91
C GLU A 541 81.17 -20.65 -3.46
N ALA A 542 80.90 -20.75 -2.16
CA ALA A 542 79.61 -20.25 -1.68
C ALA A 542 79.60 -18.73 -1.80
N PHE A 543 80.78 -18.11 -1.67
CA PHE A 543 80.89 -16.66 -1.79
C PHE A 543 80.75 -16.26 -3.24
N GLN A 544 81.24 -17.09 -4.15
CA GLN A 544 81.12 -16.77 -5.57
C GLN A 544 79.65 -16.86 -5.98
N ASN A 545 78.96 -17.89 -5.48
CA ASN A 545 77.55 -18.04 -5.83
C ASN A 545 76.74 -16.90 -5.22
N ALA A 546 77.13 -16.45 -4.01
CA ALA A 546 76.40 -15.35 -3.39
C ALA A 546 76.64 -14.06 -4.16
N TYR A 547 77.87 -13.88 -4.65
CA TYR A 547 78.20 -12.69 -5.42
C TYR A 547 77.38 -12.66 -6.70
N LEU A 548 77.29 -13.80 -7.40
CA LEU A 548 76.51 -13.82 -8.63
C LEU A 548 75.02 -13.71 -8.35
N GLU A 549 74.58 -14.15 -7.16
CA GLU A 549 73.16 -14.08 -6.83
C GLU A 549 72.77 -12.62 -6.61
N LEU A 550 73.57 -11.90 -5.82
CA LEU A 550 73.26 -10.50 -5.56
C LEU A 550 73.52 -9.65 -6.80
N GLY A 551 74.47 -10.04 -7.65
CA GLY A 551 74.74 -9.29 -8.85
C GLY A 551 73.64 -9.44 -9.88
N GLY A 552 73.13 -10.66 -10.06
CA GLY A 552 72.07 -10.88 -11.03
C GLY A 552 70.80 -10.14 -10.69
N LEU A 553 70.64 -9.75 -9.43
CA LEU A 553 69.47 -9.03 -8.97
C LEU A 553 69.53 -7.54 -9.31
N GLY A 554 70.53 -7.13 -10.10
CA GLY A 554 70.68 -5.74 -10.49
C GLY A 554 71.19 -4.84 -9.39
N GLU A 555 71.68 -5.40 -8.29
CA GLU A 555 72.20 -4.65 -7.16
C GLU A 555 73.72 -4.52 -7.22
N ARG A 556 74.22 -3.58 -6.42
CA ARG A 556 75.65 -3.29 -6.31
C ARG A 556 76.07 -3.86 -4.96
N VAL A 557 77.00 -4.82 -4.98
CA VAL A 557 77.48 -5.46 -3.76
C VAL A 557 78.86 -4.99 -3.37
N LEU A 558 79.09 -4.89 -2.06
CA LEU A 558 80.34 -4.48 -1.47
C LEU A 558 80.75 -5.51 -0.43
N GLY A 559 82.02 -5.50 -0.05
CA GLY A 559 82.54 -6.44 0.93
C GLY A 559 83.20 -5.74 2.10
N PHE A 560 82.84 -6.16 3.30
CA PHE A 560 83.35 -5.60 4.55
C PHE A 560 84.17 -6.64 5.33
N CYS A 561 85.38 -6.25 5.73
CA CYS A 561 86.23 -7.15 6.49
C CYS A 561 86.98 -6.34 7.54
N HIS A 562 87.51 -7.04 8.54
CA HIS A 562 88.25 -6.37 9.60
C HIS A 562 89.30 -7.31 10.17
N PHE A 563 90.12 -6.75 11.04
CA PHE A 563 91.18 -7.52 11.67
C PHE A 563 91.63 -6.83 12.95
N ALA A 564 91.97 -7.63 13.95
CA ALA A 564 92.44 -7.12 15.23
C ALA A 564 93.97 -7.09 15.19
N LEU A 565 94.54 -5.89 15.19
CA LEU A 565 95.98 -5.77 15.15
C LEU A 565 96.59 -6.20 16.48
N PRO A 566 97.61 -7.04 16.48
CA PRO A 566 98.23 -7.48 17.75
C PRO A 566 98.90 -6.31 18.44
N GLU A 567 98.48 -6.04 19.67
CA GLU A 567 99.07 -4.93 20.43
C GLU A 567 100.52 -5.19 20.82
N ASP A 568 101.05 -6.37 20.55
CA ASP A 568 102.44 -6.65 20.91
C ASP A 568 103.40 -6.14 19.84
N LYS A 569 102.96 -6.13 18.59
CA LYS A 569 103.78 -5.66 17.47
C LYS A 569 103.47 -4.20 17.14
N TYR A 570 102.34 -3.69 17.60
CA TYR A 570 101.88 -2.32 17.38
C TYR A 570 101.27 -1.89 18.71
N ASN A 571 102.10 -1.32 19.58
CA ASN A 571 101.65 -0.88 20.89
C ASN A 571 100.64 0.26 20.78
N GLU A 572 100.06 0.62 21.93
CA GLU A 572 99.07 1.68 21.97
C GLU A 572 99.68 3.06 21.68
N GLY A 573 101.00 3.21 21.77
CA GLY A 573 101.64 4.47 21.50
C GLY A 573 102.21 4.62 20.11
N TYR A 574 102.45 3.51 19.42
CA TYR A 574 103.01 3.57 18.07
C TYR A 574 102.04 4.24 17.10
N PRO A 575 102.51 5.23 16.32
CA PRO A 575 101.61 5.89 15.35
C PRO A 575 101.73 5.26 13.98
N PHE A 576 100.62 4.81 13.41
CA PHE A 576 100.63 4.19 12.09
C PHE A 576 100.41 5.22 10.99
N ASP A 577 101.46 5.97 10.67
CA ASP A 577 101.35 6.98 9.62
C ASP A 577 101.07 6.29 8.29
N ALA A 578 100.15 6.85 7.51
CA ALA A 578 99.81 6.25 6.22
C ALA A 578 100.89 6.51 5.18
N ASP A 579 102.04 5.84 5.31
CA ASP A 579 103.12 6.02 4.37
C ASP A 579 103.65 4.70 3.83
N GLU A 580 103.97 3.78 4.74
CA GLU A 580 104.49 2.46 4.38
C GLU A 580 103.51 1.35 4.78
N PRO A 581 103.79 0.06 4.47
CA PRO A 581 102.85 -0.99 4.86
C PRO A 581 102.87 -1.28 6.35
N ASN A 582 102.10 -0.52 7.11
CA ASN A 582 102.01 -0.68 8.55
C ASN A 582 100.92 -1.64 8.96
N PHE A 583 100.05 -2.04 8.03
CA PHE A 583 98.96 -2.95 8.34
C PHE A 583 99.02 -4.14 7.40
N PRO A 584 98.69 -5.34 7.88
CA PRO A 584 98.73 -6.51 7.00
C PRO A 584 97.59 -6.46 5.99
N THR A 585 97.93 -6.23 4.72
CA THR A 585 96.90 -6.16 3.69
C THR A 585 96.14 -7.48 3.58
N THR A 586 96.85 -8.59 3.63
CA THR A 586 96.24 -9.91 3.56
C THR A 586 95.98 -10.43 4.97
N ASP A 587 95.56 -11.69 5.07
CA ASP A 587 95.27 -12.35 6.35
C ASP A 587 94.17 -11.64 7.14
N LEU A 588 93.28 -10.91 6.46
CA LEU A 588 92.20 -10.22 7.13
C LEU A 588 91.05 -11.20 7.40
N CYS A 589 90.00 -10.73 8.07
CA CYS A 589 88.85 -11.56 8.38
C CYS A 589 87.63 -10.98 7.67
N PHE A 590 87.18 -11.66 6.63
CA PHE A 590 86.02 -11.22 5.87
C PHE A 590 84.77 -11.49 6.69
N VAL A 591 83.89 -10.49 6.85
CA VAL A 591 82.69 -10.69 7.63
C VAL A 591 81.48 -10.91 6.73
N GLY A 592 81.36 -10.15 5.65
CA GLY A 592 80.21 -10.35 4.79
C GLY A 592 79.94 -9.28 3.74
N LEU A 593 79.20 -9.67 2.70
CA LEU A 593 78.84 -8.78 1.62
C LEU A 593 77.63 -7.93 1.98
N MET A 594 77.50 -6.79 1.32
CA MET A 594 76.40 -5.85 1.53
C MET A 594 75.98 -5.27 0.20
N ALA A 595 74.80 -5.65 -0.27
CA ALA A 595 74.29 -5.17 -1.55
C ALA A 595 73.42 -3.93 -1.32
N MET A 596 73.05 -3.27 -2.41
CA MET A 596 72.22 -2.07 -2.32
C MET A 596 71.68 -1.73 -3.70
N ILE A 597 70.46 -1.19 -3.72
CA ILE A 597 69.79 -0.80 -4.96
C ILE A 597 68.60 0.06 -4.60
N ASP A 598 68.11 0.83 -5.57
CA ASP A 598 66.96 1.69 -5.33
C ASP A 598 65.70 0.84 -5.31
N PRO A 599 64.96 0.79 -4.21
CA PRO A 599 63.75 -0.03 -4.16
C PRO A 599 62.54 0.73 -4.68
N PRO A 600 61.41 0.05 -4.85
CA PRO A 600 60.20 0.71 -5.34
C PRO A 600 59.33 1.16 -4.17
N ARG A 601 58.36 2.01 -4.49
CA ARG A 601 57.47 2.52 -3.47
C ARG A 601 56.59 1.40 -2.91
N ALA A 602 56.18 1.57 -1.65
CA ALA A 602 55.35 0.62 -0.92
C ALA A 602 54.19 0.00 -1.71
N ALA A 603 53.24 0.81 -2.15
CA ALA A 603 52.08 0.33 -2.90
C ALA A 603 52.31 0.19 -4.40
N VAL A 604 53.55 0.03 -4.86
CA VAL A 604 53.78 -0.10 -6.30
C VAL A 604 53.38 -1.49 -6.79
N PRO A 605 53.87 -2.59 -6.21
CA PRO A 605 53.47 -3.91 -6.72
C PRO A 605 51.98 -4.17 -6.64
N ASP A 606 51.36 -3.84 -5.50
CA ASP A 606 49.92 -4.05 -5.35
C ASP A 606 49.14 -3.26 -6.39
N ALA A 607 49.53 -2.00 -6.62
CA ALA A 607 48.83 -1.18 -7.60
C ALA A 607 48.99 -1.75 -9.00
N VAL A 608 50.20 -2.21 -9.34
CA VAL A 608 50.41 -2.78 -10.68
C VAL A 608 49.56 -4.02 -10.85
N GLY A 609 49.48 -4.86 -9.81
CA GLY A 609 48.68 -6.06 -9.90
C GLY A 609 47.20 -5.73 -10.04
N LYS A 610 46.74 -4.70 -9.32
CA LYS A 610 45.34 -4.31 -9.41
C LYS A 610 45.02 -3.80 -10.80
N CYS A 611 45.95 -3.03 -11.39
CA CYS A 611 45.72 -2.51 -12.73
C CYS A 611 45.68 -3.64 -13.75
N ARG A 612 46.59 -4.61 -13.61
CA ARG A 612 46.60 -5.74 -14.54
C ARG A 612 45.33 -6.58 -14.39
N SER A 613 44.79 -6.67 -13.18
CA SER A 613 43.58 -7.45 -12.96
C SER A 613 42.39 -6.83 -13.71
N ALA A 614 42.35 -5.50 -13.81
CA ALA A 614 41.28 -4.80 -14.50
C ALA A 614 41.47 -4.77 -16.00
N GLY A 615 42.41 -5.54 -16.53
CA GLY A 615 42.66 -5.57 -17.96
C GLY A 615 43.42 -4.40 -18.52
N ILE A 616 44.21 -3.71 -17.71
CA ILE A 616 44.99 -2.56 -18.14
C ILE A 616 46.40 -3.04 -18.45
N LYS A 617 46.85 -2.79 -19.68
CA LYS A 617 48.18 -3.20 -20.11
C LYS A 617 49.22 -2.25 -19.54
N VAL A 618 50.17 -2.78 -18.77
CA VAL A 618 51.23 -2.00 -18.16
C VAL A 618 52.47 -2.15 -19.02
N ILE A 619 52.97 -1.04 -19.54
CA ILE A 619 54.16 -1.01 -20.39
C ILE A 619 55.16 -0.08 -19.73
N MET A 620 56.36 -0.59 -19.47
CA MET A 620 57.37 0.25 -18.83
C MET A 620 58.10 1.06 -19.89
N VAL A 621 58.29 2.36 -19.62
CA VAL A 621 58.98 3.26 -20.54
C VAL A 621 59.94 4.09 -19.69
N THR A 622 61.24 3.81 -19.80
CA THR A 622 62.21 4.57 -19.02
C THR A 622 63.53 4.67 -19.77
N GLY A 623 64.27 5.73 -19.47
CA GLY A 623 65.56 5.98 -20.08
C GLY A 623 66.73 5.48 -19.25
N ASP A 624 66.51 4.43 -18.47
CA ASP A 624 67.54 3.87 -17.62
C ASP A 624 68.13 2.60 -18.26
N HIS A 625 69.16 2.08 -17.61
CA HIS A 625 69.83 0.88 -18.11
C HIS A 625 68.85 -0.28 -18.20
N PRO A 626 68.95 -1.11 -19.25
CA PRO A 626 68.02 -2.25 -19.36
C PRO A 626 68.22 -3.31 -18.30
N ILE A 627 69.46 -3.50 -17.83
CA ILE A 627 69.73 -4.50 -16.80
C ILE A 627 68.97 -4.18 -15.52
N THR A 628 68.74 -2.90 -15.25
CA THR A 628 68.01 -2.49 -14.06
C THR A 628 66.53 -2.38 -14.34
N ALA A 629 66.17 -1.94 -15.55
CA ALA A 629 64.77 -1.80 -15.91
C ALA A 629 64.08 -3.16 -15.89
N LYS A 630 64.74 -4.19 -16.42
CA LYS A 630 64.13 -5.52 -16.44
C LYS A 630 63.93 -6.04 -15.02
N ALA A 631 64.92 -5.81 -14.13
CA ALA A 631 64.79 -6.27 -12.76
C ALA A 631 63.64 -5.57 -12.05
N ILE A 632 63.52 -4.25 -12.25
CA ILE A 632 62.44 -3.52 -11.60
C ILE A 632 61.10 -3.96 -12.17
N ALA A 633 61.06 -4.25 -13.47
CA ALA A 633 59.82 -4.70 -14.09
C ALA A 633 59.37 -6.02 -13.48
N LYS A 634 60.31 -6.96 -13.34
CA LYS A 634 59.96 -8.24 -12.75
C LYS A 634 59.58 -8.10 -11.29
N GLY A 635 60.18 -7.13 -10.59
CA GLY A 635 59.87 -6.92 -9.18
C GLY A 635 58.56 -6.21 -8.91
N VAL A 636 58.06 -5.43 -9.88
CA VAL A 636 56.80 -4.71 -9.68
C VAL A 636 55.61 -5.39 -10.34
N GLY A 637 55.83 -6.38 -11.20
CA GLY A 637 54.74 -7.07 -11.87
C GLY A 637 54.59 -6.82 -13.35
N ILE A 638 55.41 -5.93 -13.95
CA ILE A 638 55.28 -5.69 -15.38
C ILE A 638 55.63 -6.94 -16.16
N ILE A 639 56.71 -7.62 -15.76
CA ILE A 639 57.15 -8.84 -16.42
C ILE A 639 56.84 -9.95 -15.42
N SER A 640 55.65 -10.54 -15.56
CA SER A 640 55.22 -11.63 -14.68
C SER A 640 56.27 -12.72 -14.59
N GLU A 641 56.44 -13.25 -13.38
CA GLU A 641 57.42 -14.31 -13.18
C GLU A 641 57.02 -15.53 -13.99
N GLY A 642 57.94 -16.01 -14.83
CA GLY A 642 57.73 -17.16 -15.69
C GLY A 642 57.88 -16.82 -17.16
N ASN A 643 57.49 -15.61 -17.56
CA ASN A 643 57.61 -15.22 -18.95
C ASN A 643 59.09 -15.11 -19.30
N GLU A 644 59.41 -15.19 -20.58
CA GLU A 644 60.80 -15.11 -20.99
C GLU A 644 60.99 -14.33 -22.28
N THR A 645 62.16 -13.72 -22.39
CA THR A 645 62.58 -12.93 -23.53
C THR A 645 63.40 -13.82 -24.48
N ILE A 646 63.61 -13.34 -25.70
CA ILE A 646 64.37 -14.11 -26.68
C ILE A 646 65.79 -14.38 -26.17
N GLU A 647 66.40 -13.41 -25.48
CA GLU A 647 67.74 -13.62 -24.96
C GLU A 647 67.74 -14.66 -23.86
N ASP A 648 66.68 -14.69 -23.04
CA ASP A 648 66.61 -15.68 -21.97
C ASP A 648 66.52 -17.08 -22.54
N ILE A 649 65.76 -17.24 -23.62
CA ILE A 649 65.62 -18.55 -24.24
C ILE A 649 66.94 -18.97 -24.87
N ALA A 650 67.62 -18.02 -25.54
CA ALA A 650 68.90 -18.34 -26.17
C ALA A 650 69.94 -18.71 -25.11
N ALA A 651 69.82 -18.15 -23.91
CA ALA A 651 70.77 -18.45 -22.85
C ALA A 651 70.43 -19.78 -22.18
N ARG A 652 69.14 -20.11 -22.08
CA ARG A 652 68.73 -21.36 -21.46
C ARG A 652 69.02 -22.54 -22.38
N LEU A 653 69.05 -22.31 -23.70
CA LEU A 653 69.31 -23.36 -24.66
C LEU A 653 70.76 -23.40 -25.13
N ASN A 654 71.50 -22.29 -25.02
CA ASN A 654 72.90 -22.19 -25.44
C ASN A 654 73.02 -22.18 -26.96
N ILE A 655 72.12 -21.43 -27.61
CA ILE A 655 72.09 -21.32 -29.07
C ILE A 655 72.02 -19.84 -29.41
N PRO A 656 72.37 -19.48 -30.65
CA PRO A 656 72.31 -18.07 -31.04
C PRO A 656 70.91 -17.50 -30.92
N ILE A 657 70.84 -16.17 -30.88
CA ILE A 657 69.55 -15.50 -30.75
C ILE A 657 68.81 -15.44 -32.09
N GLY A 658 69.53 -15.47 -33.21
CA GLY A 658 68.88 -15.41 -34.51
C GLY A 658 68.12 -16.66 -34.90
N GLN A 659 68.21 -17.73 -34.13
CA GLN A 659 67.52 -18.98 -34.44
C GLN A 659 66.13 -19.07 -33.82
N VAL A 660 65.98 -18.64 -32.56
CA VAL A 660 64.70 -18.71 -31.89
C VAL A 660 63.66 -17.82 -32.58
N ASN A 661 62.38 -18.23 -32.46
CA ASN A 661 61.22 -17.53 -33.03
C ASN A 661 60.73 -16.47 -32.05
N PRO A 662 60.52 -15.23 -32.49
CA PRO A 662 60.05 -14.19 -31.56
C PRO A 662 58.61 -14.35 -31.11
N ARG A 663 57.87 -15.34 -31.60
CA ARG A 663 56.49 -15.51 -31.17
C ARG A 663 56.37 -16.26 -29.86
N ASP A 664 57.40 -17.01 -29.47
CA ASP A 664 57.38 -17.77 -28.22
C ASP A 664 57.79 -16.92 -27.01
N ALA A 665 58.06 -15.63 -27.20
CA ALA A 665 58.45 -14.74 -26.11
C ALA A 665 57.32 -13.75 -25.86
N LYS A 666 56.71 -13.83 -24.68
CA LYS A 666 55.62 -12.95 -24.31
C LYS A 666 56.09 -11.55 -23.92
N ALA A 667 57.21 -11.46 -23.19
CA ALA A 667 57.76 -10.19 -22.77
C ALA A 667 58.97 -9.81 -23.60
N CYS A 668 59.11 -8.51 -23.88
CA CYS A 668 60.23 -8.04 -24.68
C CYS A 668 60.80 -6.73 -24.12
N VAL A 669 62.12 -6.63 -24.19
CA VAL A 669 62.88 -5.47 -23.73
C VAL A 669 63.41 -4.79 -24.98
N VAL A 670 62.86 -3.63 -25.32
CA VAL A 670 63.26 -2.88 -26.49
C VAL A 670 64.22 -1.76 -26.07
N HIS A 671 65.42 -1.79 -26.63
CA HIS A 671 66.44 -0.79 -26.32
C HIS A 671 66.21 0.47 -27.15
N GLY A 672 66.56 1.61 -26.56
CA GLY A 672 66.38 2.88 -27.25
C GLY A 672 67.19 2.98 -28.53
N SER A 673 68.46 2.54 -28.47
CA SER A 673 69.31 2.58 -29.65
C SER A 673 68.66 1.85 -30.82
N ASP A 674 68.01 0.72 -30.53
CA ASP A 674 67.34 -0.04 -31.57
C ASP A 674 66.02 0.62 -31.96
N LEU A 675 65.39 1.31 -31.00
CA LEU A 675 64.12 1.98 -31.26
C LEU A 675 64.31 3.13 -32.25
N LYS A 676 65.49 3.73 -32.26
CA LYS A 676 65.75 4.85 -33.17
C LYS A 676 65.64 4.42 -34.63
N ASP A 677 66.00 3.17 -34.94
CA ASP A 677 65.96 2.63 -36.30
C ASP A 677 64.77 1.69 -36.52
N LEU A 678 63.58 2.02 -36.03
CA LEU A 678 62.40 1.17 -36.20
C LEU A 678 61.28 1.91 -36.90
N SER A 679 60.66 1.26 -37.88
CA SER A 679 59.55 1.81 -38.65
C SER A 679 58.27 1.80 -37.83
N THR A 680 57.22 2.40 -38.39
CA THR A 680 55.93 2.45 -37.71
C THR A 680 55.30 1.07 -37.57
N GLU A 681 55.34 0.28 -38.66
CA GLU A 681 54.76 -1.06 -38.62
C GLU A 681 55.47 -1.92 -37.59
N VAL A 682 56.79 -1.78 -37.47
CA VAL A 682 57.52 -2.59 -36.49
C VAL A 682 57.04 -2.27 -35.08
N LEU A 683 56.84 -0.98 -34.78
CA LEU A 683 56.36 -0.61 -33.44
C LEU A 683 54.95 -1.16 -33.22
N ASP A 684 54.11 -1.09 -34.26
CA ASP A 684 52.75 -1.60 -34.13
C ASP A 684 52.79 -3.07 -33.81
N ASP A 685 53.67 -3.82 -34.48
CA ASP A 685 53.78 -5.25 -34.24
C ASP A 685 54.35 -5.52 -32.86
N ILE A 686 55.26 -4.67 -32.38
CA ILE A 686 55.84 -4.85 -31.06
C ILE A 686 54.76 -4.75 -30.00
N LEU A 687 53.85 -3.78 -30.16
CA LEU A 687 52.77 -3.63 -29.20
C LEU A 687 51.64 -4.63 -29.43
N HIS A 688 51.52 -5.16 -30.65
CA HIS A 688 50.49 -6.13 -31.00
C HIS A 688 50.83 -7.57 -30.64
N TYR A 689 52.11 -7.91 -30.49
CA TYR A 689 52.48 -9.28 -30.16
C TYR A 689 53.07 -9.48 -28.78
N HIS A 690 53.61 -8.45 -28.14
CA HIS A 690 54.20 -8.58 -26.82
C HIS A 690 53.25 -7.98 -25.78
N THR A 691 52.93 -8.77 -24.75
CA THR A 691 52.04 -8.32 -23.70
C THR A 691 52.75 -7.58 -22.58
N GLU A 692 54.03 -7.89 -22.34
CA GLU A 692 54.83 -7.27 -21.30
C GLU A 692 56.02 -6.61 -22.00
N ILE A 693 55.86 -5.34 -22.34
CA ILE A 693 56.90 -4.56 -23.02
C ILE A 693 57.61 -3.62 -22.06
N VAL A 694 58.92 -3.53 -22.23
CA VAL A 694 59.76 -2.66 -21.41
C VAL A 694 60.72 -1.93 -22.35
N PHE A 695 60.53 -0.62 -22.48
CA PHE A 695 61.34 0.23 -23.33
C PHE A 695 62.41 0.83 -22.44
N ALA A 696 63.66 0.49 -22.71
CA ALA A 696 64.79 0.98 -21.94
C ALA A 696 65.67 1.89 -22.79
N ARG A 697 66.32 2.84 -22.11
CA ARG A 697 67.21 3.81 -22.74
C ARG A 697 66.49 4.63 -23.82
N THR A 698 65.25 5.00 -23.54
CA THR A 698 64.45 5.79 -24.48
C THR A 698 64.46 7.26 -24.08
N SER A 699 64.72 8.12 -25.07
CA SER A 699 64.77 9.55 -24.88
C SER A 699 63.35 10.11 -24.76
N PRO A 700 63.19 11.34 -24.25
CA PRO A 700 61.82 11.89 -24.13
C PRO A 700 61.07 11.87 -25.44
N GLN A 701 61.76 12.20 -26.55
CA GLN A 701 61.10 12.19 -27.85
C GLN A 701 60.63 10.77 -28.17
N GLN A 702 61.44 9.77 -27.81
CA GLN A 702 61.05 8.40 -28.07
C GLN A 702 59.86 8.03 -27.19
N LYS A 703 59.79 8.61 -25.99
CA LYS A 703 58.65 8.34 -25.12
C LYS A 703 57.39 8.83 -25.78
N LEU A 704 57.46 10.02 -26.37
CA LEU A 704 56.32 10.59 -27.06
C LEU A 704 55.93 9.71 -28.25
N ILE A 705 56.94 9.20 -28.96
CA ILE A 705 56.68 8.34 -30.11
C ILE A 705 55.97 7.07 -29.65
N ILE A 706 56.35 6.55 -28.48
CA ILE A 706 55.72 5.34 -27.97
C ILE A 706 54.27 5.62 -27.64
N VAL A 707 54.01 6.76 -26.99
CA VAL A 707 52.63 7.11 -26.65
C VAL A 707 51.78 7.21 -27.92
N GLU A 708 52.34 7.85 -28.94
CA GLU A 708 51.61 7.98 -30.21
C GLU A 708 51.39 6.62 -30.84
N GLY A 709 52.38 5.73 -30.76
CA GLY A 709 52.21 4.41 -31.34
C GLY A 709 51.12 3.64 -30.62
N CYS A 710 50.91 3.95 -29.34
CA CYS A 710 49.87 3.27 -28.59
C CYS A 710 48.50 3.83 -28.96
N GLN A 711 48.43 5.14 -29.18
CA GLN A 711 47.16 5.77 -29.55
C GLN A 711 46.73 5.40 -30.96
N ARG A 712 47.69 5.28 -31.89
CA ARG A 712 47.40 4.93 -33.28
C ARG A 712 46.43 3.76 -33.42
N GLN A 713 46.45 2.82 -32.47
CA GLN A 713 45.54 1.68 -32.55
C GLN A 713 44.12 2.08 -32.16
N GLY A 714 43.95 2.75 -31.02
CA GLY A 714 42.61 3.15 -30.61
C GLY A 714 42.33 3.00 -29.13
N ALA A 715 43.37 2.82 -28.32
CA ALA A 715 43.21 2.67 -26.88
C ALA A 715 43.60 3.95 -26.15
N ILE A 716 42.99 4.15 -24.98
CA ILE A 716 43.26 5.32 -24.15
C ILE A 716 44.60 5.14 -23.47
N VAL A 717 45.35 6.22 -23.28
CA VAL A 717 46.66 6.13 -22.65
C VAL A 717 46.77 7.07 -21.45
N ALA A 718 47.42 6.54 -20.40
CA ALA A 718 47.66 7.24 -19.15
C ALA A 718 49.15 7.13 -18.87
N VAL A 719 49.84 8.26 -18.84
CA VAL A 719 51.28 8.28 -18.58
C VAL A 719 51.51 8.84 -17.19
N THR A 720 52.29 8.12 -16.38
CA THR A 720 52.61 8.50 -15.02
C THR A 720 54.11 8.80 -14.93
N GLY A 721 54.46 10.04 -14.63
CA GLY A 721 55.87 10.41 -14.52
C GLY A 721 56.16 11.42 -13.42
N ASP A 722 57.45 11.78 -13.34
CA ASP A 722 57.91 12.74 -12.35
C ASP A 722 58.89 13.79 -12.87
N GLY A 723 59.82 13.39 -13.74
CA GLY A 723 60.80 14.31 -14.28
C GLY A 723 60.37 15.07 -15.51
N VAL A 724 61.32 15.84 -16.04
CA VAL A 724 61.08 16.65 -17.24
C VAL A 724 61.05 15.77 -18.48
N ASN A 725 61.76 14.64 -18.46
CA ASN A 725 61.76 13.75 -19.62
C ASN A 725 60.38 13.20 -19.90
N ASP A 726 59.48 13.28 -18.93
CA ASP A 726 58.12 12.81 -19.07
C ASP A 726 57.16 13.89 -19.54
N SER A 727 57.62 15.15 -19.60
CA SER A 727 56.75 16.23 -20.05
C SER A 727 56.16 15.98 -21.43
N PRO A 728 56.95 15.65 -22.48
CA PRO A 728 56.31 15.42 -23.79
C PRO A 728 55.41 14.21 -23.80
N ALA A 729 55.55 13.30 -22.83
CA ALA A 729 54.73 12.10 -22.75
C ALA A 729 53.44 12.36 -21.98
N LEU A 730 53.51 13.19 -20.93
CA LEU A 730 52.32 13.48 -20.15
C LEU A 730 51.34 14.38 -20.91
N LYS A 731 51.87 15.25 -21.77
CA LYS A 731 51.02 16.15 -22.55
C LYS A 731 50.26 15.43 -23.65
N LYS A 732 50.97 14.65 -24.48
CA LYS A 732 50.32 13.93 -25.58
C LYS A 732 49.46 12.76 -25.10
N ALA A 733 49.70 12.23 -23.91
CA ALA A 733 48.88 11.11 -23.47
C ALA A 733 47.47 11.58 -23.16
N ASP A 734 46.52 10.63 -23.24
CA ASP A 734 45.13 10.98 -22.95
C ASP A 734 44.99 11.54 -21.54
N ILE A 735 45.84 11.09 -20.62
CA ILE A 735 45.78 11.58 -19.24
C ILE A 735 47.15 11.43 -18.61
N GLY A 736 47.64 12.52 -18.03
CA GLY A 736 48.94 12.54 -17.38
C GLY A 736 48.80 12.57 -15.87
N VAL A 737 49.67 11.81 -15.21
CA VAL A 737 49.71 11.70 -13.75
C VAL A 737 51.12 12.07 -13.34
N ALA A 738 51.27 13.21 -12.69
CA ALA A 738 52.58 13.66 -12.27
C ALA A 738 52.73 13.54 -10.76
N MET A 739 53.94 13.23 -10.33
CA MET A 739 54.20 13.09 -8.91
C MET A 739 54.23 14.49 -8.29
N GLY A 740 53.81 14.58 -7.03
CA GLY A 740 53.79 15.85 -6.35
C GLY A 740 55.03 16.27 -5.60
N ILE A 741 55.61 15.36 -4.82
CA ILE A 741 56.82 15.68 -4.06
C ILE A 741 58.08 15.46 -4.88
N SER A 742 58.20 14.32 -5.55
CA SER A 742 59.36 14.00 -6.36
C SER A 742 59.23 14.43 -7.83
N GLY A 743 58.17 15.16 -8.17
CA GLY A 743 57.99 15.60 -9.54
C GLY A 743 58.62 16.94 -9.85
N SER A 744 58.86 17.17 -11.14
CA SER A 744 59.45 18.41 -11.64
C SER A 744 58.36 19.43 -11.91
N ASP A 745 58.75 20.70 -11.88
CA ASP A 745 57.78 21.77 -12.12
C ASP A 745 57.22 21.75 -13.54
N VAL A 746 58.07 21.45 -14.53
CA VAL A 746 57.59 21.41 -15.92
C VAL A 746 56.58 20.29 -16.10
N SER A 747 56.93 19.09 -15.64
CA SER A 747 56.00 17.96 -15.77
C SER A 747 54.77 18.16 -14.91
N LYS A 748 54.89 18.93 -13.83
CA LYS A 748 53.75 19.17 -12.96
C LYS A 748 52.79 20.15 -13.61
N GLN A 749 53.33 21.12 -14.35
CA GLN A 749 52.50 22.12 -15.03
C GLN A 749 51.91 21.59 -16.32
N ALA A 750 52.54 20.58 -16.93
CA ALA A 750 52.04 20.01 -18.18
C ALA A 750 51.16 18.79 -17.98
N ALA A 751 50.99 18.32 -16.75
CA ALA A 751 50.17 17.15 -16.47
C ALA A 751 48.72 17.56 -16.20
N ASP A 752 47.85 16.57 -16.14
CA ASP A 752 46.43 16.80 -15.87
C ASP A 752 46.00 16.39 -14.47
N MET A 753 46.72 15.46 -13.84
CA MET A 753 46.40 15.01 -12.50
C MET A 753 47.69 15.00 -11.69
N ILE A 754 47.61 15.46 -10.45
CA ILE A 754 48.77 15.51 -9.56
C ILE A 754 48.53 14.64 -8.34
N LEU A 755 49.58 13.91 -7.95
CA LEU A 755 49.56 13.02 -6.79
C LEU A 755 50.36 13.74 -5.72
N LEU A 756 49.67 14.55 -4.92
CA LEU A 756 50.32 15.30 -3.85
C LEU A 756 50.96 14.43 -2.79
N ASP A 757 50.57 13.16 -2.67
CA ASP A 757 51.13 12.27 -1.67
C ASP A 757 52.11 11.25 -2.25
N ASP A 758 52.30 11.25 -3.58
CA ASP A 758 53.20 10.33 -4.26
C ASP A 758 52.81 8.87 -4.08
N ASN A 759 51.53 8.60 -3.86
CA ASN A 759 51.02 7.24 -3.67
C ASN A 759 50.56 6.71 -5.02
N PHE A 760 51.03 5.52 -5.38
CA PHE A 760 50.63 4.94 -6.66
C PHE A 760 49.30 4.20 -6.63
N ALA A 761 48.78 3.85 -5.44
CA ALA A 761 47.50 3.15 -5.40
C ALA A 761 46.36 4.05 -5.87
N SER A 762 46.62 5.36 -5.88
CA SER A 762 45.61 6.32 -6.33
C SER A 762 45.20 6.04 -7.76
N ILE A 763 46.07 5.41 -8.55
CA ILE A 763 45.72 5.10 -9.93
C ILE A 763 44.60 4.08 -9.94
N VAL A 764 44.67 3.09 -9.03
CA VAL A 764 43.64 2.07 -8.95
C VAL A 764 42.34 2.71 -8.48
N THR A 765 42.44 3.59 -7.47
CA THR A 765 41.23 4.25 -6.98
C THR A 765 40.58 5.06 -8.09
N GLY A 766 41.40 5.75 -8.89
CA GLY A 766 40.88 6.54 -9.99
C GLY A 766 40.23 5.70 -11.06
N VAL A 767 40.86 4.59 -11.45
CA VAL A 767 40.26 3.74 -12.49
C VAL A 767 38.93 3.17 -11.99
N GLU A 768 38.78 3.04 -10.67
CA GLU A 768 37.52 2.51 -10.15
C GLU A 768 36.43 3.59 -10.18
N GLU A 769 36.76 4.79 -9.70
CA GLU A 769 35.81 5.90 -9.68
C GLU A 769 35.37 6.28 -11.09
N GLY A 770 36.29 6.22 -12.07
CA GLY A 770 35.95 6.57 -13.43
C GLY A 770 34.84 5.72 -14.01
N ARG A 771 34.75 4.47 -13.57
CA ARG A 771 33.71 3.56 -14.05
C ARG A 771 32.42 3.80 -13.28
N LEU A 772 32.52 3.82 -11.95
CA LEU A 772 31.35 4.05 -11.11
C LEU A 772 30.55 5.28 -11.57
N ILE A 773 31.25 6.42 -11.75
CA ILE A 773 30.52 7.62 -12.18
C ILE A 773 30.05 7.53 -13.62
N PHE A 774 30.46 6.50 -14.35
CA PHE A 774 30.01 6.38 -15.73
C PHE A 774 28.65 5.72 -15.72
N ASP A 775 28.55 4.61 -14.98
CA ASP A 775 27.26 3.95 -14.91
C ASP A 775 26.24 4.89 -14.24
N ASN A 776 26.75 5.79 -13.39
CA ASN A 776 25.83 6.72 -12.73
C ASN A 776 25.38 7.78 -13.72
N LEU A 777 26.28 8.22 -14.62
CA LEU A 777 25.88 9.22 -15.59
C LEU A 777 24.79 8.64 -16.48
N LYS A 778 24.92 7.35 -16.83
CA LYS A 778 23.91 6.71 -17.67
C LYS A 778 22.55 6.73 -16.97
N LYS A 779 22.53 6.34 -15.69
CA LYS A 779 21.26 6.34 -14.96
C LYS A 779 20.64 7.73 -14.89
N SER A 780 21.44 8.74 -14.54
CA SER A 780 20.91 10.11 -14.45
C SER A 780 20.40 10.61 -15.80
N ILE A 781 21.07 10.25 -16.90
CA ILE A 781 20.60 10.71 -18.20
C ILE A 781 19.25 10.08 -18.51
N ALA A 782 19.09 8.78 -18.25
CA ALA A 782 17.80 8.16 -18.52
C ALA A 782 16.71 8.78 -17.67
N TYR A 783 17.08 9.20 -16.44
CA TYR A 783 16.10 9.82 -15.56
C TYR A 783 15.62 11.15 -16.12
N THR A 784 16.57 12.05 -16.44
CA THR A 784 16.18 13.35 -16.97
C THR A 784 15.56 13.24 -18.36
N LEU A 785 15.69 12.11 -19.05
CA LEU A 785 15.10 11.97 -20.37
C LEU A 785 13.73 11.33 -20.36
N THR A 786 13.39 10.57 -19.31
CA THR A 786 12.07 9.94 -19.25
C THR A 786 10.94 10.96 -19.15
N SER A 787 11.15 12.07 -18.43
CA SER A 787 10.12 13.09 -18.28
C SER A 787 9.82 13.86 -19.57
N ASN A 788 10.72 13.80 -20.55
CA ASN A 788 10.54 14.49 -21.83
C ASN A 788 9.16 14.30 -22.44
N ILE A 789 8.75 13.05 -22.66
CA ILE A 789 7.46 12.69 -23.25
C ILE A 789 6.24 13.32 -22.57
N PRO A 790 6.02 13.14 -21.26
CA PRO A 790 4.85 13.76 -20.64
C PRO A 790 4.91 15.28 -20.60
N GLU A 791 5.93 15.88 -21.21
CA GLU A 791 6.11 17.31 -21.27
C GLU A 791 5.85 17.86 -22.66
N ILE A 792 5.94 17.00 -23.68
CA ILE A 792 5.70 17.39 -25.06
C ILE A 792 4.35 16.91 -25.56
N THR A 793 4.04 15.60 -25.39
CA THR A 793 2.77 15.02 -25.83
C THR A 793 1.55 15.95 -25.68
N PRO A 794 1.38 16.67 -24.56
CA PRO A 794 0.21 17.56 -24.45
C PRO A 794 0.09 18.56 -25.57
N PHE A 795 1.18 19.21 -25.96
CA PHE A 795 1.11 20.19 -27.05
C PHE A 795 0.80 19.54 -28.39
N LEU A 796 1.31 18.32 -28.60
CA LEU A 796 1.05 17.63 -29.85
C LEU A 796 -0.43 17.28 -29.95
N VAL A 797 -1.03 16.83 -28.84
CA VAL A 797 -2.44 16.49 -28.87
C VAL A 797 -3.25 17.79 -28.91
N PHE A 798 -2.64 18.88 -28.46
CA PHE A 798 -3.32 20.17 -28.48
C PHE A 798 -3.50 20.65 -29.91
N ILE A 799 -2.49 20.44 -30.74
CA ILE A 799 -2.58 20.88 -32.14
C ILE A 799 -3.35 19.86 -33.00
N ILE A 800 -3.15 18.56 -32.79
CA ILE A 800 -3.85 17.57 -33.59
C ILE A 800 -5.31 17.37 -33.16
N GLY A 801 -5.56 17.18 -31.86
CA GLY A 801 -6.91 16.97 -31.39
C GLY A 801 -7.73 18.18 -30.98
N ASN A 802 -7.14 19.37 -30.91
CA ASN A 802 -7.85 20.60 -30.53
C ASN A 802 -8.54 20.49 -29.16
N VAL A 803 -7.75 20.16 -28.15
CA VAL A 803 -8.25 20.03 -26.78
C VAL A 803 -7.61 21.15 -25.97
N PRO A 804 -8.12 21.49 -24.78
CA PRO A 804 -7.48 22.56 -24.01
C PRO A 804 -6.05 22.21 -23.64
N LEU A 805 -5.21 23.22 -23.53
CA LEU A 805 -3.80 23.04 -23.19
C LEU A 805 -3.61 22.28 -21.88
N PRO A 806 -2.98 21.10 -21.89
CA PRO A 806 -2.78 20.33 -20.65
C PRO A 806 -1.63 20.75 -19.74
N LEU A 807 -0.42 20.95 -20.27
CA LEU A 807 0.74 21.33 -19.47
C LEU A 807 1.28 22.73 -19.79
N GLY A 808 1.11 23.65 -18.84
CA GLY A 808 1.58 25.02 -18.99
C GLY A 808 3.10 25.10 -19.05
N THR A 809 3.60 26.34 -19.27
CA THR A 809 5.04 26.55 -19.35
C THR A 809 5.71 26.70 -17.98
N VAL A 810 5.05 27.36 -17.03
CA VAL A 810 5.69 27.52 -15.72
C VAL A 810 5.67 26.21 -14.95
N THR A 811 4.95 25.21 -15.45
CA THR A 811 4.91 23.93 -14.78
C THR A 811 6.05 23.09 -15.34
N ILE A 812 6.28 23.21 -16.64
CA ILE A 812 7.38 22.47 -17.24
C ILE A 812 8.65 22.99 -16.62
N LEU A 813 8.69 24.31 -16.37
CA LEU A 813 9.87 24.91 -15.75
C LEU A 813 10.00 24.44 -14.31
N CYS A 814 8.88 24.33 -13.58
CA CYS A 814 8.97 23.87 -12.20
C CYS A 814 9.38 22.41 -12.11
N ILE A 815 9.26 21.67 -13.22
CA ILE A 815 9.63 20.25 -13.24
C ILE A 815 11.06 20.04 -13.69
N ASP A 816 11.43 20.58 -14.85
CA ASP A 816 12.79 20.42 -15.38
C ASP A 816 13.85 21.08 -14.51
N LEU A 817 13.58 22.24 -13.94
CA LEU A 817 14.56 22.92 -13.11
C LEU A 817 14.28 22.89 -11.62
N GLY A 818 13.22 22.21 -11.17
CA GLY A 818 12.97 22.17 -9.75
C GLY A 818 13.15 20.79 -9.16
N THR A 819 12.04 20.18 -8.78
CA THR A 819 11.97 18.84 -8.18
C THR A 819 12.99 17.85 -8.73
N ASP A 820 13.00 17.68 -10.06
CA ASP A 820 13.89 16.76 -10.75
C ASP A 820 15.38 16.89 -10.41
N MET A 821 15.86 18.11 -10.16
CA MET A 821 17.28 18.31 -9.85
C MET A 821 17.83 17.44 -8.72
N VAL A 822 17.21 17.48 -7.53
CA VAL A 822 17.72 16.68 -6.41
C VAL A 822 17.81 15.19 -6.71
N PRO A 823 16.78 14.52 -7.26
CA PRO A 823 16.92 13.08 -7.53
C PRO A 823 18.02 12.75 -8.53
N ALA A 824 18.10 13.51 -9.61
CA ALA A 824 19.14 13.26 -10.61
C ALA A 824 20.52 13.40 -10.00
N ILE A 825 20.68 14.36 -9.07
CA ILE A 825 21.96 14.55 -8.42
C ILE A 825 22.24 13.38 -7.48
N SER A 826 21.20 12.88 -6.82
CA SER A 826 21.34 11.76 -5.90
C SER A 826 21.75 10.48 -6.62
N LEU A 827 21.31 10.30 -7.87
CA LEU A 827 21.66 9.08 -8.61
C LEU A 827 23.17 8.86 -8.74
N ALA A 828 24.00 9.83 -8.37
CA ALA A 828 25.44 9.67 -8.47
C ALA A 828 26.01 8.85 -7.32
N TYR A 829 25.42 8.96 -6.13
CA TYR A 829 25.81 8.26 -4.91
C TYR A 829 25.51 6.77 -4.95
N GLU A 830 25.15 6.19 -6.08
CA GLU A 830 24.83 4.77 -6.15
C GLU A 830 26.10 3.92 -6.16
N GLN A 831 26.09 2.89 -5.33
CA GLN A 831 27.21 1.97 -5.22
C GLN A 831 27.19 0.97 -6.38
N ALA A 832 28.25 0.17 -6.45
CA ALA A 832 28.34 -0.82 -7.51
C ALA A 832 27.34 -1.94 -7.32
N GLU A 833 27.06 -2.64 -8.41
CA GLU A 833 26.13 -3.76 -8.44
C GLU A 833 26.88 -5.08 -8.47
N SER A 834 27.92 -5.14 -9.30
CA SER A 834 28.81 -6.27 -9.47
C SER A 834 30.22 -5.73 -9.29
N ASP A 835 31.22 -6.59 -9.38
CA ASP A 835 32.58 -6.10 -9.19
C ASP A 835 32.97 -5.28 -10.43
N ILE A 836 33.30 -4.01 -10.22
CA ILE A 836 33.68 -3.18 -11.35
C ILE A 836 35.15 -3.40 -11.72
N MET A 837 35.97 -3.75 -10.73
CA MET A 837 37.39 -4.00 -10.95
C MET A 837 37.64 -5.38 -11.53
N LYS A 838 36.62 -6.00 -12.12
CA LYS A 838 36.70 -7.32 -12.73
C LYS A 838 36.38 -7.34 -14.21
N ARG A 839 35.41 -6.55 -14.65
CA ARG A 839 35.04 -6.53 -16.05
C ARG A 839 36.13 -5.88 -16.90
N GLN A 840 36.15 -6.25 -18.18
CA GLN A 840 37.12 -5.74 -19.12
C GLN A 840 36.82 -4.28 -19.45
N PRO A 841 37.82 -3.53 -19.94
CA PRO A 841 37.58 -2.12 -20.28
C PRO A 841 36.52 -1.98 -21.38
N ARG A 842 35.71 -0.94 -21.26
CA ARG A 842 34.66 -0.70 -22.24
C ARG A 842 35.24 -0.42 -23.62
N ASN A 843 34.59 -0.97 -24.63
CA ASN A 843 35.06 -0.76 -25.99
C ASN A 843 34.61 0.64 -26.44
N PRO A 844 35.52 1.47 -26.95
CA PRO A 844 35.10 2.81 -27.38
C PRO A 844 34.31 2.82 -28.67
N LYS A 845 34.61 1.94 -29.61
CA LYS A 845 33.91 1.89 -30.89
C LYS A 845 32.53 1.23 -30.83
N THR A 846 32.18 0.52 -29.76
CA THR A 846 30.86 -0.11 -29.74
C THR A 846 29.99 0.27 -28.54
N ASP A 847 30.53 0.23 -27.32
CA ASP A 847 29.75 0.57 -26.14
C ASP A 847 29.83 2.08 -25.90
N LYS A 848 28.73 2.78 -26.20
CA LYS A 848 28.63 4.22 -26.04
C LYS A 848 28.00 4.56 -24.68
N LEU A 849 27.77 5.86 -24.48
CA LEU A 849 27.16 6.36 -23.25
C LEU A 849 25.65 6.46 -23.38
N VAL A 850 25.16 6.88 -24.56
CA VAL A 850 23.74 7.02 -24.83
C VAL A 850 23.47 6.28 -26.14
N ASN A 851 22.93 5.08 -26.04
CA ASN A 851 22.61 4.26 -27.21
C ASN A 851 21.10 4.29 -27.47
N GLU A 852 20.67 3.50 -28.45
CA GLU A 852 19.25 3.46 -28.77
C GLU A 852 18.47 2.66 -27.75
N ARG A 853 19.16 1.83 -26.95
CA ARG A 853 18.49 1.03 -25.94
C ARG A 853 17.94 1.93 -24.84
N LEU A 854 18.55 3.09 -24.61
CA LEU A 854 18.08 4.02 -23.60
C LEU A 854 16.88 4.77 -24.14
N ILE A 855 17.01 5.31 -25.36
CA ILE A 855 15.93 6.05 -26.00
C ILE A 855 14.67 5.20 -26.07
N SER A 856 14.83 3.90 -26.32
CA SER A 856 13.67 3.01 -26.39
C SER A 856 12.95 2.90 -25.05
N MET A 857 13.66 3.14 -23.96
CA MET A 857 13.09 3.06 -22.61
C MET A 857 12.49 4.40 -22.15
N ALA A 858 13.32 5.44 -22.09
CA ALA A 858 12.86 6.75 -21.66
C ALA A 858 11.79 7.33 -22.59
N TYR A 859 12.13 7.49 -23.87
CA TYR A 859 11.17 8.05 -24.82
C TYR A 859 10.09 7.06 -25.24
N GLY A 860 10.41 5.77 -25.24
CA GLY A 860 9.43 4.77 -25.65
C GLY A 860 8.51 4.05 -24.70
N GLN A 861 8.99 3.59 -23.55
CA GLN A 861 8.12 2.86 -22.62
C GLN A 861 7.74 3.57 -21.33
N ILE A 862 8.70 4.10 -20.56
CA ILE A 862 8.35 4.76 -19.31
C ILE A 862 7.69 6.11 -19.55
N GLY A 863 8.28 6.95 -20.41
CA GLY A 863 7.70 8.26 -20.68
C GLY A 863 6.27 8.18 -21.20
N MET A 864 5.97 7.13 -21.96
CA MET A 864 4.63 6.97 -22.50
C MET A 864 3.62 6.76 -21.37
N ILE A 865 3.97 5.90 -20.42
CA ILE A 865 3.08 5.63 -19.29
C ILE A 865 2.89 6.89 -18.47
N GLN A 866 3.98 7.65 -18.27
CA GLN A 866 3.86 8.88 -17.48
C GLN A 866 2.93 9.86 -18.18
N ALA A 867 3.02 9.95 -19.51
CA ALA A 867 2.16 10.87 -20.25
C ALA A 867 0.70 10.43 -20.13
N LEU A 868 0.45 9.11 -20.18
CA LEU A 868 -0.92 8.63 -20.07
C LEU A 868 -1.47 8.97 -18.69
N GLY A 869 -0.65 8.83 -17.66
CA GLY A 869 -1.13 9.15 -16.31
C GLY A 869 -1.48 10.62 -16.20
N GLY A 870 -0.66 11.48 -16.81
CA GLY A 870 -0.94 12.90 -16.76
C GLY A 870 -2.26 13.22 -17.44
N PHE A 871 -2.47 12.64 -18.63
CA PHE A 871 -3.72 12.88 -19.35
C PHE A 871 -4.91 12.34 -18.55
N PHE A 872 -4.69 11.28 -17.78
CA PHE A 872 -5.77 10.71 -16.98
C PHE A 872 -6.21 11.72 -15.93
N SER A 873 -5.23 12.25 -15.16
CA SER A 873 -5.58 13.22 -14.13
C SER A 873 -6.26 14.43 -14.77
N TYR A 874 -5.79 14.79 -15.97
CA TYR A 874 -6.36 15.92 -16.71
C TYR A 874 -7.85 15.71 -16.95
N PHE A 875 -8.17 14.65 -17.69
CA PHE A 875 -9.57 14.34 -17.99
C PHE A 875 -10.41 14.22 -16.72
N VAL A 876 -9.82 13.73 -15.62
CA VAL A 876 -10.60 13.61 -14.39
C VAL A 876 -10.98 14.99 -13.87
N ILE A 877 -10.01 15.91 -13.83
CA ILE A 877 -10.30 17.25 -13.34
C ILE A 877 -11.36 17.92 -14.21
N LEU A 878 -11.26 17.78 -15.53
CA LEU A 878 -12.26 18.42 -16.38
C LEU A 878 -13.61 17.72 -16.34
N ALA A 879 -13.65 16.42 -16.02
CA ALA A 879 -14.92 15.71 -15.98
C ALA A 879 -15.67 15.98 -14.69
N GLU A 880 -14.93 16.24 -13.59
CA GLU A 880 -15.61 16.51 -12.33
C GLU A 880 -16.23 17.91 -12.30
N ASN A 881 -15.68 18.86 -13.06
CA ASN A 881 -16.22 20.21 -13.08
C ASN A 881 -17.31 20.42 -14.11
N GLY A 882 -17.59 19.45 -14.99
CA GLY A 882 -18.64 19.65 -15.97
C GLY A 882 -18.31 19.47 -17.44
N PHE A 883 -17.03 19.33 -17.79
CA PHE A 883 -16.62 19.16 -19.18
C PHE A 883 -16.26 17.69 -19.42
N LEU A 884 -17.21 16.94 -19.96
CA LEU A 884 -16.99 15.53 -20.26
C LEU A 884 -16.03 15.36 -21.43
N PRO A 885 -15.36 14.20 -21.53
CA PRO A 885 -14.41 13.98 -22.63
C PRO A 885 -15.01 14.08 -24.03
N MET A 886 -16.30 13.83 -24.22
CA MET A 886 -16.86 13.92 -25.57
C MET A 886 -16.98 15.36 -26.06
N ASP A 887 -17.21 16.31 -25.16
CA ASP A 887 -17.34 17.72 -25.54
C ASP A 887 -16.04 18.50 -25.55
N LEU A 888 -14.91 17.90 -25.17
CA LEU A 888 -13.65 18.64 -25.17
C LEU A 888 -12.98 18.69 -26.53
N ILE A 889 -13.21 17.70 -27.39
CA ILE A 889 -12.60 17.67 -28.72
C ILE A 889 -13.27 18.72 -29.60
N GLY A 890 -12.52 19.74 -30.01
CA GLY A 890 -13.06 20.79 -30.85
C GLY A 890 -13.41 22.09 -30.16
N LYS A 891 -13.01 22.28 -28.90
CA LYS A 891 -13.33 23.48 -28.16
C LYS A 891 -12.24 24.55 -28.09
N ARG A 892 -10.96 24.21 -28.31
CA ARG A 892 -9.88 25.20 -28.24
C ARG A 892 -10.16 26.54 -28.90
N VAL A 893 -10.88 26.58 -30.02
CA VAL A 893 -11.15 27.86 -30.67
C VAL A 893 -12.00 28.75 -29.78
N ARG A 894 -13.00 28.19 -29.11
CA ARG A 894 -13.83 28.99 -28.24
C ARG A 894 -13.30 28.96 -26.81
N TRP A 895 -12.55 27.91 -26.45
CA TRP A 895 -12.02 27.83 -25.11
C TRP A 895 -10.94 28.88 -24.91
N ASP A 896 -10.27 29.28 -25.99
CA ASP A 896 -9.23 30.29 -25.91
C ASP A 896 -9.77 31.69 -26.11
N ASP A 897 -10.68 31.88 -27.07
CA ASP A 897 -11.28 33.18 -27.34
C ASP A 897 -11.52 33.95 -26.05
N ARG A 898 -11.06 35.19 -26.01
CA ARG A 898 -11.19 36.03 -24.84
C ARG A 898 -12.50 36.82 -24.78
N TRP A 899 -13.32 36.79 -25.82
CA TRP A 899 -14.57 37.54 -25.81
C TRP A 899 -15.83 36.68 -25.80
N ILE A 900 -15.74 35.39 -25.46
CA ILE A 900 -16.90 34.52 -25.43
C ILE A 900 -17.16 34.21 -23.96
N SER A 901 -18.09 34.97 -23.35
CA SER A 901 -18.44 34.79 -21.95
C SER A 901 -19.59 33.80 -21.74
N ASP A 902 -19.78 32.85 -22.66
CA ASP A 902 -20.87 31.88 -22.52
C ASP A 902 -20.47 30.60 -23.26
N VAL A 903 -19.75 29.73 -22.57
CA VAL A 903 -19.30 28.46 -23.14
C VAL A 903 -20.10 27.34 -22.48
N GLU A 904 -20.94 26.69 -23.26
CA GLU A 904 -21.77 25.60 -22.75
C GLU A 904 -20.94 24.34 -22.52
N ASP A 905 -21.17 23.69 -21.39
CA ASP A 905 -20.46 22.48 -21.04
C ASP A 905 -21.37 21.28 -21.32
N SER A 906 -20.91 20.09 -20.95
CA SER A 906 -21.70 18.88 -21.16
C SER A 906 -23.05 18.88 -20.45
N PHE A 907 -23.22 19.71 -19.42
CA PHE A 907 -24.49 19.75 -18.70
C PHE A 907 -25.36 20.95 -19.03
N GLY A 908 -24.86 21.90 -19.82
CA GLY A 908 -25.63 23.08 -20.19
C GLY A 908 -25.30 24.35 -19.46
N GLN A 909 -24.32 24.34 -18.56
CA GLN A 909 -23.96 25.53 -17.80
C GLN A 909 -23.14 26.48 -18.68
N GLN A 910 -23.23 27.77 -18.36
CA GLN A 910 -22.51 28.80 -19.10
C GLN A 910 -21.31 29.26 -18.27
N TRP A 911 -20.12 29.10 -18.82
CA TRP A 911 -18.86 29.44 -18.17
C TRP A 911 -18.17 30.65 -18.80
N THR A 912 -17.83 31.64 -17.97
CA THR A 912 -17.16 32.82 -18.49
C THR A 912 -15.72 32.44 -18.84
N TYR A 913 -14.99 33.38 -19.44
CA TYR A 913 -13.60 33.11 -19.84
C TYR A 913 -12.67 32.85 -18.66
N GLU A 914 -12.65 33.75 -17.67
CA GLU A 914 -11.75 33.55 -16.53
C GLU A 914 -12.07 32.30 -15.72
N GLN A 915 -13.34 31.90 -15.65
CA GLN A 915 -13.69 30.70 -14.88
C GLN A 915 -13.11 29.44 -15.52
N ARG A 916 -13.21 29.34 -16.85
CA ARG A 916 -12.66 28.16 -17.51
C ARG A 916 -11.15 28.21 -17.47
N LYS A 917 -10.57 29.42 -17.47
CA LYS A 917 -9.12 29.49 -17.42
C LYS A 917 -8.63 29.03 -16.05
N ILE A 918 -9.39 29.33 -14.99
CA ILE A 918 -8.99 28.89 -13.67
C ILE A 918 -8.97 27.37 -13.62
N VAL A 919 -9.95 26.74 -14.28
CA VAL A 919 -9.96 25.28 -14.28
C VAL A 919 -8.77 24.73 -15.07
N GLU A 920 -8.43 25.37 -16.20
CA GLU A 920 -7.28 24.88 -16.96
C GLU A 920 -5.99 24.97 -16.15
N PHE A 921 -5.85 26.04 -15.37
CA PHE A 921 -4.65 26.17 -14.55
C PHE A 921 -4.62 25.10 -13.47
N THR A 922 -5.79 24.79 -12.90
CA THR A 922 -5.78 23.74 -11.88
C THR A 922 -5.42 22.42 -12.53
N CYS A 923 -5.67 22.29 -13.84
CA CYS A 923 -5.32 21.05 -14.51
C CYS A 923 -3.83 21.00 -14.75
N HIS A 924 -3.20 22.18 -14.81
CA HIS A 924 -1.76 22.20 -15.02
C HIS A 924 -1.08 21.78 -13.72
N THR A 925 -1.63 22.29 -12.60
CA THR A 925 -1.09 21.95 -11.29
C THR A 925 -1.19 20.44 -11.04
N SER A 926 -2.35 19.86 -11.33
CA SER A 926 -2.49 18.42 -11.12
C SER A 926 -1.62 17.63 -12.08
N PHE A 927 -1.39 18.15 -13.29
CA PHE A 927 -0.54 17.42 -14.23
C PHE A 927 0.90 17.36 -13.70
N PHE A 928 1.36 18.49 -13.15
CA PHE A 928 2.71 18.55 -12.61
C PHE A 928 2.85 17.61 -11.41
N ILE A 929 1.79 17.53 -10.59
CA ILE A 929 1.87 16.63 -9.44
C ILE A 929 1.86 15.18 -9.92
N SER A 930 1.14 14.90 -11.01
CA SER A 930 1.12 13.54 -11.53
C SER A 930 2.51 13.17 -12.02
N ILE A 931 3.21 14.16 -12.61
CA ILE A 931 4.56 13.93 -13.09
C ILE A 931 5.44 13.51 -11.92
N VAL A 932 5.32 14.22 -10.79
CA VAL A 932 6.13 13.87 -9.62
C VAL A 932 5.81 12.45 -9.14
N VAL A 933 4.51 12.12 -9.11
CA VAL A 933 4.11 10.79 -8.67
C VAL A 933 4.72 9.70 -9.53
N VAL A 934 4.72 9.88 -10.85
CA VAL A 934 5.33 8.84 -11.69
C VAL A 934 6.85 8.91 -11.60
N GLN A 935 7.40 10.07 -11.24
CA GLN A 935 8.85 10.16 -11.13
C GLN A 935 9.33 9.36 -9.94
N TRP A 936 8.45 9.10 -8.98
CA TRP A 936 8.87 8.30 -7.83
C TRP A 936 9.32 6.93 -8.31
N ALA A 937 8.43 6.23 -9.02
CA ALA A 937 8.75 4.92 -9.54
C ALA A 937 9.82 5.00 -10.61
N ASP A 938 9.97 6.14 -11.28
CA ASP A 938 11.02 6.19 -12.29
C ASP A 938 12.39 6.28 -11.62
N LEU A 939 12.47 7.00 -10.50
CA LEU A 939 13.73 7.12 -9.79
C LEU A 939 14.09 5.80 -9.13
N ILE A 940 13.06 5.01 -8.79
CA ILE A 940 13.34 3.72 -8.15
C ILE A 940 13.75 2.70 -9.20
N ILE A 941 13.14 2.76 -10.40
CA ILE A 941 13.54 1.79 -11.41
C ILE A 941 14.83 2.21 -12.07
N CYS A 942 15.23 3.48 -11.89
CA CYS A 942 16.48 3.97 -12.46
C CYS A 942 17.63 3.80 -11.50
N LYS A 943 17.32 3.54 -10.22
CA LYS A 943 18.36 3.34 -9.22
C LYS A 943 19.30 2.21 -9.63
N THR A 944 18.74 1.08 -10.09
CA THR A 944 19.51 -0.08 -10.53
C THR A 944 19.24 -0.35 -12.00
N ARG A 945 20.28 -0.77 -12.73
CA ARG A 945 20.12 -1.07 -14.14
C ARG A 945 19.84 -2.54 -14.42
N ARG A 946 20.39 -3.44 -13.62
CA ARG A 946 20.16 -4.87 -13.81
C ARG A 946 19.61 -5.52 -12.56
N ASN A 947 20.32 -5.42 -11.43
CA ASN A 947 19.92 -5.98 -10.14
C ASN A 947 18.53 -5.54 -9.70
N SER A 948 17.98 -6.24 -8.71
CA SER A 948 16.65 -5.93 -8.18
C SER A 948 16.77 -5.01 -6.97
N ILE A 949 15.64 -4.38 -6.64
CA ILE A 949 15.63 -3.46 -5.49
C ILE A 949 15.77 -4.24 -4.19
N PHE A 950 15.19 -5.44 -4.12
CA PHE A 950 15.28 -6.23 -2.90
C PHE A 950 16.67 -6.82 -2.68
N GLN A 951 17.60 -6.60 -3.61
CA GLN A 951 18.96 -7.10 -3.51
C GLN A 951 19.88 -5.95 -3.13
N GLN A 952 20.04 -4.96 -4.01
CA GLN A 952 20.88 -3.79 -3.76
C GLN A 952 20.50 -3.19 -2.42
N GLY A 953 19.30 -2.64 -2.34
CA GLY A 953 18.78 -2.04 -1.13
C GLY A 953 18.71 -0.52 -1.23
N MET A 954 17.82 0.05 -0.41
CA MET A 954 17.61 1.49 -0.36
C MET A 954 18.48 2.11 0.73
N LYS A 955 19.80 1.92 0.58
CA LYS A 955 20.76 2.44 1.53
C LYS A 955 21.22 3.84 1.17
N ASN A 956 20.81 4.36 0.02
CA ASN A 956 21.17 5.70 -0.45
C ASN A 956 20.25 6.68 0.24
N LYS A 957 20.75 7.37 1.27
CA LYS A 957 19.95 8.34 2.00
C LYS A 957 19.60 9.57 1.15
N ILE A 958 20.48 9.94 0.21
CA ILE A 958 20.24 11.10 -0.63
C ILE A 958 19.00 10.88 -1.50
N LEU A 959 18.83 9.67 -2.04
CA LEU A 959 17.66 9.39 -2.88
C LEU A 959 16.37 9.54 -2.07
N ILE A 960 16.37 9.03 -0.83
CA ILE A 960 15.19 9.13 0.02
C ILE A 960 14.87 10.59 0.29
N PHE A 961 15.92 11.38 0.56
CA PHE A 961 15.73 12.80 0.82
C PHE A 961 15.21 13.48 -0.43
N GLY A 962 15.63 13.01 -1.60
CA GLY A 962 15.17 13.58 -2.84
C GLY A 962 13.68 13.37 -3.03
N LEU A 963 13.20 12.16 -2.73
CA LEU A 963 11.77 11.89 -2.88
C LEU A 963 10.96 12.76 -1.92
N PHE A 964 11.38 12.81 -0.66
CA PHE A 964 10.66 13.63 0.33
C PHE A 964 10.61 15.10 -0.09
N GLU A 965 11.75 15.66 -0.51
CA GLU A 965 11.78 17.05 -0.91
C GLU A 965 10.96 17.28 -2.18
N GLU A 966 11.03 16.33 -3.11
CA GLU A 966 10.28 16.44 -4.36
C GLU A 966 8.79 16.54 -4.08
N THR A 967 8.31 15.85 -3.05
CA THR A 967 6.88 15.92 -2.75
C THR A 967 6.54 17.20 -2.00
N ALA A 968 7.39 17.58 -1.03
CA ALA A 968 7.15 18.79 -0.25
C ALA A 968 7.12 20.03 -1.13
N LEU A 969 7.98 20.08 -2.17
CA LEU A 969 7.99 21.24 -3.04
C LEU A 969 6.70 21.37 -3.84
N ALA A 970 6.17 20.25 -4.34
CA ALA A 970 4.92 20.32 -5.09
C ALA A 970 3.77 20.77 -4.21
N ALA A 971 3.73 20.25 -2.98
CA ALA A 971 2.64 20.65 -2.08
C ALA A 971 2.78 22.13 -1.73
N PHE A 972 4.01 22.60 -1.55
CA PHE A 972 4.22 24.00 -1.22
C PHE A 972 3.81 24.92 -2.37
N LEU A 973 4.20 24.56 -3.59
CA LEU A 973 3.84 25.38 -4.74
C LEU A 973 2.33 25.42 -4.95
N SER A 974 1.61 24.39 -4.52
CA SER A 974 0.18 24.47 -4.77
C SER A 974 -0.62 25.12 -3.63
N TYR A 975 -0.34 24.76 -2.38
CA TYR A 975 -1.07 25.30 -1.22
C TYR A 975 -0.63 26.67 -0.70
N CYS A 976 0.51 27.22 -1.08
CA CYS A 976 0.88 28.53 -0.52
C CYS A 976 0.03 29.66 -1.09
N PRO A 977 -0.51 30.54 -0.24
CA PRO A 977 -1.32 31.66 -0.72
C PRO A 977 -0.55 32.58 -1.65
N GLY A 978 -1.26 33.16 -2.62
CA GLY A 978 -0.66 34.05 -3.58
C GLY A 978 0.08 33.38 -4.71
N THR A 979 -0.12 32.07 -4.90
CA THR A 979 0.56 31.36 -5.97
C THR A 979 -0.26 31.41 -7.25
N ASP A 980 -1.59 31.44 -7.12
CA ASP A 980 -2.46 31.50 -8.28
C ASP A 980 -2.38 32.87 -8.93
N VAL A 981 -1.69 33.80 -8.28
CA VAL A 981 -1.48 35.15 -8.77
C VAL A 981 -0.09 35.30 -9.36
N ALA A 982 0.91 34.81 -8.65
CA ALA A 982 2.30 34.88 -9.09
C ALA A 982 2.64 33.80 -10.14
N LEU A 983 2.49 32.53 -9.78
CA LEU A 983 2.80 31.44 -10.70
C LEU A 983 1.60 30.80 -11.37
N ARG A 984 0.36 31.13 -10.97
CA ARG A 984 -0.84 30.56 -11.55
C ARG A 984 -1.02 29.08 -11.27
N MET A 985 -1.01 28.69 -10.00
CA MET A 985 -1.18 27.31 -9.58
C MET A 985 -2.21 27.33 -8.46
N TYR A 986 -3.36 26.70 -8.71
CA TYR A 986 -4.46 26.65 -7.76
C TYR A 986 -4.41 25.39 -6.89
N PRO A 987 -5.02 25.46 -5.71
CA PRO A 987 -5.03 24.29 -4.82
C PRO A 987 -5.82 23.13 -5.40
N LEU A 988 -5.43 21.92 -5.01
CA LEU A 988 -6.06 20.70 -5.45
C LEU A 988 -6.89 20.06 -4.34
N LYS A 989 -7.90 19.35 -4.73
CA LYS A 989 -8.81 18.66 -3.83
C LYS A 989 -8.22 17.28 -3.51
N PRO A 990 -8.12 16.93 -2.22
CA PRO A 990 -7.53 15.64 -1.81
C PRO A 990 -7.87 14.38 -2.60
N SER A 991 -8.89 14.38 -3.43
CA SER A 991 -9.20 13.15 -4.17
C SER A 991 -8.44 13.06 -5.49
N TRP A 992 -7.94 14.18 -6.00
CA TRP A 992 -7.20 14.21 -7.26
C TRP A 992 -5.80 13.61 -7.12
N TRP A 993 -5.07 13.97 -6.06
CA TRP A 993 -3.72 13.48 -5.82
C TRP A 993 -3.52 11.97 -6.00
N PHE A 994 -4.60 11.18 -6.02
CA PHE A 994 -4.51 9.74 -6.18
C PHE A 994 -4.80 9.24 -7.59
N CYS A 995 -4.80 10.12 -8.59
CA CYS A 995 -5.09 9.66 -9.95
C CYS A 995 -3.87 9.07 -10.67
N ALA A 996 -2.65 9.35 -10.19
CA ALA A 996 -1.44 8.84 -10.83
C ALA A 996 -0.83 7.62 -10.13
N PHE A 997 -1.32 7.26 -8.95
CA PHE A 997 -0.78 6.11 -8.21
C PHE A 997 -0.78 4.80 -8.98
N PRO A 998 -1.86 4.37 -9.64
CA PRO A 998 -1.80 3.08 -10.36
C PRO A 998 -0.75 3.05 -11.45
N TYR A 999 -0.59 4.15 -12.18
CA TYR A 999 0.40 4.19 -13.25
C TYR A 999 1.80 4.02 -12.67
N SER A 1000 2.06 4.63 -11.52
CA SER A 1000 3.37 4.52 -10.89
C SER A 1000 3.65 3.07 -10.48
N LEU A 1001 2.68 2.43 -9.81
CA LEU A 1001 2.93 1.05 -9.42
C LEU A 1001 3.14 0.17 -10.65
N ILE A 1002 2.38 0.44 -11.72
CA ILE A 1002 2.53 -0.35 -12.94
C ILE A 1002 3.94 -0.18 -13.50
N ILE A 1003 4.46 1.05 -13.47
CA ILE A 1003 5.81 1.28 -13.98
C ILE A 1003 6.81 0.47 -13.17
N PHE A 1004 6.61 0.44 -11.86
CA PHE A 1004 7.50 -0.32 -10.98
C PHE A 1004 7.45 -1.81 -11.29
N LEU A 1005 6.25 -2.37 -11.49
CA LEU A 1005 6.14 -3.79 -11.79
C LEU A 1005 6.72 -4.14 -13.16
N TYR A 1006 6.48 -3.27 -14.15
CA TYR A 1006 7.00 -3.54 -15.48
C TYR A 1006 8.52 -3.56 -15.47
N ASP A 1007 9.13 -2.53 -14.90
CA ASP A 1007 10.59 -2.52 -14.87
C ASP A 1007 11.13 -3.65 -13.99
N GLU A 1008 10.39 -4.06 -12.96
CA GLU A 1008 10.88 -5.14 -12.12
C GLU A 1008 10.94 -6.44 -12.91
N MET A 1009 9.88 -6.73 -13.68
CA MET A 1009 9.92 -7.97 -14.46
C MET A 1009 10.93 -7.83 -15.59
N ARG A 1010 11.19 -6.59 -16.04
CA ARG A 1010 12.17 -6.37 -17.10
C ARG A 1010 13.55 -6.77 -16.63
N ARG A 1011 13.96 -6.24 -15.47
CA ARG A 1011 15.25 -6.51 -14.86
C ARG A 1011 15.36 -7.92 -14.32
N PHE A 1012 14.44 -8.80 -14.72
CA PHE A 1012 14.41 -10.19 -14.27
C PHE A 1012 14.78 -11.17 -15.36
N ILE A 1013 14.24 -10.97 -16.57
CA ILE A 1013 14.55 -11.85 -17.67
C ILE A 1013 16.00 -11.63 -18.08
N ILE A 1014 16.52 -10.42 -17.86
CA ILE A 1014 17.91 -10.12 -18.20
C ILE A 1014 18.83 -10.97 -17.35
N ARG A 1015 18.48 -11.13 -16.08
CA ARG A 1015 19.29 -11.93 -15.16
C ARG A 1015 19.19 -13.41 -15.49
N ARG A 1016 17.96 -13.93 -15.54
CA ARG A 1016 17.79 -15.35 -15.85
C ARG A 1016 18.23 -15.70 -17.26
N SER A 1017 17.97 -14.82 -18.24
CA SER A 1017 18.33 -15.06 -19.63
C SER A 1017 19.44 -14.11 -20.09
N PRO A 1018 20.71 -14.46 -19.90
CA PRO A 1018 21.80 -13.57 -20.32
C PRO A 1018 22.02 -13.65 -21.83
N GLY A 1019 21.98 -12.50 -22.50
CA GLY A 1019 22.17 -12.44 -23.92
C GLY A 1019 20.89 -12.51 -24.73
N GLY A 1020 19.75 -12.64 -24.08
CA GLY A 1020 18.47 -12.72 -24.76
C GLY A 1020 17.97 -11.40 -25.32
N TRP A 1021 16.77 -11.47 -25.91
CA TRP A 1021 16.11 -10.31 -26.50
C TRP A 1021 16.03 -9.12 -25.57
N VAL A 1022 15.57 -9.34 -24.34
CA VAL A 1022 15.44 -8.24 -23.39
C VAL A 1022 16.78 -7.56 -23.14
N GLU A 1023 17.89 -8.30 -23.28
CA GLU A 1023 19.20 -7.69 -23.04
C GLU A 1023 19.67 -6.86 -24.23
N GLN A 1024 19.64 -7.43 -25.44
CA GLN A 1024 20.09 -6.63 -26.57
C GLN A 1024 19.05 -5.63 -27.04
N GLU A 1025 17.92 -5.52 -26.34
CA GLU A 1025 16.88 -4.57 -26.70
C GLU A 1025 16.63 -3.50 -25.64
N THR A 1026 16.69 -3.85 -24.34
CA THR A 1026 16.44 -2.88 -23.28
C THR A 1026 17.59 -2.66 -22.30
N TYR A 1027 18.72 -3.33 -22.44
CA TYR A 1027 19.85 -3.19 -21.52
C TYR A 1027 20.76 -2.02 -21.92
N TYR A 1028 20.34 -0.81 -21.53
CA TYR A 1028 21.04 0.47 -21.77
C TYR A 1028 22.42 0.39 -22.44
N GLY B 12 30.35 3.68 -43.76
CA GLY B 12 29.44 4.24 -42.78
C GLY B 12 28.11 4.63 -43.36
N TRP B 13 28.07 5.83 -43.95
CA TRP B 13 26.87 6.39 -44.56
C TRP B 13 26.10 5.37 -45.41
N LYS B 14 26.80 4.73 -46.35
CA LYS B 14 26.19 3.74 -47.23
C LYS B 14 25.97 2.39 -46.57
N LYS B 15 26.99 1.86 -45.88
CA LYS B 15 26.87 0.55 -45.23
C LYS B 15 25.73 0.50 -44.21
N PHE B 16 25.74 1.39 -43.20
CA PHE B 16 24.67 1.34 -42.20
C PHE B 16 23.27 1.51 -42.80
N LEU B 17 23.18 1.67 -44.11
CA LEU B 17 21.92 1.82 -44.80
C LEU B 17 21.53 0.56 -45.54
N TRP B 18 22.50 -0.10 -46.18
CA TRP B 18 22.24 -1.33 -46.91
C TRP B 18 23.51 -2.06 -47.31
N ASP B 19 23.74 -3.22 -46.73
CA ASP B 19 24.91 -4.04 -47.02
C ASP B 19 24.37 -5.27 -47.76
N SER B 20 25.19 -5.88 -48.61
CA SER B 20 24.70 -7.05 -49.34
C SER B 20 25.30 -8.37 -48.91
N GLU B 21 26.04 -8.43 -47.81
CA GLU B 21 26.60 -9.71 -47.41
C GLU B 21 25.70 -10.35 -46.35
N LYS B 22 25.33 -9.57 -45.34
CA LYS B 22 24.45 -10.02 -44.26
C LYS B 22 22.99 -9.74 -44.57
N LYS B 23 22.71 -9.12 -45.71
CA LYS B 23 21.34 -8.77 -46.14
C LYS B 23 20.61 -8.00 -45.04
N GLU B 24 21.28 -6.94 -44.56
CA GLU B 24 20.77 -6.07 -43.51
C GLU B 24 20.33 -4.71 -44.03
N PHE B 25 19.26 -4.19 -43.45
CA PHE B 25 18.71 -2.89 -43.80
C PHE B 25 18.65 -2.07 -42.52
N LEU B 26 19.34 -0.92 -42.51
CA LEU B 26 19.41 -0.01 -41.36
C LEU B 26 20.12 -0.63 -40.16
N GLY B 27 20.44 -1.93 -40.21
CA GLY B 27 21.13 -2.56 -39.11
C GLY B 27 20.71 -3.99 -38.83
N ARG B 28 19.43 -4.28 -39.00
CA ARG B 28 18.90 -5.62 -38.77
C ARG B 28 18.50 -6.27 -40.08
N THR B 29 18.04 -7.53 -39.97
CA THR B 29 17.62 -8.30 -41.12
C THR B 29 16.10 -8.15 -41.26
N GLY B 30 15.48 -8.92 -42.15
CA GLY B 30 14.04 -8.80 -42.32
C GLY B 30 13.23 -9.19 -41.11
N SER B 31 13.56 -10.34 -40.49
CA SER B 31 12.84 -10.82 -39.31
C SER B 31 12.99 -9.96 -38.05
N SER B 32 14.00 -9.08 -37.99
CA SER B 32 14.16 -8.29 -36.77
C SER B 32 13.18 -7.12 -36.71
N TRP B 33 13.14 -6.29 -37.77
CA TRP B 33 12.20 -5.17 -37.77
C TRP B 33 10.81 -5.67 -37.43
N PHE B 34 10.51 -6.92 -37.81
CA PHE B 34 9.20 -7.50 -37.53
C PHE B 34 9.07 -7.79 -36.05
N LYS B 35 10.13 -8.31 -35.42
CA LYS B 35 10.03 -8.60 -33.99
C LYS B 35 9.80 -7.31 -33.20
N ILE B 36 10.54 -6.25 -33.55
CA ILE B 36 10.38 -4.98 -32.81
C ILE B 36 9.01 -4.36 -33.08
N PHE B 37 8.56 -4.35 -34.34
CA PHE B 37 7.25 -3.77 -34.64
C PHE B 37 6.14 -4.52 -33.92
N LEU B 38 6.20 -5.85 -33.91
CA LEU B 38 5.16 -6.64 -33.24
C LEU B 38 5.18 -6.37 -31.73
N PHE B 39 6.37 -6.27 -31.14
CA PHE B 39 6.42 -6.00 -29.70
C PHE B 39 5.79 -4.66 -29.38
N TYR B 40 6.18 -3.62 -30.12
CA TYR B 40 5.60 -2.30 -29.85
C TYR B 40 4.10 -2.27 -30.10
N LEU B 41 3.62 -3.02 -31.10
CA LEU B 41 2.18 -3.01 -31.35
C LEU B 41 1.42 -3.63 -30.19
N ILE B 42 1.92 -4.75 -29.66
CA ILE B 42 1.25 -5.39 -28.54
C ILE B 42 1.33 -4.51 -27.29
N PHE B 43 2.50 -3.92 -27.05
CA PHE B 43 2.70 -3.06 -25.88
C PHE B 43 1.75 -1.86 -25.92
N TYR B 44 1.76 -1.11 -27.01
CA TYR B 44 0.89 0.05 -27.12
C TYR B 44 -0.57 -0.36 -27.09
N GLY B 45 -0.91 -1.55 -27.60
CA GLY B 45 -2.30 -1.98 -27.56
C GLY B 45 -2.75 -2.17 -26.14
N CYS B 46 -1.89 -2.80 -25.32
CA CYS B 46 -2.23 -3.02 -23.92
C CYS B 46 -2.35 -1.67 -23.21
N LEU B 47 -1.45 -0.74 -23.55
CA LEU B 47 -1.48 0.59 -22.93
C LEU B 47 -2.82 1.27 -23.21
N ALA B 48 -3.26 1.22 -24.47
CA ALA B 48 -4.52 1.84 -24.86
C ALA B 48 -5.69 1.18 -24.15
N GLY B 49 -5.72 -0.15 -24.08
CA GLY B 49 -6.82 -0.82 -23.42
C GLY B 49 -6.90 -0.48 -21.94
N ILE B 50 -5.74 -0.34 -21.29
CA ILE B 50 -5.75 -0.02 -19.87
C ILE B 50 -6.26 1.40 -19.66
N PHE B 51 -5.78 2.35 -20.48
CA PHE B 51 -6.24 3.72 -20.35
C PHE B 51 -7.75 3.82 -20.58
N ILE B 52 -8.26 3.06 -21.55
CA ILE B 52 -9.69 3.09 -21.84
C ILE B 52 -10.48 2.53 -20.66
N GLY B 53 -9.99 1.45 -20.05
CA GLY B 53 -10.71 0.90 -18.91
C GLY B 53 -10.75 1.88 -17.76
N THR B 54 -9.62 2.54 -17.49
CA THR B 54 -9.57 3.50 -16.40
C THR B 54 -10.42 4.73 -16.71
N ILE B 55 -10.77 4.95 -17.98
CA ILE B 55 -11.61 6.10 -18.30
C ILE B 55 -13.07 5.69 -18.23
N GLN B 56 -13.35 4.40 -18.46
CA GLN B 56 -14.73 3.93 -18.39
C GLN B 56 -15.19 3.94 -16.94
N VAL B 57 -14.30 3.53 -16.02
CA VAL B 57 -14.73 3.56 -14.62
C VAL B 57 -15.05 4.99 -14.23
N LEU B 58 -14.37 5.95 -14.88
CA LEU B 58 -14.62 7.35 -14.58
C LEU B 58 -15.98 7.76 -15.12
N LEU B 59 -16.36 7.20 -16.27
CA LEU B 59 -17.67 7.55 -16.81
C LEU B 59 -18.74 6.97 -15.91
N LEU B 60 -18.43 5.86 -15.24
CA LEU B 60 -19.38 5.24 -14.33
C LEU B 60 -19.43 5.97 -12.99
N THR B 61 -18.46 6.85 -12.73
CA THR B 61 -18.44 7.60 -11.47
C THR B 61 -19.26 8.89 -11.49
N LEU B 62 -19.55 9.45 -12.66
CA LEU B 62 -20.32 10.69 -12.78
C LEU B 62 -21.79 10.48 -13.12
N SER B 63 -22.60 11.47 -12.73
CA SER B 63 -24.04 11.49 -12.95
C SER B 63 -24.36 12.30 -14.20
N ASP B 64 -25.41 11.89 -14.92
CA ASP B 64 -25.84 12.55 -16.14
C ASP B 64 -26.76 13.75 -15.92
N PHE B 65 -27.31 13.95 -14.73
CA PHE B 65 -28.20 15.08 -14.49
C PHE B 65 -27.62 16.18 -13.61
N GLU B 66 -26.36 16.08 -13.19
CA GLU B 66 -25.86 17.16 -12.35
C GLU B 66 -24.34 17.16 -12.24
N PRO B 67 -23.70 18.33 -12.32
CA PRO B 67 -22.23 18.39 -12.18
C PRO B 67 -21.87 18.24 -10.70
N LYS B 68 -20.94 17.33 -10.42
CA LYS B 68 -20.53 17.09 -9.04
C LYS B 68 -20.01 18.36 -8.36
N TYR B 69 -19.17 19.13 -9.04
CA TYR B 69 -18.61 20.36 -8.47
C TYR B 69 -19.19 21.58 -9.18
N GLN B 70 -19.81 22.47 -8.41
CA GLN B 70 -20.41 23.70 -8.93
C GLN B 70 -19.89 24.92 -8.18
N ASP B 71 -18.62 24.92 -7.78
CA ASP B 71 -18.06 26.06 -7.08
C ASP B 71 -17.33 27.05 -7.98
N ARG B 72 -16.87 26.61 -9.15
CA ARG B 72 -16.17 27.52 -10.04
C ARG B 72 -17.14 28.38 -10.85
N VAL B 73 -18.45 28.15 -10.69
CA VAL B 73 -19.48 28.90 -11.40
C VAL B 73 -20.54 29.40 -10.42
N ALA B 74 -20.15 29.68 -9.17
CA ALA B 74 -21.16 30.15 -8.22
C ALA B 74 -21.65 31.56 -8.56
N PRO B 75 -20.82 32.59 -8.65
CA PRO B 75 -21.36 33.92 -9.01
C PRO B 75 -21.58 33.99 -10.50
N PRO B 76 -22.83 34.08 -10.95
CA PRO B 76 -23.11 34.13 -12.39
C PRO B 76 -22.56 35.37 -13.09
N GLY B 77 -22.27 35.18 -14.39
CA GLY B 77 -21.75 36.23 -15.24
C GLY B 77 -22.87 37.07 -15.84
N LEU B 78 -22.47 38.04 -16.65
CA LEU B 78 -23.39 38.94 -17.33
C LEU B 78 -22.87 39.20 -18.74
N SER B 79 -23.40 38.46 -19.72
CA SER B 79 -22.93 38.65 -21.08
C SER B 79 -23.96 39.47 -21.87
N HIS B 80 -23.62 39.78 -23.12
CA HIS B 80 -24.49 40.56 -23.98
C HIS B 80 -24.57 39.92 -25.37
N ALA B 81 -25.45 40.48 -26.20
CA ALA B 81 -25.68 40.01 -27.56
C ALA B 81 -24.61 40.42 -28.57
N PRO B 82 -24.14 41.67 -28.61
CA PRO B 82 -23.11 42.00 -29.60
C PRO B 82 -21.78 41.36 -29.24
N TYR B 83 -21.01 41.06 -30.28
CA TYR B 83 -19.71 40.44 -30.12
C TYR B 83 -18.67 41.52 -30.37
N ALA B 84 -18.11 42.05 -29.29
CA ALA B 84 -17.11 43.10 -29.35
C ALA B 84 -15.74 42.46 -29.17
N ILE B 85 -14.78 42.88 -29.98
CA ILE B 85 -13.43 42.32 -29.89
C ILE B 85 -12.76 42.76 -28.60
N LYS B 86 -12.83 44.05 -28.29
CA LYS B 86 -12.22 44.57 -27.07
C LYS B 86 -13.25 45.27 -26.20
N THR B 87 -14.49 44.77 -26.22
CA THR B 87 -15.61 45.33 -25.46
C THR B 87 -15.86 46.76 -25.91
N GLU B 88 -15.76 46.97 -27.23
CA GLU B 88 -15.96 48.27 -27.85
C GLU B 88 -16.92 48.16 -29.02
N ILE B 89 -17.85 49.10 -29.11
CA ILE B 89 -18.84 49.16 -30.18
C ILE B 89 -18.59 50.46 -30.91
N SER B 90 -17.91 50.39 -32.06
CA SER B 90 -17.59 51.56 -32.87
C SER B 90 -18.11 51.33 -34.28
N PHE B 91 -18.97 52.23 -34.74
CA PHE B 91 -19.52 52.09 -36.08
C PHE B 91 -20.00 53.43 -36.61
N SER B 92 -19.89 53.59 -37.93
CA SER B 92 -20.31 54.81 -38.62
C SER B 92 -21.78 54.73 -39.00
N ILE B 93 -22.50 55.84 -38.81
CA ILE B 93 -23.93 55.87 -39.16
C ILE B 93 -24.14 55.99 -40.65
N SER B 94 -23.08 56.20 -41.43
CA SER B 94 -23.21 56.32 -42.88
C SER B 94 -22.87 55.01 -43.59
N ASN B 95 -21.64 54.53 -43.42
CA ASN B 95 -21.18 53.29 -44.03
C ASN B 95 -21.95 52.10 -43.47
N PRO B 96 -22.75 51.42 -44.30
CA PRO B 96 -23.51 50.26 -43.78
C PRO B 96 -22.63 49.07 -43.43
N LYS B 97 -21.51 48.87 -44.12
CA LYS B 97 -20.62 47.74 -43.85
C LYS B 97 -19.78 47.94 -42.60
N SER B 98 -20.27 48.74 -41.65
CA SER B 98 -19.56 49.00 -40.41
C SER B 98 -20.19 48.32 -39.21
N TYR B 99 -21.52 48.23 -39.15
CA TYR B 99 -22.20 47.59 -38.03
C TYR B 99 -22.78 46.23 -38.40
N GLU B 100 -22.29 45.63 -39.51
CA GLU B 100 -22.79 44.33 -39.92
C GLU B 100 -22.41 43.24 -38.93
N SER B 101 -21.18 43.29 -38.42
CA SER B 101 -20.73 42.28 -37.46
C SER B 101 -21.58 42.28 -36.20
N PHE B 102 -22.16 43.43 -35.86
CA PHE B 102 -23.02 43.53 -34.67
C PHE B 102 -24.39 42.92 -34.93
N VAL B 103 -25.07 43.43 -35.96
CA VAL B 103 -26.41 42.94 -36.31
C VAL B 103 -26.38 41.43 -36.54
N LYS B 104 -25.33 40.92 -37.20
CA LYS B 104 -25.26 39.48 -37.45
C LYS B 104 -25.32 38.71 -36.14
N SER B 105 -24.55 39.14 -35.14
CA SER B 105 -24.55 38.47 -33.85
C SER B 105 -25.92 38.60 -33.20
N MET B 106 -26.34 39.85 -32.95
CA MET B 106 -27.63 40.14 -32.35
C MET B 106 -28.70 39.20 -32.93
N HIS B 107 -28.75 39.15 -34.26
CA HIS B 107 -29.69 38.29 -34.97
C HIS B 107 -29.50 36.84 -34.58
N LYS B 108 -28.24 36.38 -34.52
CA LYS B 108 -27.98 34.99 -34.14
C LYS B 108 -28.58 34.67 -32.78
N LEU B 109 -28.49 35.63 -31.84
CA LEU B 109 -29.03 35.41 -30.51
C LEU B 109 -30.56 35.42 -30.49
N MET B 110 -31.17 36.44 -31.09
CA MET B 110 -32.63 36.52 -31.12
C MET B 110 -33.29 35.46 -31.99
N ASP B 111 -32.57 34.91 -32.98
CA ASP B 111 -33.10 33.88 -33.86
C ASP B 111 -33.52 32.62 -33.14
N LEU B 112 -33.19 32.49 -31.85
CA LEU B 112 -33.55 31.31 -31.08
C LEU B 112 -34.85 31.48 -30.31
N TYR B 113 -35.39 32.70 -30.27
CA TYR B 113 -36.63 32.99 -29.57
C TYR B 113 -37.81 33.10 -30.54
N ASN B 114 -37.64 32.65 -31.78
CA ASN B 114 -38.69 32.72 -32.78
C ASN B 114 -39.93 31.97 -32.27
N GLU B 115 -41.10 32.55 -32.51
CA GLU B 115 -42.34 31.91 -32.05
C GLU B 115 -42.53 30.53 -32.68
N SER B 116 -42.14 30.37 -33.95
CA SER B 116 -42.30 29.07 -34.61
C SER B 116 -41.65 27.96 -33.80
N SER B 117 -40.52 28.26 -33.14
CA SER B 117 -39.84 27.26 -32.33
C SER B 117 -40.66 26.92 -31.09
N GLN B 118 -41.25 27.94 -30.46
CA GLN B 118 -42.07 27.79 -29.26
C GLN B 118 -43.51 27.53 -29.69
N ALA B 119 -43.91 26.27 -29.77
CA ALA B 119 -45.27 25.99 -30.17
C ALA B 119 -45.75 24.69 -29.55
N GLY B 120 -47.07 24.64 -29.31
CA GLY B 120 -47.70 23.47 -28.71
C GLY B 120 -47.61 23.49 -27.21
N ASN B 121 -48.10 22.40 -26.61
CA ASN B 121 -48.06 22.26 -25.16
C ASN B 121 -46.73 21.71 -24.73
N SER B 122 -46.15 20.84 -25.55
CA SER B 122 -44.88 20.28 -25.21
C SER B 122 -43.82 20.82 -26.14
N PRO B 123 -42.68 21.28 -25.60
CA PRO B 123 -42.61 21.20 -24.14
C PRO B 123 -42.88 22.56 -23.47
N PHE B 124 -43.28 23.57 -24.25
CA PHE B 124 -43.54 24.91 -23.73
C PHE B 124 -44.87 25.07 -23.01
N GLU B 125 -44.85 25.93 -21.98
CA GLU B 125 -45.99 26.26 -21.14
C GLU B 125 -46.13 27.77 -20.97
N ASP B 126 -47.35 28.27 -21.12
CA ASP B 126 -47.59 29.70 -20.96
C ASP B 126 -47.46 30.11 -19.50
N CYS B 127 -46.62 31.12 -19.24
CA CYS B 127 -46.40 31.58 -17.88
C CYS B 127 -46.88 33.03 -17.75
N SER B 128 -47.03 33.46 -16.49
CA SER B 128 -47.47 34.80 -16.11
C SER B 128 -46.85 35.90 -16.94
N ASP B 129 -47.70 36.74 -17.54
CA ASP B 129 -47.20 37.84 -18.36
C ASP B 129 -46.52 38.92 -17.52
N THR B 130 -46.67 38.86 -16.21
CA THR B 130 -46.09 39.77 -15.24
C THR B 130 -45.13 38.96 -14.36
N PRO B 131 -44.00 39.56 -13.95
CA PRO B 131 -43.04 38.81 -13.11
C PRO B 131 -43.71 38.01 -12.00
N ALA B 132 -43.20 36.81 -11.73
CA ALA B 132 -43.76 35.96 -10.70
C ALA B 132 -42.62 35.31 -9.91
N ASP B 133 -42.98 34.33 -9.08
CA ASP B 133 -42.02 33.62 -8.25
C ASP B 133 -41.44 32.40 -8.95
N TYR B 134 -40.59 31.68 -8.22
CA TYR B 134 -39.94 30.48 -8.70
C TYR B 134 -40.98 29.42 -9.03
N ILE B 135 -40.53 28.39 -9.75
CA ILE B 135 -41.39 27.28 -10.14
C ILE B 135 -40.49 26.05 -10.08
N LYS B 136 -40.87 25.09 -9.26
CA LYS B 136 -40.12 23.85 -9.09
C LYS B 136 -40.85 22.72 -9.78
N ARG B 137 -40.23 22.15 -10.82
CA ARG B 137 -40.81 21.04 -11.58
C ARG B 137 -40.32 19.71 -11.04
N GLY B 138 -40.14 19.63 -9.73
CA GLY B 138 -39.68 18.43 -9.07
C GLY B 138 -38.18 18.45 -8.84
N ASP B 139 -37.64 17.25 -8.63
CA ASP B 139 -36.21 17.10 -8.39
C ASP B 139 -35.48 16.97 -9.72
N LEU B 140 -34.20 16.60 -9.65
CA LEU B 140 -33.37 16.43 -10.84
C LEU B 140 -33.29 14.94 -11.16
N ASP B 141 -34.43 14.40 -11.55
CA ASP B 141 -34.54 12.99 -11.88
C ASP B 141 -35.18 12.78 -13.25
N ASP B 142 -35.24 11.52 -13.64
CA ASP B 142 -35.82 11.09 -14.91
C ASP B 142 -37.20 10.47 -14.70
N SER B 143 -37.69 10.44 -13.45
CA SER B 143 -39.01 9.88 -13.13
C SER B 143 -39.99 10.57 -14.06
N GLN B 144 -40.22 11.86 -13.86
CA GLN B 144 -41.13 12.56 -14.74
C GLN B 144 -40.35 12.81 -16.02
N GLY B 145 -41.04 12.81 -17.16
CA GLY B 145 -40.32 13.03 -18.39
C GLY B 145 -39.71 14.41 -18.49
N GLN B 146 -39.31 14.79 -19.70
CA GLN B 146 -38.70 16.09 -19.94
C GLN B 146 -39.53 17.20 -19.30
N LYS B 147 -38.91 17.96 -18.40
CA LYS B 147 -39.61 19.05 -17.73
C LYS B 147 -40.10 20.08 -18.74
N LYS B 148 -40.80 21.10 -18.27
CA LYS B 148 -41.35 22.15 -19.13
C LYS B 148 -40.76 23.50 -18.77
N ALA B 149 -40.40 24.28 -19.79
CA ALA B 149 -39.82 25.60 -19.60
C ALA B 149 -40.80 26.69 -20.06
N CYS B 150 -40.73 27.85 -19.42
CA CYS B 150 -41.61 28.96 -19.76
C CYS B 150 -41.23 29.59 -21.10
N ARG B 151 -42.25 30.09 -21.79
CA ARG B 151 -42.06 30.72 -23.09
C ARG B 151 -41.63 32.17 -22.92
N PHE B 152 -40.73 32.62 -23.80
CA PHE B 152 -40.22 33.99 -23.79
C PHE B 152 -40.41 34.52 -25.20
N SER B 153 -41.33 35.46 -25.36
CA SER B 153 -41.62 36.05 -26.65
C SER B 153 -40.64 37.15 -27.05
N ARG B 154 -40.43 37.25 -28.36
CA ARG B 154 -39.55 38.26 -28.93
C ARG B 154 -40.09 39.66 -28.66
N MET B 155 -41.31 39.91 -29.15
CA MET B 155 -42.03 41.17 -29.03
C MET B 155 -41.90 41.83 -27.65
N TRP B 156 -41.66 41.03 -26.59
CA TRP B 156 -41.51 41.63 -25.27
C TRP B 156 -40.48 42.76 -25.35
N LEU B 157 -39.38 42.51 -26.05
CA LEU B 157 -38.36 43.54 -26.23
C LEU B 157 -39.03 44.44 -27.27
N LYS B 158 -39.35 45.68 -26.88
CA LYS B 158 -40.03 46.56 -27.83
C LYS B 158 -39.28 47.16 -29.01
N ASN B 159 -38.33 48.06 -28.78
CA ASN B 159 -37.66 48.61 -29.97
C ASN B 159 -36.46 47.82 -30.47
N CYS B 160 -36.01 46.78 -29.76
CA CYS B 160 -34.87 45.97 -30.21
C CYS B 160 -35.35 44.53 -30.32
N SER B 161 -35.88 44.18 -31.48
CA SER B 161 -36.38 42.83 -31.74
C SER B 161 -36.09 42.34 -33.14
N GLY B 162 -35.60 43.20 -34.04
CA GLY B 162 -35.31 42.82 -35.40
C GLY B 162 -36.54 42.45 -36.19
N LEU B 163 -37.73 42.67 -35.63
CA LEU B 163 -38.98 42.37 -36.28
C LEU B 163 -39.51 43.59 -37.03
N ASP B 164 -39.18 44.77 -36.53
CA ASP B 164 -39.58 46.05 -37.10
C ASP B 164 -38.41 46.69 -37.84
N ASP B 165 -37.32 46.97 -37.13
CA ASP B 165 -36.11 47.58 -37.66
C ASP B 165 -35.00 46.54 -37.50
N THR B 166 -34.94 45.61 -38.45
CA THR B 166 -33.97 44.51 -38.51
C THR B 166 -32.60 44.89 -37.95
N THR B 167 -32.09 46.05 -38.34
CA THR B 167 -30.79 46.53 -37.88
C THR B 167 -30.71 46.63 -36.35
N TYR B 168 -31.84 46.87 -35.68
CA TYR B 168 -32.04 47.02 -34.23
C TYR B 168 -31.63 48.38 -33.67
N GLY B 169 -31.40 49.40 -34.50
CA GLY B 169 -31.02 50.68 -33.92
C GLY B 169 -29.78 51.33 -34.50
N TYR B 170 -28.76 50.51 -34.77
CA TYR B 170 -27.48 50.91 -35.32
C TYR B 170 -27.60 51.77 -36.59
N ALA B 171 -28.78 51.80 -37.19
CA ALA B 171 -29.00 52.58 -38.41
C ALA B 171 -29.06 54.09 -38.18
N GLU B 172 -29.54 54.57 -37.03
CA GLU B 172 -29.61 56.01 -36.85
C GLU B 172 -28.99 56.48 -35.53
N GLY B 173 -27.93 55.84 -35.06
CA GLY B 173 -27.33 56.31 -33.82
C GLY B 173 -28.09 56.00 -32.55
N LYS B 174 -28.69 54.81 -32.45
CA LYS B 174 -29.46 54.41 -31.27
C LYS B 174 -29.33 52.90 -31.14
N PRO B 175 -28.13 52.41 -30.83
CA PRO B 175 -27.92 50.97 -30.70
C PRO B 175 -28.56 50.38 -29.45
N CYS B 176 -28.78 49.07 -29.51
CA CYS B 176 -29.37 48.30 -28.42
C CYS B 176 -28.33 47.30 -27.94
N VAL B 177 -28.56 46.77 -26.73
CA VAL B 177 -27.66 45.80 -26.12
C VAL B 177 -28.51 44.82 -25.32
N VAL B 178 -28.60 43.59 -25.81
CA VAL B 178 -29.38 42.55 -25.14
C VAL B 178 -28.49 41.86 -24.11
N ALA B 179 -28.78 42.08 -22.83
CA ALA B 179 -28.04 41.48 -21.73
C ALA B 179 -28.66 40.14 -21.38
N LYS B 180 -27.82 39.26 -20.85
CA LYS B 180 -28.24 37.90 -20.47
C LYS B 180 -27.44 37.38 -19.28
N LEU B 181 -28.15 36.68 -18.40
CA LEU B 181 -27.59 36.07 -17.19
C LEU B 181 -27.14 34.65 -17.50
N ASN B 182 -25.92 34.31 -17.10
CA ASN B 182 -25.36 32.98 -17.34
C ASN B 182 -26.16 31.88 -16.66
N ARG B 183 -26.59 30.91 -17.47
CA ARG B 183 -27.37 29.75 -17.05
C ARG B 183 -26.61 28.84 -16.09
N ILE B 184 -27.15 28.64 -14.88
CA ILE B 184 -26.55 27.78 -13.87
C ILE B 184 -27.60 26.79 -13.39
N ILE B 185 -27.21 25.53 -13.26
CA ILE B 185 -28.12 24.47 -12.81
C ILE B 185 -28.44 24.65 -11.33
N GLY B 186 -29.74 24.57 -11.01
CA GLY B 186 -30.20 24.71 -9.64
C GLY B 186 -29.91 26.03 -8.98
N PHE B 187 -29.71 27.10 -9.75
CA PHE B 187 -29.41 28.40 -9.20
C PHE B 187 -30.68 29.24 -9.08
N TYR B 188 -30.97 29.69 -7.84
CA TYR B 188 -32.15 30.51 -7.59
C TYR B 188 -31.71 31.95 -7.46
N PRO B 189 -32.15 32.86 -8.31
CA PRO B 189 -31.72 34.26 -8.17
C PRO B 189 -32.48 34.88 -7.00
N LYS B 190 -31.75 35.63 -6.17
CA LYS B 190 -32.36 36.28 -5.02
C LYS B 190 -32.09 37.78 -5.04
N PRO B 191 -33.13 38.60 -5.02
CA PRO B 191 -32.93 40.06 -5.05
C PRO B 191 -32.82 40.65 -3.64
N LEU B 192 -32.29 41.87 -3.60
CA LEU B 192 -32.11 42.60 -2.37
C LEU B 192 -33.47 42.97 -1.78
N LYS B 193 -33.56 42.99 -0.45
CA LYS B 193 -34.83 43.33 0.19
C LYS B 193 -34.99 44.84 0.37
N ASN B 194 -36.24 45.25 0.64
CA ASN B 194 -36.68 46.63 0.85
C ASN B 194 -36.13 47.38 2.06
N THR B 195 -35.24 46.78 2.84
CA THR B 195 -34.68 47.44 4.02
C THR B 195 -33.99 48.77 3.66
N THR B 196 -33.80 49.62 4.68
CA THR B 196 -33.17 50.94 4.53
C THR B 196 -31.84 50.91 3.80
N ASP B 197 -31.18 49.76 3.70
CA ASP B 197 -29.91 49.69 3.00
C ASP B 197 -30.23 49.01 1.67
N LEU B 198 -30.01 49.76 0.61
CA LEU B 198 -30.24 49.39 -0.77
C LEU B 198 -29.66 50.52 -1.58
N PRO B 199 -29.16 50.27 -2.79
CA PRO B 199 -28.61 51.37 -3.57
C PRO B 199 -29.68 52.42 -3.83
N GLU B 200 -29.24 53.55 -4.36
CA GLU B 200 -30.16 54.64 -4.66
C GLU B 200 -31.16 54.18 -5.72
N GLU B 201 -30.64 53.88 -6.91
CA GLU B 201 -31.37 53.42 -8.08
C GLU B 201 -32.52 52.43 -7.85
N LEU B 202 -32.22 51.32 -7.17
CA LEU B 202 -33.16 50.23 -6.88
C LEU B 202 -34.42 50.57 -6.08
N GLN B 203 -34.46 51.66 -5.31
CA GLN B 203 -35.66 51.97 -4.54
C GLN B 203 -36.97 51.91 -5.34
N ALA B 204 -37.07 52.72 -6.40
CA ALA B 204 -38.30 52.72 -7.19
C ALA B 204 -38.52 51.40 -7.94
N ASN B 205 -39.80 50.99 -8.03
CA ASN B 205 -40.23 49.77 -8.71
C ASN B 205 -39.60 48.50 -8.12
N TYR B 206 -39.79 48.29 -6.82
CA TYR B 206 -39.22 47.12 -6.14
C TYR B 206 -40.08 45.87 -6.33
N ASN B 207 -40.11 45.35 -7.55
CA ASN B 207 -40.90 44.12 -7.72
C ASN B 207 -39.99 43.03 -7.18
N GLN B 208 -40.35 42.42 -6.03
CA GLN B 208 -39.51 41.37 -5.46
C GLN B 208 -39.11 40.33 -6.49
N TYR B 209 -40.05 39.87 -7.27
CA TYR B 209 -39.85 38.87 -8.31
C TYR B 209 -38.96 39.32 -9.46
N VAL B 210 -38.31 40.48 -9.48
CA VAL B 210 -37.48 40.90 -10.60
C VAL B 210 -36.05 41.15 -10.14
N LEU B 211 -35.08 40.61 -10.87
CA LEU B 211 -33.68 40.82 -10.55
C LEU B 211 -33.30 42.07 -11.32
N PRO B 212 -32.95 43.17 -10.65
CA PRO B 212 -32.62 44.41 -11.36
C PRO B 212 -31.24 44.48 -12.02
N LEU B 213 -31.24 45.14 -13.18
CA LEU B 213 -30.06 45.38 -14.01
C LEU B 213 -30.05 46.88 -14.24
N ARG B 214 -28.93 47.53 -13.94
CA ARG B 214 -28.85 48.98 -14.13
C ARG B 214 -27.46 49.36 -14.62
N CYS B 215 -27.42 50.09 -15.72
CA CYS B 215 -26.19 50.56 -16.34
C CYS B 215 -25.89 51.99 -15.92
N ALA B 216 -24.61 52.35 -15.97
CA ALA B 216 -24.17 53.69 -15.60
C ALA B 216 -22.85 53.97 -16.32
N ALA B 217 -22.18 55.06 -15.91
CA ALA B 217 -20.92 55.46 -16.49
C ALA B 217 -19.77 55.11 -15.55
N LYS B 218 -18.68 54.60 -16.13
CA LYS B 218 -17.51 54.24 -15.33
C LYS B 218 -16.92 55.44 -14.61
N ARG B 219 -16.73 56.55 -15.32
CA ARG B 219 -16.16 57.74 -14.72
C ARG B 219 -17.26 58.76 -14.42
N GLU B 220 -16.95 59.66 -13.47
CA GLU B 220 -17.91 60.69 -13.07
C GLU B 220 -18.16 61.68 -14.20
N GLU B 221 -17.15 61.95 -15.02
CA GLU B 221 -17.30 62.90 -16.12
C GLU B 221 -18.30 62.40 -17.16
N ASP B 222 -18.07 61.20 -17.69
CA ASP B 222 -18.93 60.59 -18.71
C ASP B 222 -20.43 60.62 -18.41
N ARG B 223 -20.84 60.80 -17.16
CA ARG B 223 -22.26 60.85 -16.83
C ARG B 223 -23.03 61.75 -17.81
N GLU B 224 -22.64 63.02 -17.84
CA GLU B 224 -23.25 64.03 -18.69
C GLU B 224 -23.30 63.63 -20.17
N LYS B 225 -22.24 63.01 -20.69
CA LYS B 225 -22.21 62.63 -22.09
C LYS B 225 -23.05 61.41 -22.44
N ILE B 226 -23.62 60.72 -21.47
CA ILE B 226 -24.45 59.55 -21.71
C ILE B 226 -25.89 60.04 -21.56
N GLY B 227 -26.74 59.73 -22.55
CA GLY B 227 -28.10 60.20 -22.48
C GLY B 227 -29.16 59.45 -21.70
N SER B 228 -30.13 58.85 -22.40
CA SER B 228 -31.20 58.13 -21.71
C SER B 228 -31.18 56.63 -21.94
N ILE B 229 -30.78 55.91 -20.89
CA ILE B 229 -30.72 54.45 -20.86
C ILE B 229 -32.16 53.95 -20.76
N GLU B 230 -32.71 53.41 -21.85
CA GLU B 230 -34.08 52.91 -21.86
C GLU B 230 -34.05 51.38 -21.87
N TYR B 231 -34.43 50.76 -20.75
CA TYR B 231 -34.46 49.31 -20.64
C TYR B 231 -35.81 48.72 -21.02
N PHE B 232 -35.77 47.56 -21.65
CA PHE B 232 -36.94 46.81 -22.10
C PHE B 232 -36.85 45.41 -21.50
N GLY B 233 -37.97 44.90 -21.00
CA GLY B 233 -37.95 43.58 -20.42
C GLY B 233 -39.34 43.04 -20.16
N LEU B 234 -39.37 41.92 -19.44
CA LEU B 234 -40.64 41.26 -19.10
C LEU B 234 -41.43 42.14 -18.13
N GLY B 235 -42.61 42.57 -18.56
CA GLY B 235 -43.43 43.40 -17.71
C GLY B 235 -43.08 44.87 -17.75
N GLY B 236 -42.06 45.24 -18.52
CA GLY B 236 -41.61 46.61 -18.63
C GLY B 236 -40.55 46.98 -17.63
N TYR B 237 -40.18 46.07 -16.74
CA TYR B 237 -39.17 46.30 -15.72
C TYR B 237 -37.78 46.06 -16.30
N ALA B 238 -36.79 46.61 -15.60
CA ALA B 238 -35.39 46.47 -16.00
C ALA B 238 -34.74 45.33 -15.20
N GLY B 239 -35.20 44.12 -15.48
CA GLY B 239 -34.64 42.98 -14.78
C GLY B 239 -35.07 41.66 -15.39
N PHE B 240 -34.79 40.60 -14.64
CA PHE B 240 -35.11 39.24 -15.05
C PHE B 240 -36.16 38.64 -14.13
N PRO B 241 -37.25 38.11 -14.68
CA PRO B 241 -38.31 37.51 -13.85
C PRO B 241 -37.82 36.22 -13.23
N LEU B 242 -38.06 36.08 -11.92
CA LEU B 242 -37.66 34.89 -11.18
C LEU B 242 -38.35 33.61 -11.64
N GLN B 243 -39.45 33.72 -12.39
CA GLN B 243 -40.17 32.55 -12.86
C GLN B 243 -39.40 31.69 -13.87
N TYR B 244 -38.38 32.22 -14.52
CA TYR B 244 -37.61 31.43 -15.49
C TYR B 244 -36.51 30.63 -14.82
N TYR B 245 -36.62 30.40 -13.53
CA TYR B 245 -35.64 29.65 -12.78
C TYR B 245 -36.34 28.68 -11.83
N PRO B 246 -35.66 27.60 -11.43
CA PRO B 246 -34.28 27.42 -11.92
C PRO B 246 -34.19 26.66 -13.24
N TYR B 247 -32.95 26.51 -13.69
CA TYR B 247 -32.62 25.80 -14.92
C TYR B 247 -32.27 24.38 -14.52
N TYR B 248 -32.93 23.41 -15.14
CA TYR B 248 -32.70 22.01 -14.82
C TYR B 248 -31.62 21.35 -15.67
N GLY B 249 -30.88 22.11 -16.46
CA GLY B 249 -29.86 21.44 -17.24
C GLY B 249 -30.38 20.97 -18.59
N LYS B 250 -29.46 20.86 -19.54
CA LYS B 250 -29.78 20.43 -20.90
C LYS B 250 -30.52 19.09 -20.96
N ARG B 251 -29.96 18.07 -20.32
CA ARG B 251 -30.57 16.74 -20.33
C ARG B 251 -32.01 16.74 -19.81
N LEU B 252 -32.30 17.47 -18.74
CA LEU B 252 -33.66 17.49 -18.21
C LEU B 252 -34.53 18.63 -18.72
N GLN B 253 -34.02 19.53 -19.54
CA GLN B 253 -34.86 20.63 -20.02
C GLN B 253 -34.46 21.13 -21.40
N LYS B 254 -34.23 20.24 -22.37
CA LYS B 254 -33.87 20.76 -23.68
C LYS B 254 -34.98 21.71 -24.12
N LYS B 255 -34.64 22.62 -25.05
CA LYS B 255 -35.62 23.60 -25.55
C LYS B 255 -36.02 24.54 -24.41
N TYR B 256 -35.01 25.07 -23.71
CA TYR B 256 -35.20 25.99 -22.59
C TYR B 256 -34.68 27.36 -23.00
N LEU B 257 -35.45 28.39 -22.69
CA LEU B 257 -35.08 29.77 -23.01
C LEU B 257 -34.89 30.58 -21.75
N GLN B 258 -33.76 31.29 -21.68
CA GLN B 258 -33.37 32.14 -20.57
C GLN B 258 -33.87 33.56 -20.82
N PRO B 259 -34.32 34.28 -19.80
CA PRO B 259 -34.80 35.65 -20.02
C PRO B 259 -33.71 36.52 -20.63
N LEU B 260 -34.13 37.65 -21.18
CA LEU B 260 -33.22 38.60 -21.81
C LEU B 260 -33.68 40.01 -21.48
N LEU B 261 -32.76 40.96 -21.51
CA LEU B 261 -33.12 42.35 -21.21
C LEU B 261 -32.50 43.26 -22.25
N ALA B 262 -33.31 44.06 -22.92
CA ALA B 262 -32.78 44.96 -23.94
C ALA B 262 -32.45 46.32 -23.34
N ILE B 263 -31.39 46.95 -23.84
CA ILE B 263 -30.98 48.26 -23.34
C ILE B 263 -30.69 49.19 -24.51
N GLN B 264 -31.46 50.27 -24.63
CA GLN B 264 -31.26 51.24 -25.70
C GLN B 264 -30.55 52.45 -25.10
N PHE B 265 -29.44 52.81 -25.69
CA PHE B 265 -28.64 53.95 -25.23
C PHE B 265 -28.99 55.22 -26.01
N THR B 266 -30.26 55.63 -25.89
CA THR B 266 -30.68 56.81 -26.62
C THR B 266 -29.88 58.04 -26.19
N ASN B 267 -29.91 59.06 -27.05
CA ASN B 267 -29.20 60.32 -26.85
C ASN B 267 -27.73 60.12 -26.48
N LEU B 268 -26.99 59.53 -27.41
CA LEU B 268 -25.57 59.26 -27.23
C LEU B 268 -24.73 60.31 -27.94
N THR B 269 -23.82 60.92 -27.19
CA THR B 269 -22.94 61.95 -27.76
C THR B 269 -22.20 61.36 -28.95
N GLN B 270 -22.07 62.16 -29.99
CA GLN B 270 -21.41 61.73 -31.21
C GLN B 270 -19.91 62.01 -31.19
N ASN B 271 -19.16 61.13 -31.86
CA ASN B 271 -17.71 61.20 -32.00
C ASN B 271 -16.94 61.27 -30.67
N MET B 272 -17.17 60.28 -29.81
CA MET B 272 -16.48 60.24 -28.51
C MET B 272 -16.70 58.91 -27.79
N GLU B 273 -15.60 58.30 -27.35
CA GLU B 273 -15.62 57.00 -26.64
C GLU B 273 -16.27 57.08 -25.27
N LEU B 274 -17.39 56.36 -25.10
CA LEU B 274 -18.12 56.32 -23.84
C LEU B 274 -18.03 54.94 -23.19
N ARG B 275 -17.59 54.91 -21.93
CA ARG B 275 -17.42 53.70 -21.13
C ARG B 275 -18.68 53.50 -20.28
N ILE B 276 -19.48 52.49 -20.62
CA ILE B 276 -20.72 52.18 -19.92
C ILE B 276 -20.60 50.85 -19.19
N GLU B 277 -20.79 50.87 -17.87
CA GLU B 277 -20.71 49.68 -17.05
C GLU B 277 -22.11 49.29 -16.58
N CYS B 278 -22.54 48.08 -16.90
CA CYS B 278 -23.86 47.60 -16.51
C CYS B 278 -23.66 46.65 -15.33
N LYS B 279 -24.59 46.69 -14.37
CA LYS B 279 -24.45 45.84 -13.20
C LYS B 279 -25.79 45.34 -12.65
N VAL B 280 -25.81 44.07 -12.25
CA VAL B 280 -26.97 43.39 -11.67
C VAL B 280 -26.78 43.45 -10.16
N TYR B 281 -27.89 43.45 -9.42
CA TYR B 281 -27.83 43.50 -7.97
C TYR B 281 -28.57 42.32 -7.36
N GLY B 282 -28.00 41.76 -6.29
CA GLY B 282 -28.61 40.62 -5.62
C GLY B 282 -27.75 39.94 -4.59
N GLU B 283 -28.38 39.16 -3.71
CA GLU B 283 -27.71 38.41 -2.65
C GLU B 283 -26.68 37.42 -3.17
N ASN B 284 -27.11 36.39 -3.87
CA ASN B 284 -26.20 35.38 -4.41
C ASN B 284 -25.41 35.87 -5.61
N ILE B 285 -25.22 37.19 -5.71
CA ILE B 285 -24.47 37.81 -6.80
C ILE B 285 -23.32 38.57 -6.17
N ASP B 286 -22.10 38.29 -6.65
CA ASP B 286 -20.90 38.93 -6.13
C ASP B 286 -19.98 39.20 -7.30
N TYR B 287 -19.33 40.36 -7.28
CA TYR B 287 -18.42 40.75 -8.34
C TYR B 287 -16.98 40.36 -8.01
N SER B 288 -16.11 40.45 -9.02
CA SER B 288 -14.71 40.10 -8.88
C SER B 288 -13.83 41.14 -9.57
N GLU B 289 -12.78 41.60 -8.88
CA GLU B 289 -11.88 42.59 -9.45
C GLU B 289 -11.02 42.02 -10.56
N LYS B 290 -10.96 40.68 -10.69
CA LYS B 290 -10.16 40.01 -11.71
C LYS B 290 -10.99 39.66 -12.94
N ASP B 291 -12.21 39.15 -12.73
CA ASP B 291 -13.10 38.78 -13.81
C ASP B 291 -14.06 39.95 -13.98
N ARG B 292 -13.95 40.66 -15.11
CA ARG B 292 -14.78 41.82 -15.39
C ARG B 292 -16.11 41.45 -16.04
N PHE B 293 -16.53 40.18 -15.93
CA PHE B 293 -17.79 39.73 -16.50
C PHE B 293 -18.63 39.01 -15.45
N ARG B 294 -18.16 38.98 -14.20
CA ARG B 294 -18.87 38.33 -13.10
C ARG B 294 -19.89 39.30 -12.52
N GLY B 295 -21.14 39.14 -12.90
CA GLY B 295 -22.21 39.99 -12.43
C GLY B 295 -22.38 41.30 -13.18
N ARG B 296 -21.28 41.90 -13.64
CA ARG B 296 -21.33 43.15 -14.37
C ARG B 296 -20.65 42.98 -15.72
N PHE B 297 -20.65 44.06 -16.50
CA PHE B 297 -20.00 44.01 -17.81
C PHE B 297 -19.72 45.44 -18.25
N GLU B 298 -18.72 45.59 -19.11
CA GLU B 298 -18.31 46.89 -19.62
C GLU B 298 -18.41 46.93 -21.14
N VAL B 299 -18.81 48.09 -21.66
CA VAL B 299 -18.97 48.31 -23.09
C VAL B 299 -18.40 49.68 -23.43
N LYS B 300 -17.71 49.77 -24.56
CA LYS B 300 -17.12 51.03 -25.02
C LYS B 300 -17.85 51.40 -26.31
N ILE B 301 -18.90 52.21 -26.18
CA ILE B 301 -19.66 52.62 -27.36
C ILE B 301 -19.11 53.92 -27.91
N GLU B 302 -19.07 54.01 -29.24
CA GLU B 302 -18.58 55.20 -29.95
C GLU B 302 -19.29 55.22 -31.29
N VAL B 303 -20.33 56.04 -31.39
CA VAL B 303 -21.11 56.16 -32.62
C VAL B 303 -20.51 57.34 -33.37
N LYS B 304 -19.46 57.06 -34.13
CA LYS B 304 -18.75 58.08 -34.91
C LYS B 304 -19.42 58.26 -36.27
N SER B 305 -19.92 59.46 -36.54
CA SER B 305 -20.59 59.74 -37.80
C SER B 305 -20.27 61.15 -38.29
N GLU C 24 -33.77 21.42 2.64
CA GLU C 24 -33.08 22.12 1.56
C GLU C 24 -34.04 23.02 0.79
N GLY C 25 -33.85 23.11 -0.52
CA GLY C 25 -34.69 23.92 -1.35
C GLY C 25 -34.11 25.28 -1.73
N PRO C 26 -34.87 26.34 -1.45
CA PRO C 26 -34.40 27.70 -1.79
C PRO C 26 -33.09 28.10 -1.14
N ASP C 27 -32.88 27.77 0.13
CA ASP C 27 -31.66 28.14 0.85
C ASP C 27 -30.51 27.13 0.67
N ASN C 28 -30.44 26.45 -0.47
CA ASN C 28 -29.38 25.48 -0.73
C ASN C 28 -28.08 26.17 -1.15
N ASP C 29 -27.63 27.10 -0.30
CA ASP C 29 -26.40 27.84 -0.59
C ASP C 29 -25.15 27.00 -0.38
N GLU C 30 -25.18 26.04 0.53
CA GLU C 30 -24.02 25.19 0.78
C GLU C 30 -23.60 24.40 -0.45
N ARG C 31 -24.54 24.08 -1.35
CA ARG C 31 -24.24 23.32 -2.56
C ARG C 31 -23.28 24.06 -3.50
N PHE C 32 -22.89 25.29 -3.15
CA PHE C 32 -21.97 26.07 -3.98
C PHE C 32 -20.79 26.62 -3.18
N THR C 33 -20.47 26.03 -2.04
CA THR C 33 -19.37 26.50 -1.21
C THR C 33 -18.39 25.37 -0.93
N TYR C 34 -17.11 25.74 -0.86
CA TYR C 34 -16.03 24.79 -0.59
C TYR C 34 -15.05 25.48 0.34
N ASP C 35 -14.63 24.78 1.39
CA ASP C 35 -13.69 25.33 2.37
C ASP C 35 -12.24 25.16 1.91
N TYR C 36 -11.86 25.99 0.93
CA TYR C 36 -10.50 25.92 0.42
C TYR C 36 -9.48 26.34 1.47
N TYR C 37 -9.88 27.20 2.40
CA TYR C 37 -8.98 27.66 3.45
C TYR C 37 -8.44 26.50 4.28
N ARG C 38 -9.34 25.70 4.86
CA ARG C 38 -8.92 24.56 5.66
C ARG C 38 -8.07 23.60 4.84
N LEU C 39 -8.41 23.46 3.56
CA LEU C 39 -7.65 22.56 2.70
C LEU C 39 -6.21 23.04 2.54
N ARG C 40 -6.04 24.35 2.34
CA ARG C 40 -4.69 24.88 2.20
C ARG C 40 -3.91 24.72 3.51
N VAL C 41 -4.58 24.97 4.64
CA VAL C 41 -3.91 24.83 5.94
C VAL C 41 -3.38 23.41 6.11
N VAL C 42 -4.24 22.41 5.88
CA VAL C 42 -3.79 21.02 6.04
C VAL C 42 -2.68 20.68 5.05
N GLY C 43 -2.85 21.06 3.77
CA GLY C 43 -1.81 20.76 2.80
C GLY C 43 -0.48 21.37 3.17
N LEU C 44 -0.49 22.51 3.86
CA LEU C 44 0.77 23.12 4.24
C LEU C 44 1.37 22.39 5.43
N ILE C 45 0.53 22.02 6.40
CA ILE C 45 1.04 21.28 7.55
C ILE C 45 1.74 20.01 7.07
N VAL C 46 1.08 19.28 6.16
CA VAL C 46 1.64 18.05 5.62
C VAL C 46 2.95 18.32 4.88
N ALA C 47 2.96 19.35 4.02
CA ALA C 47 4.19 19.66 3.28
C ALA C 47 5.35 19.90 4.25
N ALA C 48 5.09 20.69 5.29
CA ALA C 48 6.11 20.99 6.29
C ALA C 48 6.62 19.72 6.94
N VAL C 49 5.70 18.84 7.35
CA VAL C 49 6.10 17.58 7.99
C VAL C 49 7.00 16.78 7.07
N LEU C 50 6.58 16.61 5.81
CA LEU C 50 7.39 15.85 4.86
C LEU C 50 8.79 16.46 4.73
N CYS C 51 8.86 17.79 4.68
CA CYS C 51 10.16 18.45 4.56
C CYS C 51 11.04 18.14 5.77
N VAL C 52 10.44 18.19 6.96
CA VAL C 52 11.20 17.91 8.18
C VAL C 52 11.73 16.48 8.12
N ILE C 53 10.84 15.50 7.95
CA ILE C 53 11.25 14.10 7.86
C ILE C 53 12.42 13.95 6.90
N GLY C 54 12.32 14.61 5.74
CA GLY C 54 13.39 14.55 4.76
C GLY C 54 14.71 14.99 5.37
N ILE C 55 14.72 16.16 6.00
CA ILE C 55 15.94 16.67 6.63
C ILE C 55 16.46 15.67 7.65
N ILE C 56 15.57 15.12 8.47
CA ILE C 56 15.97 14.14 9.49
C ILE C 56 16.73 12.99 8.86
N ILE C 57 16.15 12.38 7.83
CA ILE C 57 16.79 11.27 7.14
C ILE C 57 18.14 11.69 6.57
N LEU C 58 18.20 12.87 5.96
CA LEU C 58 19.45 13.36 5.37
C LEU C 58 20.57 13.50 6.41
N LEU C 59 20.28 14.12 7.55
CA LEU C 59 21.31 14.31 8.57
C LEU C 59 21.45 13.13 9.53
N ALA C 60 20.60 12.11 9.46
CA ALA C 60 20.68 10.96 10.36
C ALA C 60 21.90 10.12 9.97
N GLY C 61 22.99 10.29 10.70
CA GLY C 61 24.22 9.55 10.45
C GLY C 61 25.43 10.42 10.72
N LYS C 62 25.27 11.72 10.50
CA LYS C 62 26.34 12.69 10.72
C LYS C 62 26.29 13.25 12.13
N CYS C 63 25.80 12.44 13.08
CA CYS C 63 25.68 12.79 14.48
C CYS C 63 25.29 11.53 15.27
N ASP D 36 -61.40 -32.96 24.45
CA ASP D 36 -61.29 -31.53 24.19
C ASP D 36 -61.73 -31.24 22.76
N LEU D 37 -63.04 -31.33 22.52
CA LEU D 37 -63.58 -31.07 21.19
C LEU D 37 -63.33 -29.61 20.83
N ASP D 38 -62.50 -29.38 19.82
CA ASP D 38 -62.20 -28.01 19.41
C ASP D 38 -63.36 -27.35 18.67
N GLU D 39 -64.08 -28.10 17.84
CA GLU D 39 -65.19 -27.48 17.12
C GLU D 39 -66.27 -27.01 18.09
N LEU D 40 -66.54 -27.78 19.15
CA LEU D 40 -67.56 -27.34 20.09
C LEU D 40 -67.07 -26.16 20.91
N LYS D 41 -65.78 -25.85 20.81
CA LYS D 41 -65.17 -24.74 21.50
C LYS D 41 -64.95 -23.58 20.55
N LYS D 42 -65.01 -23.84 19.24
CA LYS D 42 -64.83 -22.79 18.25
C LYS D 42 -66.13 -22.05 18.01
N GLU D 43 -67.26 -22.70 18.29
CA GLU D 43 -68.58 -22.12 18.12
C GLU D 43 -68.76 -20.94 19.07
N VAL D 44 -69.72 -20.07 18.73
CA VAL D 44 -69.98 -18.91 19.56
C VAL D 44 -70.76 -19.36 20.79
N SER D 45 -70.47 -18.73 21.93
CA SER D 45 -71.11 -19.05 23.19
C SER D 45 -72.64 -18.98 23.10
N MET D 46 -73.29 -19.90 23.79
CA MET D 46 -74.73 -20.03 23.87
C MET D 46 -75.09 -19.92 25.35
N ASP D 47 -76.38 -19.77 25.66
CA ASP D 47 -76.75 -19.64 27.06
C ASP D 47 -78.25 -19.86 27.24
N ASP D 48 -78.67 -19.75 28.51
CA ASP D 48 -80.05 -19.92 28.95
C ASP D 48 -80.57 -18.63 29.57
N HIS D 49 -79.99 -17.50 29.16
CA HIS D 49 -80.39 -16.19 29.68
C HIS D 49 -81.87 -15.92 29.48
N LYS D 50 -82.38 -16.18 28.27
CA LYS D 50 -83.80 -15.93 27.97
C LYS D 50 -84.66 -16.95 28.73
N LEU D 51 -84.82 -16.69 30.02
CA LEU D 51 -85.62 -17.54 30.90
C LEU D 51 -86.22 -16.63 31.96
N SER D 52 -86.67 -17.23 33.07
CA SER D 52 -87.27 -16.51 34.17
C SER D 52 -86.56 -16.92 35.45
N LEU D 53 -86.94 -16.30 36.56
CA LEU D 53 -86.30 -16.67 37.82
C LEU D 53 -86.82 -18.02 38.30
N ASP D 54 -88.09 -18.32 37.98
CA ASP D 54 -88.66 -19.60 38.39
C ASP D 54 -88.08 -20.71 37.54
N GLU D 55 -87.94 -20.48 36.23
CA GLU D 55 -87.38 -21.51 35.36
C GLU D 55 -85.93 -21.79 35.74
N LEU D 56 -85.18 -20.75 36.09
CA LEU D 56 -83.79 -20.92 36.48
C LEU D 56 -83.69 -21.72 37.77
N HIS D 57 -84.47 -21.33 38.78
CA HIS D 57 -84.44 -22.05 40.05
C HIS D 57 -84.95 -23.47 39.88
N ASN D 58 -85.82 -23.71 38.90
CA ASN D 58 -86.35 -25.05 38.67
C ASN D 58 -85.38 -25.90 37.86
N LYS D 59 -84.46 -25.27 37.12
CA LYS D 59 -83.50 -26.04 36.34
C LYS D 59 -82.27 -26.40 37.17
N TYR D 60 -81.73 -25.46 37.94
CA TYR D 60 -80.56 -25.80 38.74
C TYR D 60 -80.91 -26.20 40.17
N GLY D 61 -82.02 -25.71 40.70
CA GLY D 61 -82.43 -26.04 42.05
C GLY D 61 -81.87 -25.04 43.03
N THR D 62 -82.67 -24.08 43.48
CA THR D 62 -82.16 -23.10 44.42
C THR D 62 -83.26 -22.19 44.94
N ASP D 63 -83.20 -21.87 46.23
CA ASP D 63 -84.17 -21.00 46.88
C ASP D 63 -83.76 -19.56 46.60
N LEU D 64 -84.68 -18.77 46.05
CA LEU D 64 -84.37 -17.38 45.76
C LEU D 64 -84.16 -16.56 47.02
N THR D 65 -84.78 -16.95 48.14
CA THR D 65 -84.64 -16.21 49.39
C THR D 65 -83.84 -16.96 50.46
N ARG D 66 -83.54 -18.24 50.25
CA ARG D 66 -82.78 -19.00 51.24
C ARG D 66 -81.54 -19.66 50.67
N GLY D 67 -81.38 -19.72 49.36
CA GLY D 67 -80.21 -20.33 48.78
C GLY D 67 -80.21 -21.84 48.99
N LEU D 68 -79.03 -22.42 48.86
CA LEU D 68 -78.84 -23.85 49.04
C LEU D 68 -78.50 -24.19 50.48
N THR D 69 -78.48 -25.49 50.76
CA THR D 69 -78.17 -26.01 52.08
C THR D 69 -76.70 -26.43 52.09
N ASN D 70 -76.11 -26.44 53.30
CA ASN D 70 -74.70 -26.83 53.40
C ASN D 70 -74.47 -28.25 52.91
N ALA D 71 -75.36 -29.19 53.28
CA ALA D 71 -75.18 -30.56 52.82
C ALA D 71 -75.29 -30.65 51.30
N ARG D 72 -76.29 -29.97 50.72
CA ARG D 72 -76.46 -29.99 49.28
C ARG D 72 -75.30 -29.29 48.60
N ALA D 73 -74.82 -28.19 49.19
CA ALA D 73 -73.70 -27.45 48.61
C ALA D 73 -72.46 -28.34 48.55
N LYS D 74 -72.18 -29.06 49.64
CA LYS D 74 -71.02 -29.94 49.62
C LYS D 74 -71.22 -31.10 48.66
N GLU D 75 -72.47 -31.58 48.54
CA GLU D 75 -72.75 -32.68 47.63
C GLU D 75 -72.44 -32.26 46.20
N ILE D 76 -72.76 -31.01 45.85
CA ILE D 76 -72.48 -30.55 44.50
C ILE D 76 -71.00 -30.25 44.34
N LEU D 77 -70.38 -29.70 45.39
CA LEU D 77 -68.95 -29.39 45.35
C LEU D 77 -68.15 -30.63 45.02
N ALA D 78 -68.51 -31.76 45.64
CA ALA D 78 -67.81 -33.00 45.38
C ALA D 78 -68.33 -33.67 44.12
N ARG D 79 -69.55 -33.32 43.69
CA ARG D 79 -70.12 -33.91 42.48
C ARG D 79 -69.48 -33.39 41.20
N ASP D 80 -69.11 -32.10 41.14
CA ASP D 80 -68.51 -31.62 39.89
C ASP D 80 -67.16 -30.91 39.95
N GLY D 81 -66.67 -30.47 41.11
CA GLY D 81 -65.38 -29.83 41.12
C GLY D 81 -65.35 -28.36 41.54
N PRO D 82 -64.23 -27.94 42.11
CA PRO D 82 -64.09 -26.55 42.55
C PRO D 82 -64.14 -25.54 41.40
N ASN D 83 -64.56 -24.32 41.74
CA ASN D 83 -64.69 -23.22 40.80
C ASN D 83 -63.33 -22.55 40.54
N SER D 84 -62.38 -23.36 40.05
CA SER D 84 -61.05 -22.86 39.76
C SER D 84 -60.56 -23.40 38.43
N LEU D 85 -59.99 -22.52 37.62
CA LEU D 85 -59.48 -22.91 36.30
C LEU D 85 -58.33 -23.91 36.44
N THR D 86 -58.27 -24.83 35.47
CA THR D 86 -57.22 -25.84 35.47
C THR D 86 -55.87 -25.17 35.23
N PRO D 87 -54.80 -25.72 35.80
CA PRO D 87 -53.47 -25.14 35.59
C PRO D 87 -52.93 -25.45 34.22
N PRO D 88 -51.99 -24.65 33.70
CA PRO D 88 -51.43 -24.90 32.37
C PRO D 88 -50.60 -26.17 32.36
N PRO D 89 -50.31 -26.71 31.16
CA PRO D 89 -49.51 -27.94 31.05
C PRO D 89 -48.04 -27.66 31.31
N THR D 90 -47.55 -28.11 32.47
CA THR D 90 -46.17 -27.93 32.89
C THR D 90 -45.17 -28.44 31.85
N THR D 91 -43.87 -28.16 32.06
CA THR D 91 -42.85 -28.59 31.12
C THR D 91 -41.49 -28.78 31.76
N PRO D 92 -41.03 -30.03 31.93
CA PRO D 92 -39.72 -30.25 32.54
C PRO D 92 -38.61 -29.54 31.77
N GLU D 93 -37.52 -29.24 32.48
CA GLU D 93 -36.40 -28.54 31.85
C GLU D 93 -35.60 -29.39 30.86
N TRP D 94 -35.53 -30.70 31.07
CA TRP D 94 -34.75 -31.50 30.12
C TRP D 94 -35.44 -31.62 28.76
N ILE D 95 -36.73 -31.31 28.70
CA ILE D 95 -37.46 -31.40 27.44
C ILE D 95 -37.11 -30.20 26.56
N LYS D 96 -37.17 -28.99 27.13
CA LYS D 96 -36.83 -27.86 26.28
C LYS D 96 -35.36 -27.76 26.01
N PHE D 97 -34.57 -28.73 26.47
CA PHE D 97 -33.13 -28.74 26.22
C PHE D 97 -32.91 -29.68 25.04
N CYS D 98 -33.64 -30.80 25.07
CA CYS D 98 -33.52 -31.74 23.97
C CYS D 98 -34.07 -31.07 22.73
N ARG D 99 -35.03 -30.15 22.91
CA ARG D 99 -35.60 -29.45 21.78
C ARG D 99 -34.55 -28.57 21.11
N GLN D 100 -33.79 -27.83 21.91
CA GLN D 100 -32.75 -26.97 21.35
C GLN D 100 -31.62 -27.78 20.74
N LEU D 101 -31.44 -29.03 21.16
CA LEU D 101 -30.38 -29.83 20.57
C LEU D 101 -30.74 -30.30 19.16
N PHE D 102 -32.03 -30.24 18.81
CA PHE D 102 -32.56 -30.65 17.51
C PHE D 102 -33.02 -29.42 16.73
N GLY D 103 -33.77 -29.67 15.66
CA GLY D 103 -34.27 -28.60 14.82
C GLY D 103 -33.95 -28.88 13.36
N GLY D 104 -33.41 -27.90 12.65
CA GLY D 104 -33.09 -28.13 11.26
C GLY D 104 -31.60 -28.01 11.00
N PHE D 105 -30.95 -27.05 11.65
CA PHE D 105 -29.52 -26.85 11.48
C PHE D 105 -28.73 -27.84 12.33
N SER D 106 -29.10 -27.94 13.62
CA SER D 106 -28.43 -28.87 14.51
C SER D 106 -28.58 -30.29 14.02
N ILE D 107 -29.68 -30.59 13.33
CA ILE D 107 -29.87 -31.94 12.82
C ILE D 107 -28.88 -32.20 11.70
N LEU D 108 -28.62 -31.19 10.87
CA LEU D 108 -27.66 -31.35 9.79
C LEU D 108 -26.28 -31.62 10.39
N LEU D 109 -25.94 -30.88 11.45
CA LEU D 109 -24.62 -31.11 12.05
C LEU D 109 -24.57 -32.50 12.70
N TRP D 110 -25.72 -32.99 13.17
CA TRP D 110 -25.77 -34.30 13.80
C TRP D 110 -25.49 -35.38 12.75
N ILE D 111 -26.15 -35.27 11.59
CA ILE D 111 -25.92 -36.27 10.55
C ILE D 111 -24.48 -36.17 10.07
N GLY D 112 -23.89 -34.97 10.12
CA GLY D 112 -22.51 -34.85 9.69
C GLY D 112 -21.59 -35.61 10.62
N ALA D 113 -21.82 -35.48 11.94
CA ALA D 113 -20.99 -36.19 12.89
C ALA D 113 -21.16 -37.69 12.72
N ILE D 114 -22.39 -38.14 12.49
CA ILE D 114 -22.65 -39.57 12.30
C ILE D 114 -21.86 -40.08 11.10
N LEU D 115 -21.89 -39.33 10.00
CA LEU D 115 -21.16 -39.74 8.81
C LEU D 115 -19.66 -39.82 9.09
N CYS D 116 -19.13 -38.85 9.84
CA CYS D 116 -17.71 -38.86 10.15
C CYS D 116 -17.33 -40.13 10.91
N PHE D 117 -18.14 -40.50 11.90
CA PHE D 117 -17.80 -41.72 12.65
C PHE D 117 -17.97 -42.95 11.79
N LEU D 118 -18.88 -42.93 10.82
CA LEU D 118 -19.04 -44.10 9.96
C LEU D 118 -17.79 -44.29 9.11
N ALA D 119 -17.29 -43.19 8.53
CA ALA D 119 -16.09 -43.29 7.71
C ALA D 119 -14.90 -43.71 8.57
N TYR D 120 -14.88 -43.32 9.85
CA TYR D 120 -13.76 -43.72 10.68
C TYR D 120 -13.83 -45.22 10.95
N GLY D 121 -15.03 -45.73 11.19
CA GLY D 121 -15.18 -47.16 11.44
C GLY D 121 -14.70 -47.96 10.24
N ILE D 122 -15.10 -47.52 9.04
CA ILE D 122 -14.68 -48.22 7.83
C ILE D 122 -13.16 -48.20 7.69
N GLN D 123 -12.53 -47.04 7.95
CA GLN D 123 -11.07 -46.98 7.83
C GLN D 123 -10.39 -47.84 8.89
N ALA D 124 -11.00 -47.99 10.05
CA ALA D 124 -10.39 -48.80 11.11
C ALA D 124 -10.46 -50.28 10.79
N ALA D 125 -11.62 -50.75 10.29
CA ALA D 125 -11.75 -52.16 9.97
C ALA D 125 -11.12 -52.55 8.63
N THR D 126 -10.85 -51.59 7.74
CA THR D 126 -10.26 -51.91 6.46
C THR D 126 -8.74 -51.69 6.37
N GLU D 127 -8.22 -50.66 7.02
CA GLU D 127 -6.79 -50.39 6.96
C GLU D 127 -6.13 -50.30 8.34
N ASP D 128 -4.84 -50.65 8.37
CA ASP D 128 -4.04 -50.63 9.58
C ASP D 128 -3.38 -49.26 9.64
N GLU D 129 -3.28 -48.71 10.85
CA GLU D 129 -2.70 -47.40 11.17
C GLU D 129 -3.70 -46.32 10.73
N PRO D 130 -5.01 -46.54 10.90
CA PRO D 130 -6.00 -45.53 10.49
C PRO D 130 -5.81 -44.16 11.13
N ALA D 131 -5.85 -43.12 10.30
CA ALA D 131 -5.69 -41.77 10.82
C ALA D 131 -6.92 -41.42 11.65
N ASN D 132 -6.73 -40.60 12.68
CA ASN D 132 -7.81 -40.19 13.57
C ASN D 132 -8.44 -38.84 13.19
N ASP D 133 -8.23 -38.37 11.97
CA ASP D 133 -8.79 -37.09 11.54
C ASP D 133 -10.31 -37.05 11.67
N ASN D 134 -10.98 -38.09 11.15
CA ASN D 134 -12.44 -38.16 11.19
C ASN D 134 -12.99 -38.20 12.61
N LEU D 135 -12.31 -38.91 13.53
CA LEU D 135 -12.83 -38.96 14.89
C LEU D 135 -12.75 -37.59 15.56
N TYR D 136 -11.73 -36.81 15.22
CA TYR D 136 -11.60 -35.48 15.80
C TYR D 136 -12.71 -34.59 15.26
N LEU D 137 -12.89 -34.61 13.93
CA LEU D 137 -13.93 -33.78 13.32
C LEU D 137 -15.31 -34.13 13.88
N GLY D 138 -15.55 -35.42 14.17
CA GLY D 138 -16.85 -35.80 14.69
C GLY D 138 -17.09 -35.35 16.12
N VAL D 139 -16.07 -35.51 16.98
CA VAL D 139 -16.29 -35.07 18.36
C VAL D 139 -16.43 -33.55 18.37
N VAL D 140 -15.76 -32.85 17.46
CA VAL D 140 -15.85 -31.40 17.41
C VAL D 140 -17.26 -30.98 17.00
N LEU D 141 -17.84 -31.65 16.00
CA LEU D 141 -19.19 -31.30 15.58
C LEU D 141 -20.19 -31.53 16.71
N SER D 142 -20.03 -32.64 17.44
CA SER D 142 -20.95 -32.91 18.54
C SER D 142 -20.84 -31.83 19.61
N THR D 143 -19.61 -31.41 19.91
CA THR D 143 -19.40 -30.37 20.92
C THR D 143 -20.04 -29.06 20.47
N VAL D 144 -19.94 -28.75 19.18
CA VAL D 144 -20.52 -27.51 18.67
C VAL D 144 -22.02 -27.50 18.88
N VAL D 145 -22.68 -28.61 18.54
CA VAL D 145 -24.13 -28.69 18.72
C VAL D 145 -24.51 -28.55 20.19
N ILE D 146 -23.78 -29.23 21.08
CA ILE D 146 -24.08 -29.16 22.50
C ILE D 146 -23.94 -27.73 23.04
N VAL D 147 -22.85 -27.04 22.65
CA VAL D 147 -22.64 -25.68 23.14
C VAL D 147 -23.74 -24.74 22.64
N THR D 148 -24.11 -24.87 21.36
CA THR D 148 -25.17 -24.00 20.83
C THR D 148 -26.46 -24.22 21.58
N GLY D 149 -26.78 -25.48 21.88
CA GLY D 149 -28.00 -25.77 22.61
C GLY D 149 -27.98 -25.17 23.99
N CYS D 150 -26.84 -25.26 24.68
CA CYS D 150 -26.75 -24.71 26.03
C CYS D 150 -26.98 -23.20 26.02
N PHE D 151 -26.39 -22.50 25.05
CA PHE D 151 -26.56 -21.04 25.00
C PHE D 151 -28.02 -20.64 24.72
N SER D 152 -28.63 -21.24 23.69
CA SER D 152 -30.02 -20.90 23.37
C SER D 152 -30.96 -21.22 24.54
N TYR D 153 -30.72 -22.35 25.20
CA TYR D 153 -31.56 -22.73 26.32
C TYR D 153 -31.41 -21.74 27.48
N TYR D 154 -30.17 -21.30 27.74
CA TYR D 154 -29.96 -20.35 28.83
C TYR D 154 -30.71 -19.06 28.57
N GLN D 155 -30.75 -18.62 27.31
CA GLN D 155 -31.46 -17.37 27.02
C GLN D 155 -32.96 -17.53 27.24
N GLU D 156 -33.55 -18.61 26.71
CA GLU D 156 -34.98 -18.78 26.92
C GLU D 156 -35.31 -18.97 28.40
N ALA D 157 -34.35 -19.43 29.20
CA ALA D 157 -34.63 -19.60 30.63
C ALA D 157 -34.60 -18.25 31.31
N LYS D 158 -33.70 -17.37 30.86
CA LYS D 158 -33.62 -16.04 31.44
C LYS D 158 -34.97 -15.33 31.25
N SER D 159 -35.48 -15.41 30.02
CA SER D 159 -36.77 -14.78 29.75
C SER D 159 -37.88 -15.42 30.58
N SER D 160 -37.81 -16.74 30.80
CA SER D 160 -38.86 -17.37 31.59
C SER D 160 -38.82 -16.90 33.03
N ARG D 161 -37.63 -16.65 33.58
CA ARG D 161 -37.55 -16.19 34.97
C ARG D 161 -38.13 -14.78 35.10
N ILE D 162 -37.71 -13.88 34.21
CA ILE D 162 -38.25 -12.52 34.31
C ILE D 162 -39.75 -12.55 34.03
N MET D 163 -40.25 -13.58 33.34
CA MET D 163 -41.67 -13.65 33.06
C MET D 163 -42.42 -14.18 34.28
N ASP D 164 -41.79 -15.09 35.03
CA ASP D 164 -42.43 -15.64 36.23
C ASP D 164 -42.49 -14.60 37.32
N SER D 165 -41.62 -13.61 37.29
CA SER D 165 -41.70 -12.62 38.37
C SER D 165 -42.95 -11.67 38.25
N PHE D 166 -43.92 -11.91 37.36
CA PHE D 166 -45.09 -11.05 37.21
C PHE D 166 -46.41 -11.64 37.70
N LYS D 167 -46.53 -12.97 37.77
CA LYS D 167 -47.78 -13.61 38.22
C LYS D 167 -47.99 -13.46 39.73
N ASN D 168 -48.83 -12.49 40.11
CA ASN D 168 -49.15 -12.21 41.50
C ASN D 168 -50.59 -12.69 41.72
N MET D 169 -50.76 -13.82 42.42
CA MET D 169 -52.07 -14.39 42.69
C MET D 169 -52.41 -14.39 44.18
N VAL D 170 -53.29 -13.47 44.57
CA VAL D 170 -53.73 -13.34 45.96
C VAL D 170 -55.07 -14.05 46.10
N PRO D 171 -55.24 -14.92 47.10
CA PRO D 171 -56.53 -15.61 47.26
C PRO D 171 -57.70 -14.66 47.39
N GLN D 172 -58.86 -15.10 46.91
CA GLN D 172 -60.09 -14.31 46.93
C GLN D 172 -61.23 -15.13 47.48
N GLN D 173 -62.08 -14.49 48.30
CA GLN D 173 -63.24 -15.13 48.91
C GLN D 173 -64.52 -14.42 48.51
N ALA D 174 -65.53 -15.20 48.16
CA ALA D 174 -66.83 -14.71 47.74
C ALA D 174 -67.85 -14.78 48.88
N LEU D 175 -68.96 -14.07 48.70
CA LEU D 175 -70.04 -14.00 49.67
C LEU D 175 -71.20 -14.83 49.14
N VAL D 176 -71.44 -15.97 49.78
CA VAL D 176 -72.51 -16.89 49.42
C VAL D 176 -73.54 -16.93 50.54
N ILE D 177 -74.80 -17.12 50.17
CA ILE D 177 -75.91 -17.19 51.11
C ILE D 177 -76.42 -18.62 51.12
N ARG D 178 -76.24 -19.30 52.25
CA ARG D 178 -76.70 -20.67 52.41
C ARG D 178 -77.56 -20.80 53.65
N ASP D 179 -78.66 -21.54 53.52
CA ASP D 179 -79.62 -21.76 54.59
C ASP D 179 -80.19 -20.47 55.14
N GLY D 180 -79.98 -19.35 54.46
CA GLY D 180 -80.45 -18.06 54.90
C GLY D 180 -79.43 -17.21 55.60
N GLU D 181 -78.14 -17.56 55.52
CA GLU D 181 -77.10 -16.80 56.17
C GLU D 181 -75.99 -16.46 55.18
N LYS D 182 -75.37 -15.30 55.41
CA LYS D 182 -74.29 -14.80 54.58
C LYS D 182 -72.96 -15.28 55.13
N SER D 183 -72.12 -15.86 54.25
CA SER D 183 -70.82 -16.36 54.66
C SER D 183 -69.81 -16.10 53.55
N THR D 184 -68.58 -15.81 53.95
CA THR D 184 -67.51 -15.54 53.00
C THR D 184 -66.64 -16.78 52.94
N ILE D 185 -66.68 -17.48 51.80
CA ILE D 185 -65.91 -18.70 51.60
C ILE D 185 -64.99 -18.52 50.40
N ASN D 186 -63.91 -19.29 50.41
CA ASN D 186 -62.93 -19.25 49.33
C ASN D 186 -63.60 -19.39 47.98
N ALA D 187 -63.01 -18.75 46.96
CA ALA D 187 -63.58 -18.81 45.61
C ALA D 187 -63.59 -20.24 45.09
N GLU D 188 -62.70 -21.10 45.57
CA GLU D 188 -62.62 -22.48 45.14
C GLU D 188 -63.72 -23.35 45.75
N PHE D 189 -64.59 -22.78 46.58
CA PHE D 189 -65.67 -23.54 47.20
C PHE D 189 -67.05 -23.15 46.69
N VAL D 190 -67.13 -22.29 45.67
CA VAL D 190 -68.41 -21.87 45.13
C VAL D 190 -68.89 -22.94 44.15
N VAL D 191 -70.18 -23.25 44.21
CA VAL D 191 -70.76 -24.26 43.33
C VAL D 191 -71.91 -23.66 42.54
N ALA D 192 -72.48 -24.44 41.63
CA ALA D 192 -73.59 -23.97 40.81
C ALA D 192 -74.91 -24.16 41.55
N GLY D 193 -75.67 -23.08 41.67
CA GLY D 193 -76.97 -23.09 42.34
C GLY D 193 -77.05 -22.24 43.59
N ASP D 194 -75.95 -22.09 44.31
CA ASP D 194 -76.03 -21.27 45.52
C ASP D 194 -76.20 -19.80 45.16
N LEU D 195 -76.63 -19.01 46.15
CA LEU D 195 -76.84 -17.59 45.97
C LEU D 195 -75.54 -16.86 46.29
N VAL D 196 -75.18 -15.91 45.43
CA VAL D 196 -73.96 -15.13 45.62
C VAL D 196 -74.29 -13.66 45.55
N GLU D 197 -73.76 -12.90 46.51
CA GLU D 197 -73.97 -11.46 46.59
C GLU D 197 -72.65 -10.76 46.27
N VAL D 198 -72.75 -9.65 45.53
CA VAL D 198 -71.58 -8.87 45.15
C VAL D 198 -71.79 -7.43 45.59
N LYS D 199 -70.68 -6.74 45.79
CA LYS D 199 -70.63 -5.35 46.21
C LYS D 199 -69.57 -4.62 45.41
N GLY D 200 -69.84 -3.35 45.09
CA GLY D 200 -68.92 -2.51 44.34
C GLY D 200 -67.50 -2.57 44.87
N GLY D 201 -66.61 -3.18 44.10
CA GLY D 201 -65.21 -3.30 44.49
C GLY D 201 -64.73 -4.73 44.49
N ASP D 202 -65.68 -5.67 44.49
CA ASP D 202 -65.37 -7.09 44.49
C ASP D 202 -65.39 -7.64 43.07
N ARG D 203 -64.92 -8.87 42.93
CA ARG D 203 -64.85 -9.56 41.65
C ARG D 203 -65.92 -10.64 41.57
N ILE D 204 -66.55 -10.76 40.40
CA ILE D 204 -67.59 -11.76 40.18
C ILE D 204 -66.91 -13.12 40.20
N PRO D 205 -67.25 -14.01 41.14
CA PRO D 205 -66.60 -15.32 41.19
C PRO D 205 -66.79 -16.21 39.97
N ALA D 206 -68.03 -16.62 39.72
CA ALA D 206 -68.38 -17.48 38.59
C ALA D 206 -69.41 -16.77 37.70
N ASP D 207 -69.96 -17.52 36.74
CA ASP D 207 -70.96 -16.94 35.84
C ASP D 207 -72.29 -16.98 36.57
N LEU D 208 -72.76 -15.81 37.00
CA LEU D 208 -74.01 -15.61 37.73
C LEU D 208 -75.14 -15.15 36.84
N ARG D 209 -76.35 -15.26 37.38
CA ARG D 209 -77.61 -14.87 36.74
C ARG D 209 -78.21 -13.90 37.75
N ILE D 210 -78.09 -12.60 37.47
CA ILE D 210 -78.60 -11.56 38.36
C ILE D 210 -80.09 -11.75 38.61
N ILE D 211 -80.46 -11.70 39.89
CA ILE D 211 -81.85 -11.84 40.30
C ILE D 211 -82.39 -10.54 40.90
N SER D 212 -81.53 -9.72 41.51
CA SER D 212 -81.93 -8.46 42.13
C SER D 212 -80.68 -7.60 42.22
N ALA D 213 -80.73 -6.40 41.65
CA ALA D 213 -79.59 -5.49 41.69
C ALA D 213 -80.04 -4.12 42.18
N HIS D 214 -79.05 -3.34 42.65
CA HIS D 214 -79.30 -1.99 43.17
C HIS D 214 -78.23 -1.08 42.56
N GLY D 215 -78.48 -0.61 41.34
CA GLY D 215 -77.56 0.26 40.65
C GLY D 215 -76.17 -0.36 40.57
N CYS D 216 -76.13 -1.64 40.19
CA CYS D 216 -74.88 -2.37 40.07
C CYS D 216 -74.30 -2.30 38.67
N LYS D 217 -73.11 -1.71 38.55
CA LYS D 217 -72.40 -1.57 37.30
C LYS D 217 -71.27 -2.59 37.27
N VAL D 218 -70.90 -3.06 36.09
CA VAL D 218 -69.84 -4.03 35.95
C VAL D 218 -68.88 -3.61 34.85
N ASP D 219 -67.62 -4.06 34.98
CA ASP D 219 -66.55 -3.75 34.03
C ASP D 219 -66.29 -4.98 33.16
N ASN D 220 -66.86 -4.97 31.95
CA ASN D 220 -66.70 -6.06 30.98
C ASN D 220 -65.64 -5.75 29.93
N SER D 221 -64.56 -5.07 30.32
CA SER D 221 -63.50 -4.72 29.40
C SER D 221 -62.61 -5.91 29.04
N SER D 222 -62.23 -6.72 30.03
CA SER D 222 -61.36 -7.87 29.74
C SER D 222 -62.07 -8.92 28.90
N LEU D 223 -63.28 -9.31 29.28
CA LEU D 223 -64.01 -10.33 28.52
C LEU D 223 -64.66 -9.80 27.25
N THR D 224 -65.62 -8.89 27.37
CA THR D 224 -66.31 -8.34 26.20
C THR D 224 -65.66 -7.11 25.59
N GLY D 225 -64.68 -6.50 26.24
CA GLY D 225 -64.06 -5.33 25.65
C GLY D 225 -64.88 -4.05 25.68
N GLU D 226 -65.86 -3.95 26.57
CA GLU D 226 -66.70 -2.75 26.67
C GLU D 226 -65.98 -1.75 27.58
N SER D 227 -65.54 -0.64 26.99
CA SER D 227 -64.83 0.40 27.72
C SER D 227 -65.64 1.02 28.85
N GLU D 228 -66.96 1.09 28.73
CA GLU D 228 -67.68 1.70 29.83
C GLU D 228 -68.38 0.66 30.70
N PRO D 229 -68.70 1.02 31.96
CA PRO D 229 -69.38 0.08 32.85
C PRO D 229 -70.83 -0.16 32.51
N GLN D 230 -71.15 -1.38 32.06
CA GLN D 230 -72.52 -1.72 31.71
C GLN D 230 -73.30 -2.09 32.96
N THR D 231 -74.48 -1.49 33.12
CA THR D 231 -75.31 -1.76 34.29
C THR D 231 -75.92 -3.15 34.19
N ARG D 232 -75.87 -3.89 35.29
CA ARG D 232 -76.42 -5.25 35.36
C ARG D 232 -77.81 -5.18 35.97
N SER D 233 -78.82 -5.52 35.18
CA SER D 233 -80.20 -5.50 35.63
C SER D 233 -80.78 -6.91 35.62
N PRO D 234 -81.70 -7.22 36.54
CA PRO D 234 -82.28 -8.57 36.56
C PRO D 234 -83.08 -8.90 35.31
N GLU D 235 -83.56 -7.90 34.57
CA GLU D 235 -84.33 -8.14 33.37
C GLU D 235 -83.41 -8.48 32.19
N PHE D 236 -84.00 -9.12 31.18
CA PHE D 236 -83.27 -9.49 29.98
C PHE D 236 -83.44 -8.42 28.91
N SER D 237 -82.39 -8.20 28.11
CA SER D 237 -82.55 -7.17 27.10
C SER D 237 -82.12 -7.57 25.69
N SER D 238 -81.05 -8.34 25.53
CA SER D 238 -80.61 -8.73 24.20
C SER D 238 -80.44 -10.24 24.07
N GLU D 239 -80.66 -10.73 22.85
CA GLU D 239 -80.55 -12.15 22.53
C GLU D 239 -79.12 -12.67 22.72
N ASN D 240 -78.13 -11.78 22.64
CA ASN D 240 -76.74 -12.17 22.79
C ASN D 240 -76.39 -12.19 24.27
N PRO D 241 -75.92 -13.32 24.82
CA PRO D 241 -75.58 -13.34 26.25
C PRO D 241 -74.54 -12.31 26.65
N LEU D 242 -73.62 -11.94 25.76
CA LEU D 242 -72.62 -10.95 26.11
C LEU D 242 -73.21 -9.54 26.21
N GLU D 243 -74.38 -9.32 25.60
CA GLU D 243 -75.04 -8.03 25.61
C GLU D 243 -76.10 -7.87 26.69
N THR D 244 -76.71 -8.97 27.16
CA THR D 244 -77.72 -8.85 28.18
C THR D 244 -77.10 -8.39 29.50
N ARG D 245 -77.96 -7.83 30.36
CA ARG D 245 -77.54 -7.32 31.66
C ARG D 245 -77.88 -8.25 32.82
N ASN D 246 -78.57 -9.37 32.58
CA ASN D 246 -78.94 -10.29 33.65
C ASN D 246 -77.91 -11.40 33.87
N ILE D 247 -76.70 -11.25 33.35
CA ILE D 247 -75.67 -12.27 33.52
C ILE D 247 -74.34 -11.65 33.89
N ALA D 248 -73.75 -12.14 34.97
CA ALA D 248 -72.46 -11.66 35.46
C ALA D 248 -71.42 -12.61 34.87
N PHE D 249 -70.21 -12.11 34.64
CA PHE D 249 -69.18 -12.96 34.06
C PHE D 249 -67.97 -13.15 34.96
N PHE D 250 -67.32 -14.29 34.75
CA PHE D 250 -66.13 -14.66 35.49
C PHE D 250 -65.00 -13.67 35.22
N SER D 251 -64.28 -13.30 36.29
CA SER D 251 -63.15 -12.37 36.29
C SER D 251 -63.58 -10.91 36.14
N THR D 252 -64.87 -10.63 36.14
CA THR D 252 -65.33 -9.26 36.01
C THR D 252 -65.47 -8.65 37.40
N ASN D 253 -65.34 -7.33 37.49
CA ASN D 253 -65.44 -6.62 38.75
C ASN D 253 -66.62 -5.67 38.75
N CYS D 254 -67.28 -5.56 39.90
CA CYS D 254 -68.43 -4.69 40.08
C CYS D 254 -67.90 -3.32 40.49
N VAL D 255 -68.03 -2.34 39.59
CA VAL D 255 -67.54 -0.99 39.88
C VAL D 255 -68.33 -0.34 41.01
N GLU D 256 -69.63 -0.13 40.80
CA GLU D 256 -70.47 0.50 41.82
C GLU D 256 -71.82 -0.20 41.92
N GLY D 257 -72.28 -0.40 43.15
CA GLY D 257 -73.56 -1.03 43.43
C GLY D 257 -73.39 -2.42 44.03
N THR D 258 -74.54 -3.01 44.35
CA THR D 258 -74.61 -4.34 44.94
C THR D 258 -75.62 -5.16 44.15
N ALA D 259 -75.41 -6.47 44.14
CA ALA D 259 -76.33 -7.34 43.40
C ALA D 259 -76.32 -8.75 43.96
N ARG D 260 -77.32 -9.52 43.54
CA ARG D 260 -77.50 -10.91 43.95
C ARG D 260 -77.59 -11.75 42.67
N GLY D 261 -77.31 -13.04 42.79
CA GLY D 261 -77.39 -13.88 41.60
C GLY D 261 -77.14 -15.34 41.90
N VAL D 262 -77.66 -16.17 41.00
CA VAL D 262 -77.53 -17.62 41.08
C VAL D 262 -76.39 -18.05 40.18
N VAL D 263 -75.48 -18.85 40.71
CA VAL D 263 -74.33 -19.32 39.95
C VAL D 263 -74.83 -20.24 38.84
N VAL D 264 -74.70 -19.81 37.59
CA VAL D 264 -75.13 -20.61 36.46
C VAL D 264 -74.00 -21.47 35.94
N TYR D 265 -72.83 -20.87 35.73
CA TYR D 265 -71.66 -21.60 35.23
C TYR D 265 -70.54 -21.49 36.25
N THR D 266 -69.82 -22.59 36.46
CA THR D 266 -68.73 -22.63 37.42
C THR D 266 -67.56 -23.41 36.83
N GLY D 267 -66.37 -23.13 37.37
CA GLY D 267 -65.12 -23.76 36.97
C GLY D 267 -64.75 -23.49 35.53
N ASP D 268 -64.04 -24.46 34.94
CA ASP D 268 -63.59 -24.37 33.56
C ASP D 268 -64.74 -24.20 32.57
N ARG D 269 -65.95 -24.64 32.94
CA ARG D 269 -67.10 -24.52 32.04
C ARG D 269 -67.54 -23.08 31.82
N THR D 270 -66.90 -22.10 32.45
CA THR D 270 -67.29 -20.71 32.28
C THR D 270 -66.86 -20.20 30.90
N VAL D 271 -67.29 -18.98 30.57
CA VAL D 271 -66.95 -18.38 29.27
C VAL D 271 -65.43 -18.26 29.12
N MET D 272 -64.79 -17.51 30.02
CA MET D 272 -63.34 -17.37 29.91
C MET D 272 -62.64 -18.70 30.13
N GLY D 273 -63.33 -19.69 30.69
CA GLY D 273 -62.69 -20.98 30.90
C GLY D 273 -62.58 -21.67 29.56
N ARG D 274 -63.66 -21.64 28.77
CA ARG D 274 -63.63 -22.26 27.46
C ARG D 274 -62.66 -21.50 26.57
N ILE D 275 -62.58 -20.18 26.74
CA ILE D 275 -61.65 -19.40 25.91
C ILE D 275 -60.21 -19.80 26.23
N ALA D 276 -59.88 -19.92 27.52
CA ALA D 276 -58.52 -20.31 27.88
C ALA D 276 -58.21 -21.72 27.40
N THR D 277 -59.17 -22.63 27.54
CA THR D 277 -58.95 -24.00 27.08
C THR D 277 -58.74 -24.04 25.57
N LEU D 278 -59.45 -23.18 24.84
CA LEU D 278 -59.28 -23.14 23.39
C LEU D 278 -57.92 -22.59 23.04
N ALA D 279 -57.47 -21.56 23.77
CA ALA D 279 -56.17 -20.98 23.49
C ALA D 279 -55.08 -22.03 23.71
N SER D 280 -55.17 -22.78 24.82
CA SER D 280 -54.18 -23.81 25.08
C SER D 280 -54.27 -24.95 24.09
N GLY D 281 -55.46 -25.19 23.52
CA GLY D 281 -55.64 -26.25 22.55
C GLY D 281 -55.48 -25.79 21.12
N LEU D 282 -54.49 -24.97 20.87
CA LEU D 282 -54.19 -24.44 19.55
C LEU D 282 -52.74 -24.77 19.21
N GLU D 283 -52.45 -24.83 17.92
CA GLU D 283 -51.08 -25.14 17.52
C GLU D 283 -50.21 -23.89 17.66
N VAL D 284 -48.91 -24.06 17.41
CA VAL D 284 -47.97 -22.95 17.51
C VAL D 284 -47.73 -22.30 16.16
N GLY D 285 -47.31 -23.10 15.18
CA GLY D 285 -47.03 -22.61 13.85
C GLY D 285 -45.56 -22.72 13.50
N ARG D 286 -45.19 -22.07 12.41
CA ARG D 286 -43.80 -22.08 11.93
C ARG D 286 -43.45 -20.72 11.34
N THR D 287 -42.65 -19.94 12.07
CA THR D 287 -42.19 -18.60 11.69
C THR D 287 -41.50 -18.55 10.32
N PRO D 288 -41.09 -17.36 9.84
CA PRO D 288 -40.43 -17.30 8.51
C PRO D 288 -38.92 -17.54 8.48
N ILE D 289 -38.20 -17.08 9.51
CA ILE D 289 -36.75 -17.27 9.55
C ILE D 289 -36.42 -18.76 9.51
N ALA D 290 -37.27 -19.58 10.14
CA ALA D 290 -37.04 -21.02 10.14
C ALA D 290 -37.20 -21.59 8.74
N ILE D 291 -38.21 -21.12 8.00
CA ILE D 291 -38.42 -21.62 6.65
C ILE D 291 -37.24 -21.23 5.77
N GLU D 292 -36.66 -20.05 6.02
CA GLU D 292 -35.52 -19.64 5.21
C GLU D 292 -34.32 -20.53 5.52
N ILE D 293 -34.11 -20.84 6.79
CA ILE D 293 -32.98 -21.70 7.16
C ILE D 293 -33.17 -23.08 6.55
N GLU D 294 -34.42 -23.55 6.51
CA GLU D 294 -34.71 -24.86 5.95
C GLU D 294 -34.39 -24.90 4.45
N HIS D 295 -34.83 -23.88 3.70
CA HIS D 295 -34.53 -23.88 2.27
C HIS D 295 -33.02 -23.72 2.04
N PHE D 296 -32.34 -23.10 3.00
CA PHE D 296 -30.90 -22.91 2.88
C PHE D 296 -30.21 -24.27 3.00
N ILE D 297 -30.65 -25.06 3.98
CA ILE D 297 -30.07 -26.38 4.17
C ILE D 297 -30.40 -27.24 2.95
N HIS D 298 -31.57 -27.00 2.34
CA HIS D 298 -31.94 -27.77 1.15
C HIS D 298 -30.92 -27.56 0.04
N ILE D 299 -30.51 -26.30 -0.16
CA ILE D 299 -29.54 -26.03 -1.22
C ILE D 299 -28.16 -26.61 -0.85
N ILE D 300 -27.75 -26.42 0.40
CA ILE D 300 -26.44 -26.93 0.84
C ILE D 300 -26.35 -28.43 0.64
N THR D 301 -27.44 -29.16 0.95
CA THR D 301 -27.39 -30.60 0.77
C THR D 301 -27.48 -30.98 -0.69
N GLY D 302 -28.16 -30.18 -1.51
CA GLY D 302 -28.24 -30.50 -2.91
C GLY D 302 -26.86 -30.51 -3.54
N VAL D 303 -26.13 -29.40 -3.37
CA VAL D 303 -24.79 -29.36 -3.94
C VAL D 303 -23.83 -30.32 -3.26
N ALA D 304 -24.06 -30.69 -1.99
CA ALA D 304 -23.14 -31.61 -1.34
C ALA D 304 -23.31 -33.03 -1.87
N VAL D 305 -24.55 -33.51 -1.96
CA VAL D 305 -24.71 -34.86 -2.47
C VAL D 305 -24.41 -34.90 -3.96
N PHE D 306 -24.49 -33.76 -4.65
CA PHE D 306 -24.18 -33.79 -6.08
C PHE D 306 -22.68 -33.96 -6.27
N LEU D 307 -21.88 -33.18 -5.54
CA LEU D 307 -20.44 -33.31 -5.69
C LEU D 307 -19.96 -34.67 -5.19
N GLY D 308 -20.67 -35.27 -4.24
CA GLY D 308 -20.21 -36.57 -3.77
C GLY D 308 -20.54 -37.71 -4.71
N VAL D 309 -21.78 -37.79 -5.20
CA VAL D 309 -22.07 -38.90 -6.11
C VAL D 309 -21.29 -38.73 -7.42
N SER D 310 -20.99 -37.49 -7.80
CA SER D 310 -20.26 -37.31 -9.04
C SER D 310 -18.79 -37.70 -8.84
N PHE D 311 -18.17 -37.24 -7.75
CA PHE D 311 -16.79 -37.69 -7.66
C PHE D 311 -16.68 -39.15 -7.26
N PHE D 312 -17.83 -39.80 -7.01
CA PHE D 312 -17.80 -41.21 -6.65
C PHE D 312 -17.73 -41.99 -7.95
N ILE D 313 -18.57 -41.59 -8.92
CA ILE D 313 -18.52 -42.29 -10.18
C ILE D 313 -17.18 -42.00 -10.86
N LEU D 314 -16.67 -40.77 -10.71
CA LEU D 314 -15.39 -40.42 -11.32
C LEU D 314 -14.25 -41.23 -10.69
N SER D 315 -14.28 -41.41 -9.37
CA SER D 315 -13.21 -42.18 -8.75
C SER D 315 -13.30 -43.63 -9.19
N LEU D 316 -14.52 -44.14 -9.39
CA LEU D 316 -14.62 -45.53 -9.83
C LEU D 316 -14.16 -45.64 -11.28
N ILE D 317 -14.17 -44.53 -12.01
CA ILE D 317 -13.73 -44.53 -13.41
C ILE D 317 -12.22 -44.39 -13.50
N LEU D 318 -11.56 -43.98 -12.42
CA LEU D 318 -10.10 -43.83 -12.47
C LEU D 318 -9.33 -44.99 -11.87
N GLY D 319 -9.98 -46.07 -11.41
CA GLY D 319 -9.30 -47.23 -10.85
C GLY D 319 -9.46 -47.47 -9.35
N TYR D 320 -9.63 -46.42 -8.54
CA TYR D 320 -9.79 -46.64 -7.09
C TYR D 320 -10.81 -47.72 -6.74
N SER D 321 -10.67 -48.32 -5.57
CA SER D 321 -11.58 -49.36 -5.13
C SER D 321 -12.82 -48.75 -4.48
N TRP D 322 -13.81 -49.61 -4.25
CA TRP D 322 -15.06 -49.18 -3.63
C TRP D 322 -14.85 -48.65 -2.22
N LEU D 323 -14.14 -49.43 -1.39
CA LEU D 323 -13.85 -49.04 -0.01
C LEU D 323 -13.35 -47.61 0.11
N GLU D 324 -12.49 -47.19 -0.82
CA GLU D 324 -11.95 -45.83 -0.81
C GLU D 324 -12.96 -44.82 -1.32
N ALA D 325 -13.69 -45.17 -2.39
CA ALA D 325 -14.68 -44.26 -2.95
C ALA D 325 -15.77 -43.90 -1.94
N VAL D 326 -16.13 -44.85 -1.07
CA VAL D 326 -17.16 -44.56 -0.07
C VAL D 326 -16.66 -43.50 0.88
N ILE D 327 -15.40 -43.61 1.29
CA ILE D 327 -14.81 -42.63 2.20
C ILE D 327 -14.72 -41.30 1.50
N PHE D 328 -14.48 -41.30 0.20
CA PHE D 328 -14.39 -40.03 -0.54
C PHE D 328 -15.74 -39.35 -0.56
N LEU D 329 -16.80 -40.12 -0.78
CA LEU D 329 -18.15 -39.58 -0.82
C LEU D 329 -18.51 -38.94 0.52
N ILE D 330 -18.26 -39.68 1.60
CA ILE D 330 -18.57 -39.15 2.94
C ILE D 330 -17.73 -37.92 3.24
N GLY D 331 -16.45 -37.93 2.83
CA GLY D 331 -15.60 -36.79 3.09
C GLY D 331 -16.04 -35.53 2.38
N ILE D 332 -16.46 -35.65 1.12
CA ILE D 332 -16.89 -34.46 0.41
C ILE D 332 -18.22 -33.95 0.97
N ILE D 333 -19.10 -34.86 1.38
CA ILE D 333 -20.38 -34.42 1.94
C ILE D 333 -20.15 -33.70 3.25
N VAL D 334 -19.29 -34.25 4.11
CA VAL D 334 -19.02 -33.61 5.40
C VAL D 334 -18.33 -32.27 5.16
N ALA D 335 -17.35 -32.22 4.26
CA ALA D 335 -16.64 -30.98 3.97
C ALA D 335 -17.56 -29.87 3.49
N ASN D 336 -18.74 -30.21 2.96
CA ASN D 336 -19.64 -29.15 2.51
C ASN D 336 -20.66 -28.74 3.57
N VAL D 337 -20.35 -28.88 4.86
CA VAL D 337 -21.26 -28.52 5.94
C VAL D 337 -20.64 -27.41 6.79
N PRO D 338 -21.33 -26.26 6.97
CA PRO D 338 -20.78 -25.16 7.79
C PRO D 338 -20.92 -25.38 9.29
N GLU D 339 -19.83 -25.74 9.98
CA GLU D 339 -19.92 -25.96 11.42
C GLU D 339 -20.17 -24.67 12.20
N GLY D 340 -19.55 -23.57 11.79
CA GLY D 340 -19.73 -22.31 12.50
C GLY D 340 -20.90 -21.45 12.12
N LEU D 341 -21.61 -21.77 11.03
CA LEU D 341 -22.74 -20.94 10.67
C LEU D 341 -23.85 -21.03 11.72
N LEU D 342 -23.91 -22.14 12.45
CA LEU D 342 -24.94 -22.30 13.48
C LEU D 342 -24.69 -21.36 14.66
N ALA D 343 -23.46 -21.38 15.19
CA ALA D 343 -23.13 -20.52 16.31
C ALA D 343 -23.18 -19.06 15.90
N THR D 344 -22.75 -18.76 14.67
CA THR D 344 -22.78 -17.38 14.19
C THR D 344 -24.21 -16.87 14.08
N VAL D 345 -25.11 -17.69 13.51
CA VAL D 345 -26.50 -17.26 13.37
C VAL D 345 -27.17 -17.08 14.72
N THR D 346 -26.90 -18.00 15.66
CA THR D 346 -27.52 -17.88 16.98
C THR D 346 -27.04 -16.63 17.72
N VAL D 347 -25.73 -16.39 17.74
CA VAL D 347 -25.22 -15.22 18.43
C VAL D 347 -25.71 -13.94 17.74
N CYS D 348 -25.82 -13.96 16.41
CA CYS D 348 -26.30 -12.80 15.67
C CYS D 348 -27.70 -12.40 16.13
N LEU D 349 -28.61 -13.38 16.14
CA LEU D 349 -29.97 -13.10 16.56
C LEU D 349 -30.02 -12.64 18.01
N THR D 350 -29.21 -13.26 18.88
CA THR D 350 -29.21 -12.85 20.28
C THR D 350 -28.76 -11.39 20.44
N LEU D 351 -27.80 -10.97 19.60
CA LEU D 351 -27.33 -9.60 19.67
C LEU D 351 -28.48 -8.66 19.35
N THR D 352 -29.31 -9.03 18.37
CA THR D 352 -30.42 -8.12 18.09
C THR D 352 -31.48 -8.18 19.18
N ALA D 353 -31.49 -9.24 19.99
CA ALA D 353 -32.49 -9.34 21.06
C ALA D 353 -32.16 -8.46 22.26
N LYS D 354 -30.87 -8.29 22.57
CA LYS D 354 -30.52 -7.47 23.73
C LYS D 354 -30.94 -6.00 23.58
N ARG D 355 -30.90 -5.44 22.37
CA ARG D 355 -31.31 -4.04 22.21
C ARG D 355 -32.78 -3.90 22.60
N MET D 356 -33.61 -4.81 22.08
CA MET D 356 -35.02 -4.79 22.41
C MET D 356 -35.20 -4.86 23.91
N ALA D 357 -34.38 -5.68 24.57
CA ALA D 357 -34.49 -5.77 26.02
C ALA D 357 -34.08 -4.45 26.67
N ARG D 358 -33.27 -3.65 25.98
CA ARG D 358 -32.83 -2.37 26.53
C ARG D 358 -33.93 -1.33 26.42
N LYS D 359 -34.83 -1.47 25.44
CA LYS D 359 -35.92 -0.53 25.25
C LYS D 359 -37.24 -0.98 25.88
N ASN D 360 -37.23 -2.09 26.65
CA ASN D 360 -38.39 -2.67 27.34
C ASN D 360 -39.31 -3.47 26.44
N CYS D 361 -38.74 -4.20 25.48
CA CYS D 361 -39.48 -5.05 24.55
C CYS D 361 -38.90 -6.44 24.79
N LEU D 362 -39.64 -7.30 25.50
CA LEU D 362 -39.12 -8.64 25.79
C LEU D 362 -39.76 -9.72 24.92
N VAL D 363 -38.92 -10.59 24.37
CA VAL D 363 -39.35 -11.69 23.52
C VAL D 363 -39.12 -12.98 24.29
N LYS D 364 -40.11 -13.87 24.28
CA LYS D 364 -39.95 -15.13 25.00
C LYS D 364 -39.09 -16.12 24.22
N ASN D 365 -39.31 -16.21 22.92
CA ASN D 365 -38.54 -17.11 22.07
C ASN D 365 -37.34 -16.34 21.54
N LEU D 366 -36.58 -16.94 20.62
CA LEU D 366 -35.41 -16.27 20.07
C LEU D 366 -35.60 -15.84 18.62
N GLU D 367 -36.39 -16.55 17.83
CA GLU D 367 -36.63 -16.20 16.44
C GLU D 367 -37.75 -15.19 16.26
N ALA D 368 -38.54 -14.92 17.30
CA ALA D 368 -39.64 -13.96 17.20
C ALA D 368 -39.16 -12.52 17.02
N VAL D 369 -37.84 -12.30 16.95
CA VAL D 369 -37.31 -10.95 16.78
C VAL D 369 -37.36 -10.51 15.31
N GLU D 370 -37.36 -11.44 14.37
CA GLU D 370 -37.40 -11.14 12.95
C GLU D 370 -38.81 -11.07 12.37
N THR D 371 -39.77 -11.79 12.96
CA THR D 371 -41.14 -11.79 12.46
C THR D 371 -41.72 -10.38 12.32
N LEU D 372 -41.34 -9.46 13.22
CA LEU D 372 -41.88 -8.10 13.12
C LEU D 372 -41.49 -7.42 11.82
N GLY D 373 -40.24 -7.57 11.39
CA GLY D 373 -39.80 -6.94 10.16
C GLY D 373 -40.50 -7.47 8.91
N SER D 374 -40.88 -8.75 8.91
CA SER D 374 -41.55 -9.36 7.77
C SER D 374 -43.06 -9.18 7.80
N THR D 375 -43.63 -8.59 8.85
CA THR D 375 -45.07 -8.40 8.93
C THR D 375 -45.54 -7.41 7.87
N SER D 376 -46.74 -7.67 7.34
CA SER D 376 -47.35 -6.82 6.32
C SER D 376 -48.81 -6.51 6.61
N THR D 377 -49.34 -6.96 7.75
CA THR D 377 -50.73 -6.72 8.11
C THR D 377 -50.81 -6.84 9.63
N ILE D 378 -51.02 -5.73 10.32
CA ILE D 378 -51.11 -5.71 11.77
C ILE D 378 -52.57 -5.56 12.18
N CYS D 379 -53.06 -6.55 12.93
CA CYS D 379 -54.43 -6.57 13.43
C CYS D 379 -54.34 -6.11 14.88
N SER D 380 -54.91 -4.94 15.16
CA SER D 380 -54.86 -4.42 16.52
C SER D 380 -56.19 -4.40 17.26
N PHD D 381 -56.08 -4.26 18.59
CA PHD D 381 -57.24 -4.23 19.46
C PHD D 381 -57.43 -2.73 19.86
O PHD D 381 -56.45 -1.94 19.80
CB PHD D 381 -57.09 -5.10 20.71
CG PHD D 381 -58.17 -4.98 21.78
OD1 PHD D 381 -59.32 -5.54 21.52
OD2 PHD D 381 -58.04 -4.39 22.87
P PHD D 381 -60.50 -5.06 22.34
OP1 PHD D 381 -60.84 -3.66 21.93
OP2 PHD D 381 -61.68 -5.97 22.10
OP3 PHD D 381 -60.13 -5.08 23.80
N LYS D 382 -58.64 -2.34 20.24
CA LYS D 382 -58.91 -0.96 20.62
C LYS D 382 -58.79 -0.73 22.12
N THR D 383 -59.69 -1.34 22.89
CA THR D 383 -59.67 -1.18 24.34
C THR D 383 -58.45 -1.85 24.95
N GLY D 384 -57.64 -1.06 25.65
CA GLY D 384 -56.43 -1.54 26.30
C GLY D 384 -55.18 -1.51 25.45
N THR D 385 -55.31 -1.49 24.13
CA THR D 385 -54.16 -1.47 23.24
C THR D 385 -54.07 -0.15 22.48
N LEU D 386 -55.09 0.19 21.69
CA LEU D 386 -55.07 1.43 20.94
C LEU D 386 -55.42 2.62 21.83
N THR D 387 -56.18 2.39 22.90
CA THR D 387 -56.60 3.43 23.83
C THR D 387 -55.98 3.18 25.20
N GLN D 388 -56.40 3.99 26.18
CA GLN D 388 -55.92 3.89 27.55
C GLN D 388 -56.90 3.25 28.50
N ASN D 389 -58.12 2.96 28.05
CA ASN D 389 -59.16 2.34 28.88
C ASN D 389 -59.45 3.17 30.14
N ARG D 390 -59.34 4.50 30.01
CA ARG D 390 -59.59 5.39 31.13
C ARG D 390 -60.34 6.62 30.63
N MET D 391 -61.49 6.90 31.25
CA MET D 391 -62.27 8.06 30.86
C MET D 391 -61.53 9.34 31.18
N THR D 392 -61.49 10.27 30.23
CA THR D 392 -60.80 11.53 30.42
C THR D 392 -61.57 12.65 29.75
N VAL D 393 -61.61 13.82 30.41
CA VAL D 393 -62.31 14.99 29.89
C VAL D 393 -61.63 15.41 28.59
N ALA D 394 -62.33 15.30 27.48
CA ALA D 394 -61.78 15.66 26.18
C ALA D 394 -62.07 17.10 25.76
N HIS D 395 -63.35 17.45 25.63
CA HIS D 395 -63.73 18.80 25.21
C HIS D 395 -64.63 19.47 26.23
N MET D 396 -64.54 20.80 26.28
CA MET D 396 -65.33 21.63 27.19
C MET D 396 -65.93 22.80 26.43
N TRP D 397 -67.16 23.15 26.76
CA TRP D 397 -67.85 24.26 26.12
C TRP D 397 -68.07 25.39 27.12
N PHE D 398 -67.70 26.60 26.72
CA PHE D 398 -67.86 27.79 27.57
C PHE D 398 -67.51 29.01 26.72
N ASP D 399 -68.25 30.10 26.95
CA ASP D 399 -68.07 31.35 26.24
C ASP D 399 -68.18 31.15 24.73
N ASN D 400 -69.23 30.44 24.32
CA ASN D 400 -69.51 30.13 22.91
C ASN D 400 -68.24 29.78 22.15
N GLN D 401 -67.47 28.85 22.71
CA GLN D 401 -66.22 28.42 22.09
C GLN D 401 -65.83 27.06 22.61
N ILE D 402 -65.50 26.15 21.68
CA ILE D 402 -65.09 24.80 22.06
C ILE D 402 -63.62 24.82 22.46
N HIS D 403 -63.32 24.22 23.61
CA HIS D 403 -61.96 24.17 24.12
C HIS D 403 -61.55 22.71 24.26
N GLU D 404 -60.29 22.43 23.92
CA GLU D 404 -59.74 21.09 23.97
C GLU D 404 -58.78 20.97 25.14
N ALA D 405 -58.83 19.84 25.83
CA ALA D 405 -57.97 19.57 26.98
C ALA D 405 -56.98 18.48 26.62
N ASP D 406 -55.86 18.46 27.35
CA ASP D 406 -54.82 17.47 27.10
C ASP D 406 -55.26 16.12 27.66
N THR D 407 -55.32 15.12 26.80
CA THR D 407 -55.73 13.78 27.18
C THR D 407 -54.61 12.78 26.93
N THR D 408 -53.39 13.10 27.35
CA THR D 408 -52.24 12.24 27.16
C THR D 408 -51.64 11.84 28.52
N GLU D 409 -51.29 10.56 28.63
CA GLU D 409 -50.71 9.96 29.82
C GLU D 409 -49.69 10.83 30.55
N ASN D 410 -48.62 11.24 29.85
CA ASN D 410 -47.59 12.07 30.46
C ASN D 410 -47.90 13.55 30.47
N GLN D 411 -49.09 13.97 30.03
CA GLN D 411 -49.47 15.38 29.99
C GLN D 411 -48.46 16.23 29.23
N SER D 412 -48.37 15.96 27.93
CA SER D 412 -47.47 16.65 27.02
C SER D 412 -48.31 17.25 25.90
N GLY D 413 -48.87 18.43 26.14
CA GLY D 413 -49.69 19.07 25.12
C GLY D 413 -49.89 20.57 25.24
N ALA D 414 -51.09 21.03 24.92
CA ALA D 414 -51.45 22.45 24.97
C ALA D 414 -52.53 22.73 26.00
N ALA D 415 -52.37 23.82 26.74
CA ALA D 415 -53.33 24.22 27.76
C ALA D 415 -54.60 24.75 27.08
N PHE D 416 -55.64 25.02 27.88
CA PHE D 416 -56.89 25.53 27.32
C PHE D 416 -57.22 26.96 27.72
N ASP D 417 -56.21 27.82 27.93
CA ASP D 417 -56.43 29.23 28.28
C ASP D 417 -57.20 29.39 29.59
N LYS D 418 -56.53 29.06 30.70
CA LYS D 418 -57.15 29.17 32.02
C LYS D 418 -57.11 30.60 32.57
N THR D 419 -57.58 31.58 31.79
CA THR D 419 -57.56 32.96 32.24
C THR D 419 -58.93 33.63 32.36
N SER D 420 -60.02 32.96 32.02
CA SER D 420 -61.34 33.56 32.13
C SER D 420 -62.05 33.15 33.41
N ALA D 421 -63.02 33.98 33.81
CA ALA D 421 -63.78 33.70 35.03
C ALA D 421 -64.73 32.54 34.81
N THR D 422 -65.21 32.37 33.57
CA THR D 422 -66.11 31.27 33.25
C THR D 422 -65.49 29.94 33.65
N TRP D 423 -64.21 29.76 33.31
CA TRP D 423 -63.52 28.53 33.66
C TRP D 423 -63.49 28.34 35.17
N SER D 424 -63.30 29.42 35.92
CA SER D 424 -63.27 29.32 37.38
C SER D 424 -64.62 28.83 37.90
N ALA D 425 -65.72 29.41 37.38
CA ALA D 425 -67.04 28.98 37.81
C ALA D 425 -67.27 27.53 37.46
N LEU D 426 -66.80 27.12 36.28
CA LEU D 426 -66.96 25.73 35.84
C LEU D 426 -66.20 24.79 36.78
N SER D 427 -64.99 25.20 37.16
CA SER D 427 -64.19 24.38 38.06
C SER D 427 -64.87 24.26 39.42
N ARG D 428 -65.49 25.34 39.88
CA ARG D 428 -66.17 25.28 41.17
C ARG D 428 -67.38 24.35 41.10
N ILE D 429 -68.14 24.42 40.01
CA ILE D 429 -69.31 23.55 39.85
C ILE D 429 -68.89 22.09 39.82
N ALA D 430 -67.92 21.76 38.97
CA ALA D 430 -67.46 20.37 38.87
C ALA D 430 -66.83 19.87 40.15
N ALA D 431 -65.95 20.67 40.76
CA ALA D 431 -65.28 20.25 42.00
C ALA D 431 -66.24 20.13 43.17
N LEU D 432 -67.35 20.88 43.18
CA LEU D 432 -68.29 20.79 44.29
C LEU D 432 -69.35 19.71 44.04
N CYS D 433 -70.06 19.80 42.93
CA CYS D 433 -71.10 18.81 42.61
C CYS D 433 -70.43 17.54 42.12
N ASN D 434 -69.77 16.86 43.05
CA ASN D 434 -69.07 15.61 42.77
C ASN D 434 -68.80 14.95 44.12
N ARG D 435 -69.14 13.66 44.22
CA ARG D 435 -68.95 12.91 45.46
C ARG D 435 -67.73 12.00 45.45
N ALA D 436 -66.99 11.91 44.36
CA ALA D 436 -65.81 11.05 44.34
C ALA D 436 -64.61 11.73 45.00
N VAL D 437 -63.73 10.91 45.57
CA VAL D 437 -62.53 11.38 46.24
C VAL D 437 -61.43 10.36 46.04
N PHE D 438 -60.19 10.85 45.88
CA PHE D 438 -59.06 9.96 45.67
C PHE D 438 -58.95 8.97 46.82
N GLN D 439 -58.48 7.76 46.50
CA GLN D 439 -58.31 6.73 47.50
C GLN D 439 -57.16 7.08 48.43
N ALA D 440 -57.36 6.85 49.73
CA ALA D 440 -56.33 7.14 50.72
C ALA D 440 -54.98 6.54 50.31
N GLY D 441 -53.91 7.25 50.64
CA GLY D 441 -52.56 6.81 50.32
C GLY D 441 -52.09 6.81 48.87
N GLN D 442 -52.41 7.87 48.11
CA GLN D 442 -52.01 7.97 46.71
C GLN D 442 -51.10 9.17 46.47
N ASP D 443 -50.63 9.81 47.54
CA ASP D 443 -49.75 10.97 47.50
C ASP D 443 -48.50 10.79 46.66
N ASN D 444 -48.20 9.56 46.25
CA ASN D 444 -47.00 9.30 45.46
C ASN D 444 -47.26 9.16 43.96
N VAL D 445 -48.29 8.41 43.56
CA VAL D 445 -48.60 8.23 42.14
C VAL D 445 -48.96 9.56 41.48
N PRO D 446 -49.02 9.62 40.14
CA PRO D 446 -49.37 10.87 39.47
C PRO D 446 -50.87 11.15 39.57
N ILE D 447 -51.23 12.35 39.13
CA ILE D 447 -52.63 12.80 39.15
C ILE D 447 -53.54 11.94 38.27
N LEU D 448 -53.01 11.34 37.21
CA LEU D 448 -53.88 10.53 36.36
C LEU D 448 -53.93 9.04 36.72
N LYS D 449 -52.82 8.45 37.15
CA LYS D 449 -52.82 7.03 37.49
C LYS D 449 -53.30 6.71 38.91
N ARG D 450 -53.81 7.66 39.68
CA ARG D 450 -54.24 7.26 41.02
C ARG D 450 -55.64 6.67 41.00
N SER D 451 -55.94 5.90 42.04
CA SER D 451 -57.23 5.25 42.19
C SER D 451 -58.27 6.23 42.73
N VAL D 452 -59.45 6.25 42.10
CA VAL D 452 -60.53 7.13 42.51
C VAL D 452 -61.77 6.28 42.74
N ALA D 453 -62.36 6.39 43.93
CA ALA D 453 -63.55 5.64 44.29
C ALA D 453 -64.78 6.42 43.84
N GLY D 454 -65.47 5.91 42.83
CA GLY D 454 -66.65 6.55 42.31
C GLY D 454 -66.87 6.18 40.86
N ASP D 455 -67.82 6.87 40.25
CA ASP D 455 -68.15 6.64 38.86
C ASP D 455 -67.00 7.10 37.96
N ALA D 456 -67.05 6.69 36.69
CA ALA D 456 -66.01 7.07 35.75
C ALA D 456 -66.10 8.53 35.35
N SER D 457 -67.33 9.03 35.13
CA SER D 457 -67.50 10.43 34.76
C SER D 457 -67.03 11.35 35.87
N GLU D 458 -67.46 11.08 37.10
CA GLU D 458 -67.05 11.92 38.22
C GLU D 458 -65.55 11.80 38.44
N SER D 459 -64.97 10.63 38.17
CA SER D 459 -63.54 10.45 38.35
C SER D 459 -62.78 11.31 37.34
N ALA D 460 -63.23 11.32 36.09
CA ALA D 460 -62.56 12.12 35.07
C ALA D 460 -62.66 13.60 35.42
N LEU D 461 -63.84 14.04 35.88
CA LEU D 461 -64.01 15.45 36.25
C LEU D 461 -63.09 15.81 37.41
N LEU D 462 -63.03 14.94 38.43
CA LEU D 462 -62.18 15.20 39.58
C LEU D 462 -60.72 15.27 39.16
N LYS D 463 -60.29 14.37 38.25
CA LYS D 463 -58.91 14.38 37.81
C LYS D 463 -58.58 15.65 37.03
N CYS D 464 -59.50 16.11 36.18
CA CYS D 464 -59.22 17.32 35.41
C CYS D 464 -59.13 18.53 36.34
N ILE D 465 -60.01 18.60 37.34
CA ILE D 465 -59.98 19.72 38.26
C ILE D 465 -58.71 19.67 39.11
N GLU D 466 -58.33 18.48 39.57
CA GLU D 466 -57.12 18.36 40.38
C GLU D 466 -55.87 18.61 39.52
N LEU D 467 -56.01 18.47 38.21
CA LEU D 467 -54.90 18.67 37.28
C LEU D 467 -54.64 20.15 37.02
N CYS D 468 -55.67 20.91 36.66
CA CYS D 468 -55.46 22.33 36.38
C CYS D 468 -56.12 23.29 37.38
N CYS D 469 -56.43 22.82 38.59
CA CYS D 469 -57.04 23.72 39.57
C CYS D 469 -56.54 23.47 40.99
N GLY D 470 -55.46 22.73 41.15
CA GLY D 470 -54.92 22.45 42.47
C GLY D 470 -55.76 21.45 43.26
N SER D 471 -55.31 21.22 44.50
CA SER D 471 -55.95 20.30 45.44
C SER D 471 -57.46 20.47 45.56
N VAL D 472 -58.22 19.46 45.14
CA VAL D 472 -59.67 19.53 45.22
C VAL D 472 -60.14 19.39 46.66
N GLN D 473 -59.36 18.72 47.51
CA GLN D 473 -59.77 18.57 48.91
C GLN D 473 -59.89 19.92 49.59
N GLY D 474 -59.07 20.89 49.18
CA GLY D 474 -59.14 22.20 49.78
C GLY D 474 -60.24 23.01 49.13
N MET D 475 -60.47 22.76 47.84
CA MET D 475 -61.52 23.47 47.13
C MET D 475 -62.88 23.06 47.68
N ARG D 476 -62.97 21.81 48.16
CA ARG D 476 -64.19 21.28 48.74
C ARG D 476 -64.33 21.72 50.18
N ASP D 477 -63.22 21.77 50.92
CA ASP D 477 -63.34 22.20 52.31
C ASP D 477 -63.51 23.71 52.41
N ARG D 478 -63.22 24.43 51.33
CA ARG D 478 -63.35 25.87 51.28
C ARG D 478 -64.81 26.30 51.18
N ASN D 479 -65.68 25.38 50.76
CA ASN D 479 -67.12 25.60 50.60
C ASN D 479 -67.84 24.39 51.19
N PRO D 480 -68.44 24.53 52.37
CA PRO D 480 -69.13 23.39 52.99
C PRO D 480 -70.46 23.06 52.31
N LYS D 481 -70.61 21.80 51.90
CA LYS D 481 -71.82 21.34 51.24
C LYS D 481 -72.94 21.21 52.27
N ILE D 482 -74.03 21.96 52.08
CA ILE D 482 -75.13 21.89 53.02
C ILE D 482 -76.17 20.83 52.66
N VAL D 483 -76.74 20.90 51.47
CA VAL D 483 -77.76 19.89 51.10
C VAL D 483 -77.53 19.39 49.69
N GLU D 484 -77.58 18.07 49.51
CA GLU D 484 -77.38 17.46 48.21
C GLU D 484 -78.53 16.51 47.86
N ILE D 485 -78.95 16.55 46.60
CA ILE D 485 -80.02 15.71 46.09
C ILE D 485 -79.37 14.70 45.15
N PRO D 486 -79.34 13.41 45.50
CA PRO D 486 -78.71 12.40 44.63
C PRO D 486 -79.22 12.34 43.20
N PHE D 487 -78.56 11.51 42.40
CA PHE D 487 -78.91 11.33 40.99
C PHE D 487 -80.03 10.31 40.83
N ASN D 488 -81.19 10.80 40.42
CA ASN D 488 -82.37 9.98 40.18
C ASN D 488 -82.39 9.55 38.72
N SER D 489 -83.08 8.44 38.45
CA SER D 489 -83.13 8.00 37.06
C SER D 489 -84.16 8.81 36.28
N THR D 490 -85.02 9.52 36.99
CA THR D 490 -86.07 10.38 36.45
C THR D 490 -85.59 11.83 36.40
N ASN D 491 -84.97 12.30 37.48
CA ASN D 491 -84.47 13.67 37.54
C ASN D 491 -83.32 13.89 36.58
N LYS D 492 -82.53 12.84 36.30
CA LYS D 492 -81.39 12.89 35.40
C LYS D 492 -80.54 14.13 35.67
N TYR D 493 -80.33 14.44 36.94
CA TYR D 493 -79.54 15.60 37.33
C TYR D 493 -79.13 15.47 38.80
N GLN D 494 -77.95 15.99 39.10
CA GLN D 494 -77.39 15.97 40.44
C GLN D 494 -77.19 17.41 40.87
N LEU D 495 -77.82 17.82 41.96
CA LEU D 495 -77.71 19.19 42.45
C LEU D 495 -77.34 19.20 43.93
N SER D 496 -76.82 20.35 44.36
CA SER D 496 -76.43 20.52 45.75
C SER D 496 -76.12 21.97 46.03
N ILE D 497 -76.38 22.38 47.27
CA ILE D 497 -76.15 23.73 47.75
C ILE D 497 -75.08 23.69 48.83
N HIS D 498 -74.17 24.66 48.73
CA HIS D 498 -73.03 24.84 49.62
C HIS D 498 -72.91 26.31 49.97
N GLU D 499 -72.10 26.59 50.99
CA GLU D 499 -71.89 27.97 51.40
C GLU D 499 -70.93 28.63 50.43
N ASN D 500 -70.93 29.96 50.43
CA ASN D 500 -70.06 30.74 49.55
C ASN D 500 -68.86 31.20 50.35
N GLU D 501 -67.66 30.85 49.88
CA GLU D 501 -66.42 31.21 50.55
C GLU D 501 -66.07 32.69 50.43
N LYS D 502 -66.88 33.49 49.75
CA LYS D 502 -66.58 34.91 49.63
C LYS D 502 -66.70 35.57 50.99
N SER D 503 -65.61 36.20 51.45
CA SER D 503 -65.66 36.86 52.75
C SER D 503 -66.55 38.09 52.74
N SER D 504 -66.98 38.54 51.56
CA SER D 504 -67.83 39.70 51.40
C SER D 504 -69.26 39.33 51.04
N GLU D 505 -69.52 38.07 50.68
CA GLU D 505 -70.84 37.59 50.31
C GLU D 505 -71.14 36.32 51.08
N SER D 506 -72.16 36.37 51.94
CA SER D 506 -72.57 35.24 52.76
C SER D 506 -73.74 34.48 52.14
N ARG D 507 -74.03 34.72 50.86
CA ARG D 507 -75.13 34.04 50.18
C ARG D 507 -74.85 32.54 50.05
N TYR D 508 -75.76 31.85 49.39
CA TYR D 508 -75.67 30.41 49.17
C TYR D 508 -75.51 30.07 47.69
N LEU D 509 -74.70 29.07 47.40
CA LEU D 509 -74.45 28.64 46.03
C LEU D 509 -75.17 27.32 45.76
N LEU D 510 -75.78 27.22 44.57
CA LEU D 510 -76.50 26.04 44.13
C LEU D 510 -75.85 25.60 42.83
N VAL D 511 -75.49 24.32 42.73
CA VAL D 511 -74.86 23.82 41.52
C VAL D 511 -75.50 22.49 41.12
N MET D 512 -75.87 22.39 39.84
CA MET D 512 -76.48 21.18 39.32
C MET D 512 -75.77 20.80 38.02
N LYS D 513 -75.80 19.51 37.72
CA LYS D 513 -75.16 18.95 36.55
C LYS D 513 -75.99 17.81 36.01
N GLY D 514 -76.01 17.66 34.68
CA GLY D 514 -76.79 16.59 34.10
C GLY D 514 -76.79 16.60 32.59
N ALA D 515 -77.82 15.98 32.01
CA ALA D 515 -77.93 15.93 30.56
C ALA D 515 -78.07 17.34 29.99
N PRO D 516 -77.39 17.65 28.89
CA PRO D 516 -77.51 19.00 28.31
C PRO D 516 -78.92 19.43 27.97
N GLU D 517 -79.80 18.51 27.56
CA GLU D 517 -81.16 18.91 27.22
C GLU D 517 -81.94 19.28 28.47
N ARG D 518 -81.89 18.44 29.50
CA ARG D 518 -82.60 18.72 30.75
C ARG D 518 -82.10 20.01 31.39
N ILE D 519 -80.78 20.20 31.42
CA ILE D 519 -80.22 21.42 32.02
C ILE D 519 -80.57 22.63 31.16
N LEU D 520 -80.61 22.46 29.85
CA LEU D 520 -80.94 23.58 28.97
C LEU D 520 -82.39 24.03 29.20
N ASP D 521 -83.27 23.08 29.46
CA ASP D 521 -84.67 23.43 29.70
C ASP D 521 -84.88 24.08 31.07
N ARG D 522 -83.83 24.23 31.88
CA ARG D 522 -83.94 24.83 33.20
C ARG D 522 -83.11 26.10 33.36
N CYS D 523 -82.74 26.78 32.27
CA CYS D 523 -81.96 28.00 32.40
C CYS D 523 -82.56 29.14 31.59
N SER D 524 -82.10 30.34 31.93
CA SER D 524 -82.56 31.55 31.27
C SER D 524 -81.45 32.58 31.14
N THR D 525 -80.23 32.28 31.61
CA THR D 525 -79.10 33.19 31.53
C THR D 525 -77.88 32.39 31.11
N ILE D 526 -76.83 33.11 30.72
CA ILE D 526 -75.59 32.50 30.27
C ILE D 526 -74.43 33.35 30.76
N LEU D 527 -73.45 32.71 31.40
CA LEU D 527 -72.25 33.37 31.93
C LEU D 527 -71.25 33.50 30.79
N LEU D 528 -71.27 34.65 30.13
CA LEU D 528 -70.37 34.93 29.02
C LEU D 528 -69.23 35.83 29.49
N ASN D 529 -68.00 35.32 29.35
CA ASN D 529 -66.77 36.03 29.75
C ASN D 529 -66.82 36.55 31.18
N GLY D 530 -67.77 36.06 31.98
CA GLY D 530 -67.90 36.50 33.35
C GLY D 530 -69.25 37.15 33.59
N ALA D 531 -69.63 38.06 32.71
CA ALA D 531 -70.91 38.75 32.86
C ALA D 531 -72.05 37.78 32.52
N GLU D 532 -73.29 38.23 32.73
CA GLU D 532 -74.44 37.40 32.44
C GLU D 532 -75.18 38.00 31.25
N GLU D 533 -75.89 37.13 30.52
CA GLU D 533 -76.64 37.57 29.36
C GLU D 533 -77.88 36.69 29.23
N PRO D 534 -78.88 37.11 28.44
CA PRO D 534 -80.08 36.28 28.28
C PRO D 534 -79.77 35.04 27.46
N LEU D 535 -80.76 34.15 27.41
CA LEU D 535 -80.67 32.88 26.68
C LEU D 535 -81.40 32.94 25.35
N LYS D 536 -81.23 34.03 24.59
CA LYS D 536 -81.89 34.16 23.30
C LYS D 536 -81.58 32.98 22.39
N GLU D 537 -82.43 32.76 21.37
CA GLU D 537 -82.25 31.66 20.44
C GLU D 537 -80.89 31.61 19.75
N ASP D 538 -80.15 32.72 19.69
CA ASP D 538 -78.85 32.69 19.05
C ASP D 538 -77.91 31.76 19.81
N MET D 539 -77.79 31.97 21.11
CA MET D 539 -76.90 31.10 21.88
C MET D 539 -77.53 29.73 22.04
N LYS D 540 -78.86 29.61 21.93
CA LYS D 540 -79.49 28.31 22.05
C LYS D 540 -79.13 27.46 20.85
N GLU D 541 -79.04 28.08 19.67
CA GLU D 541 -78.68 27.34 18.48
C GLU D 541 -77.18 27.05 18.52
N ALA D 542 -76.41 27.96 19.10
CA ALA D 542 -74.97 27.70 19.18
C ALA D 542 -74.74 26.53 20.14
N PHE D 543 -75.61 26.40 21.14
CA PHE D 543 -75.48 25.32 22.10
C PHE D 543 -75.90 24.02 21.46
N GLN D 544 -76.89 24.07 20.56
CA GLN D 544 -77.32 22.85 19.89
C GLN D 544 -76.22 22.37 18.96
N ASN D 545 -75.58 23.31 18.25
CA ASN D 545 -74.50 22.93 17.34
C ASN D 545 -73.32 22.39 18.14
N ALA D 546 -73.06 22.96 19.32
CA ALA D 546 -71.95 22.48 20.13
C ALA D 546 -72.26 21.08 20.65
N TYR D 547 -73.52 20.84 21.01
CA TYR D 547 -73.93 19.54 21.51
C TYR D 547 -73.74 18.49 20.42
N LEU D 548 -74.16 18.81 19.20
CA LEU D 548 -74.01 17.83 18.12
C LEU D 548 -72.54 17.69 17.72
N GLU D 549 -71.73 18.73 17.93
CA GLU D 549 -70.31 18.64 17.59
C GLU D 549 -69.60 17.70 18.54
N LEU D 550 -69.85 17.87 19.85
CA LEU D 550 -69.22 17.00 20.82
C LEU D 550 -69.81 15.59 20.77
N GLY D 551 -71.09 15.47 20.40
CA GLY D 551 -71.71 14.15 20.32
C GLY D 551 -71.20 13.36 19.14
N GLY D 552 -71.05 14.01 17.98
CA GLY D 552 -70.56 13.31 16.80
C GLY D 552 -69.15 12.79 16.97
N LEU D 553 -68.39 13.35 17.91
CA LEU D 553 -67.02 12.94 18.19
C LEU D 553 -66.97 11.66 19.02
N GLY D 554 -68.10 11.02 19.26
CA GLY D 554 -68.14 9.80 20.04
C GLY D 554 -67.96 10.01 21.53
N GLU D 555 -68.04 11.24 22.00
CA GLU D 555 -67.88 11.58 23.41
C GLU D 555 -69.22 11.71 24.11
N ARG D 556 -69.16 11.68 25.44
CA ARG D 556 -70.32 11.82 26.31
C ARG D 556 -70.22 13.21 26.90
N VAL D 557 -71.23 14.05 26.64
CA VAL D 557 -71.25 15.43 27.12
C VAL D 557 -72.23 15.62 28.26
N LEU D 558 -71.86 16.48 29.21
CA LEU D 558 -72.63 16.81 30.38
C LEU D 558 -72.74 18.34 30.46
N GLY D 559 -73.71 18.81 31.23
CA GLY D 559 -73.93 20.24 31.40
C GLY D 559 -73.87 20.67 32.85
N PHE D 560 -73.12 21.73 33.13
CA PHE D 560 -72.95 22.27 34.46
C PHE D 560 -73.53 23.68 34.57
N CYS D 561 -74.35 23.91 35.59
CA CYS D 561 -74.95 25.22 35.78
C CYS D 561 -75.02 25.50 37.28
N HIS D 562 -75.20 26.77 37.62
CA HIS D 562 -75.26 27.16 39.02
C HIS D 562 -76.13 28.39 39.17
N PHE D 563 -76.38 28.76 40.42
CA PHE D 563 -77.20 29.92 40.72
C PHE D 563 -76.93 30.38 42.15
N ALA D 564 -76.95 31.70 42.34
CA ALA D 564 -76.72 32.30 43.64
C ALA D 564 -78.08 32.53 44.29
N LEU D 565 -78.37 31.78 45.35
CA LEU D 565 -79.64 31.93 46.03
C LEU D 565 -79.69 33.25 46.79
N PRO D 566 -80.75 34.03 46.65
CA PRO D 566 -80.85 35.32 47.35
C PRO D 566 -80.93 35.09 48.86
N GLU D 567 -79.98 35.67 49.59
CA GLU D 567 -79.98 35.51 51.05
C GLU D 567 -81.13 36.22 51.73
N ASP D 568 -81.95 36.97 50.99
CA ASP D 568 -83.08 37.66 51.61
C ASP D 568 -84.29 36.75 51.73
N LYS D 569 -84.43 35.80 50.80
CA LYS D 569 -85.53 34.85 50.81
C LYS D 569 -85.15 33.54 51.47
N TYR D 570 -83.84 33.29 51.62
CA TYR D 570 -83.29 32.09 52.23
C TYR D 570 -82.10 32.59 53.05
N ASN D 571 -82.36 32.92 54.31
CA ASN D 571 -81.32 33.42 55.20
C ASN D 571 -80.27 32.36 55.46
N GLU D 572 -79.20 32.78 56.16
CA GLU D 572 -78.11 31.87 56.49
C GLU D 572 -78.52 30.82 57.50
N GLY D 573 -79.62 31.02 58.22
CA GLY D 573 -80.07 30.05 59.20
C GLY D 573 -81.14 29.09 58.72
N TYR D 574 -81.85 29.46 57.66
CA TYR D 574 -82.91 28.60 57.13
C TYR D 574 -82.34 27.28 56.60
N PRO D 575 -82.91 26.14 57.01
CA PRO D 575 -82.41 24.85 56.51
C PRO D 575 -83.21 24.37 55.32
N PHE D 576 -82.55 24.10 54.19
CA PHE D 576 -83.24 23.64 52.99
C PHE D 576 -83.32 22.11 52.95
N ASP D 577 -84.26 21.57 53.72
CA ASP D 577 -84.42 20.12 53.73
C ASP D 577 -84.87 19.63 52.36
N ALA D 578 -84.27 18.54 51.89
CA ALA D 578 -84.63 18.03 50.57
C ALA D 578 -85.99 17.33 50.60
N ASP D 579 -87.07 18.10 50.70
CA ASP D 579 -88.41 17.51 50.73
C ASP D 579 -89.34 18.19 49.74
N GLU D 580 -89.41 19.52 49.77
CA GLU D 580 -90.26 20.29 48.88
C GLU D 580 -89.42 21.17 47.95
N PRO D 581 -90.05 21.92 47.01
CA PRO D 581 -89.24 22.77 46.12
C PRO D 581 -88.67 24.00 46.81
N ASN D 582 -87.53 23.84 47.46
CA ASN D 582 -86.86 24.92 48.17
C ASN D 582 -85.90 25.68 47.28
N PHE D 583 -85.59 25.17 46.08
CA PHE D 583 -84.67 25.82 45.18
C PHE D 583 -85.34 26.03 43.83
N PRO D 584 -85.06 27.16 43.16
CA PRO D 584 -85.69 27.39 41.85
C PRO D 584 -85.10 26.45 40.81
N THR D 585 -85.90 25.48 40.35
CA THR D 585 -85.42 24.54 39.35
C THR D 585 -85.02 25.26 38.07
N THR D 586 -85.84 26.22 37.64
CA THR D 586 -85.57 26.99 36.44
C THR D 586 -84.83 28.27 36.81
N ASP D 587 -84.65 29.16 35.83
CA ASP D 587 -83.97 30.44 36.01
C ASP D 587 -82.53 30.28 36.49
N LEU D 588 -81.90 29.14 36.21
CA LEU D 588 -80.53 28.91 36.63
C LEU D 588 -79.58 29.58 35.62
N CYS D 589 -78.28 29.51 35.89
CA CYS D 589 -77.27 30.11 35.02
C CYS D 589 -76.39 28.99 34.48
N PHE D 590 -76.56 28.68 33.20
CA PHE D 590 -75.78 27.64 32.55
C PHE D 590 -74.36 28.16 32.32
N VAL D 591 -73.35 27.40 32.72
CA VAL D 591 -71.97 27.85 32.53
C VAL D 591 -71.32 27.17 31.33
N GLY D 592 -71.54 25.87 31.15
CA GLY D 592 -70.93 25.21 30.02
C GLY D 592 -70.94 23.71 30.00
N LEU D 593 -70.80 23.13 28.81
CA LEU D 593 -70.78 21.69 28.64
C LEU D 593 -69.39 21.12 28.92
N MET D 594 -69.36 19.83 29.24
CA MET D 594 -68.12 19.13 29.53
C MET D 594 -68.21 17.73 28.96
N ALA D 595 -67.43 17.46 27.92
CA ALA D 595 -67.43 16.16 27.28
C ALA D 595 -66.33 15.27 27.89
N MET D 596 -66.35 13.99 27.53
CA MET D 596 -65.36 13.06 28.05
C MET D 596 -65.41 11.78 27.23
N ILE D 597 -64.24 11.16 27.07
CA ILE D 597 -64.10 9.92 26.31
C ILE D 597 -62.73 9.33 26.61
N ASP D 598 -62.57 8.04 26.35
CA ASP D 598 -61.29 7.38 26.59
C ASP D 598 -60.33 7.77 25.47
N PRO D 599 -59.21 8.42 25.78
CA PRO D 599 -58.27 8.82 24.73
C PRO D 599 -57.28 7.70 24.43
N PRO D 600 -56.48 7.86 23.38
CA PRO D 600 -55.48 6.84 23.03
C PRO D 600 -54.13 7.17 23.66
N ARG D 601 -53.26 6.16 23.63
CA ARG D 601 -51.93 6.34 24.21
C ARG D 601 -51.13 7.36 23.39
N ALA D 602 -50.20 8.01 24.08
CA ALA D 602 -49.32 9.04 23.52
C ALA D 602 -48.75 8.73 22.13
N ALA D 603 -47.95 7.68 22.02
CA ALA D 603 -47.32 7.30 20.75
C ALA D 603 -48.20 6.41 19.86
N VAL D 604 -49.51 6.44 20.01
CA VAL D 604 -50.35 5.59 19.17
C VAL D 604 -50.47 6.17 17.75
N PRO D 605 -50.86 7.43 17.56
CA PRO D 605 -50.97 7.95 16.18
C PRO D 605 -49.65 7.92 15.42
N ASP D 606 -48.56 8.34 16.05
CA ASP D 606 -47.26 8.34 15.38
C ASP D 606 -46.87 6.92 14.98
N ALA D 607 -47.08 5.94 15.86
CA ALA D 607 -46.72 4.57 15.54
C ALA D 607 -47.57 4.04 14.39
N VAL D 608 -48.87 4.35 14.39
CA VAL D 608 -49.72 3.88 13.30
C VAL D 608 -49.27 4.49 11.99
N GLY D 609 -48.91 5.77 12.00
CA GLY D 609 -48.46 6.42 10.78
C GLY D 609 -47.16 5.82 10.29
N LYS D 610 -46.25 5.50 11.23
CA LYS D 610 -44.97 4.91 10.85
C LYS D 610 -45.19 3.54 10.23
N CYS D 611 -46.13 2.76 10.80
CA CYS D 611 -46.39 1.43 10.27
C CYS D 611 -47.00 1.53 8.87
N ARG D 612 -47.93 2.48 8.68
CA ARG D 612 -48.54 2.64 7.36
C ARG D 612 -47.50 3.10 6.34
N SER D 613 -46.53 3.90 6.77
CA SER D 613 -45.50 4.38 5.84
C SER D 613 -44.66 3.22 5.31
N ALA D 614 -44.43 2.21 6.15
CA ALA D 614 -43.64 1.04 5.76
C ALA D 614 -44.44 0.03 4.96
N GLY D 615 -45.65 0.37 4.52
CA GLY D 615 -46.48 -0.53 3.76
C GLY D 615 -47.18 -1.60 4.56
N ILE D 616 -47.39 -1.39 5.85
CA ILE D 616 -48.06 -2.36 6.71
C ILE D 616 -49.53 -1.98 6.80
N LYS D 617 -50.41 -2.91 6.42
CA LYS D 617 -51.85 -2.67 6.47
C LYS D 617 -52.35 -2.76 7.90
N VAL D 618 -52.96 -1.69 8.39
CA VAL D 618 -53.50 -1.64 9.74
C VAL D 618 -55.00 -1.89 9.66
N ILE D 619 -55.45 -2.94 10.32
CA ILE D 619 -56.86 -3.32 10.34
C ILE D 619 -57.30 -3.35 11.80
N MET D 620 -58.34 -2.59 12.13
CA MET D 620 -58.80 -2.56 13.51
C MET D 620 -59.76 -3.72 13.75
N VAL D 621 -59.58 -4.43 14.86
CA VAL D 621 -60.40 -5.57 15.24
C VAL D 621 -60.75 -5.41 16.71
N THR D 622 -62.00 -5.05 17.01
CA THR D 622 -62.39 -4.87 18.40
C THR D 622 -63.85 -5.21 18.60
N GLY D 623 -64.19 -5.62 19.81
CA GLY D 623 -65.55 -5.98 20.17
C GLY D 623 -66.32 -4.86 20.82
N ASP D 624 -65.98 -3.62 20.48
CA ASP D 624 -66.64 -2.44 21.02
C ASP D 624 -67.66 -1.89 20.04
N HIS D 625 -68.41 -0.88 20.50
CA HIS D 625 -69.43 -0.25 19.69
C HIS D 625 -68.81 0.33 18.41
N PRO D 626 -69.49 0.23 17.27
CA PRO D 626 -68.93 0.77 16.02
C PRO D 626 -68.86 2.29 16.02
N ILE D 627 -69.79 2.97 16.70
CA ILE D 627 -69.76 4.44 16.73
C ILE D 627 -68.50 4.94 17.39
N THR D 628 -67.94 4.18 18.33
CA THR D 628 -66.71 4.57 19.01
C THR D 628 -65.49 4.03 18.28
N ALA D 629 -65.61 2.83 17.71
CA ALA D 629 -64.50 2.23 16.99
C ALA D 629 -64.13 3.07 15.78
N LYS D 630 -65.13 3.57 15.05
CA LYS D 630 -64.84 4.39 13.87
C LYS D 630 -64.16 5.69 14.27
N ALA D 631 -64.60 6.30 15.37
CA ALA D 631 -63.99 7.55 15.81
C ALA D 631 -62.55 7.32 16.23
N ILE D 632 -62.28 6.23 16.96
CA ILE D 632 -60.92 5.96 17.39
C ILE D 632 -60.05 5.64 16.17
N ALA D 633 -60.62 4.96 15.18
CA ALA D 633 -59.86 4.62 13.98
C ALA D 633 -59.46 5.89 13.25
N LYS D 634 -60.40 6.82 13.09
CA LYS D 634 -60.08 8.07 12.42
C LYS D 634 -59.09 8.89 13.22
N GLY D 635 -59.15 8.80 14.55
CA GLY D 635 -58.23 9.56 15.39
C GLY D 635 -56.83 8.99 15.49
N VAL D 636 -56.65 7.69 15.22
CA VAL D 636 -55.32 7.09 15.30
C VAL D 636 -54.67 6.90 13.93
N GLY D 637 -55.41 7.06 12.84
CA GLY D 637 -54.87 6.90 11.51
C GLY D 637 -55.32 5.67 10.75
N ILE D 638 -56.12 4.79 11.34
CA ILE D 638 -56.57 3.61 10.60
C ILE D 638 -57.46 4.03 9.43
N ILE D 639 -58.36 4.98 9.67
CA ILE D 639 -59.25 5.48 8.64
C ILE D 639 -58.76 6.89 8.33
N SER D 640 -57.88 6.99 7.34
CA SER D 640 -57.32 8.28 6.95
C SER D 640 -58.40 9.30 6.70
N GLU D 641 -58.15 10.54 7.12
CA GLU D 641 -59.12 11.61 6.94
C GLU D 641 -59.33 11.84 5.44
N GLY D 642 -60.59 11.78 5.02
CA GLY D 642 -60.98 11.96 3.64
C GLY D 642 -61.69 10.75 3.06
N ASN D 643 -61.28 9.56 3.48
CA ASN D 643 -61.91 8.34 2.98
C ASN D 643 -63.35 8.30 3.48
N GLU D 644 -64.20 7.52 2.79
CA GLU D 644 -65.59 7.46 3.20
C GLU D 644 -66.17 6.06 3.04
N THR D 645 -67.14 5.76 3.90
CA THR D 645 -67.86 4.50 3.94
C THR D 645 -69.14 4.63 3.12
N ILE D 646 -69.77 3.49 2.82
CA ILE D 646 -70.99 3.51 2.03
C ILE D 646 -72.07 4.31 2.75
N GLU D 647 -72.14 4.20 4.08
CA GLU D 647 -73.16 4.95 4.82
C GLU D 647 -72.88 6.44 4.76
N ASP D 648 -71.60 6.83 4.78
CA ASP D 648 -71.25 8.24 4.72
C ASP D 648 -71.67 8.83 3.38
N ILE D 649 -71.49 8.06 2.30
CA ILE D 649 -71.87 8.54 0.98
C ILE D 649 -73.40 8.65 0.90
N ALA D 650 -74.10 7.64 1.43
CA ALA D 650 -75.56 7.68 1.39
C ALA D 650 -76.10 8.84 2.20
N ALA D 651 -75.37 9.24 3.25
CA ALA D 651 -75.82 10.36 4.07
C ALA D 651 -75.49 11.69 3.41
N ARG D 652 -74.36 11.75 2.70
CA ARG D 652 -73.97 13.00 2.04
C ARG D 652 -74.83 13.25 0.81
N LEU D 653 -75.37 12.20 0.20
CA LEU D 653 -76.21 12.32 -0.98
C LEU D 653 -77.70 12.31 -0.66
N ASN D 654 -78.10 11.71 0.47
CA ASN D 654 -79.50 11.62 0.90
C ASN D 654 -80.25 10.59 0.04
N ILE D 655 -79.60 9.47 -0.22
CA ILE D 655 -80.17 8.39 -1.01
C ILE D 655 -79.99 7.09 -0.25
N PRO D 656 -80.76 6.04 -0.58
CA PRO D 656 -80.62 4.78 0.13
C PRO D 656 -79.21 4.20 -0.01
N ILE D 657 -78.88 3.28 0.89
CA ILE D 657 -77.56 2.65 0.87
C ILE D 657 -77.47 1.56 -0.20
N GLY D 658 -78.59 0.95 -0.57
CA GLY D 658 -78.55 -0.10 -1.58
C GLY D 658 -78.28 0.37 -2.99
N GLN D 659 -78.24 1.69 -3.22
CA GLN D 659 -77.98 2.22 -4.55
C GLN D 659 -76.51 2.47 -4.83
N VAL D 660 -75.76 2.99 -3.86
CA VAL D 660 -74.34 3.26 -4.06
C VAL D 660 -73.56 1.97 -4.31
N ASN D 661 -72.45 2.11 -5.05
CA ASN D 661 -71.54 1.02 -5.42
C ASN D 661 -70.49 0.85 -4.33
N PRO D 662 -70.26 -0.37 -3.82
CA PRO D 662 -69.26 -0.56 -2.76
C PRO D 662 -67.82 -0.39 -3.22
N ARG D 663 -67.55 -0.17 -4.51
CA ARG D 663 -66.18 -0.01 -4.96
C ARG D 663 -65.65 1.40 -4.74
N ASP D 664 -66.54 2.38 -4.57
CA ASP D 664 -66.13 3.77 -4.36
C ASP D 664 -65.82 4.07 -2.90
N ALA D 665 -65.90 3.08 -2.00
CA ALA D 665 -65.62 3.25 -0.59
C ALA D 665 -64.33 2.53 -0.24
N LYS D 666 -63.30 3.29 0.13
CA LYS D 666 -62.01 2.71 0.49
C LYS D 666 -62.02 2.08 1.88
N ALA D 667 -62.67 2.71 2.85
CA ALA D 667 -62.75 2.21 4.21
C ALA D 667 -64.11 1.58 4.49
N CYS D 668 -64.11 0.50 5.27
CA CYS D 668 -65.36 -0.18 5.60
C CYS D 668 -65.39 -0.61 7.06
N VAL D 669 -66.57 -0.49 7.65
CA VAL D 669 -66.83 -0.86 9.04
C VAL D 669 -67.71 -2.09 8.99
N VAL D 670 -67.15 -3.25 9.35
CA VAL D 670 -67.87 -4.52 9.33
C VAL D 670 -68.34 -4.84 10.75
N HIS D 671 -69.64 -4.98 10.93
CA HIS D 671 -70.22 -5.29 12.21
C HIS D 671 -70.14 -6.79 12.48
N GLY D 672 -69.99 -7.13 13.77
CA GLY D 672 -69.89 -8.54 14.14
C GLY D 672 -71.15 -9.32 13.80
N SER D 673 -72.32 -8.75 14.07
CA SER D 673 -73.58 -9.43 13.78
C SER D 673 -73.62 -9.82 12.30
N ASP D 674 -73.13 -8.95 11.42
CA ASP D 674 -73.12 -9.25 10.00
C ASP D 674 -72.00 -10.21 9.65
N LEU D 675 -70.91 -10.16 10.43
CA LEU D 675 -69.77 -11.06 10.19
C LEU D 675 -70.14 -12.50 10.47
N LYS D 676 -71.09 -12.72 11.38
CA LYS D 676 -71.50 -14.08 11.71
C LYS D 676 -72.11 -14.79 10.50
N ASP D 677 -72.79 -14.06 9.62
CA ASP D 677 -73.43 -14.61 8.43
C ASP D 677 -72.64 -14.32 7.15
N LEU D 678 -71.32 -14.43 7.16
CA LEU D 678 -70.50 -14.16 5.97
C LEU D 678 -69.66 -15.38 5.59
N SER D 679 -69.66 -15.69 4.30
CA SER D 679 -68.90 -16.81 3.74
C SER D 679 -67.41 -16.46 3.67
N THR D 680 -66.61 -17.47 3.30
CA THR D 680 -65.17 -17.28 3.19
C THR D 680 -64.82 -16.32 2.05
N GLU D 681 -65.45 -16.50 0.88
CA GLU D 681 -65.17 -15.63 -0.25
C GLU D 681 -65.51 -14.18 0.07
N VAL D 682 -66.61 -13.96 0.81
CA VAL D 682 -66.99 -12.60 1.15
C VAL D 682 -65.90 -11.95 2.00
N LEU D 683 -65.36 -12.68 2.98
CA LEU D 683 -64.30 -12.11 3.81
C LEU D 683 -63.06 -11.84 2.97
N ASP D 684 -62.74 -12.75 2.05
CA ASP D 684 -61.57 -12.56 1.20
C ASP D 684 -61.74 -11.28 0.39
N ASP D 685 -62.94 -11.05 -0.14
CA ASP D 685 -63.20 -9.85 -0.92
C ASP D 685 -63.16 -8.61 -0.04
N ILE D 686 -63.62 -8.73 1.21
CA ILE D 686 -63.61 -7.59 2.11
C ILE D 686 -62.17 -7.14 2.34
N LEU D 687 -61.27 -8.10 2.52
CA LEU D 687 -59.86 -7.75 2.74
C LEU D 687 -59.15 -7.39 1.44
N HIS D 688 -59.66 -7.87 0.30
CA HIS D 688 -59.07 -7.62 -1.01
C HIS D 688 -59.48 -6.30 -1.63
N TYR D 689 -60.61 -5.71 -1.23
CA TYR D 689 -61.05 -4.45 -1.81
C TYR D 689 -61.02 -3.26 -0.87
N HIS D 690 -61.04 -3.46 0.44
CA HIS D 690 -61.02 -2.35 1.38
C HIS D 690 -59.64 -2.24 2.01
N THR D 691 -59.05 -1.04 1.93
CA THR D 691 -57.73 -0.79 2.49
C THR D 691 -57.76 -0.42 3.96
N GLU D 692 -58.84 0.20 4.44
CA GLU D 692 -59.00 0.61 5.82
C GLU D 692 -60.22 -0.12 6.37
N ILE D 693 -59.99 -1.28 6.97
CA ILE D 693 -61.06 -2.10 7.53
C ILE D 693 -61.11 -2.00 9.04
N VAL D 694 -62.33 -1.93 9.57
CA VAL D 694 -62.57 -1.83 11.01
C VAL D 694 -63.68 -2.82 11.35
N PHE D 695 -63.32 -3.86 12.08
CA PHE D 695 -64.25 -4.90 12.50
C PHE D 695 -64.71 -4.53 13.91
N ALA D 696 -66.00 -4.23 14.05
CA ALA D 696 -66.56 -3.85 15.33
C ALA D 696 -67.54 -4.92 15.81
N ARG D 697 -67.66 -5.01 17.14
CA ARG D 697 -68.55 -5.96 17.81
C ARG D 697 -68.21 -7.40 17.43
N THR D 698 -66.92 -7.71 17.32
CA THR D 698 -66.47 -9.05 16.95
C THR D 698 -66.05 -9.82 18.20
N SER D 699 -66.54 -11.05 18.31
CA SER D 699 -66.24 -11.93 19.43
C SER D 699 -64.83 -12.50 19.27
N PRO D 700 -64.24 -13.05 20.34
CA PRO D 700 -62.87 -13.60 20.21
C PRO D 700 -62.77 -14.63 19.09
N GLN D 701 -63.80 -15.48 18.95
CA GLN D 701 -63.76 -16.48 17.88
C GLN D 701 -63.74 -15.79 16.54
N GLN D 702 -64.49 -14.70 16.42
CA GLN D 702 -64.51 -13.97 15.15
C GLN D 702 -63.15 -13.33 14.92
N LYS D 703 -62.47 -12.93 15.99
CA LYS D 703 -61.14 -12.34 15.84
C LYS D 703 -60.21 -13.37 15.24
N LEU D 704 -60.31 -14.61 15.74
CA LEU D 704 -59.48 -15.70 15.22
C LEU D 704 -59.81 -15.95 13.76
N ILE D 705 -61.11 -15.89 13.42
CA ILE D 705 -61.53 -16.12 12.04
C ILE D 705 -60.93 -15.04 11.14
N ILE D 706 -60.86 -13.80 11.64
CA ILE D 706 -60.31 -12.70 10.85
C ILE D 706 -58.82 -12.94 10.61
N VAL D 707 -58.11 -13.36 11.67
CA VAL D 707 -56.68 -13.61 11.52
C VAL D 707 -56.46 -14.70 10.48
N GLU D 708 -57.28 -15.77 10.54
CA GLU D 708 -57.14 -16.85 9.58
C GLU D 708 -57.45 -16.37 8.18
N GLY D 709 -58.47 -15.50 8.04
CA GLY D 709 -58.81 -14.98 6.72
C GLY D 709 -57.68 -14.15 6.15
N CYS D 710 -56.89 -13.53 7.04
CA CYS D 710 -55.76 -12.72 6.57
C CYS D 710 -54.61 -13.63 6.15
N GLN D 711 -54.40 -14.72 6.89
CA GLN D 711 -53.32 -15.64 6.56
C GLN D 711 -53.62 -16.43 5.28
N ARG D 712 -54.88 -16.80 5.06
CA ARG D 712 -55.28 -17.56 3.87
C ARG D 712 -54.69 -17.00 2.58
N GLN D 713 -54.48 -15.69 2.51
CA GLN D 713 -53.91 -15.10 1.29
C GLN D 713 -52.42 -15.37 1.19
N GLY D 714 -51.66 -15.09 2.25
CA GLY D 714 -50.23 -15.34 2.19
C GLY D 714 -49.37 -14.28 2.86
N ALA D 715 -49.97 -13.41 3.65
CA ALA D 715 -49.25 -12.35 4.34
C ALA D 715 -49.04 -12.69 5.81
N ILE D 716 -47.98 -12.13 6.38
CA ILE D 716 -47.64 -12.35 7.78
C ILE D 716 -48.58 -11.51 8.64
N VAL D 717 -48.96 -12.02 9.81
CA VAL D 717 -49.86 -11.29 10.69
C VAL D 717 -49.29 -11.10 12.08
N ALA D 718 -49.50 -9.90 12.62
CA ALA D 718 -49.06 -9.50 13.94
C ALA D 718 -50.28 -8.95 14.66
N VAL D 719 -50.67 -9.60 15.75
CA VAL D 719 -51.83 -9.19 16.53
C VAL D 719 -51.35 -8.58 17.84
N THR D 720 -51.82 -7.38 18.16
CA THR D 720 -51.46 -6.66 19.36
C THR D 720 -52.69 -6.53 20.26
N GLY D 721 -52.66 -7.15 21.44
CA GLY D 721 -53.78 -7.08 22.35
C GLY D 721 -53.39 -6.99 23.81
N ASP D 722 -54.42 -6.96 24.65
CA ASP D 722 -54.23 -6.87 26.10
C ASP D 722 -55.14 -7.78 26.93
N GLY D 723 -56.40 -7.93 26.53
CA GLY D 723 -57.33 -8.77 27.26
C GLY D 723 -57.34 -10.24 26.86
N VAL D 724 -58.26 -10.98 27.49
CA VAL D 724 -58.41 -12.40 27.22
C VAL D 724 -59.07 -12.63 25.88
N ASN D 725 -59.90 -11.69 25.42
CA ASN D 725 -60.57 -11.85 24.13
C ASN D 725 -59.56 -11.91 23.00
N ASP D 726 -58.33 -11.46 23.24
CA ASP D 726 -57.28 -11.46 22.25
C ASP D 726 -56.42 -12.74 22.31
N SER D 727 -56.63 -13.58 23.32
CA SER D 727 -55.84 -14.81 23.43
C SER D 727 -55.96 -15.69 22.19
N PRO D 728 -57.16 -16.02 21.68
CA PRO D 728 -57.21 -16.87 20.47
C PRO D 728 -56.64 -16.18 19.24
N ALA D 729 -56.51 -14.86 19.27
CA ALA D 729 -55.97 -14.10 18.14
C ALA D 729 -54.45 -13.99 18.22
N LEU D 730 -53.92 -13.86 19.43
CA LEU D 730 -52.47 -13.74 19.60
C LEU D 730 -51.77 -15.08 19.34
N LYS D 731 -52.44 -16.18 19.65
CA LYS D 731 -51.85 -17.50 19.44
C LYS D 731 -51.79 -17.87 17.96
N LYS D 732 -52.91 -17.77 17.24
CA LYS D 732 -52.93 -18.13 15.83
C LYS D 732 -52.19 -17.14 14.94
N ALA D 733 -51.98 -15.91 15.39
CA ALA D 733 -51.27 -14.95 14.54
C ALA D 733 -49.80 -15.33 14.43
N ASP D 734 -49.18 -14.89 13.35
CA ASP D 734 -47.76 -15.20 13.17
C ASP D 734 -46.93 -14.65 14.32
N ILE D 735 -47.37 -13.54 14.92
CA ILE D 735 -46.63 -12.97 16.05
C ILE D 735 -47.61 -12.17 16.90
N GLY D 736 -47.60 -12.45 18.20
CA GLY D 736 -48.46 -11.80 19.16
C GLY D 736 -47.69 -10.80 20.01
N VAL D 737 -48.32 -9.66 20.26
CA VAL D 737 -47.76 -8.59 21.06
C VAL D 737 -48.76 -8.31 22.16
N ALA D 738 -48.41 -8.66 23.39
CA ALA D 738 -49.32 -8.43 24.50
C ALA D 738 -48.82 -7.30 25.38
N MET D 739 -49.78 -6.57 25.94
CA MET D 739 -49.42 -5.45 26.80
C MET D 739 -48.93 -6.00 28.13
N GLY D 740 -48.00 -5.28 28.76
CA GLY D 740 -47.46 -5.73 30.03
C GLY D 740 -48.17 -5.28 31.29
N ILE D 741 -48.52 -4.00 31.38
CA ILE D 741 -49.19 -3.49 32.56
C ILE D 741 -50.71 -3.66 32.47
N SER D 742 -51.30 -3.29 31.33
CA SER D 742 -52.74 -3.41 31.13
C SER D 742 -53.16 -4.74 30.50
N GLY D 743 -52.24 -5.69 30.35
CA GLY D 743 -52.59 -6.96 29.75
C GLY D 743 -53.03 -8.02 30.76
N SER D 744 -53.75 -9.01 30.25
CA SER D 744 -54.26 -10.12 31.04
C SER D 744 -53.21 -11.23 31.11
N ASP D 745 -53.31 -12.04 32.17
CA ASP D 745 -52.36 -13.14 32.36
C ASP D 745 -52.48 -14.18 31.26
N VAL D 746 -53.70 -14.50 30.82
CA VAL D 746 -53.88 -15.50 29.77
C VAL D 746 -53.26 -15.01 28.46
N SER D 747 -53.60 -13.79 28.06
CA SER D 747 -53.05 -13.26 26.82
C SER D 747 -51.55 -13.03 26.95
N LYS D 748 -51.06 -12.82 28.16
CA LYS D 748 -49.63 -12.60 28.36
C LYS D 748 -48.87 -13.91 28.23
N GLN D 749 -49.49 -15.01 28.68
CA GLN D 749 -48.86 -16.32 28.60
C GLN D 749 -48.99 -16.93 27.22
N ALA D 750 -49.99 -16.52 26.44
CA ALA D 750 -50.19 -17.08 25.10
C ALA D 750 -49.54 -16.23 24.01
N ALA D 751 -48.97 -15.08 24.35
CA ALA D 751 -48.32 -14.23 23.36
C ALA D 751 -46.86 -14.58 23.20
N ASP D 752 -46.23 -14.00 22.17
CA ASP D 752 -44.82 -14.24 21.88
C ASP D 752 -43.93 -13.07 22.25
N MET D 753 -44.46 -11.85 22.30
CA MET D 753 -43.69 -10.68 22.66
C MET D 753 -44.49 -9.88 23.67
N ILE D 754 -43.81 -9.37 24.69
CA ILE D 754 -44.44 -8.60 25.76
C ILE D 754 -43.87 -7.18 25.78
N LEU D 755 -44.76 -6.21 25.95
CA LEU D 755 -44.42 -4.79 26.02
C LEU D 755 -44.55 -4.43 27.50
N LEU D 756 -43.43 -4.57 28.23
CA LEU D 756 -43.42 -4.27 29.65
C LEU D 756 -43.69 -2.80 29.96
N ASP D 757 -43.53 -1.89 29.00
CA ASP D 757 -43.77 -0.48 29.23
C ASP D 757 -45.07 0.02 28.60
N ASP D 758 -45.80 -0.85 27.90
CA ASP D 758 -47.07 -0.50 27.24
C ASP D 758 -46.90 0.59 26.19
N ASN D 759 -45.72 0.69 25.60
CA ASN D 759 -45.45 1.69 24.57
C ASN D 759 -45.70 1.07 23.20
N PHE D 760 -46.50 1.74 22.36
CA PHE D 760 -46.80 1.20 21.04
C PHE D 760 -45.74 1.51 19.99
N ALA D 761 -44.84 2.47 20.23
CA ALA D 761 -43.81 2.77 19.24
C ALA D 761 -42.84 1.60 19.09
N SER D 762 -42.82 0.71 20.09
CA SER D 762 -41.95 -0.44 20.04
C SER D 762 -42.25 -1.31 18.83
N ILE D 763 -43.48 -1.24 18.31
CA ILE D 763 -43.81 -2.04 17.13
C ILE D 763 -43.01 -1.53 15.94
N VAL D 764 -42.87 -0.20 15.84
CA VAL D 764 -42.10 0.39 14.75
C VAL D 764 -40.63 0.03 14.92
N THR D 765 -40.13 0.12 16.15
CA THR D 765 -38.74 -0.23 16.38
C THR D 765 -38.48 -1.68 15.99
N GLY D 766 -39.42 -2.57 16.34
CA GLY D 766 -39.28 -3.98 16.01
C GLY D 766 -39.31 -4.23 14.51
N VAL D 767 -40.24 -3.60 13.79
CA VAL D 767 -40.31 -3.82 12.35
C VAL D 767 -39.03 -3.32 11.69
N GLU D 768 -38.35 -2.35 12.31
CA GLU D 768 -37.11 -1.85 11.73
C GLU D 768 -35.96 -2.82 11.98
N GLU D 769 -35.84 -3.28 13.23
CA GLU D 769 -34.78 -4.23 13.58
C GLU D 769 -34.91 -5.55 12.82
N GLY D 770 -36.16 -5.99 12.59
CA GLY D 770 -36.38 -7.24 11.88
C GLY D 770 -35.80 -7.24 10.48
N ARG D 771 -35.76 -6.07 9.85
CA ARG D 771 -35.21 -5.94 8.51
C ARG D 771 -33.69 -5.82 8.57
N LEU D 772 -33.21 -4.91 9.41
CA LEU D 772 -31.77 -4.71 9.57
C LEU D 772 -31.04 -6.04 9.80
N ILE D 773 -31.52 -6.84 10.76
CA ILE D 773 -30.84 -8.12 11.03
C ILE D 773 -31.05 -9.12 9.90
N PHE D 774 -31.91 -8.82 8.95
CA PHE D 774 -32.13 -9.76 7.86
C PHE D 774 -31.04 -9.52 6.82
N ASP D 775 -30.84 -8.26 6.47
CA ASP D 775 -29.78 -7.98 5.50
C ASP D 775 -28.43 -8.37 6.11
N ASN D 776 -28.35 -8.33 7.45
CA ASN D 776 -27.09 -8.71 8.07
C ASN D 776 -26.91 -10.23 8.04
N LEU D 777 -28.01 -10.97 8.17
CA LEU D 777 -27.88 -12.43 8.11
C LEU D 777 -27.41 -12.82 6.71
N LYS D 778 -27.91 -12.12 5.68
CA LYS D 778 -27.49 -12.43 4.33
C LYS D 778 -25.98 -12.21 4.17
N LYS D 779 -25.49 -11.07 4.65
CA LYS D 779 -24.05 -10.78 4.55
C LYS D 779 -23.23 -11.85 5.27
N SER D 780 -23.60 -12.18 6.51
CA SER D 780 -22.84 -13.18 7.27
C SER D 780 -22.87 -14.55 6.60
N ILE D 781 -23.99 -14.92 5.99
CA ILE D 781 -24.05 -16.22 5.32
C ILE D 781 -23.10 -16.24 4.13
N ALA D 782 -23.09 -15.16 3.35
CA ALA D 782 -22.18 -15.14 2.20
C ALA D 782 -20.74 -15.20 2.66
N TYR D 783 -20.46 -14.59 3.83
CA TYR D 783 -19.10 -14.61 4.36
C TYR D 783 -18.67 -16.02 4.74
N THR D 784 -19.48 -16.69 5.56
CA THR D 784 -19.12 -18.06 5.96
C THR D 784 -19.19 -19.05 4.81
N LEU D 785 -19.80 -18.68 3.67
CA LEU D 785 -19.87 -19.60 2.55
C LEU D 785 -18.76 -19.39 1.54
N THR D 786 -18.16 -18.19 1.50
CA THR D 786 -17.09 -17.94 0.54
C THR D 786 -15.85 -18.81 0.81
N SER D 787 -15.52 -19.06 2.09
CA SER D 787 -14.35 -19.87 2.43
C SER D 787 -14.51 -21.34 2.06
N ASN D 788 -15.73 -21.81 1.82
CA ASN D 788 -15.99 -23.20 1.47
C ASN D 788 -15.06 -23.73 0.38
N ILE D 789 -15.02 -23.07 -0.78
CA ILE D 789 -14.20 -23.46 -1.93
C ILE D 789 -12.71 -23.66 -1.61
N PRO D 790 -11.99 -22.67 -1.05
CA PRO D 790 -10.57 -22.90 -0.76
C PRO D 790 -10.33 -23.94 0.33
N GLU D 791 -11.39 -24.59 0.81
CA GLU D 791 -11.31 -25.62 1.83
C GLU D 791 -11.57 -27.00 1.26
N ILE D 792 -12.23 -27.08 0.12
CA ILE D 792 -12.55 -28.34 -0.55
C ILE D 792 -11.65 -28.59 -1.76
N THR D 793 -11.54 -27.60 -2.67
CA THR D 793 -10.71 -27.73 -3.88
C THR D 793 -9.39 -28.50 -3.67
N PRO D 794 -8.64 -28.27 -2.57
CA PRO D 794 -7.39 -29.04 -2.40
C PRO D 794 -7.57 -30.55 -2.44
N PHE D 795 -8.59 -31.07 -1.77
CA PHE D 795 -8.81 -32.52 -1.77
C PHE D 795 -9.23 -33.02 -3.14
N LEU D 796 -10.00 -32.21 -3.88
CA LEU D 796 -10.42 -32.63 -5.21
C LEU D 796 -9.21 -32.72 -6.13
N VAL D 797 -8.30 -31.74 -6.05
CA VAL D 797 -7.12 -31.80 -6.89
C VAL D 797 -6.19 -32.88 -6.37
N PHE D 798 -6.33 -33.24 -5.10
CA PHE D 798 -5.50 -34.29 -4.52
C PHE D 798 -5.85 -35.63 -5.13
N ILE D 799 -7.15 -35.88 -5.32
CA ILE D 799 -7.59 -37.14 -5.89
C ILE D 799 -7.44 -37.16 -7.42
N ILE D 800 -7.78 -36.06 -8.10
CA ILE D 800 -7.68 -36.04 -9.56
C ILE D 800 -6.25 -35.87 -10.06
N GLY D 801 -5.51 -34.90 -9.52
CA GLY D 801 -4.14 -34.66 -9.96
C GLY D 801 -3.02 -35.38 -9.25
N ASN D 802 -3.29 -36.07 -8.14
CA ASN D 802 -2.29 -36.81 -7.38
C ASN D 802 -1.12 -35.93 -6.94
N VAL D 803 -1.44 -34.85 -6.21
CA VAL D 803 -0.44 -33.92 -5.72
C VAL D 803 -0.45 -34.04 -4.19
N PRO D 804 0.57 -33.56 -3.47
CA PRO D 804 0.54 -33.68 -2.01
C PRO D 804 -0.64 -32.91 -1.43
N LEU D 805 -1.15 -33.41 -0.30
CA LEU D 805 -2.29 -32.79 0.37
C LEU D 805 -2.03 -31.32 0.71
N PRO D 806 -2.82 -30.39 0.16
CA PRO D 806 -2.61 -28.96 0.46
C PRO D 806 -3.16 -28.42 1.78
N LEU D 807 -4.42 -28.71 2.12
CA LEU D 807 -5.05 -28.22 3.35
C LEU D 807 -5.40 -29.33 4.34
N GLY D 808 -4.69 -29.36 5.47
CA GLY D 808 -4.91 -30.34 6.51
C GLY D 808 -6.27 -30.17 7.18
N THR D 809 -6.57 -31.10 8.10
CA THR D 809 -7.85 -31.04 8.81
C THR D 809 -7.83 -30.09 10.02
N VAL D 810 -6.71 -30.03 10.76
CA VAL D 810 -6.70 -29.13 11.90
C VAL D 810 -6.59 -27.68 11.46
N THR D 811 -6.35 -27.45 10.18
CA THR D 811 -6.27 -26.08 9.69
C THR D 811 -7.66 -25.66 9.27
N ILE D 812 -8.39 -26.61 8.67
CA ILE D 812 -9.76 -26.29 8.28
C ILE D 812 -10.53 -26.01 9.56
N LEU D 813 -10.23 -26.76 10.62
CA LEU D 813 -10.90 -26.54 11.89
C LEU D 813 -10.48 -25.20 12.49
N CYS D 814 -9.20 -24.82 12.37
CA CYS D 814 -8.78 -23.54 12.91
C CYS D 814 -9.37 -22.38 12.13
N ILE D 815 -9.87 -22.63 10.92
CA ILE D 815 -10.46 -21.57 10.10
C ILE D 815 -11.97 -21.47 10.30
N ASP D 816 -12.69 -22.59 10.14
CA ASP D 816 -14.15 -22.58 10.29
C ASP D 816 -14.59 -22.26 11.72
N LEU D 817 -13.89 -22.74 12.73
CA LEU D 817 -14.28 -22.48 14.11
C LEU D 817 -13.41 -21.48 14.85
N GLY D 818 -12.42 -20.89 14.20
CA GLY D 818 -11.58 -19.94 14.90
C GLY D 818 -11.75 -18.53 14.40
N THR D 819 -10.71 -18.03 13.72
CA THR D 819 -10.65 -16.70 13.14
C THR D 819 -11.97 -16.18 12.58
N ASP D 820 -12.57 -16.97 11.67
CA ASP D 820 -13.83 -16.62 11.01
C ASP D 820 -14.98 -16.22 11.94
N MET D 821 -15.06 -16.82 13.13
CA MET D 821 -16.16 -16.50 14.05
C MET D 821 -16.31 -15.00 14.36
N VAL D 822 -15.26 -14.33 14.84
CA VAL D 822 -15.38 -12.91 15.17
C VAL D 822 -15.86 -12.05 14.00
N PRO D 823 -15.30 -12.14 12.79
CA PRO D 823 -15.80 -11.28 11.70
C PRO D 823 -17.27 -11.53 11.36
N ALA D 824 -17.66 -12.80 11.27
CA ALA D 824 -19.05 -13.11 10.94
C ALA D 824 -19.99 -12.54 11.99
N ILE D 825 -19.56 -12.55 13.26
CA ILE D 825 -20.38 -12.01 14.33
C ILE D 825 -20.45 -10.49 14.21
N SER D 826 -19.33 -9.87 13.81
CA SER D 826 -19.28 -8.43 13.66
C SER D 826 -20.17 -7.94 12.52
N LEU D 827 -20.35 -8.75 11.47
CA LEU D 827 -21.20 -8.33 10.36
C LEU D 827 -22.63 -7.97 10.77
N ALA D 828 -23.03 -8.28 12.01
CA ALA D 828 -24.39 -7.96 12.45
C ALA D 828 -24.55 -6.49 12.81
N TYR D 829 -23.50 -5.87 13.34
CA TYR D 829 -23.46 -4.47 13.76
C TYR D 829 -23.47 -3.49 12.59
N GLU D 830 -23.74 -3.93 11.37
CA GLU D 830 -23.76 -3.02 10.22
C GLU D 830 -25.03 -2.20 10.17
N GLN D 831 -24.86 -0.89 9.96
CA GLN D 831 -25.98 0.04 9.88
C GLN D 831 -26.63 -0.05 8.51
N ALA D 832 -27.75 0.65 8.37
CA ALA D 832 -28.48 0.65 7.11
C ALA D 832 -27.70 1.39 6.02
N GLU D 833 -28.04 1.08 4.78
CA GLU D 833 -27.44 1.69 3.59
C GLU D 833 -28.37 2.74 3.00
N SER D 834 -29.66 2.41 2.91
CA SER D 834 -30.72 3.24 2.41
C SER D 834 -31.79 3.25 3.49
N ASP D 835 -32.88 3.98 3.29
CA ASP D 835 -33.91 4.00 4.31
C ASP D 835 -34.63 2.66 4.31
N ILE D 836 -34.61 1.95 5.43
CA ILE D 836 -35.28 0.66 5.49
C ILE D 836 -36.76 0.84 5.75
N MET D 837 -37.14 1.91 6.44
CA MET D 837 -38.53 2.19 6.75
C MET D 837 -39.26 2.82 5.57
N LYS D 838 -38.72 2.67 4.36
CA LYS D 838 -39.29 3.20 3.14
C LYS D 838 -39.64 2.15 2.11
N ARG D 839 -38.81 1.11 1.97
CA ARG D 839 -39.10 0.06 1.00
C ARG D 839 -40.30 -0.78 1.40
N GLN D 840 -40.93 -1.38 0.39
CA GLN D 840 -42.10 -2.21 0.61
C GLN D 840 -41.71 -3.53 1.27
N PRO D 841 -42.66 -4.21 1.93
CA PRO D 841 -42.33 -5.48 2.58
C PRO D 841 -41.85 -6.51 1.57
N ARG D 842 -40.88 -7.32 2.00
CA ARG D 842 -40.32 -8.35 1.15
C ARG D 842 -41.36 -9.39 0.76
N ASN D 843 -41.33 -9.81 -0.50
CA ASN D 843 -42.28 -10.80 -0.95
C ASN D 843 -41.83 -12.17 -0.46
N PRO D 844 -42.70 -12.95 0.20
CA PRO D 844 -42.26 -14.26 0.67
C PRO D 844 -42.10 -15.30 -0.41
N LYS D 845 -42.93 -15.26 -1.45
CA LYS D 845 -42.86 -16.23 -2.55
C LYS D 845 -41.74 -15.98 -3.55
N THR D 846 -41.10 -14.81 -3.55
CA THR D 846 -40.04 -14.58 -4.53
C THR D 846 -38.70 -14.19 -3.93
N ASP D 847 -38.65 -13.23 -3.01
CA ASP D 847 -37.40 -12.80 -2.40
C ASP D 847 -37.10 -13.70 -1.20
N LYS D 848 -36.12 -14.59 -1.36
CA LYS D 848 -35.69 -15.52 -0.33
C LYS D 848 -34.49 -14.95 0.44
N LEU D 849 -33.96 -15.78 1.34
CA LEU D 849 -32.81 -15.40 2.16
C LEU D 849 -31.51 -15.84 1.51
N VAL D 850 -31.50 -17.02 0.88
CA VAL D 850 -30.33 -17.57 0.21
C VAL D 850 -30.79 -17.99 -1.18
N ASN D 851 -30.48 -17.17 -2.18
CA ASN D 851 -30.85 -17.45 -3.57
C ASN D 851 -29.62 -17.92 -4.34
N GLU D 852 -29.80 -18.11 -5.65
CA GLU D 852 -28.68 -18.56 -6.47
C GLU D 852 -27.71 -17.43 -6.75
N ARG D 853 -28.13 -16.18 -6.53
CA ARG D 853 -27.25 -15.04 -6.76
C ARG D 853 -26.13 -15.03 -5.74
N LEU D 854 -26.37 -15.59 -4.56
CA LEU D 854 -25.35 -15.63 -3.52
C LEU D 854 -24.37 -16.76 -3.84
N ILE D 855 -24.90 -17.94 -4.14
CA ILE D 855 -24.09 -19.10 -4.48
C ILE D 855 -23.16 -18.78 -5.64
N SER D 856 -23.65 -17.99 -6.61
CA SER D 856 -22.81 -17.64 -7.74
C SER D 856 -21.63 -16.78 -7.33
N MET D 857 -21.74 -16.05 -6.21
CA MET D 857 -20.68 -15.19 -5.71
C MET D 857 -19.71 -15.92 -4.79
N ALA D 858 -20.23 -16.48 -3.69
CA ALA D 858 -19.38 -17.19 -2.74
C ALA D 858 -18.73 -18.42 -3.36
N TYR D 859 -19.55 -19.36 -3.85
CA TYR D 859 -19.00 -20.58 -4.44
C TYR D 859 -18.42 -20.35 -5.83
N GLY D 860 -18.93 -19.38 -6.58
CA GLY D 860 -18.43 -19.14 -7.92
C GLY D 860 -17.32 -18.14 -8.25
N GLN D 861 -17.34 -16.95 -7.67
CA GLN D 861 -16.32 -15.96 -7.98
C GLN D 861 -15.29 -15.65 -6.89
N ILE D 862 -15.73 -15.32 -5.67
CA ILE D 862 -14.76 -15.00 -4.62
C ILE D 862 -14.02 -16.25 -4.13
N GLY D 863 -14.77 -17.31 -3.81
CA GLY D 863 -14.12 -18.52 -3.33
C GLY D 863 -13.11 -19.09 -4.30
N MET D 864 -13.35 -18.92 -5.59
CA MET D 864 -12.41 -19.42 -6.59
C MET D 864 -11.08 -18.68 -6.49
N ILE D 865 -11.14 -17.35 -6.37
CA ILE D 865 -9.92 -16.56 -6.27
C ILE D 865 -9.18 -16.92 -4.99
N GLN D 866 -9.91 -17.13 -3.89
CA GLN D 866 -9.25 -17.48 -2.65
C GLN D 866 -8.53 -18.83 -2.77
N ALA D 867 -9.17 -19.78 -3.47
CA ALA D 867 -8.55 -21.09 -3.66
C ALA D 867 -7.29 -20.96 -4.50
N LEU D 868 -7.34 -20.11 -5.54
CA LEU D 868 -6.17 -19.94 -6.38
C LEU D 868 -5.03 -19.33 -5.58
N GLY D 869 -5.33 -18.38 -4.70
CA GLY D 869 -4.28 -17.78 -3.89
C GLY D 869 -3.65 -18.80 -2.97
N GLY D 870 -4.47 -19.68 -2.40
CA GLY D 870 -3.95 -20.70 -1.52
C GLY D 870 -3.02 -21.64 -2.26
N PHE D 871 -3.43 -22.08 -3.46
CA PHE D 871 -2.59 -22.97 -4.25
C PHE D 871 -1.30 -22.26 -4.65
N PHE D 872 -1.37 -20.94 -4.83
CA PHE D 872 -0.17 -20.20 -5.20
C PHE D 872 0.85 -20.26 -4.08
N SER D 873 0.41 -19.93 -2.85
CA SER D 873 1.33 -19.98 -1.72
C SER D 873 1.88 -21.39 -1.56
N TYR D 874 1.03 -22.39 -1.82
CA TYR D 874 1.42 -23.79 -1.73
C TYR D 874 2.61 -24.07 -2.65
N PHE D 875 2.39 -23.90 -3.97
CA PHE D 875 3.44 -24.13 -4.95
C PHE D 875 4.69 -23.34 -4.63
N VAL D 876 4.55 -22.13 -4.06
CA VAL D 876 5.74 -21.34 -3.75
C VAL D 876 6.55 -22.03 -2.66
N ILE D 877 5.88 -22.49 -1.60
CA ILE D 877 6.59 -23.15 -0.51
C ILE D 877 7.29 -24.41 -1.02
N LEU D 878 6.61 -25.19 -1.86
CA LEU D 878 7.26 -26.40 -2.35
C LEU D 878 8.33 -26.12 -3.40
N ALA D 879 8.26 -25.00 -4.11
CA ALA D 879 9.27 -24.69 -5.10
C ALA D 879 10.54 -24.15 -4.46
N GLU D 880 10.41 -23.45 -3.33
CA GLU D 880 11.59 -22.90 -2.68
C GLU D 880 12.40 -23.98 -1.98
N ASN D 881 11.78 -25.07 -1.54
CA ASN D 881 12.49 -26.14 -0.86
C ASN D 881 13.06 -27.20 -1.80
N GLY D 882 12.76 -27.16 -3.09
CA GLY D 882 13.31 -28.16 -3.99
C GLY D 882 12.36 -28.98 -4.84
N PHE D 883 11.05 -28.88 -4.60
CA PHE D 883 10.06 -29.64 -5.38
C PHE D 883 9.37 -28.71 -6.37
N LEU D 884 9.84 -28.72 -7.61
CA LEU D 884 9.27 -27.88 -8.64
C LEU D 884 7.88 -28.38 -9.04
N PRO D 885 7.04 -27.51 -9.61
CA PRO D 885 5.68 -27.94 -10.01
C PRO D 885 5.63 -29.07 -11.03
N MET D 886 6.65 -29.25 -11.86
CA MET D 886 6.59 -30.34 -12.85
C MET D 886 6.76 -31.72 -12.20
N ASP D 887 7.51 -31.81 -11.11
CA ASP D 887 7.73 -33.09 -10.44
C ASP D 887 6.71 -33.42 -9.35
N LEU D 888 5.77 -32.53 -9.06
CA LEU D 888 4.79 -32.82 -8.01
C LEU D 888 3.62 -33.67 -8.50
N ILE D 889 3.27 -33.59 -9.79
CA ILE D 889 2.16 -34.37 -10.33
C ILE D 889 2.57 -35.84 -10.43
N GLY D 890 1.92 -36.70 -9.64
CA GLY D 890 2.22 -38.11 -9.66
C GLY D 890 3.08 -38.63 -8.52
N LYS D 891 3.28 -37.83 -7.47
CA LYS D 891 4.11 -38.23 -6.34
C LYS D 891 3.37 -38.74 -5.11
N ARG D 892 2.09 -38.41 -4.93
CA ARG D 892 1.34 -38.87 -3.75
C ARG D 892 1.54 -40.33 -3.33
N VAL D 893 1.72 -41.25 -4.28
CA VAL D 893 1.92 -42.65 -3.91
C VAL D 893 3.21 -42.83 -3.13
N ARG D 894 4.27 -42.15 -3.56
CA ARG D 894 5.53 -42.27 -2.84
C ARG D 894 5.68 -41.18 -1.80
N TRP D 895 4.97 -40.05 -1.98
CA TRP D 895 5.05 -38.98 -1.00
C TRP D 895 4.37 -39.39 0.29
N ASP D 896 3.39 -40.30 0.21
CA ASP D 896 2.68 -40.76 1.39
C ASP D 896 3.34 -41.99 2.00
N ASP D 897 3.78 -42.94 1.17
CA ASP D 897 4.43 -44.16 1.64
C ASP D 897 5.34 -43.86 2.83
N ARG D 898 5.16 -44.63 3.90
CA ARG D 898 5.94 -44.45 5.12
C ARG D 898 7.26 -45.21 5.12
N TRP D 899 7.55 -46.05 4.13
CA TRP D 899 8.80 -46.80 4.11
C TRP D 899 9.76 -46.40 2.99
N ILE D 900 9.57 -45.25 2.37
CA ILE D 900 10.47 -44.82 1.29
C ILE D 900 11.27 -43.65 1.83
N SER D 901 12.48 -43.94 2.32
CA SER D 901 13.36 -42.92 2.88
C SER D 901 14.28 -42.29 1.83
N ASP D 902 13.90 -42.28 0.56
CA ASP D 902 14.74 -41.68 -0.48
C ASP D 902 13.83 -41.22 -1.62
N VAL D 903 13.32 -39.99 -1.51
CA VAL D 903 12.46 -39.40 -2.51
C VAL D 903 13.23 -38.30 -3.23
N GLU D 904 13.54 -38.54 -4.50
CA GLU D 904 14.28 -37.58 -5.29
C GLU D 904 13.41 -36.37 -5.66
N ASP D 905 13.99 -35.19 -5.53
CA ASP D 905 13.28 -33.95 -5.86
C ASP D 905 13.75 -33.47 -7.22
N SER D 906 13.28 -32.28 -7.62
CA SER D 906 13.66 -31.72 -8.91
C SER D 906 15.16 -31.47 -9.05
N PHE D 907 15.90 -31.40 -7.94
CA PHE D 907 17.34 -31.15 -8.03
C PHE D 907 18.19 -32.40 -7.78
N GLY D 908 17.58 -33.52 -7.39
CA GLY D 908 18.33 -34.73 -7.14
C GLY D 908 18.58 -35.08 -5.69
N GLN D 909 18.10 -34.27 -4.75
CA GLN D 909 18.32 -34.53 -3.34
C GLN D 909 17.39 -35.66 -2.86
N GLN D 910 17.83 -36.37 -1.82
CA GLN D 910 17.08 -37.47 -1.25
C GLN D 910 16.46 -37.01 0.06
N TRP D 911 15.13 -37.05 0.13
CA TRP D 911 14.35 -36.63 1.29
C TRP D 911 13.71 -37.79 2.04
N THR D 912 13.94 -37.86 3.35
CA THR D 912 13.33 -38.93 4.13
C THR D 912 11.84 -38.63 4.28
N TYR D 913 11.12 -39.57 4.88
CA TYR D 913 9.67 -39.42 5.05
C TYR D 913 9.29 -38.25 5.97
N GLU D 914 9.85 -38.20 7.18
CA GLU D 914 9.51 -37.12 8.11
C GLU D 914 9.92 -35.74 7.60
N GLN D 915 10.99 -35.64 6.82
CA GLN D 915 11.41 -34.33 6.32
C GLN D 915 10.39 -33.78 5.32
N ARG D 916 9.90 -34.63 4.41
CA ARG D 916 8.92 -34.15 3.45
C ARG D 916 7.60 -33.88 4.16
N LYS D 917 7.32 -34.63 5.23
CA LYS D 917 6.06 -34.38 5.93
C LYS D 917 6.12 -33.02 6.63
N ILE D 918 7.30 -32.66 7.15
CA ILE D 918 7.44 -31.37 7.81
C ILE D 918 7.16 -30.26 6.79
N VAL D 919 7.63 -30.44 5.56
CA VAL D 919 7.38 -29.41 4.56
C VAL D 919 5.88 -29.35 4.22
N GLU D 920 5.21 -30.49 4.14
CA GLU D 920 3.78 -30.47 3.83
C GLU D 920 3.00 -29.74 4.93
N PHE D 921 3.40 -29.94 6.18
CA PHE D 921 2.71 -29.26 7.28
C PHE D 921 2.95 -27.75 7.19
N THR D 922 4.18 -27.35 6.83
CA THR D 922 4.42 -25.93 6.72
C THR D 922 3.57 -25.36 5.58
N CYS D 923 3.21 -26.21 4.61
CA CYS D 923 2.39 -25.73 3.51
C CYS D 923 0.96 -25.58 3.98
N HIS D 924 0.58 -26.34 5.01
CA HIS D 924 -0.77 -26.23 5.52
C HIS D 924 -0.89 -24.94 6.29
N THR D 925 0.16 -24.63 7.06
CA THR D 925 0.17 -23.39 7.85
C THR D 925 0.09 -22.18 6.92
N SER D 926 0.89 -22.18 5.84
CA SER D 926 0.84 -21.04 4.94
C SER D 926 -0.49 -20.98 4.20
N PHE D 927 -1.12 -22.13 3.94
CA PHE D 927 -2.40 -22.11 3.24
C PHE D 927 -3.45 -21.45 4.13
N PHE D 928 -3.43 -21.77 5.41
CA PHE D 928 -4.38 -21.19 6.36
C PHE D 928 -4.16 -19.69 6.49
N ILE D 929 -2.89 -19.26 6.47
CA ILE D 929 -2.63 -17.84 6.57
C ILE D 929 -3.09 -17.14 5.30
N SER D 930 -2.98 -17.82 4.15
CA SER D 930 -3.43 -17.22 2.90
C SER D 930 -4.94 -17.03 2.96
N ILE D 931 -5.62 -18.00 3.58
CA ILE D 931 -7.07 -17.92 3.72
C ILE D 931 -7.44 -16.67 4.50
N VAL D 932 -6.72 -16.43 5.60
CA VAL D 932 -7.00 -15.22 6.41
C VAL D 932 -6.76 -13.95 5.58
N VAL D 933 -5.67 -13.93 4.81
CA VAL D 933 -5.35 -12.77 3.99
C VAL D 933 -6.48 -12.48 3.00
N VAL D 934 -7.01 -13.50 2.34
CA VAL D 934 -8.09 -13.23 1.39
C VAL D 934 -9.38 -12.93 2.14
N GLN D 935 -9.51 -13.41 3.38
CA GLN D 935 -10.73 -13.14 4.12
C GLN D 935 -10.79 -11.68 4.49
N TRP D 936 -9.65 -10.99 4.52
CA TRP D 936 -9.68 -9.57 4.83
C TRP D 936 -10.54 -8.83 3.80
N ALA D 937 -10.18 -9.01 2.52
CA ALA D 937 -10.92 -8.37 1.45
C ALA D 937 -12.32 -8.96 1.32
N ASP D 938 -12.52 -10.20 1.78
CA ASP D 938 -13.87 -10.73 1.66
C ASP D 938 -14.78 -10.09 2.70
N LEU D 939 -14.24 -9.82 3.90
CA LEU D 939 -15.04 -9.18 4.94
C LEU D 939 -15.31 -7.73 4.58
N ILE D 940 -14.41 -7.13 3.81
CA ILE D 940 -14.62 -5.74 3.43
C ILE D 940 -15.61 -5.65 2.28
N ILE D 941 -15.58 -6.62 1.35
CA ILE D 941 -16.53 -6.55 0.24
C ILE D 941 -17.89 -7.07 0.70
N CYS D 942 -17.94 -7.77 1.84
CA CYS D 942 -19.19 -8.29 2.37
C CYS D 942 -19.83 -7.29 3.31
N LYS D 943 -19.06 -6.29 3.76
CA LYS D 943 -19.60 -5.28 4.66
C LYS D 943 -20.81 -4.58 4.05
N THR D 944 -20.72 -4.21 2.78
CA THR D 944 -21.79 -3.54 2.05
C THR D 944 -22.24 -4.40 0.87
N ARG D 945 -23.54 -4.42 0.60
CA ARG D 945 -24.06 -5.21 -0.51
C ARG D 945 -24.20 -4.41 -1.80
N ARG D 946 -24.51 -3.12 -1.71
CA ARG D 946 -24.66 -2.28 -2.89
C ARG D 946 -23.75 -1.06 -2.83
N ASN D 947 -23.88 -0.24 -1.79
CA ASN D 947 -23.08 0.97 -1.58
C ASN D 947 -21.58 0.70 -1.61
N SER D 948 -20.79 1.77 -1.73
CA SER D 948 -19.34 1.68 -1.77
C SER D 948 -18.76 1.86 -0.37
N ILE D 949 -17.49 1.45 -0.22
CA ILE D 949 -16.84 1.58 1.07
C ILE D 949 -16.54 3.05 1.37
N PHE D 950 -16.22 3.84 0.35
CA PHE D 950 -15.93 5.25 0.58
C PHE D 950 -17.18 6.06 0.88
N GLN D 951 -18.35 5.44 0.88
CA GLN D 951 -19.60 6.12 1.18
C GLN D 951 -20.05 5.73 2.59
N GLN D 952 -20.39 4.45 2.81
CA GLN D 952 -20.80 3.95 4.11
C GLN D 952 -19.79 4.37 5.15
N GLY D 953 -18.59 3.81 5.06
CA GLY D 953 -17.51 4.12 5.98
C GLY D 953 -17.21 2.97 6.92
N MET D 954 -15.96 2.96 7.41
CA MET D 954 -15.49 1.94 8.34
C MET D 954 -15.68 2.41 9.78
N LYS D 955 -16.95 2.67 10.12
CA LYS D 955 -17.30 3.13 11.45
C LYS D 955 -17.61 1.98 12.40
N ASN D 956 -17.63 0.75 11.89
CA ASN D 956 -17.91 -0.44 12.68
C ASN D 956 -16.61 -0.85 13.37
N LYS D 957 -16.50 -0.53 14.66
CA LYS D 957 -15.30 -0.87 15.41
C LYS D 957 -15.13 -2.37 15.60
N ILE D 958 -16.25 -3.11 15.68
CA ILE D 958 -16.17 -4.56 15.86
C ILE D 958 -15.48 -5.22 14.67
N LEU D 959 -15.79 -4.77 13.44
CA LEU D 959 -15.15 -5.36 12.27
C LEU D 959 -13.64 -5.15 12.29
N ILE D 960 -13.21 -3.94 12.69
CA ILE D 960 -11.79 -3.64 12.75
C ILE D 960 -11.12 -4.55 13.77
N PHE D 961 -11.79 -4.73 14.92
CA PHE D 961 -11.25 -5.59 15.95
C PHE D 961 -11.19 -7.03 15.46
N GLY D 962 -12.15 -7.41 14.62
CA GLY D 962 -12.17 -8.75 14.08
C GLY D 962 -10.96 -9.00 13.20
N LEU D 963 -10.65 -8.03 12.33
CA LEU D 963 -9.48 -8.19 11.45
C LEU D 963 -8.20 -8.31 12.27
N PHE D 964 -8.02 -7.40 13.24
CA PHE D 964 -6.81 -7.43 14.06
C PHE D 964 -6.68 -8.77 14.80
N GLU D 965 -7.76 -9.24 15.42
CA GLU D 965 -7.70 -10.51 16.15
C GLU D 965 -7.47 -11.68 15.20
N GLU D 966 -8.10 -11.63 14.03
CA GLU D 966 -7.95 -12.69 13.04
C GLU D 966 -6.49 -12.85 12.64
N THR D 967 -5.76 -11.74 12.57
CA THR D 967 -4.36 -11.85 12.20
C THR D 967 -3.49 -12.30 13.38
N ALA D 968 -3.78 -11.75 14.57
CA ALA D 968 -3.00 -12.12 15.75
C ALA D 968 -3.12 -13.61 16.06
N LEU D 969 -4.31 -14.18 15.84
CA LEU D 969 -4.49 -15.60 16.13
C LEU D 969 -3.65 -16.47 15.19
N ALA D 970 -3.60 -16.13 13.90
CA ALA D 970 -2.82 -16.92 12.97
C ALA D 970 -1.33 -16.84 13.31
N ALA D 971 -0.86 -15.64 13.67
CA ALA D 971 0.55 -15.51 14.01
C ALA D 971 0.85 -16.29 15.28
N PHE D 972 -0.07 -16.28 16.24
CA PHE D 972 0.14 -17.01 17.49
C PHE D 972 0.17 -18.51 17.25
N LEU D 973 -0.75 -19.02 16.44
CA LEU D 973 -0.77 -20.45 16.17
C LEU D 973 0.47 -20.90 15.43
N SER D 974 1.11 -20.01 14.67
CA SER D 974 2.30 -20.49 13.98
C SER D 974 3.60 -20.32 14.76
N TYR D 975 3.83 -19.16 15.36
CA TYR D 975 5.06 -18.88 16.11
C TYR D 975 5.14 -19.41 17.55
N CYS D 976 4.07 -19.87 18.18
CA CYS D 976 4.22 -20.34 19.56
C CYS D 976 4.94 -21.68 19.63
N PRO D 977 5.94 -21.82 20.51
CA PRO D 977 6.67 -23.09 20.63
C PRO D 977 5.75 -24.24 21.05
N GLY D 978 6.08 -25.43 20.56
CA GLY D 978 5.30 -26.61 20.86
C GLY D 978 4.04 -26.76 20.06
N THR D 979 3.90 -26.01 18.96
CA THR D 979 2.71 -26.12 18.13
C THR D 979 2.90 -27.18 17.05
N ASP D 980 4.14 -27.35 16.58
CA ASP D 980 4.43 -28.35 15.57
C ASP D 980 4.32 -29.74 16.15
N VAL D 981 4.16 -29.84 17.46
CA VAL D 981 4.02 -31.09 18.19
C VAL D 981 2.57 -31.35 18.53
N ALA D 982 1.88 -30.32 19.04
CA ALA D 982 0.48 -30.42 19.42
C ALA D 982 -0.46 -30.32 18.22
N LEU D 983 -0.42 -29.19 17.49
CA LEU D 983 -1.27 -28.99 16.33
C LEU D 983 -0.62 -29.22 14.98
N ARG D 984 0.71 -29.40 14.92
CA ARG D 984 1.42 -29.63 13.67
C ARG D 984 1.43 -28.42 12.75
N MET D 985 1.90 -27.27 13.25
CA MET D 985 1.97 -26.03 12.48
C MET D 985 3.36 -25.48 12.72
N TYR D 986 4.16 -25.42 11.65
CA TYR D 986 5.53 -24.92 11.72
C TYR D 986 5.62 -23.44 11.38
N PRO D 987 6.68 -22.78 11.87
CA PRO D 987 6.85 -21.35 11.59
C PRO D 987 7.08 -21.07 10.12
N LEU D 988 6.69 -19.87 9.70
CA LEU D 988 6.84 -19.43 8.33
C LEU D 988 7.93 -18.38 8.21
N LYS D 989 8.52 -18.32 7.04
CA LYS D 989 9.59 -17.38 6.72
C LYS D 989 8.95 -16.08 6.23
N PRO D 990 9.34 -14.93 6.80
CA PRO D 990 8.76 -13.63 6.41
C PRO D 990 8.49 -13.33 4.93
N SER D 991 9.04 -14.10 4.00
CA SER D 991 8.77 -13.79 2.60
C SER D 991 7.52 -14.49 2.08
N TRP D 992 7.07 -15.54 2.76
CA TRP D 992 5.88 -16.28 2.33
C TRP D 992 4.59 -15.51 2.62
N TRP D 993 4.46 -14.91 3.80
CA TRP D 993 3.28 -14.15 4.18
C TRP D 993 2.75 -13.16 3.14
N PHE D 994 3.55 -12.83 2.12
CA PHE D 994 3.14 -11.88 1.09
C PHE D 994 2.71 -12.55 -0.23
N CYS D 995 2.44 -13.86 -0.22
CA CYS D 995 2.03 -14.51 -1.46
C CYS D 995 0.54 -14.37 -1.76
N ALA D 996 -0.29 -14.02 -0.78
CA ALA D 996 -1.73 -13.87 -0.99
C ALA D 996 -2.20 -12.43 -1.14
N PHE D 997 -1.32 -11.45 -0.89
CA PHE D 997 -1.70 -10.04 -1.01
C PHE D 997 -2.27 -9.63 -2.37
N PRO D 998 -1.67 -9.97 -3.52
CA PRO D 998 -2.26 -9.54 -4.80
C PRO D 998 -3.65 -10.08 -5.01
N TYR D 999 -3.92 -11.33 -4.63
CA TYR D 999 -5.24 -11.90 -4.81
C TYR D 999 -6.26 -11.13 -3.98
N SER D 1000 -5.89 -10.73 -2.78
CA SER D 1000 -6.80 -9.98 -1.91
C SER D 1000 -7.14 -8.64 -2.53
N LEU D 1001 -6.12 -7.89 -2.99
CA LEU D 1001 -6.42 -6.60 -3.60
C LEU D 1001 -7.29 -6.79 -4.84
N ILE D 1002 -7.03 -7.85 -5.61
CA ILE D 1002 -7.82 -8.09 -6.81
C ILE D 1002 -9.29 -8.34 -6.43
N ILE D 1003 -9.51 -9.10 -5.36
CA ILE D 1003 -10.87 -9.37 -4.92
C ILE D 1003 -11.56 -8.06 -4.58
N PHE D 1004 -10.83 -7.17 -3.90
CA PHE D 1004 -11.39 -5.87 -3.51
C PHE D 1004 -11.76 -5.04 -4.73
N LEU D 1005 -10.88 -5.00 -5.74
CA LEU D 1005 -11.16 -4.22 -6.94
C LEU D 1005 -12.32 -4.80 -7.75
N TYR D 1006 -12.37 -6.13 -7.84
CA TYR D 1006 -13.46 -6.76 -8.59
C TYR D 1006 -14.80 -6.45 -7.95
N ASP D 1007 -14.92 -6.69 -6.64
CA ASP D 1007 -16.20 -6.40 -6.00
C ASP D 1007 -16.51 -4.91 -6.02
N GLU D 1008 -15.48 -4.04 -6.00
CA GLU D 1008 -15.75 -2.62 -6.04
C GLU D 1008 -16.38 -2.24 -7.37
N MET D 1009 -15.83 -2.74 -8.47
CA MET D 1009 -16.42 -2.40 -9.76
C MET D 1009 -17.78 -3.09 -9.91
N ARG D 1010 -17.97 -4.21 -9.22
CA ARG D 1010 -19.24 -4.92 -9.28
C ARG D 1010 -20.34 -4.07 -8.68
N ARG D 1011 -20.11 -3.58 -7.46
CA ARG D 1011 -21.06 -2.74 -6.73
C ARG D 1011 -21.17 -1.35 -7.33
N PHE D 1012 -20.68 -1.17 -8.55
CA PHE D 1012 -20.72 0.12 -9.24
C PHE D 1012 -21.71 0.13 -10.41
N ILE D 1013 -21.69 -0.93 -11.21
CA ILE D 1013 -22.61 -1.00 -12.34
C ILE D 1013 -24.03 -1.17 -11.82
N ILE D 1014 -24.16 -1.78 -10.63
CA ILE D 1014 -25.48 -1.98 -10.05
C ILE D 1014 -26.10 -0.62 -9.73
N ARG D 1015 -25.27 0.29 -9.22
CA ARG D 1015 -25.74 1.63 -8.88
C ARG D 1015 -26.06 2.43 -10.14
N ARG D 1016 -25.09 2.54 -11.04
CA ARG D 1016 -25.34 3.31 -12.27
C ARG D 1016 -26.40 2.66 -13.16
N SER D 1017 -26.41 1.33 -13.25
CA SER D 1017 -27.38 0.61 -14.08
C SER D 1017 -28.38 -0.16 -13.22
N PRO D 1018 -29.49 0.45 -12.81
CA PRO D 1018 -30.48 -0.28 -11.99
C PRO D 1018 -31.33 -1.21 -12.85
N GLY D 1019 -31.36 -2.48 -12.48
CA GLY D 1019 -32.13 -3.47 -13.20
C GLY D 1019 -31.35 -4.21 -14.28
N GLY D 1020 -30.08 -3.88 -14.47
CA GLY D 1020 -29.26 -4.52 -15.47
C GLY D 1020 -28.81 -5.92 -15.11
N TRP D 1021 -28.02 -6.49 -16.02
CA TRP D 1021 -27.47 -7.84 -15.87
C TRP D 1021 -26.78 -8.07 -14.53
N VAL D 1022 -25.88 -7.15 -14.15
CA VAL D 1022 -25.17 -7.31 -12.89
C VAL D 1022 -26.13 -7.36 -11.70
N GLU D 1023 -27.30 -6.74 -11.82
CA GLU D 1023 -28.25 -6.77 -10.71
C GLU D 1023 -29.02 -8.08 -10.64
N GLN D 1024 -29.61 -8.51 -11.76
CA GLN D 1024 -30.35 -9.76 -11.69
C GLN D 1024 -29.44 -10.98 -11.73
N GLU D 1025 -28.12 -10.79 -11.72
CA GLU D 1025 -27.18 -11.90 -11.74
C GLU D 1025 -26.30 -11.98 -10.49
N THR D 1026 -25.87 -10.84 -9.93
CA THR D 1026 -25.02 -10.84 -8.75
C THR D 1026 -25.58 -10.11 -7.52
N TYR D 1027 -26.77 -9.53 -7.58
CA TYR D 1027 -27.35 -8.80 -6.44
C TYR D 1027 -28.11 -9.73 -5.50
N TYR D 1028 -27.35 -10.39 -4.62
CA TYR D 1028 -27.84 -11.34 -3.60
C TYR D 1028 -29.36 -11.49 -3.46
N GLY E 12 -44.88 -26.93 -10.48
CA GLY E 12 -43.54 -26.81 -9.90
C GLY E 12 -42.53 -27.74 -10.55
N TRP E 13 -42.53 -29.00 -10.09
CA TRP E 13 -41.62 -30.03 -10.59
C TRP E 13 -41.50 -30.02 -12.12
N LYS E 14 -42.63 -30.09 -12.81
CA LYS E 14 -42.65 -30.10 -14.27
C LYS E 14 -42.42 -28.73 -14.89
N LYS E 15 -43.12 -27.70 -14.41
CA LYS E 15 -42.97 -26.36 -14.97
C LYS E 15 -41.55 -25.83 -14.88
N PHE E 16 -40.96 -25.76 -13.68
CA PHE E 16 -39.60 -25.25 -13.56
C PHE E 16 -38.59 -26.03 -14.40
N LEU E 17 -39.04 -27.05 -15.11
CA LEU E 17 -38.18 -27.86 -15.96
C LEU E 17 -38.38 -27.55 -17.42
N TRP E 18 -39.63 -27.34 -17.84
CA TRP E 18 -39.94 -27.02 -19.23
C TRP E 18 -41.38 -26.55 -19.42
N ASP E 19 -41.54 -25.28 -19.77
CA ASP E 19 -42.85 -24.69 -20.01
C ASP E 19 -42.91 -24.42 -21.51
N SER E 20 -44.11 -24.42 -22.08
CA SER E 20 -44.20 -24.19 -23.51
C SER E 20 -44.80 -22.85 -23.92
N GLU E 21 -45.00 -21.92 -22.99
CA GLU E 21 -45.55 -20.63 -23.38
C GLU E 21 -44.42 -19.63 -23.57
N LYS E 22 -43.52 -19.55 -22.59
CA LYS E 22 -42.37 -18.66 -22.65
C LYS E 22 -41.15 -19.33 -23.25
N LYS E 23 -41.28 -20.61 -23.64
CA LYS E 23 -40.19 -21.39 -24.23
C LYS E 23 -38.93 -21.33 -23.36
N GLU E 24 -39.12 -21.62 -22.08
CA GLU E 24 -38.07 -21.60 -21.08
C GLU E 24 -37.65 -23.01 -20.64
N PHE E 25 -36.34 -23.17 -20.39
CA PHE E 25 -35.77 -24.44 -19.95
C PHE E 25 -35.03 -24.15 -18.66
N LEU E 26 -35.43 -24.82 -17.57
CA LEU E 26 -34.83 -24.67 -16.25
C LEU E 26 -35.06 -23.29 -15.65
N GLY E 27 -35.60 -22.35 -16.42
CA GLY E 27 -35.86 -21.02 -15.90
C GLY E 27 -35.63 -19.90 -16.90
N ARG E 28 -34.62 -20.04 -17.74
CA ARG E 28 -34.30 -19.04 -18.75
C ARG E 28 -34.64 -19.53 -20.15
N THR E 29 -34.41 -18.66 -21.13
CA THR E 29 -34.65 -18.96 -22.53
C THR E 29 -33.34 -19.45 -23.14
N GLY E 30 -33.31 -19.63 -24.46
CA GLY E 30 -32.09 -20.10 -25.10
C GLY E 30 -30.92 -19.13 -24.99
N SER E 31 -31.17 -17.84 -25.27
CA SER E 31 -30.12 -16.82 -25.20
C SER E 31 -29.56 -16.54 -23.80
N SER E 32 -30.27 -16.93 -22.74
CA SER E 32 -29.74 -16.64 -21.40
C SER E 32 -28.64 -17.61 -21.00
N TRP E 33 -28.90 -18.92 -21.07
CA TRP E 33 -27.86 -19.88 -20.71
C TRP E 33 -26.58 -19.55 -21.45
N PHE E 34 -26.70 -18.98 -22.64
CA PHE E 34 -25.53 -18.62 -23.43
C PHE E 34 -24.83 -17.42 -22.81
N LYS E 35 -25.61 -16.43 -22.35
CA LYS E 35 -24.96 -15.28 -21.73
C LYS E 35 -24.18 -15.67 -20.48
N ILE E 36 -24.78 -16.54 -19.65
CA ILE E 36 -24.10 -16.96 -18.42
C ILE E 36 -22.89 -17.84 -18.73
N PHE E 37 -23.01 -18.78 -19.67
CA PHE E 37 -21.88 -19.63 -20.00
C PHE E 37 -20.72 -18.81 -20.56
N LEU E 38 -21.02 -17.86 -21.45
CA LEU E 38 -19.97 -17.03 -22.02
C LEU E 38 -19.29 -16.20 -20.95
N PHE E 39 -20.07 -15.64 -20.01
CA PHE E 39 -19.45 -14.83 -18.96
C PHE E 39 -18.51 -15.68 -18.12
N TYR E 40 -18.98 -16.86 -17.68
CA TYR E 40 -18.10 -17.70 -16.87
C TYR E 40 -16.88 -18.16 -17.65
N LEU E 41 -17.02 -18.41 -18.95
CA LEU E 41 -15.86 -18.86 -19.71
C LEU E 41 -14.80 -17.75 -19.76
N ILE E 42 -15.22 -16.51 -20.00
CA ILE E 42 -14.26 -15.41 -20.05
C ILE E 42 -13.65 -15.17 -18.69
N PHE E 43 -14.47 -15.20 -17.63
CA PHE E 43 -14.00 -14.98 -16.28
C PHE E 43 -12.95 -16.03 -15.87
N TYR E 44 -13.29 -17.31 -16.01
CA TYR E 44 -12.35 -18.36 -15.66
C TYR E 44 -11.10 -18.32 -16.54
N GLY E 45 -11.25 -17.88 -17.81
CA GLY E 45 -10.08 -17.81 -18.67
C GLY E 45 -9.11 -16.77 -18.14
N CYS E 46 -9.64 -15.62 -17.72
CA CYS E 46 -8.78 -14.58 -17.18
C CYS E 46 -8.12 -15.06 -15.90
N LEU E 47 -8.89 -15.78 -15.07
CA LEU E 47 -8.36 -16.31 -13.82
C LEU E 47 -7.17 -17.23 -14.08
N ALA E 48 -7.33 -18.13 -15.06
CA ALA E 48 -6.26 -19.06 -15.40
C ALA E 48 -5.04 -18.33 -15.94
N GLY E 49 -5.24 -17.34 -16.81
CA GLY E 49 -4.10 -16.62 -17.35
C GLY E 49 -3.33 -15.87 -16.27
N ILE E 50 -4.05 -15.31 -15.30
CA ILE E 50 -3.39 -14.57 -14.23
C ILE E 50 -2.59 -15.53 -13.36
N PHE E 51 -3.19 -16.67 -12.99
CA PHE E 51 -2.48 -17.63 -12.17
C PHE E 51 -1.21 -18.12 -12.88
N ILE E 52 -1.32 -18.36 -14.20
CA ILE E 52 -0.17 -18.83 -14.97
C ILE E 52 0.93 -17.77 -14.98
N GLY E 53 0.57 -16.50 -15.15
CA GLY E 53 1.59 -15.46 -15.16
C GLY E 53 2.30 -15.38 -13.82
N THR E 54 1.52 -15.46 -12.73
CA THR E 54 2.13 -15.39 -11.41
C THR E 54 2.97 -16.62 -11.11
N ILE E 55 2.78 -17.70 -11.87
CA ILE E 55 3.59 -18.88 -11.62
C ILE E 55 4.85 -18.80 -12.49
N GLN E 56 4.76 -18.12 -13.63
CA GLN E 56 5.93 -17.98 -14.49
C GLN E 56 6.95 -17.08 -13.83
N VAL E 57 6.49 -16.01 -13.17
CA VAL E 57 7.46 -15.14 -12.51
C VAL E 57 8.17 -15.95 -11.43
N LEU E 58 7.48 -16.95 -10.87
CA LEU E 58 8.08 -17.78 -9.84
C LEU E 58 9.13 -18.69 -10.47
N LEU E 59 8.87 -19.15 -11.70
CA LEU E 59 9.86 -20.00 -12.33
C LEU E 59 11.09 -19.17 -12.65
N LEU E 60 10.90 -17.87 -12.88
CA LEU E 60 12.01 -16.99 -13.18
C LEU E 60 12.77 -16.60 -11.91
N THR E 61 12.19 -16.86 -10.73
CA THR E 61 12.84 -16.53 -9.46
C THR E 61 13.79 -17.60 -8.95
N LEU E 62 13.66 -18.85 -9.39
CA LEU E 62 14.50 -19.95 -8.93
C LEU E 62 15.63 -20.31 -9.91
N SER E 63 16.69 -20.88 -9.35
CA SER E 63 17.88 -21.32 -10.08
C SER E 63 17.78 -22.80 -10.40
N ASP E 64 18.32 -23.18 -11.55
CA ASP E 64 18.31 -24.56 -12.02
C ASP E 64 19.43 -25.43 -11.45
N PHE E 65 20.47 -24.86 -10.84
CA PHE E 65 21.57 -25.66 -10.32
C PHE E 65 21.63 -25.73 -8.80
N GLU E 66 20.67 -25.15 -8.07
CA GLU E 66 20.79 -25.24 -6.63
C GLU E 66 19.49 -24.89 -5.91
N PRO E 67 19.10 -25.65 -4.88
CA PRO E 67 17.87 -25.33 -4.14
C PRO E 67 18.15 -24.15 -3.21
N LYS E 68 17.28 -23.14 -3.26
CA LYS E 68 17.46 -21.95 -2.43
C LYS E 68 17.53 -22.30 -0.94
N TYR E 69 16.63 -23.15 -0.46
CA TYR E 69 16.60 -23.54 0.95
C TYR E 69 17.03 -24.99 1.12
N GLN E 70 18.08 -25.21 1.93
CA GLN E 70 18.62 -26.53 2.19
C GLN E 70 18.69 -26.80 3.69
N ASP E 71 17.74 -26.29 4.47
CA ASP E 71 17.76 -26.51 5.91
C ASP E 71 16.90 -27.69 6.35
N ARG E 72 15.92 -28.11 5.55
CA ARG E 72 15.09 -29.24 5.95
C ARG E 72 15.76 -30.56 5.64
N VAL E 73 16.94 -30.53 5.03
CA VAL E 73 17.69 -31.74 4.67
C VAL E 73 19.14 -31.61 5.14
N ALA E 74 19.38 -30.89 6.25
CA ALA E 74 20.76 -30.74 6.71
C ALA E 74 21.32 -32.07 7.24
N PRO E 75 20.73 -32.71 8.25
CA PRO E 75 21.30 -33.99 8.71
C PRO E 75 20.87 -35.11 7.78
N PRO E 76 21.80 -35.70 7.04
CA PRO E 76 21.44 -36.77 6.11
C PRO E 76 20.89 -38.03 6.77
N GLY E 77 20.05 -38.73 6.00
CA GLY E 77 19.42 -39.95 6.44
C GLY E 77 20.31 -41.16 6.18
N LEU E 78 19.77 -42.33 6.52
CA LEU E 78 20.48 -43.60 6.34
C LEU E 78 19.46 -44.65 5.91
N SER E 79 19.38 -44.89 4.60
CA SER E 79 18.42 -45.88 4.11
C SER E 79 19.15 -47.18 3.77
N HIS E 80 18.37 -48.19 3.38
CA HIS E 80 18.92 -49.49 3.03
C HIS E 80 18.29 -50.00 1.74
N ALA E 81 18.81 -51.12 1.25
CA ALA E 81 18.34 -51.76 0.02
C ALA E 81 17.03 -52.54 0.16
N PRO E 82 16.83 -53.36 1.19
CA PRO E 82 15.57 -54.09 1.27
C PRO E 82 14.42 -53.16 1.61
N TYR E 83 13.24 -53.51 1.12
CA TYR E 83 12.04 -52.72 1.35
C TYR E 83 11.21 -53.47 2.39
N ALA E 84 11.28 -53.00 3.62
CA ALA E 84 10.55 -53.61 4.73
C ALA E 84 9.30 -52.78 4.99
N ILE E 85 8.17 -53.47 5.19
CA ILE E 85 6.92 -52.75 5.45
C ILE E 85 6.96 -52.07 6.80
N LYS E 86 7.38 -52.77 7.84
CA LYS E 86 7.46 -52.20 9.18
C LYS E 86 8.88 -52.29 9.73
N THR E 87 9.86 -52.18 8.84
CA THR E 87 11.28 -52.25 9.20
C THR E 87 11.58 -53.63 9.79
N GLU E 88 10.97 -54.66 9.21
CA GLU E 88 11.13 -56.03 9.65
C GLU E 88 11.45 -56.93 8.46
N ILE E 89 12.41 -57.82 8.65
CA ILE E 89 12.84 -58.77 7.63
C ILE E 89 12.56 -60.15 8.20
N SER E 90 11.45 -60.76 7.77
CA SER E 90 11.04 -62.09 8.21
C SER E 90 10.85 -62.98 7.00
N PHE E 91 11.59 -64.09 6.97
CA PHE E 91 11.47 -65.01 5.84
C PHE E 91 11.92 -66.40 6.24
N SER E 92 11.30 -67.40 5.62
CA SER E 92 11.59 -68.80 5.86
C SER E 92 12.72 -69.29 4.95
N ILE E 93 13.64 -70.06 5.52
CA ILE E 93 14.76 -70.57 4.72
C ILE E 93 14.33 -71.73 3.81
N SER E 94 13.10 -72.21 3.95
CA SER E 94 12.62 -73.31 3.12
C SER E 94 11.78 -72.81 1.96
N ASN E 95 10.66 -72.13 2.25
CA ASN E 95 9.77 -71.59 1.23
C ASN E 95 10.48 -70.50 0.43
N PRO E 96 10.70 -70.72 -0.87
CA PRO E 96 11.39 -69.69 -1.67
C PRO E 96 10.54 -68.45 -1.91
N LYS E 97 9.22 -68.58 -1.98
CA LYS E 97 8.34 -67.44 -2.20
C LYS E 97 8.16 -66.57 -0.96
N SER E 98 9.15 -66.57 -0.07
CA SER E 98 9.09 -65.78 1.15
C SER E 98 10.04 -64.59 1.14
N TYR E 99 11.22 -64.74 0.54
CA TYR E 99 12.19 -63.64 0.47
C TYR E 99 12.29 -63.04 -0.92
N GLU E 100 11.29 -63.28 -1.78
CA GLU E 100 11.30 -62.73 -3.13
C GLU E 100 11.19 -61.21 -3.13
N SER E 101 10.33 -60.67 -2.26
CA SER E 101 10.16 -59.22 -2.18
C SER E 101 11.45 -58.53 -1.81
N PHE E 102 12.32 -59.21 -1.06
CA PHE E 102 13.59 -58.62 -0.65
C PHE E 102 14.58 -58.61 -1.80
N VAL E 103 14.86 -59.81 -2.36
CA VAL E 103 15.79 -59.95 -3.48
C VAL E 103 15.40 -59.04 -4.63
N LYS E 104 14.09 -58.92 -4.92
CA LYS E 104 13.66 -58.07 -6.03
C LYS E 104 14.13 -56.63 -5.80
N SER E 105 13.95 -56.11 -4.59
CA SER E 105 14.38 -54.75 -4.28
C SER E 105 15.89 -54.66 -4.38
N MET E 106 16.60 -55.44 -3.57
CA MET E 106 18.06 -55.48 -3.56
C MET E 106 18.57 -55.40 -5.00
N HIS E 107 18.05 -56.29 -5.85
CA HIS E 107 18.43 -56.34 -7.26
C HIS E 107 18.14 -55.01 -7.93
N LYS E 108 16.98 -54.40 -7.68
CA LYS E 108 16.67 -53.12 -8.29
C LYS E 108 17.71 -52.08 -7.95
N LEU E 109 18.21 -52.10 -6.71
CA LEU E 109 19.22 -51.13 -6.29
C LEU E 109 20.57 -51.40 -6.93
N MET E 110 21.05 -52.65 -6.85
CA MET E 110 22.35 -52.98 -7.44
C MET E 110 22.35 -52.95 -8.96
N ASP E 111 21.21 -53.10 -9.60
CA ASP E 111 21.11 -53.08 -11.06
C ASP E 111 21.54 -51.77 -11.68
N LEU E 112 21.78 -50.73 -10.86
CA LEU E 112 22.22 -49.44 -11.35
C LEU E 112 23.73 -49.27 -11.34
N TYR E 113 24.44 -50.21 -10.73
CA TYR E 113 25.90 -50.16 -10.64
C TYR E 113 26.55 -51.11 -11.63
N ASN E 114 25.80 -51.61 -12.60
CA ASN E 114 26.31 -52.53 -13.61
C ASN E 114 27.48 -51.89 -14.33
N GLU E 115 28.53 -52.67 -14.59
CA GLU E 115 29.70 -52.12 -15.28
C GLU E 115 29.35 -51.62 -16.67
N SER E 116 28.43 -52.30 -17.37
CA SER E 116 28.05 -51.86 -18.71
C SER E 116 27.62 -50.40 -18.72
N SER E 117 26.96 -49.96 -17.65
CA SER E 117 26.51 -48.57 -17.55
C SER E 117 27.71 -47.64 -17.39
N GLN E 118 28.68 -48.03 -16.58
CA GLN E 118 29.89 -47.25 -16.32
C GLN E 118 30.94 -47.63 -17.36
N ALA E 119 31.02 -46.87 -18.45
CA ALA E 119 32.01 -47.19 -19.46
C ALA E 119 32.46 -45.94 -20.18
N GLY E 120 33.72 -45.96 -20.63
CA GLY E 120 34.32 -44.86 -21.34
C GLY E 120 34.89 -43.82 -20.41
N ASN E 121 35.37 -42.73 -21.00
CA ASN E 121 35.94 -41.65 -20.22
C ASN E 121 34.83 -40.71 -19.77
N SER E 122 33.82 -40.55 -20.61
CA SER E 122 32.73 -39.69 -20.24
C SER E 122 31.49 -40.52 -19.97
N PRO E 123 30.80 -40.26 -18.86
CA PRO E 123 31.35 -39.20 -18.01
C PRO E 123 32.12 -39.76 -16.80
N PHE E 124 32.33 -41.06 -16.75
CA PHE E 124 33.03 -41.71 -15.64
C PHE E 124 34.54 -41.58 -15.66
N GLU E 125 35.11 -41.47 -14.46
CA GLU E 125 36.55 -41.34 -14.23
C GLU E 125 37.02 -42.32 -13.15
N ASP E 126 38.13 -43.00 -13.41
CA ASP E 126 38.67 -43.95 -12.44
C ASP E 126 39.25 -43.21 -11.25
N CYS E 127 38.80 -43.59 -10.04
CA CYS E 127 39.28 -42.96 -8.83
C CYS E 127 40.02 -43.97 -7.96
N SER E 128 40.76 -43.44 -6.99
CA SER E 128 41.58 -44.21 -6.04
C SER E 128 40.86 -45.45 -5.51
N ASP E 129 41.52 -46.61 -5.65
CA ASP E 129 40.93 -47.86 -5.18
C ASP E 129 40.87 -47.92 -3.66
N THR E 130 41.56 -47.02 -2.98
CA THR E 130 41.64 -46.88 -1.54
C THR E 130 41.00 -45.55 -1.16
N PRO E 131 40.28 -45.47 -0.02
CA PRO E 131 39.65 -44.20 0.38
C PRO E 131 40.57 -42.99 0.20
N ALA E 132 40.01 -41.87 -0.24
CA ALA E 132 40.80 -40.66 -0.45
C ALA E 132 40.01 -39.46 0.06
N ASP E 133 40.49 -38.27 -0.27
CA ASP E 133 39.88 -37.02 0.15
C ASP E 133 38.83 -36.53 -0.86
N TYR E 134 38.26 -35.37 -0.55
CA TYR E 134 37.26 -34.73 -1.37
C TYR E 134 37.85 -34.40 -2.74
N ILE E 135 36.96 -34.07 -3.67
CA ILE E 135 37.34 -33.71 -5.03
C ILE E 135 36.35 -32.64 -5.46
N LYS E 136 36.86 -31.47 -5.79
CA LYS E 136 36.04 -30.34 -6.21
C LYS E 136 36.19 -30.15 -7.71
N ARG E 137 35.08 -30.33 -8.44
CA ARG E 137 35.07 -30.18 -9.89
C ARG E 137 34.62 -28.78 -10.28
N GLY E 138 35.00 -27.80 -9.48
CA GLY E 138 34.67 -26.41 -9.70
C GLY E 138 33.43 -25.99 -8.92
N ASP E 139 32.82 -24.91 -9.39
CA ASP E 139 31.63 -24.38 -8.74
C ASP E 139 30.39 -25.06 -9.30
N LEU E 140 29.22 -24.52 -8.97
CA LEU E 140 27.95 -25.06 -9.43
C LEU E 140 27.47 -24.20 -10.60
N ASP E 141 28.22 -24.29 -11.70
CA ASP E 141 27.91 -23.54 -12.91
C ASP E 141 27.85 -24.46 -14.12
N ASP E 142 27.51 -23.84 -15.25
CA ASP E 142 27.41 -24.50 -16.53
C ASP E 142 28.60 -24.17 -17.42
N SER E 143 29.57 -23.40 -16.92
CA SER E 143 30.76 -23.02 -17.67
C SER E 143 31.37 -24.32 -18.17
N GLN E 144 31.89 -25.13 -17.27
CA GLN E 144 32.45 -26.40 -17.70
C GLN E 144 31.25 -27.31 -17.96
N GLY E 145 31.39 -28.21 -18.93
CA GLY E 145 30.27 -29.08 -19.21
C GLY E 145 29.93 -30.01 -18.06
N GLN E 146 29.14 -31.03 -18.35
CA GLN E 146 28.74 -32.00 -17.34
C GLN E 146 29.95 -32.50 -16.57
N LYS E 147 29.92 -32.31 -15.24
CA LYS E 147 31.02 -32.75 -14.39
C LYS E 147 31.21 -34.26 -14.50
N LYS E 148 32.22 -34.79 -13.82
CA LYS E 148 32.53 -36.21 -13.85
C LYS E 148 32.41 -36.82 -12.46
N ALA E 149 31.80 -38.00 -12.38
CA ALA E 149 31.62 -38.71 -11.12
C ALA E 149 32.49 -39.96 -11.08
N CYS E 150 32.91 -40.34 -9.87
CA CYS E 150 33.75 -41.52 -9.68
C CYS E 150 32.96 -42.80 -9.90
N ARG E 151 33.66 -43.81 -10.40
CA ARG E 151 33.06 -45.12 -10.65
C ARG E 151 33.00 -45.95 -9.38
N PHE E 152 31.92 -46.70 -9.22
CA PHE E 152 31.72 -47.56 -8.05
C PHE E 152 31.38 -48.94 -8.60
N SER E 153 32.32 -49.88 -8.44
CA SER E 153 32.12 -51.23 -8.94
C SER E 153 31.29 -52.11 -8.01
N ARG E 154 30.57 -53.04 -8.63
CA ARG E 154 29.71 -53.98 -7.90
C ARG E 154 30.57 -54.88 -7.02
N MET E 155 31.49 -55.62 -7.65
CA MET E 155 32.42 -56.56 -7.03
C MET E 155 33.00 -56.06 -5.71
N TRP E 156 33.10 -54.73 -5.52
CA TRP E 156 33.64 -54.22 -4.26
C TRP E 156 32.90 -54.88 -3.11
N LEU E 157 31.58 -54.99 -3.22
CA LEU E 157 30.79 -55.66 -2.20
C LEU E 157 31.10 -57.12 -2.47
N LYS E 158 31.78 -57.79 -1.54
CA LYS E 158 32.15 -59.18 -1.80
C LYS E 158 31.10 -60.28 -1.75
N ASN E 159 30.50 -60.60 -0.60
CA ASN E 159 29.52 -61.67 -0.64
C ASN E 159 28.09 -61.22 -0.97
N CYS E 160 27.80 -59.92 -1.07
CA CYS E 160 26.45 -59.46 -1.40
C CYS E 160 26.56 -58.60 -2.66
N SER E 161 26.47 -59.25 -3.81
CA SER E 161 26.56 -58.55 -5.09
C SER E 161 25.61 -59.11 -6.14
N GLY E 162 24.95 -60.24 -5.87
CA GLY E 162 24.05 -60.85 -6.83
C GLY E 162 24.73 -61.35 -8.07
N LEU E 163 26.07 -61.34 -8.09
CA LEU E 163 26.84 -61.81 -9.22
C LEU E 163 27.21 -63.27 -9.06
N ASP E 164 27.36 -63.70 -7.80
CA ASP E 164 27.70 -65.08 -7.45
C ASP E 164 26.47 -65.83 -6.95
N ASP E 165 25.86 -65.33 -5.87
CA ASP E 165 24.67 -65.91 -5.26
C ASP E 165 23.56 -64.87 -5.40
N THR E 166 22.93 -64.84 -6.58
CA THR E 166 21.84 -63.94 -6.94
C THR E 166 20.94 -63.57 -5.77
N THR E 167 20.54 -64.57 -4.98
CA THR E 167 19.67 -64.35 -3.82
C THR E 167 20.26 -63.36 -2.81
N TYR E 168 21.60 -63.28 -2.73
CA TYR E 168 22.42 -62.42 -1.85
C TYR E 168 22.55 -62.94 -0.42
N GLY E 169 22.17 -64.18 -0.11
CA GLY E 169 22.32 -64.62 1.26
C GLY E 169 21.09 -65.26 1.88
N TYR E 170 19.93 -64.67 1.59
CA TYR E 170 18.62 -65.10 2.10
C TYR E 170 18.36 -66.59 1.88
N ALA E 171 19.16 -67.25 1.04
CA ALA E 171 18.97 -68.66 0.75
C ALA E 171 19.40 -69.58 1.90
N GLU E 172 20.40 -69.22 2.70
CA GLU E 172 20.80 -70.14 3.76
C GLU E 172 20.90 -69.46 5.13
N GLY E 173 20.03 -68.50 5.42
CA GLY E 173 20.12 -67.86 6.72
C GLY E 173 21.29 -66.92 6.95
N LYS E 174 21.64 -66.12 5.94
CA LYS E 174 22.74 -65.16 6.04
C LYS E 174 22.41 -63.98 5.14
N PRO E 175 21.39 -63.21 5.51
CA PRO E 175 21.01 -62.06 4.69
C PRO E 175 21.99 -60.90 4.76
N CYS E 176 21.91 -60.06 3.73
CA CYS E 176 22.77 -58.89 3.60
C CYS E 176 21.86 -57.66 3.64
N VAL E 177 22.48 -56.51 3.90
CA VAL E 177 21.77 -55.24 3.98
C VAL E 177 22.68 -54.14 3.44
N VAL E 178 22.34 -53.62 2.26
CA VAL E 178 23.11 -52.57 1.62
C VAL E 178 22.64 -51.22 2.14
N ALA E 179 23.49 -50.56 2.92
CA ALA E 179 23.18 -49.26 3.48
C ALA E 179 23.64 -48.18 2.51
N LYS E 180 22.96 -47.03 2.57
CA LYS E 180 23.25 -45.90 1.70
C LYS E 180 22.95 -44.57 2.40
N LEU E 181 23.82 -43.59 2.13
CA LEU E 181 23.73 -42.24 2.67
C LEU E 181 22.94 -41.35 1.70
N ASN E 182 21.96 -40.62 2.25
CA ASN E 182 21.12 -39.76 1.43
C ASN E 182 21.92 -38.65 0.73
N ARG E 183 21.77 -38.60 -0.59
CA ARG E 183 22.43 -37.63 -1.46
C ARG E 183 22.00 -36.19 -1.19
N ILE E 184 22.96 -35.33 -0.84
CA ILE E 184 22.70 -33.92 -0.57
C ILE E 184 23.65 -33.08 -1.41
N ILE E 185 23.12 -32.03 -2.03
CA ILE E 185 23.93 -31.14 -2.88
C ILE E 185 24.89 -30.31 -2.02
N GLY E 186 26.16 -30.27 -2.42
CA GLY E 186 27.17 -29.52 -1.72
C GLY E 186 27.43 -29.95 -0.29
N PHE E 187 27.12 -31.18 0.05
CA PHE E 187 27.34 -31.68 1.41
C PHE E 187 28.67 -32.42 1.51
N TYR E 188 29.53 -31.95 2.42
CA TYR E 188 30.83 -32.56 2.62
C TYR E 188 30.76 -33.42 3.87
N PRO E 189 30.97 -34.73 3.81
CA PRO E 189 30.91 -35.54 5.02
C PRO E 189 32.18 -35.32 5.82
N LYS E 190 32.02 -35.15 7.13
CA LYS E 190 33.17 -34.94 8.00
C LYS E 190 33.20 -35.96 9.13
N PRO E 191 34.28 -36.73 9.26
CA PRO E 191 34.37 -37.73 10.32
C PRO E 191 34.97 -37.17 11.60
N LEU E 192 34.74 -37.92 12.69
CA LEU E 192 35.25 -37.55 14.00
C LEU E 192 36.77 -37.67 14.02
N LYS E 193 37.42 -36.78 14.78
CA LYS E 193 38.87 -36.82 14.84
C LYS E 193 39.37 -37.80 15.92
N ASN E 194 40.66 -38.12 15.82
CA ASN E 194 41.39 -39.04 16.70
C ASN E 194 41.56 -38.65 18.17
N THR E 195 41.01 -37.52 18.61
CA THR E 195 41.13 -37.09 20.00
C THR E 195 40.61 -38.15 20.98
N THR E 196 41.03 -38.02 22.25
CA THR E 196 40.65 -38.93 23.33
C THR E 196 39.16 -39.17 23.44
N ASP E 197 38.31 -38.31 22.88
CA ASP E 197 36.88 -38.50 22.96
C ASP E 197 36.47 -38.99 21.59
N LEU E 198 35.97 -40.20 21.54
CA LEU E 198 35.52 -40.92 20.37
C LEU E 198 34.87 -42.17 20.92
N PRO E 199 33.86 -42.73 20.23
CA PRO E 199 33.24 -43.94 20.76
C PRO E 199 34.27 -45.05 20.87
N GLU E 200 33.87 -46.14 21.52
CA GLU E 200 34.76 -47.27 21.69
C GLU E 200 35.10 -47.87 20.32
N GLU E 201 34.08 -48.36 19.63
CA GLU E 201 34.14 -48.98 18.30
C GLU E 201 35.08 -48.33 17.28
N LEU E 202 34.90 -47.03 17.05
CA LEU E 202 35.66 -46.23 16.08
C LEU E 202 37.17 -46.15 16.25
N GLN E 203 37.74 -46.40 17.43
CA GLN E 203 39.19 -46.30 17.58
C GLN E 203 39.99 -47.06 16.52
N ALA E 204 39.79 -48.37 16.39
CA ALA E 204 40.53 -49.13 15.39
C ALA E 204 40.17 -48.75 13.96
N ASN E 205 41.18 -48.76 13.08
CA ASN E 205 41.06 -48.43 11.66
C ASN E 205 40.51 -47.02 11.41
N TYR E 206 41.19 -46.02 11.96
CA TYR E 206 40.76 -44.62 11.81
C TYR E 206 41.21 -44.02 10.47
N ASN E 207 40.63 -44.49 9.37
CA ASN E 207 41.03 -43.88 8.11
C ASN E 207 40.25 -42.57 8.08
N GLN E 208 40.95 -41.43 8.18
CA GLN E 208 40.26 -40.14 8.17
C GLN E 208 39.27 -40.04 7.01
N TYR E 209 39.69 -40.41 5.84
CA TYR E 209 38.88 -40.37 4.62
C TYR E 209 37.69 -41.33 4.63
N VAL E 210 37.32 -42.04 5.69
CA VAL E 210 36.18 -42.95 5.65
C VAL E 210 35.17 -42.55 6.72
N LEU E 211 33.89 -42.50 6.32
CA LEU E 211 32.82 -42.17 7.25
C LEU E 211 32.38 -43.51 7.81
N PRO E 212 32.57 -43.77 9.10
CA PRO E 212 32.20 -45.07 9.67
C PRO E 212 30.71 -45.31 9.92
N LEU E 213 30.33 -46.57 9.68
CA LEU E 213 28.98 -47.09 9.85
C LEU E 213 29.14 -48.31 10.76
N ARG E 214 28.40 -48.36 11.85
CA ARG E 214 28.52 -49.50 12.76
C ARG E 214 27.15 -49.86 13.32
N CYS E 215 26.78 -51.12 13.19
CA CYS E 215 25.51 -51.64 13.67
C CYS E 215 25.69 -52.33 15.02
N ALA E 216 24.60 -52.38 15.78
CA ALA E 216 24.61 -53.00 17.10
C ALA E 216 23.19 -53.44 17.43
N ALA E 217 22.96 -53.80 18.69
CA ALA E 217 21.67 -54.26 19.16
C ALA E 217 21.00 -53.16 19.99
N LYS E 218 19.69 -53.01 19.75
CA LYS E 218 18.93 -51.99 20.47
C LYS E 218 18.93 -52.23 21.98
N ARG E 219 18.66 -53.47 22.39
CA ARG E 219 18.64 -53.81 23.81
C ARG E 219 19.92 -54.51 24.21
N GLU E 220 20.22 -54.44 25.51
CA GLU E 220 21.42 -55.08 26.05
C GLU E 220 21.35 -56.60 25.96
N GLU E 221 20.16 -57.17 26.08
CA GLU E 221 19.99 -58.61 26.01
C GLU E 221 20.35 -59.16 24.63
N ASP E 222 19.70 -58.62 23.59
CA ASP E 222 19.90 -59.04 22.20
C ASP E 222 21.37 -59.13 21.76
N ARG E 223 22.31 -58.48 22.45
CA ARG E 223 23.72 -58.55 22.07
C ARG E 223 24.13 -59.99 21.78
N GLU E 224 24.02 -60.84 22.80
CA GLU E 224 24.37 -62.26 22.71
C GLU E 224 23.72 -62.99 21.54
N LYS E 225 22.45 -62.71 21.27
CA LYS E 225 21.74 -63.40 20.19
C LYS E 225 22.13 -62.92 18.79
N ILE E 226 22.90 -61.87 18.66
CA ILE E 226 23.34 -61.36 17.36
C ILE E 226 24.75 -61.87 17.17
N GLY E 227 25.02 -62.48 16.01
CA GLY E 227 26.36 -63.01 15.79
C GLY E 227 27.49 -62.15 15.29
N SER E 228 27.94 -62.37 14.05
CA SER E 228 29.05 -61.59 13.51
C SER E 228 28.65 -60.68 12.35
N ILE E 229 28.62 -59.38 12.65
CA ILE E 229 28.31 -58.32 11.70
C ILE E 229 29.54 -58.16 10.81
N GLU E 230 29.46 -58.61 9.57
CA GLU E 230 30.58 -58.51 8.63
C GLU E 230 30.28 -57.44 7.58
N TYR E 231 30.97 -56.31 7.67
CA TYR E 231 30.77 -55.22 6.73
C TYR E 231 31.70 -55.30 5.53
N PHE E 232 31.18 -54.90 4.38
CA PHE E 232 31.89 -54.88 3.10
C PHE E 232 31.81 -53.47 2.54
N GLY E 233 32.92 -52.98 2.01
CA GLY E 233 32.91 -51.64 1.46
C GLY E 233 34.15 -51.33 0.65
N LEU E 234 34.29 -50.06 0.30
CA LEU E 234 35.42 -49.59 -0.48
C LEU E 234 36.69 -49.69 0.35
N GLY E 235 37.64 -50.50 -0.11
CA GLY E 235 38.89 -50.66 0.62
C GLY E 235 38.82 -51.66 1.74
N GLY E 236 37.65 -52.26 1.97
CA GLY E 236 37.47 -53.23 3.03
C GLY E 236 37.03 -52.62 4.33
N TYR E 237 36.91 -51.29 4.39
CA TYR E 237 36.49 -50.58 5.59
C TYR E 237 34.97 -50.54 5.67
N ALA E 238 34.48 -50.28 6.89
CA ALA E 238 33.05 -50.20 7.15
C ALA E 238 32.61 -48.74 7.12
N GLY E 239 32.68 -48.15 5.93
CA GLY E 239 32.27 -46.77 5.81
C GLY E 239 32.14 -46.33 4.36
N PHE E 240 32.02 -45.01 4.20
CA PHE E 240 31.88 -44.38 2.90
C PHE E 240 33.10 -43.53 2.59
N PRO E 241 33.73 -43.73 1.43
CA PRO E 241 34.91 -42.93 1.07
C PRO E 241 34.51 -41.49 0.76
N LEU E 242 35.26 -40.56 1.33
CA LEU E 242 34.99 -39.13 1.14
C LEU E 242 35.17 -38.67 -0.30
N GLN E 243 35.84 -39.45 -1.14
CA GLN E 243 36.06 -39.08 -2.54
C GLN E 243 34.80 -39.02 -3.38
N TYR E 244 33.71 -39.66 -2.97
CA TYR E 244 32.49 -39.61 -3.76
C TYR E 244 31.64 -38.39 -3.45
N TYR E 245 32.26 -37.36 -2.88
CA TYR E 245 31.56 -36.14 -2.53
C TYR E 245 32.40 -34.94 -2.92
N PRO E 246 31.77 -33.77 -3.13
CA PRO E 246 30.32 -33.74 -2.96
C PRO E 246 29.53 -34.07 -4.23
N TYR E 247 28.21 -34.05 -4.06
CA TYR E 247 27.27 -34.34 -5.13
C TYR E 247 26.87 -32.99 -5.72
N TYR E 248 27.01 -32.85 -7.04
CA TYR E 248 26.68 -31.60 -7.71
C TYR E 248 25.25 -31.52 -8.19
N GLY E 249 24.40 -32.46 -7.83
CA GLY E 249 23.03 -32.33 -8.32
C GLY E 249 22.83 -33.02 -9.65
N LYS E 250 21.59 -33.43 -9.90
CA LYS E 250 21.22 -34.12 -11.14
C LYS E 250 21.61 -33.33 -12.40
N ARG E 251 21.19 -32.07 -12.48
CA ARG E 251 21.49 -31.25 -13.65
C ARG E 251 22.98 -31.16 -13.97
N LEU E 252 23.82 -31.00 -12.95
CA LEU E 252 25.25 -30.89 -13.21
C LEU E 252 26.03 -32.20 -13.10
N GLN E 253 25.39 -33.31 -12.75
CA GLN E 253 26.13 -34.58 -12.65
C GLN E 253 25.28 -35.80 -12.96
N LYS E 254 24.50 -35.78 -14.04
CA LYS E 254 23.72 -36.98 -14.31
C LYS E 254 24.69 -38.16 -14.40
N LYS E 255 24.17 -39.37 -14.18
CA LYS E 255 24.99 -40.59 -14.22
C LYS E 255 26.00 -40.55 -13.08
N TYR E 256 25.51 -40.26 -11.87
CA TYR E 256 26.33 -40.18 -10.67
C TYR E 256 25.94 -41.33 -9.75
N LEU E 257 26.95 -41.99 -9.18
CA LEU E 257 26.73 -43.12 -8.28
C LEU E 257 27.24 -42.79 -6.89
N GLN E 258 26.41 -43.03 -5.89
CA GLN E 258 26.69 -42.82 -4.48
C GLN E 258 27.28 -44.09 -3.88
N PRO E 259 28.25 -43.98 -2.97
CA PRO E 259 28.83 -45.19 -2.37
C PRO E 259 27.77 -46.02 -1.67
N LEU E 260 28.11 -47.28 -1.41
CA LEU E 260 27.22 -48.21 -0.75
C LEU E 260 28.02 -49.07 0.21
N LEU E 261 27.36 -49.59 1.25
CA LEU E 261 28.07 -50.42 2.21
C LEU E 261 27.24 -51.67 2.48
N ALA E 262 27.83 -52.84 2.29
CA ALA E 262 27.08 -54.08 2.52
C ALA E 262 27.30 -54.57 3.95
N ILE E 263 26.26 -55.17 4.53
CA ILE E 263 26.35 -55.67 5.90
C ILE E 263 25.77 -57.08 5.96
N GLN E 264 26.59 -58.06 6.30
CA GLN E 264 26.15 -59.44 6.42
C GLN E 264 25.99 -59.76 7.89
N PHE E 265 24.81 -60.22 8.27
CA PHE E 265 24.51 -60.57 9.66
C PHE E 265 24.73 -62.05 9.90
N THR E 266 25.98 -62.49 9.72
CA THR E 266 26.26 -63.91 9.92
C THR E 266 25.96 -64.34 11.35
N ASN E 267 25.80 -65.65 11.53
CA ASN E 267 25.50 -66.28 12.81
C ASN E 267 24.31 -65.62 13.51
N LEU E 268 23.15 -65.70 12.88
CA LEU E 268 21.92 -65.13 13.41
C LEU E 268 21.06 -66.20 14.06
N THR E 269 20.68 -65.97 15.32
CA THR E 269 19.86 -66.91 16.05
C THR E 269 18.59 -67.17 15.27
N GLN E 270 18.17 -68.43 15.23
CA GLN E 270 16.99 -68.83 14.51
C GLN E 270 15.71 -68.76 15.36
N ASN E 271 14.61 -68.45 14.68
CA ASN E 271 13.27 -68.33 15.26
C ASN E 271 13.17 -67.33 16.42
N MET E 272 13.57 -66.08 16.16
CA MET E 272 13.49 -65.05 17.20
C MET E 272 13.75 -63.65 16.62
N GLU E 273 12.86 -62.71 16.93
CA GLU E 273 12.93 -61.32 16.47
C GLU E 273 14.12 -60.56 17.05
N LEU E 274 15.05 -60.14 16.19
CA LEU E 274 16.22 -59.38 16.60
C LEU E 274 16.16 -57.95 16.07
N ARG E 275 16.31 -56.99 16.99
CA ARG E 275 16.28 -55.55 16.70
C ARG E 275 17.72 -55.06 16.53
N ILE E 276 18.10 -54.72 15.30
CA ILE E 276 19.44 -54.24 14.98
C ILE E 276 19.39 -52.78 14.56
N GLU E 277 20.13 -51.94 15.28
CA GLU E 277 20.20 -50.50 14.98
C GLU E 277 21.57 -50.18 14.40
N CYS E 278 21.59 -49.62 13.20
CA CYS E 278 22.83 -49.25 12.53
C CYS E 278 22.98 -47.74 12.68
N LYS E 279 24.22 -47.27 12.87
CA LYS E 279 24.45 -45.85 13.04
C LYS E 279 25.77 -45.36 12.46
N VAL E 280 25.72 -44.19 11.82
CA VAL E 280 26.87 -43.54 11.21
C VAL E 280 27.36 -42.51 12.23
N TYR E 281 28.65 -42.20 12.19
CA TYR E 281 29.23 -41.24 13.13
C TYR E 281 29.93 -40.12 12.36
N GLY E 282 29.79 -38.89 12.84
CA GLY E 282 30.41 -37.74 12.21
C GLY E 282 29.95 -36.39 12.73
N GLU E 283 30.74 -35.36 12.43
CA GLU E 283 30.46 -33.99 12.85
C GLU E 283 29.14 -33.45 12.31
N ASN E 284 29.04 -33.28 11.00
CA ASN E 284 27.82 -32.77 10.37
C ASN E 284 26.69 -33.80 10.34
N ILE E 285 26.73 -34.76 11.26
CA ILE E 285 25.71 -35.80 11.35
C ILE E 285 25.09 -35.70 12.74
N ASP E 286 23.76 -35.60 12.79
CA ASP E 286 23.04 -35.49 14.03
C ASP E 286 21.77 -36.31 13.92
N TYR E 287 21.41 -36.99 15.00
CA TYR E 287 20.23 -37.83 15.02
C TYR E 287 19.02 -37.06 15.57
N SER E 288 17.85 -37.66 15.40
CA SER E 288 16.60 -37.06 15.86
C SER E 288 15.72 -38.12 16.53
N GLU E 289 15.17 -37.78 17.69
CA GLU E 289 14.31 -38.71 18.41
C GLU E 289 12.96 -38.90 17.73
N LYS E 290 12.61 -38.04 16.77
CA LYS E 290 11.34 -38.12 16.05
C LYS E 290 11.49 -38.85 14.72
N ASP E 291 12.56 -38.57 13.98
CA ASP E 291 12.83 -39.21 12.70
C ASP E 291 13.82 -40.33 13.00
N ARG E 292 13.36 -41.58 12.86
CA ARG E 292 14.21 -42.74 13.13
C ARG E 292 15.05 -43.16 11.93
N PHE E 293 15.22 -42.28 10.95
CA PHE E 293 16.00 -42.56 9.76
C PHE E 293 17.06 -41.50 9.54
N ARG E 294 17.19 -40.54 10.45
CA ARG E 294 18.15 -39.45 10.36
C ARG E 294 19.48 -39.93 10.94
N GLY E 295 20.40 -40.31 10.06
CA GLY E 295 21.71 -40.77 10.48
C GLY E 295 21.78 -42.25 10.86
N ARG E 296 20.72 -42.78 11.45
CA ARG E 296 20.68 -44.18 11.85
C ARG E 296 19.47 -44.86 11.23
N PHE E 297 19.34 -46.15 11.49
CA PHE E 297 18.20 -46.89 10.96
C PHE E 297 18.02 -48.15 11.80
N GLU E 298 16.80 -48.67 11.82
CA GLU E 298 16.46 -49.86 12.58
C GLU E 298 15.91 -50.94 11.66
N VAL E 299 16.26 -52.19 11.97
CA VAL E 299 15.82 -53.35 11.21
C VAL E 299 15.43 -54.45 12.19
N LYS E 300 14.36 -55.16 11.87
CA LYS E 300 13.86 -56.26 12.70
C LYS E 300 14.03 -57.54 11.88
N ILE E 301 15.16 -58.22 12.06
CA ILE E 301 15.40 -59.44 11.31
C ILE E 301 14.92 -60.65 12.12
N GLU E 302 14.33 -61.61 11.41
CA GLU E 302 13.81 -62.84 12.00
C GLU E 302 13.88 -63.91 10.92
N VAL E 303 14.92 -64.74 10.98
CA VAL E 303 15.10 -65.81 10.00
C VAL E 303 14.46 -67.05 10.62
N LYS E 304 13.16 -67.17 10.42
CA LYS E 304 12.38 -68.30 10.94
C LYS E 304 12.44 -69.48 9.98
N SER E 305 12.98 -70.59 10.43
CA SER E 305 13.09 -71.78 9.59
C SER E 305 12.85 -73.05 10.39
N GLU F 24 34.96 -19.46 1.80
CA GLU F 24 34.02 -20.56 1.93
C GLU F 24 34.72 -21.89 1.68
N GLY F 25 34.00 -22.82 1.05
CA GLY F 25 34.54 -24.12 0.75
C GLY F 25 34.11 -25.23 1.69
N PRO F 26 35.09 -25.93 2.26
CA PRO F 26 34.79 -27.04 3.19
C PRO F 26 33.97 -26.64 4.42
N ASP F 27 34.27 -25.50 5.03
CA ASP F 27 33.56 -25.04 6.23
C ASP F 27 32.30 -24.24 5.92
N ASN F 28 31.61 -24.53 4.81
CA ASN F 28 30.38 -23.83 4.44
C ASN F 28 29.18 -24.38 5.22
N ASP F 29 29.31 -24.36 6.56
CA ASP F 29 28.25 -24.87 7.41
C ASP F 29 27.06 -23.91 7.49
N GLU F 30 27.31 -22.60 7.36
CA GLU F 30 26.23 -21.62 7.43
C GLU F 30 25.17 -21.83 6.34
N ARG F 31 25.58 -22.37 5.19
CA ARG F 31 24.66 -22.62 4.08
C ARG F 31 23.54 -23.61 4.44
N PHE F 32 23.57 -24.16 5.66
CA PHE F 32 22.54 -25.12 6.08
C PHE F 32 21.94 -24.75 7.43
N THR F 33 22.04 -23.49 7.85
CA THR F 33 21.49 -23.06 9.12
C THR F 33 20.53 -21.89 8.93
N TYR F 34 19.51 -21.86 9.78
CA TYR F 34 18.49 -20.81 9.76
C TYR F 34 18.15 -20.49 11.20
N ASP F 35 18.08 -19.19 11.53
CA ASP F 35 17.77 -18.76 12.88
C ASP F 35 16.26 -18.68 13.11
N TYR F 36 15.67 -19.86 13.25
CA TYR F 36 14.22 -19.92 13.49
C TYR F 36 13.84 -19.31 14.83
N TYR F 37 14.76 -19.36 15.80
CA TYR F 37 14.50 -18.80 17.12
C TYR F 37 14.14 -17.32 17.04
N ARG F 38 15.05 -16.52 16.47
CA ARG F 38 14.81 -15.09 16.34
C ARG F 38 13.53 -14.82 15.56
N LEU F 39 13.26 -15.65 14.56
CA LEU F 39 12.06 -15.47 13.76
C LEU F 39 10.81 -15.65 14.61
N ARG F 40 10.80 -16.68 15.45
CA ARG F 40 9.64 -16.90 16.31
C ARG F 40 9.48 -15.76 17.30
N VAL F 41 10.60 -15.28 17.86
CA VAL F 41 10.54 -14.18 18.82
C VAL F 41 9.87 -12.96 18.19
N VAL F 42 10.35 -12.56 17.00
CA VAL F 42 9.78 -11.40 16.33
C VAL F 42 8.32 -11.63 15.99
N GLY F 43 7.99 -12.80 15.43
CA GLY F 43 6.60 -13.06 15.08
C GLY F 43 5.68 -13.00 16.29
N LEU F 44 6.20 -13.33 17.47
CA LEU F 44 5.35 -13.28 18.65
C LEU F 44 5.20 -11.84 19.12
N ILE F 45 6.29 -11.06 19.07
CA ILE F 45 6.20 -9.66 19.47
C ILE F 45 5.13 -8.96 18.62
N VAL F 46 5.19 -9.20 17.30
CA VAL F 46 4.24 -8.59 16.38
C VAL F 46 2.82 -9.05 16.69
N ALA F 47 2.62 -10.36 16.87
CA ALA F 47 1.28 -10.86 17.18
C ALA F 47 0.72 -10.17 18.41
N ALA F 48 1.54 -10.06 19.46
CA ALA F 48 1.11 -9.41 20.69
C ALA F 48 0.70 -7.96 20.43
N VAL F 49 1.53 -7.23 19.68
CA VAL F 49 1.22 -5.84 19.37
C VAL F 49 -0.12 -5.72 18.65
N LEU F 50 -0.32 -6.54 17.61
CA LEU F 50 -1.58 -6.50 16.88
C LEU F 50 -2.76 -6.77 17.80
N CYS F 51 -2.60 -7.73 18.72
CA CYS F 51 -3.68 -8.05 19.65
C CYS F 51 -4.00 -6.85 20.53
N VAL F 52 -2.95 -6.18 21.02
CA VAL F 52 -3.16 -5.01 21.87
C VAL F 52 -3.93 -3.94 21.10
N ILE F 53 -3.38 -3.52 19.95
CA ILE F 53 -4.04 -2.52 19.10
C ILE F 53 -5.51 -2.86 18.93
N GLY F 54 -5.79 -4.13 18.66
CA GLY F 54 -7.18 -4.56 18.50
C GLY F 54 -8.00 -4.21 19.71
N ILE F 55 -7.53 -4.62 20.89
CA ILE F 55 -8.25 -4.33 22.14
C ILE F 55 -8.47 -2.82 22.29
N ILE F 56 -7.43 -2.03 22.02
CA ILE F 56 -7.51 -0.57 22.12
C ILE F 56 -8.68 -0.06 21.28
N ILE F 57 -8.70 -0.44 20.01
CA ILE F 57 -9.78 0.00 19.11
C ILE F 57 -11.14 -0.44 19.64
N LEU F 58 -11.23 -1.69 20.12
CA LEU F 58 -12.49 -2.21 20.64
C LEU F 58 -13.03 -1.40 21.81
N LEU F 59 -12.17 -1.10 22.80
CA LEU F 59 -12.61 -0.35 23.97
C LEU F 59 -12.54 1.17 23.80
N ALA F 60 -12.00 1.68 22.70
CA ALA F 60 -11.92 3.12 22.47
C ALA F 60 -13.30 3.67 22.19
N GLY F 61 -13.93 4.25 23.20
CA GLY F 61 -15.26 4.83 23.08
C GLY F 61 -16.06 4.62 24.34
N LYS F 62 -15.78 3.52 25.03
CA LYS F 62 -16.44 3.17 26.28
C LYS F 62 -15.69 3.74 27.48
N CYS F 63 -15.02 4.87 27.29
CA CYS F 63 -14.24 5.56 28.30
C CYS F 63 -13.80 6.90 27.75
C1 NAG G . -36.62 33.39 -37.31
C2 NAG G . -36.06 32.43 -38.38
C3 NAG G . -35.25 33.19 -39.42
C4 NAG G . -36.09 34.27 -40.08
C5 NAG G . -36.56 35.24 -39.01
C6 NAG G . -37.49 36.30 -39.54
C7 NAG G . -35.76 30.27 -37.26
C8 NAG G . -34.78 29.29 -36.66
N2 NAG G . -35.24 31.38 -37.77
O3 NAG G . -34.76 32.28 -40.40
O4 NAG G . -35.24 34.95 -41.01
O5 NAG G . -37.27 34.57 -37.96
O6 NAG G . -38.78 35.77 -39.80
O7 NAG G . -36.97 30.04 -37.26
C1 NAG G . -35.74 35.29 -42.33
C2 NAG G . -34.90 36.48 -42.76
C3 NAG G . -35.33 36.95 -44.14
C4 NAG G . -35.31 35.81 -45.15
C5 NAG G . -36.09 34.61 -44.62
C6 NAG G . -35.92 33.37 -45.49
C7 NAG G . -33.89 38.08 -41.21
C8 NAG G . -34.14 39.19 -40.23
N2 NAG G . -34.97 37.55 -41.79
O3 NAG G . -34.47 38.00 -44.56
O4 NAG G . -35.89 36.24 -46.37
O5 NAG G . -35.65 34.23 -43.30
O6 NAG G . -34.57 33.19 -45.89
O7 NAG G . -32.75 37.69 -41.48
C1 BMA G . -34.90 36.55 -47.39
C2 BMA G . -35.48 36.16 -48.77
C3 BMA G . -34.43 36.46 -49.85
C4 BMA G . -34.05 37.94 -49.78
C5 BMA G . -33.48 38.18 -48.39
C6 BMA G . -32.84 39.55 -48.17
O2 BMA G . -36.62 36.93 -49.07
O3 BMA G . -34.85 36.09 -51.18
O4 BMA G . -33.09 38.26 -50.78
O5 BMA G . -34.54 37.93 -47.43
O6 BMA G . -32.75 39.81 -46.79
C1 MAN G . -35.34 34.73 -51.18
C2 MAN G . -34.66 33.95 -52.35
C3 MAN G . -35.20 34.43 -53.70
C4 MAN G . -36.74 34.48 -53.73
C5 MAN G . -37.26 35.30 -52.53
C6 MAN G . -38.77 35.30 -52.41
O2 MAN G . -34.96 32.56 -52.28
O3 MAN G . -34.73 33.61 -54.78
O4 MAN G . -37.19 35.09 -54.92
O5 MAN G . -36.75 34.70 -51.31
O6 MAN G . -39.14 36.19 -51.37
C1 MAN G . -32.36 41.19 -46.60
C2 MAN G . -30.84 41.31 -46.86
C3 MAN G . -30.08 40.50 -45.81
C4 MAN G . -30.47 40.95 -44.40
C5 MAN G . -32.01 40.85 -44.23
C6 MAN G . -32.50 41.38 -42.91
O2 MAN G . -30.39 42.65 -46.72
O3 MAN G . -28.67 40.60 -46.00
O4 MAN G . -29.84 40.13 -43.44
O5 MAN G . -32.67 41.60 -45.28
O6 MAN G . -33.89 41.08 -42.81
C1 FUC G . -39.55 36.70 -40.57
C2 FUC G . -40.43 35.91 -41.54
C3 FUC G . -41.38 35.01 -40.73
C4 FUC G . -42.16 35.87 -39.73
C5 FUC G . -41.18 36.68 -38.89
C6 FUC G . -41.85 37.59 -37.91
O2 FUC G . -39.66 35.15 -42.46
O3 FUC G . -42.32 34.37 -41.59
O4 FUC G . -43.03 36.76 -40.43
O5 FUC G . -40.36 37.49 -39.76
C1 NAG H . -40.13 52.64 -30.59
C2 NAG H . -39.56 54.00 -31.08
C3 NAG H . -40.55 54.76 -31.97
C4 NAG H . -41.19 53.87 -33.03
C5 NAG H . -41.76 52.60 -32.40
C6 NAG H . -42.28 51.59 -33.40
C7 NAG H . -37.91 54.95 -29.52
C8 NAG H . -37.71 55.85 -28.34
N2 NAG H . -39.17 54.83 -29.95
O3 NAG H . -39.90 55.85 -32.59
O4 NAG H . -42.08 54.64 -33.84
O5 NAG H . -40.69 51.93 -31.70
O6 NAG H . -42.70 50.40 -32.75
O7 NAG H . -36.98 54.36 -30.05
C1 NAG H . -43.53 54.60 -33.78
C2 NAG H . -44.12 55.96 -33.51
C3 NAG H . -45.63 55.89 -33.56
C4 NAG H . -46.07 55.46 -34.95
C5 NAG H . -45.43 54.13 -35.31
C6 NAG H . -45.60 53.77 -36.77
C7 NAG H . -44.23 56.54 -31.05
C8 NAG H . -43.46 57.21 -29.96
N2 NAG H . -43.62 56.54 -32.26
O3 NAG H . -46.20 57.16 -33.23
O4 NAG H . -47.49 55.29 -34.97
O5 NAG H . -44.00 54.12 -35.06
O6 NAG H . -44.43 54.05 -37.53
O7 NAG H . -45.34 56.05 -30.86
C1 BMA H . -48.19 56.20 -35.85
C2 BMA H . -49.08 57.10 -34.96
C3 BMA H . -49.91 58.03 -35.89
C4 BMA H . -49.00 58.82 -36.87
C5 BMA H . -48.07 57.82 -37.63
C6 BMA H . -47.09 58.50 -38.60
O2 BMA H . -48.24 57.89 -34.12
O3 BMA H . -50.89 58.90 -35.23
O4 BMA H . -49.80 59.53 -37.79
O5 BMA H . -47.33 57.02 -36.66
O6 BMA H . -47.56 58.29 -39.94
C1 MAN H . -50.37 59.94 -34.37
C2 MAN H . -51.07 59.74 -32.97
C3 MAN H . -52.55 60.19 -33.05
C4 MAN H . -52.71 61.58 -33.71
C5 MAN H . -51.99 61.60 -35.08
C6 MAN H . -52.01 62.98 -35.72
O2 MAN H . -50.40 60.34 -31.78
O3 MAN H . -53.17 60.20 -31.77
O4 MAN H . -54.07 61.90 -33.87
O5 MAN H . -50.60 61.22 -34.92
O6 MAN H . -51.35 62.89 -36.98
C1 NAG H . -49.83 61.65 -31.91
C2 NAG H . -49.67 62.27 -30.50
C3 NAG H . -48.93 63.60 -30.54
C4 NAG H . -47.60 63.46 -31.28
C5 NAG H . -47.86 62.92 -32.68
C6 NAG H . -46.59 62.68 -33.46
C7 NAG H . -51.30 61.79 -28.72
C8 NAG H . -50.26 60.89 -28.12
N2 NAG H . -50.96 62.42 -29.85
O3 NAG H . -48.70 64.07 -29.22
O4 NAG H . -46.96 64.73 -31.37
O5 NAG H . -48.53 61.66 -32.59
O6 NAG H . -45.52 63.50 -32.99
O7 NAG H . -52.40 61.95 -28.18
C1 MAN H . -48.07 59.52 -40.49
C2 MAN H . -49.33 59.19 -41.33
C3 MAN H . -48.96 58.40 -42.59
C4 MAN H . -47.84 59.10 -43.38
C5 MAN H . -46.64 59.43 -42.45
C6 MAN H . -45.56 60.24 -43.14
O2 MAN H . -49.97 60.38 -41.80
O3 MAN H . -50.08 58.16 -43.42
O4 MAN H . -47.40 58.28 -44.44
O5 MAN H . -47.10 60.19 -41.31
O6 MAN H . -45.16 61.29 -42.27
C1 NAG I . -40.70 49.11 -0.50
C2 NAG I . -42.22 49.08 -0.76
C3 NAG I . -42.74 50.44 -1.19
C4 NAG I . -42.40 51.50 -0.16
C5 NAG I . -40.90 51.57 0.02
C6 NAG I . -40.46 52.46 1.16
C7 NAG I . -43.08 46.88 -1.44
C8 NAG I . -43.37 45.98 -2.61
N2 NAG I . -42.56 48.07 -1.75
O3 NAG I . -44.14 50.38 -1.39
O4 NAG I . -42.88 52.75 -0.69
O5 NAG I . -40.35 50.28 0.32
O6 NAG I . -40.90 51.93 2.41
O7 NAG I . -43.32 46.54 -0.28
C1 NAG I . -43.33 53.76 0.23
C2 NAG I . -42.90 55.08 -0.42
C3 NAG I . -43.34 56.26 0.46
C4 NAG I . -44.82 56.20 0.76
C5 NAG I . -45.22 54.83 1.31
C6 NAG I . -46.71 54.65 1.43
C7 NAG I . -40.93 55.40 -1.84
C8 NAG I . -39.43 55.39 -1.90
N2 NAG I . -41.47 55.12 -0.65
O3 NAG I . -43.03 57.47 -0.22
O4 NAG I . -45.15 57.21 1.71
O5 NAG I . -44.75 53.77 0.46
O6 NAG I . -47.37 54.92 0.20
O7 NAG I . -41.62 55.65 -2.82
C1 BMA I . -45.89 58.26 1.06
C2 BMA I . -47.21 58.44 1.82
C3 BMA I . -48.02 59.55 1.14
C4 BMA I . -47.19 60.84 1.14
C5 BMA I . -45.91 60.52 0.34
C6 BMA I . -45.02 61.72 0.03
O2 BMA I . -46.97 58.85 3.16
O3 BMA I . -49.31 59.74 1.75
O4 BMA I . -47.91 61.89 0.53
O5 BMA I . -45.19 59.51 1.07
O6 BMA I . -43.73 61.24 -0.30
C1 MAN I . -49.98 58.47 1.89
C2 MAN I . -51.42 58.61 1.36
C3 MAN I . -52.28 59.44 2.32
C4 MAN I . -52.12 58.97 3.79
C5 MAN I . -50.63 58.89 4.16
C6 MAN I . -50.39 58.33 5.55
O2 MAN I . -52.07 57.33 1.27
O3 MAN I . -53.65 59.43 1.95
O4 MAN I . -52.77 59.88 4.66
O5 MAN I . -49.96 58.03 3.23
O6 MAN I . -49.00 58.44 5.84
C1 FUC I . -40.64 52.87 3.46
C2 FUC I . -41.46 52.51 4.71
C3 FUC I . -40.96 51.17 5.28
C4 FUC I . -39.43 51.24 5.51
C5 FUC I . -38.76 51.68 4.22
C6 FUC I . -37.25 51.82 4.32
O2 FUC I . -42.85 52.48 4.46
O3 FUC I . -41.58 50.89 6.53
O4 FUC I . -39.15 52.18 6.55
O5 FUC I . -39.30 52.95 3.80
C1 NAG J . -30.35 64.87 -25.55
C2 NAG J . -31.35 65.53 -24.62
C3 NAG J . -31.63 66.95 -25.09
C4 NAG J . -30.34 67.73 -25.32
C5 NAG J . -29.31 66.91 -26.13
C6 NAG J . -27.94 67.52 -26.15
C7 NAG J . -32.77 63.76 -23.70
C8 NAG J . -34.10 63.07 -23.77
N2 NAG J . -32.59 64.77 -24.55
O3 NAG J . -32.43 67.63 -24.11
O4 NAG J . -30.70 68.88 -26.09
O5 NAG J . -29.16 65.60 -25.55
O6 NAG J . -27.07 66.82 -27.04
O7 NAG J . -31.90 63.40 -22.91
C1 NAG J . -30.01 70.11 -25.78
C2 NAG J . -30.04 70.92 -27.07
C3 NAG J . -29.33 72.25 -26.87
C4 NAG J . -29.93 72.99 -25.67
C5 NAG J . -29.94 72.09 -24.44
C6 NAG J . -30.64 72.72 -23.26
C7 NAG J . -30.14 69.43 -29.01
C8 NAG J . -29.36 68.73 -30.08
N2 NAG J . -29.43 70.18 -28.16
O3 NAG J . -29.46 73.04 -28.04
O4 NAG J . -29.16 74.16 -25.39
O5 NAG J . -30.62 70.87 -24.73
O6 NAG J . -30.36 72.01 -22.05
O7 NAG J . -31.36 69.31 -28.92
C1 NAG K . 22.67 -55.72 -14.95
C2 NAG K . 21.53 -55.68 -15.99
C3 NAG K . 20.50 -56.78 -15.75
C4 NAG K . 21.17 -58.14 -15.77
C5 NAG K . 22.23 -58.19 -14.66
C6 NAG K . 23.02 -59.47 -14.65
C7 NAG K . 21.36 -53.33 -16.68
C8 NAG K . 20.55 -52.06 -16.58
N2 NAG K . 20.88 -54.37 -16.01
O3 NAG K . 19.49 -56.71 -16.75
O4 NAG K . 20.15 -59.09 -15.49
O5 NAG K . 23.17 -57.12 -14.81
O6 NAG K . 23.95 -59.50 -15.73
O7 NAG K . 22.38 -53.39 -17.36
C1 NAG K . 20.10 -60.33 -16.26
C2 NAG K . 19.39 -61.31 -15.34
C3 NAG K . 19.26 -62.68 -16.01
C4 NAG K . 18.61 -62.55 -17.38
C5 NAG K . 19.30 -61.48 -18.23
C6 NAG K . 18.56 -61.18 -19.51
C7 NAG K . 19.44 -61.21 -12.90
C8 NAG K . 20.28 -61.37 -11.67
N2 NAG K . 20.06 -61.43 -14.06
O3 NAG K . 18.51 -63.55 -15.18
O4 NAG K . 18.67 -63.80 -18.06
O5 NAG K . 19.41 -60.24 -17.51
O6 NAG K . 17.16 -61.07 -19.30
O7 NAG K . 18.25 -60.92 -12.83
C1 BMA K . 17.42 -64.53 -18.04
C2 BMA K . 17.28 -65.30 -19.37
C3 BMA K . 15.94 -66.07 -19.36
C4 BMA K . 15.91 -67.00 -18.15
C5 BMA K . 16.04 -66.11 -16.91
C6 BMA K . 15.82 -66.82 -15.57
O2 BMA K . 18.31 -66.27 -19.50
O3 BMA K . 15.69 -66.78 -20.58
O4 BMA K . 14.70 -67.73 -18.10
O5 BMA K . 17.35 -65.47 -16.97
O6 BMA K . 16.38 -66.03 -14.53
C1 MAN K . 15.87 -65.91 -21.72
C2 MAN K . 14.63 -66.04 -22.65
C3 MAN K . 14.61 -67.40 -23.37
C4 MAN K . 15.99 -67.74 -23.99
C5 MAN K . 17.10 -67.58 -22.95
C6 MAN K . 18.49 -67.79 -23.52
O2 MAN K . 14.65 -65.06 -23.70
O3 MAN K . 13.59 -67.47 -24.35
O4 MAN K . 15.98 -69.07 -24.48
O5 MAN K . 17.06 -66.25 -22.41
O6 MAN K . 19.43 -67.77 -22.44
C1 MAN K . 16.37 -66.80 -13.31
C2 MAN K . 14.93 -66.80 -12.75
C3 MAN K . 14.55 -65.38 -12.35
C4 MAN K . 15.59 -64.80 -11.37
C5 MAN K . 16.99 -64.89 -11.99
C6 MAN K . 18.10 -64.44 -11.06
O2 MAN K . 14.84 -67.58 -11.55
O3 MAN K . 13.24 -65.30 -11.79
O4 MAN K . 15.29 -63.45 -11.09
O5 MAN K . 17.28 -66.26 -12.39
O6 MAN K . 19.33 -64.43 -11.79
C1 FUC K . 24.48 -60.83 -15.88
C2 FUC K . 24.69 -61.09 -17.36
C3 FUC K . 25.72 -60.07 -17.91
C4 FUC K . 27.01 -60.15 -17.05
C5 FUC K . 26.63 -59.97 -15.58
C6 FUC K . 27.83 -60.06 -14.66
O2 FUC K . 23.49 -61.04 -18.10
O3 FUC K . 26.07 -60.38 -19.24
O4 FUC K . 27.64 -61.40 -17.23
O5 FUC K . 25.68 -60.98 -15.20
C1 NAG L . 32.17 -65.40 0.68
C2 NAG L . 31.70 -66.58 1.56
C3 NAG L . 32.36 -67.91 1.13
C4 NAG L . 32.30 -68.12 -0.38
C5 NAG L . 32.84 -66.89 -1.11
C6 NAG L . 32.68 -66.96 -2.62
C7 NAG L . 31.09 -65.89 3.84
C8 NAG L . 31.57 -65.69 5.25
N2 NAG L . 32.00 -66.33 2.97
O3 NAG L . 31.70 -68.99 1.79
O4 NAG L . 32.89 -69.39 -0.71
O5 NAG L . 32.07 -65.76 -0.70
O6 NAG L . 33.11 -65.75 -3.23
O7 NAG L . 29.93 -65.67 3.52
C1 NAG L . 34.18 -69.58 -1.32
C2 NAG L . 35.06 -70.47 -0.48
C3 NAG L . 36.38 -70.72 -1.21
C4 NAG L . 36.10 -71.44 -2.51
C5 NAG L . 35.12 -70.64 -3.36
C6 NAG L . 34.59 -71.41 -4.55
C7 NAG L . 36.32 -69.22 1.32
C8 NAG L . 36.24 -68.79 2.75
N2 NAG L . 35.27 -69.92 0.86
O3 NAG L . 37.25 -71.50 -0.39
O4 NAG L . 37.31 -71.59 -3.25
O5 NAG L . 33.97 -70.20 -2.61
O6 NAG L . 33.29 -71.91 -4.31
O7 NAG L . 37.29 -68.93 0.63
C1 BMA L . 37.73 -72.97 -3.44
C2 BMA L . 39.06 -73.16 -2.68
C3 BMA L . 39.56 -74.60 -2.95
C4 BMA L . 38.49 -75.66 -2.61
C5 BMA L . 37.15 -75.31 -3.35
C6 BMA L . 36.00 -76.27 -3.04
O2 BMA L . 38.82 -73.00 -1.30
O3 BMA L . 40.88 -74.94 -2.39
O4 BMA L . 38.92 -76.94 -3.02
O5 BMA L . 36.77 -73.94 -3.00
O6 BMA L . 35.79 -77.12 -4.19
C1 MAN L . 40.97 -75.00 -0.95
C2 MAN L . 42.15 -74.04 -0.55
C3 MAN L . 43.51 -74.68 -0.92
C4 MAN L . 43.62 -76.13 -0.43
C5 MAN L . 42.41 -76.96 -0.92
C6 MAN L . 42.41 -78.37 -0.37
O2 MAN L . 42.18 -73.52 0.85
O3 MAN L . 44.61 -73.91 -0.42
O4 MAN L . 44.83 -76.72 -0.89
O5 MAN L . 41.17 -76.32 -0.49
O6 MAN L . 41.27 -79.05 -0.90
C1 NAG L . 41.85 -74.43 1.92
C2 NAG L . 42.43 -73.87 3.24
C3 NAG L . 42.00 -74.71 4.44
C4 NAG L . 40.48 -74.88 4.48
C5 NAG L . 40.01 -75.50 3.16
C6 NAG L . 38.51 -75.62 3.08
C7 NAG L . 44.54 -72.62 3.28
C8 NAG L . 43.71 -71.38 3.46
N2 NAG L . 43.87 -73.77 3.18
O3 NAG L . 42.45 -74.10 5.64
O4 NAG L . 40.10 -75.72 5.55
O5 NAG L . 40.42 -74.67 2.06
O6 NAG L . 37.92 -75.68 4.37
O7 NAG L . 45.77 -72.57 3.22
C1 MAN L . 36.24 -78.47 -3.89
C2 MAN L . 36.96 -79.04 -5.15
C3 MAN L . 35.94 -79.27 -6.26
C4 MAN L . 34.74 -80.10 -5.78
C5 MAN L . 34.13 -79.48 -4.50
C6 MAN L . 33.03 -80.32 -3.89
O2 MAN L . 37.54 -80.31 -4.88
O3 MAN L . 36.54 -79.88 -7.41
O4 MAN L . 33.74 -80.17 -6.79
O5 MAN L . 35.16 -79.31 -3.50
O6 MAN L . 33.25 -80.40 -2.49
C1 NAG M . 44.85 -42.44 15.88
C2 NAG M . 46.08 -42.87 15.05
C3 NAG M . 46.60 -44.23 15.51
C4 NAG M . 46.95 -44.21 16.99
C5 NAG M . 45.69 -43.87 17.79
C6 NAG M . 45.96 -43.64 19.26
C7 NAG M . 46.15 -41.95 12.78
C8 NAG M . 45.74 -42.15 11.35
N2 NAG M . 45.77 -42.90 13.64
O3 NAG M . 47.75 -44.57 14.75
O4 NAG M . 47.36 -45.54 17.32
O5 NAG M . 45.10 -42.64 17.32
O6 NAG M . 46.78 -42.49 19.44
O7 NAG M . 46.78 -40.96 13.14
C1 NAG M . 48.34 -45.72 18.37
C2 NAG M . 47.93 -47.01 19.07
C3 NAG M . 48.89 -47.33 20.20
C4 NAG M . 50.34 -47.35 19.71
C5 NAG M . 50.67 -46.08 18.93
C6 NAG M . 52.01 -46.14 18.24
C7 NAG M . 45.64 -47.85 19.28
C8 NAG M . 44.28 -47.61 19.88
N2 NAG M . 46.57 -46.93 19.56
O3 NAG M . 48.55 -48.59 20.77
O4 NAG M . 51.22 -47.47 20.82
O5 NAG M . 49.69 -45.83 17.91
O6 NAG M . 52.12 -47.29 17.42
O7 NAG M . 45.88 -48.82 18.58
C1 BMA M . 51.79 -48.80 20.84
C2 BMA M . 53.32 -48.64 20.85
C3 BMA M . 53.95 -50.04 20.86
C4 BMA M . 53.45 -50.80 22.09
C5 BMA M . 51.92 -50.89 21.94
C6 BMA M . 51.22 -51.80 22.95
O2 BMA M . 53.75 -47.98 22.02
O3 BMA M . 55.39 -49.99 20.80
O4 BMA M . 54.02 -52.10 22.14
O5 BMA M . 51.40 -49.55 21.99
O6 BMA M . 49.84 -51.44 22.99
C1 MAN M . 55.80 -49.13 19.72
C2 MAN M . 56.89 -49.85 18.89
C3 MAN M . 58.20 -49.93 19.67
C4 MAN M . 58.60 -48.57 20.28
C5 MAN M . 57.42 -47.99 21.08
C6 MAN M . 57.70 -46.59 21.63
O2 MAN M . 57.18 -49.13 17.70
O3 MAN M . 59.26 -50.44 18.86
O4 MAN M . 59.72 -48.73 21.14
O5 MAN M . 56.27 -47.89 20.23
O6 MAN M . 56.61 -46.22 22.47
C1 FUC M . 47.17 -42.39 20.83
C2 FUC M . 48.36 -41.43 20.97
C3 FUC M . 47.91 -40.00 20.60
C4 FUC M . 46.68 -39.62 21.44
C5 FUC M . 45.61 -40.69 21.26
C6 FUC M . 44.35 -40.44 22.06
O2 FUC M . 49.49 -41.83 20.20
O3 FUC M . 48.95 -39.06 20.89
O4 FUC M . 47.03 -39.51 22.81
O5 FUC M . 46.14 -41.97 21.65
C1 NAG N . 27.90 -68.82 16.19
C2 NAG N . 29.30 -68.83 16.78
C3 NAG N . 29.61 -70.22 17.35
C4 NAG N . 28.51 -70.70 18.29
C5 NAG N . 27.12 -70.47 17.69
C6 NAG N . 25.99 -70.66 18.68
C7 NAG N . 30.62 -67.20 15.50
C8 NAG N . 31.65 -67.02 14.41
N2 NAG N . 30.28 -68.47 15.76
O3 NAG N . 30.85 -70.17 18.04
O4 NAG N . 28.71 -72.09 18.46
O5 NAG N . 26.98 -69.13 17.21
O6 NAG N . 24.71 -70.63 18.04
O7 NAG N . 30.13 -66.26 16.10
C1 NAG N . 28.46 -72.62 19.78
C2 NAG N . 28.09 -74.08 19.56
C3 NAG N . 27.79 -74.76 20.89
C4 NAG N . 28.96 -74.57 21.85
C5 NAG N . 29.33 -73.10 21.96
C6 NAG N . 30.57 -72.85 22.79
C7 NAG N . 27.07 -74.37 17.34
C8 NAG N . 25.80 -74.46 16.56
N2 NAG N . 26.95 -74.19 18.66
O3 NAG N . 27.55 -76.15 20.67
O4 NAG N . 28.61 -75.07 23.14
O5 NAG N . 29.59 -72.55 20.66
O6 NAG N . 30.71 -71.49 23.14
O7 NAG N . 28.17 -74.45 16.80
MG MG O . 61.55 9.86 -13.63
NA NA P . 46.24 16.22 -22.43
MG MG Q . 12.04 19.69 -20.26
PG ATP R . 82.45 3.48 -14.03
O1G ATP R . 81.23 3.89 -13.28
O2G ATP R . 82.15 2.91 -15.42
O3G ATP R . 83.49 4.61 -14.17
PB ATP R . 83.38 1.71 -11.80
O1B ATP R . 82.08 1.58 -11.12
O2B ATP R . 84.20 0.43 -11.92
O3B ATP R . 83.22 2.31 -13.27
PA ATP R . 84.40 3.51 -9.69
O1A ATP R . 83.25 4.40 -9.45
O2A ATP R . 85.77 4.18 -9.60
O3A ATP R . 84.30 2.80 -11.11
O5' ATP R . 84.39 2.29 -8.69
C5' ATP R . 83.21 1.93 -7.94
C4' ATP R . 83.50 0.71 -7.11
O4' ATP R . 84.17 1.09 -5.90
C3' ATP R . 82.26 -0.07 -6.65
O3' ATP R . 82.57 -1.44 -6.44
C2' ATP R . 81.90 0.65 -5.35
O2' ATP R . 81.19 -0.20 -4.46
C1' ATP R . 83.29 0.98 -4.79
N9 ATP R . 83.34 2.23 -4.04
C8 ATP R . 83.79 3.45 -4.48
N7 ATP R . 83.73 4.40 -3.58
C5 ATP R . 83.20 3.77 -2.46
C6 ATP R . 82.88 4.22 -1.17
N6 ATP R . 83.05 5.49 -0.76
N1 ATP R . 82.37 3.33 -0.29
C2 ATP R . 82.19 2.06 -0.70
N3 ATP R . 82.45 1.53 -1.89
C4 ATP R . 82.95 2.43 -2.73
C1 CLR S . -3.98 14.93 2.28
C2 CLR S . -4.86 16.17 2.47
C3 CLR S . -4.05 17.50 2.43
C4 CLR S . -3.23 17.53 1.13
C5 CLR S . -2.41 16.27 0.88
C6 CLR S . -1.10 16.41 0.78
C7 CLR S . -0.14 15.25 0.77
C8 CLR S . -0.82 13.95 0.33
C9 CLR S . -2.21 13.71 0.98
C10 CLR S . -3.19 14.94 0.95
C11 CLR S . -2.81 12.34 0.54
C12 CLR S . -1.80 11.14 0.67
C13 CLR S . -0.40 11.49 0.00
C14 CLR S . 0.05 12.81 0.68
C15 CLR S . 1.57 12.97 0.39
C16 CLR S . 2.08 11.48 0.30
C17 CLR S . 0.78 10.55 0.43
C18 CLR S . -0.43 11.66 -1.53
C19 CLR S . -4.19 14.78 -0.24
C20 CLR S . 0.98 9.31 -0.42
C21 CLR S . -0.25 8.39 -0.58
C22 CLR S . 2.10 8.50 0.30
C23 CLR S . 2.56 7.29 -0.51
C24 CLR S . 3.64 6.60 0.39
C25 CLR S . 4.24 5.43 -0.36
C26 CLR S . 3.32 4.23 -0.60
C27 CLR S . 5.62 5.11 0.26
O1 CLR S . -4.82 18.68 2.60
C1 CLR T . -13.06 8.34 -8.59
C2 CLR T . -13.68 9.72 -8.31
C3 CLR T . -12.72 10.68 -7.56
C4 CLR T . -11.39 10.75 -8.33
C5 CLR T . -10.80 9.39 -8.68
C6 CLR T . -9.60 9.10 -8.21
C7 CLR T . -8.97 7.75 -8.29
C8 CLR T . -9.60 6.91 -9.39
C9 CLR T . -11.14 6.97 -9.46
C10 CLR T . -11.75 8.42 -9.41
C11 CLR T . -11.70 6.03 -10.57
C12 CLR T . -11.10 4.59 -10.55
C13 CLR T . -9.51 4.62 -10.44
C14 CLR T . -9.22 5.47 -9.18
C15 CLR T . -7.75 5.20 -8.79
C16 CLR T . -7.52 3.71 -9.23
C17 CLR T . -8.86 3.27 -10.00
C18 CLR T . -8.79 5.19 -11.67
C19 CLR T . -12.08 8.90 -10.85
C20 CLR T . -8.49 2.32 -11.13
C21 CLR T . -9.67 1.72 -11.94
C22 CLR T . -7.71 1.15 -10.45
C23 CLR T . -6.64 0.55 -11.37
C24 CLR T . -6.12 -0.71 -10.60
C25 CLR T . -5.24 -1.53 -11.54
C26 CLR T . -5.97 -2.24 -12.68
C27 CLR T . -4.32 -2.40 -10.69
O1 CLR T . -13.25 11.98 -7.29
C1 PCW U . 28.85 17.55 -1.24
C2 PCW U . 27.59 18.35 -1.58
C3 PCW U . 27.87 19.23 -2.80
C4 PCW U . 31.91 16.86 2.82
C5 PCW U . 31.92 17.33 4.28
C6 PCW U . 32.97 15.30 5.01
C7 PCW U . 34.32 17.16 4.35
C8 PCW U . 33.07 17.26 6.39
C11 PCW U . 26.93 20.75 -4.21
C12 PCW U . 25.84 21.77 -4.55
C31 PCW U . 25.42 17.69 -1.16
C32 PCW U . 24.22 16.79 -1.48
N PCW U . 33.07 16.77 5.00
O2 PCW U . 26.53 17.44 -1.91
O3 PCW U . 26.80 20.14 -3.00
O11 PCW U . 27.85 20.52 -5.00
O31 PCW U . 25.35 18.56 -0.31
O1P PCW U . 31.77 17.68 -0.12
O2P PCW U . 30.43 15.58 0.44
O3P PCW U . 29.28 17.78 0.10
O4P PCW U . 30.77 17.38 2.12
P PCW U . 30.63 17.04 0.56
C1 PCW V . 24.98 9.84 -35.61
C2 PCW V . 23.71 10.70 -35.59
C3 PCW V . 23.75 11.78 -36.68
C4 PCW V . 28.22 11.93 -37.54
C5 PCW V . 29.59 12.49 -37.93
C6 PCW V . 28.63 14.02 -39.52
C7 PCW V . 28.99 14.72 -37.26
C8 PCW V . 30.85 14.36 -38.72
C11 PCW V . 23.34 14.02 -37.05
C12 PCW V . 21.96 14.62 -37.32
C31 PCW V . 21.50 10.37 -35.12
C32 PCW V . 20.16 10.22 -35.84
N PCW V . 29.51 13.90 -38.36
O2 PCW V . 22.57 9.86 -35.79
O3 PCW V . 23.36 13.03 -36.11
O11 PCW V . 24.34 14.40 -37.65
O31 PCW V . 21.57 10.93 -34.03
O1P PCW V . 27.27 8.40 -36.58
O2P PCW V . 28.23 10.02 -34.85
O3P PCW V . 26.12 10.57 -36.08
O4P PCW V . 28.35 10.54 -37.28
P PCW V . 27.52 9.78 -36.12
C1 PCW W . 11.67 -14.69 -28.23
C2 PCW W . 11.26 -13.25 -27.89
C3 PCW W . 10.24 -12.72 -28.90
C4 PCW W . 16.49 -14.64 -29.95
C5 PCW W . 16.61 -13.47 -30.94
C6 PCW W . 17.38 -11.24 -31.31
C7 PCW W . 17.53 -12.19 -29.10
C8 PCW W . 18.96 -12.98 -30.84
C11 PCW W . 8.43 -11.20 -28.86
C12 PCW W . 7.68 -10.11 -28.08
C13 PCW W . 6.18 -10.39 -28.00
C14 PCW W . 5.70 -10.30 -26.55
C15 PCW W . 5.65 -8.83 -26.10
C16 PCW W . 4.99 -8.73 -24.71
C17 PCW W . 4.87 -7.26 -24.30
C18 PCW W . 3.79 -7.09 -23.22
C19 PCW W . 4.49 -6.91 -21.87
C20 PCW W . 3.91 -5.89 -20.88
C21 PCW W . 2.66 -5.10 -21.30
C22 PCW W . 2.05 -4.51 -20.02
C23 PCW W . 2.35 -3.01 -19.90
C24 PCW W . 1.34 -2.37 -18.94
C25 PCW W . 1.52 -0.85 -18.90
C26 PCW W . 0.25 -0.22 -18.27
C27 PCW W . 0.44 1.28 -18.05
C28 PCW W . -0.87 1.89 -17.55
C31 PCW W . 11.36 -13.30 -25.50
C32 PCW W . 10.53 -13.26 -24.22
C33 PCW W . 10.43 -11.81 -23.71
C34 PCW W . 8.96 -11.46 -23.47
C35 PCW W . 8.85 -10.04 -22.92
C36 PCW W . 8.58 -10.08 -21.42
C37 PCW W . 8.28 -8.66 -20.93
C38 PCW W . 7.32 -8.64 -19.74
C39 PCW W . 7.22 -7.18 -19.30
C40 PCW W . 6.01 -6.74 -18.48
C41 PCW W . 4.94 -7.74 -18.09
C42 PCW W . 4.52 -7.37 -16.66
C43 PCW W . 3.19 -6.63 -16.64
C44 PCW W . 2.88 -6.24 -15.20
C45 PCW W . 1.67 -5.30 -15.18
C46 PCW W . 0.99 -5.31 -13.81
C47 PCW W . -0.27 -4.43 -13.91
C48 PCW W . -0.86 -4.21 -12.52
N PCW W . 17.62 -12.47 -30.54
O2 PCW W . 10.61 -13.22 -26.63
O3 PCW W . 9.47 -11.74 -28.19
O11 PCW W . 8.08 -11.52 -30.00
O31 PCW W . 12.59 -13.39 -25.47
O1P PCW W . 14.16 -16.68 -28.27
O2P PCW W . 14.80 -14.30 -27.59
O3P PCW W . 12.82 -14.70 -29.10
O4P PCW W . 15.14 -15.10 -29.95
P PCW W . 14.26 -15.25 -28.60
C1 PCW X . 18.37 -5.46 1.65
C2 PCW X . 17.33 -4.37 1.89
C3 PCW X . 15.90 -4.96 1.89
C4 PCW X . 22.74 -6.47 4.22
C5 PCW X . 23.25 -5.87 5.54
C6 PCW X . 24.99 -5.83 7.20
C7 PCW X . 24.50 -7.87 6.03
C8 PCW X . 25.56 -6.05 4.87
C11 PCW X . 14.06 -3.75 1.02
C12 PCW X . 13.35 -3.23 -0.24
C13 PCW X . 12.10 -2.41 0.10
C14 PCW X . 11.57 -1.79 -1.19
C15 PCW X . 10.23 -1.08 -0.96
C16 PCW X . 9.87 -0.24 -2.18
C17 PCW X . 9.28 1.09 -1.71
C18 PCW X . 8.74 1.92 -2.90
C19 PCW X . 8.46 3.34 -2.38
C20 PCW X . 7.96 4.41 -3.36
C21 PCW X . 7.75 4.03 -4.84
C22 PCW X . 6.41 3.31 -5.03
C23 PCW X . 5.63 4.02 -6.15
C24 PCW X . 4.31 3.30 -6.43
C25 PCW X . 3.25 3.71 -5.40
C26 PCW X . 1.97 2.93 -5.70
C27 PCW X . 0.95 3.14 -4.58
C28 PCW X . -0.22 2.17 -4.78
C31 PCW X . 17.89 -2.36 2.95
C32 PCW X . 18.26 -1.60 4.22
C33 PCW X . 17.05 -0.96 4.90
C34 PCW X . 16.40 0.08 3.98
C35 PCW X . 14.99 0.41 4.47
C36 PCW X . 14.28 1.30 3.45
C37 PCW X . 12.97 1.84 4.03
C38 PCW X . 12.53 3.06 3.21
C39 PCW X . 11.67 2.56 2.04
C40 PCW X . 10.90 3.61 1.23
C41 PCW X . 11.04 5.07 1.65
C42 PCW X . 9.67 5.72 1.42
C43 PCW X . 9.66 6.65 0.21
C44 PCW X . 8.28 7.32 0.14
C45 PCW X . 8.22 8.42 -0.92
C46 PCW X . 6.95 9.26 -0.68
C47 PCW X . 7.32 10.62 -0.11
C48 PCW X . 6.03 11.34 0.30
N PCW X . 24.57 -6.40 5.90
O2 PCW X . 17.60 -3.67 3.13
O3 PCW X . 15.19 -4.46 0.75
O11 PCW X . 13.63 -3.53 2.15
O31 PCW X . 17.88 -1.79 1.85
O1P PCW X . 21.35 -6.01 1.43
O2P PCW X . 20.29 -7.86 2.84
O3P PCW X . 19.25 -5.57 2.77
O4P PCW X . 21.44 -5.93 3.93
P PCW X . 20.62 -6.44 2.64
C1 PCW Y . 15.94 -12.30 -7.76
C2 PCW Y . 14.94 -12.40 -6.61
C3 PCW Y . 15.69 -12.45 -5.28
C4 PCW Y . 19.98 -13.30 -9.78
C5 PCW Y . 21.24 -12.83 -9.05
C6 PCW Y . 23.60 -12.45 -9.16
C7 PCW Y . 22.63 -14.21 -10.46
C8 PCW Y . 22.22 -11.92 -11.05
C11 PCW Y . 14.90 -12.51 -3.07
C12 PCW Y . 13.97 -11.91 -2.02
C13 PCW Y . 12.61 -11.59 -2.65
C14 PCW Y . 11.78 -10.73 -1.69
C15 PCW Y . 10.47 -10.30 -2.35
C16 PCW Y . 9.50 -9.85 -1.27
C17 PCW Y . 8.06 -10.15 -1.68
C18 PCW Y . 7.33 -8.90 -2.20
C19 PCW Y . 6.90 -8.07 -0.99
C20 PCW Y . 5.44 -7.61 -0.96
C21 PCW Y . 4.56 -8.02 -2.14
C22 PCW Y . 3.50 -6.96 -2.34
C23 PCW Y . 2.47 -7.42 -3.36
C24 PCW Y . 1.48 -6.30 -3.60
C25 PCW Y . 0.62 -6.67 -4.80
C26 PCW Y . -0.29 -5.52 -5.18
C27 PCW Y . -1.00 -5.92 -6.45
C28 PCW Y . -1.99 -4.85 -6.85
C31 PCW Y . 12.97 -11.24 -7.23
C32 PCW Y . 12.15 -9.95 -7.12
C33 PCW Y . 10.97 -10.01 -8.09
C34 PCW Y . 9.72 -9.46 -7.38
C35 PCW Y . 8.78 -8.78 -8.37
C36 PCW Y . 7.43 -8.56 -7.69
C37 PCW Y . 7.12 -7.06 -7.49
C38 PCW Y . 5.89 -6.93 -6.58
C39 PCW Y . 5.23 -5.59 -6.85
C40 PCW Y . 5.13 -4.54 -5.73
C41 PCW Y . 5.70 -4.90 -4.36
C42 PCW Y . 5.12 -3.89 -3.35
C43 PCW Y . 6.14 -2.78 -3.10
C44 PCW Y . 5.47 -1.40 -3.18
C45 PCW Y . 4.47 -1.21 -2.03
C46 PCW Y . 3.28 -0.39 -2.52
C47 PCW Y . 2.36 -0.08 -1.33
C48 PCW Y . 1.07 0.56 -1.82
N PCW Y . 22.41 -12.85 -9.93
O2 PCW Y . 14.15 -11.21 -6.55
O3 PCW Y . 14.77 -11.94 -4.30
O11 PCW Y . 15.69 -13.41 -2.80
O31 PCW Y . 12.56 -12.22 -7.85
O1P PCW Y . 17.02 -12.83 -10.48
O2P PCW Y . 17.53 -15.22 -9.73
O3P PCW Y . 16.45 -13.60 -8.13
O4P PCW Y . 18.85 -13.28 -8.89
P PCW Y . 17.41 -13.78 -9.42
C1 PCW Z . 1.75 39.13 -15.12
C2 PCW Z . 2.80 38.46 -14.21
C3 PCW Z . 4.03 38.07 -15.03
C4 PCW Z . -2.41 40.82 -15.31
C5 PCW Z . -2.59 41.98 -14.32
C6 PCW Z . -4.49 42.99 -13.27
C7 PCW Z . -3.41 44.09 -15.10
C8 PCW Z . -4.74 42.13 -15.48
C11 PCW Z . 5.65 36.43 -14.52
C12 PCW Z . 5.94 34.96 -14.20
C13 PCW Z . 7.41 34.72 -13.85
C14 PCW Z . 7.65 33.20 -13.81
C15 PCW Z . 9.14 32.89 -13.58
C16 PCW Z . 9.37 31.39 -13.77
C17 PCW Z . 10.34 30.81 -12.73
C18 PCW Z . 9.95 29.37 -12.40
C19 PCW Z . 11.10 28.44 -12.81
C20 PCW Z . 11.78 27.58 -11.74
C21 PCW Z . 11.27 27.68 -10.29
C22 PCW Z . 12.19 26.81 -9.42
C23 PCW Z . 11.47 26.34 -8.14
C24 PCW Z . 12.27 26.78 -6.91
C25 PCW Z . 12.83 25.54 -6.19
C26 PCW Z . 14.34 25.67 -6.05
C27 PCW Z . 14.89 24.47 -5.24
C28 PCW Z . 16.38 24.70 -4.96
C31 PCW Z . 3.06 38.81 -11.91
C32 PCW Z . 3.50 39.74 -10.78
C33 PCW Z . 4.19 39.01 -9.63
C34 PCW Z . 5.65 38.67 -9.98
C35 PCW Z . 5.98 37.25 -9.50
C36 PCW Z . 7.45 36.91 -9.78
C37 PCW Z . 7.72 35.49 -9.26
C38 PCW Z . 9.12 35.00 -9.63
C39 PCW Z . 9.18 33.51 -9.27
C40 PCW Z . 10.54 32.81 -9.30
C41 PCW Z . 11.76 33.65 -9.71
C42 PCW Z . 12.92 33.30 -8.75
C43 PCW Z . 13.28 31.83 -8.90
C44 PCW Z . 14.76 31.61 -8.56
C45 PCW Z . 14.95 30.19 -8.01
C46 PCW Z . 15.70 29.33 -9.02
C47 PCW Z . 15.78 27.89 -8.49
C48 PCW Z . 16.94 27.14 -9.16
N PCW Z . -3.81 42.79 -14.55
O2 PCW Z . 3.16 39.35 -13.15
O3 PCW Z . 4.34 36.69 -14.75
O11 PCW Z . 6.55 37.27 -14.56
O31 PCW Z . 2.65 37.67 -11.67
O1P PCW Z . -1.83 37.80 -15.74
O2P PCW Z . -0.44 39.32 -17.24
O3P PCW Z . 0.57 38.33 -15.16
O4P PCW Z . -1.21 40.11 -15.00
P PCW Z . -0.79 38.83 -15.89
C1 PCW AA . -2.14 37.36 -0.77
C2 PCW AA . -0.75 37.86 -0.34
C3 PCW AA . -0.10 36.90 0.65
C4 PCW AA . -5.85 38.35 -3.09
C5 PCW AA . -5.53 38.51 -4.58
C6 PCW AA . -6.63 39.60 -6.41
C7 PCW AA . -6.77 37.23 -6.18
C8 PCW AA . -7.98 38.66 -4.69
C11 PCW AA . 2.02 35.87 0.82
C12 PCW AA . 3.27 35.37 0.09
C13 PCW AA . 4.27 34.75 1.07
C14 PCW AA . 5.34 33.99 0.28
C15 PCW AA . 6.25 33.20 1.22
C16 PCW AA . 7.41 32.60 0.41
C17 PCW AA . 7.63 31.17 0.90
C18 PCW AA . 8.21 31.06 2.30
C19 PCW AA . 7.79 29.70 2.89
C20 PCW AA . 8.83 28.58 3.09
C21 PCW AA . 10.28 28.84 2.71
C22 PCW AA . 11.02 27.49 2.76
C23 PCW AA . 12.51 27.69 2.99
C24 PCW AA . 13.15 26.36 3.43
C25 PCW AA . 14.63 26.59 3.73
C26 PCW AA . 15.25 25.32 4.35
C27 PCW AA . 16.77 25.38 4.17
C28 PCW AA . 17.38 24.04 4.62
C31 PCW AA . -0.05 38.88 -2.40
C32 PCW AA . 1.06 38.91 -3.48
C33 PCW AA . 1.67 37.51 -3.65
C34 PCW AA . 3.18 37.63 -3.84
C35 PCW AA . 3.75 36.32 -4.42
C36 PCW AA . 4.98 35.85 -3.62
C37 PCW AA . 5.25 34.38 -3.95
C38 PCW AA . 6.71 34.20 -4.43
C39 PCW AA . 6.68 33.57 -5.82
C40 PCW AA . 7.78 32.55 -6.18
C41 PCW AA . 8.85 32.21 -5.14
C42 PCW AA . 8.71 30.72 -4.76
C43 PCW AA . 9.99 29.99 -5.18
C44 PCW AA . 10.09 28.60 -4.55
C45 PCW AA . 11.15 28.59 -3.45
C46 PCW AA . 11.22 27.19 -2.82
C47 PCW AA . 12.22 27.19 -1.66
C48 PCW AA . 12.31 25.78 -1.08
N PCW AA . -6.73 38.50 -5.45
O2 PCW AA . 0.16 37.94 -1.45
O3 PCW AA . 1.09 36.43 0.00
O11 PCW AA . 1.90 35.79 2.04
O31 PCW AA . -0.99 39.66 -2.45
O1P PCW AA . -5.41 39.38 -0.19
O2P PCW AA . -5.16 36.84 -0.42
O3P PCW AA . -3.12 38.31 -0.32
O4P PCW AA . -4.63 38.36 -2.33
P PCW AA . -4.68 38.20 -0.73
C1 PCW BA . -11.24 14.19 3.15
C2 PCW BA . -9.79 14.22 3.64
C3 PCW BA . -9.71 14.68 5.10
C4 PCW BA . -13.22 18.00 2.41
C5 PCW BA . -14.11 18.81 3.37
C6 PCW BA . -15.13 20.99 3.23
C7 PCW BA . -13.20 20.65 4.61
C8 PCW BA . -12.97 20.67 2.23
C11 PCW BA . -8.03 15.10 6.70
C12 PCW BA . -6.53 15.12 7.00
C13 PCW BA . -5.97 13.69 6.94
C14 PCW BA . -4.51 13.74 6.48
C15 PCW BA . -3.79 12.41 6.75
C16 PCW BA . -2.59 12.28 5.80
C17 PCW BA . -1.64 11.18 6.30
C18 PCW BA . -0.42 11.10 5.36
C19 PCW BA . 0.70 11.93 6.00
C20 PCW BA . 2.15 11.45 5.88
C21 PCW BA . 2.50 10.15 5.16
C22 PCW BA . 3.92 9.80 5.62
C23 PCW BA . 4.71 9.04 4.56
C24 PCW BA . 4.99 7.61 5.03
C25 PCW BA . 5.82 6.88 3.98
C26 PCW BA . 6.23 5.50 4.52
C27 PCW BA . 7.00 4.73 3.44
C28 PCW BA . 7.22 3.28 3.89
C31 PCW BA . -7.96 12.86 3.02
C32 PCW BA . -7.35 11.44 3.00
C33 PCW BA . -5.86 11.46 3.40
C34 PCW BA . -5.14 10.28 2.71
C35 PCW BA . -5.41 8.98 3.50
C36 PCW BA . -4.10 8.23 3.80
C37 PCW BA . -4.06 6.94 2.95
C38 PCW BA . -2.81 6.10 3.23
C39 PCW BA . -2.53 5.23 1.99
C40 PCW BA . -1.62 3.99 2.12
C41 PCW BA . -1.00 3.66 3.49
C42 PCW BA . -1.48 2.29 3.98
C43 PCW BA . -0.59 1.80 5.13
C44 PCW BA . -1.03 0.40 5.57
C45 PCW BA . -0.20 -0.07 6.77
C46 PCW BA . 0.68 -1.28 6.45
C47 PCW BA . 1.58 -1.58 7.65
C48 PCW BA . 2.42 -2.82 7.38
N PCW BA . -13.85 20.27 3.34
O2 PCW BA . -9.22 12.91 3.54
O3 PCW BA . -8.32 14.70 5.44
O11 PCW BA . -8.86 15.43 7.55
O31 PCW BA . -7.34 13.83 2.59
O1P PCW BA . -13.74 14.26 1.75
O2P PCW BA . -12.80 16.08 0.23
O3P PCW BA . -11.45 15.23 2.18
O4P PCW BA . -13.56 16.62 2.55
P PCW BA . -12.94 15.49 1.58
C1 PCW CA . 31.00 24.92 -2.29
C2 PCW CA . 30.08 25.67 -3.25
C3 PCW CA . 28.69 25.82 -2.63
C4 PCW CA . 33.98 23.48 0.56
C5 PCW CA . 33.31 22.83 1.77
C6 PCW CA . 35.07 21.21 2.05
C7 PCW CA . 35.24 23.35 3.11
C8 PCW CA . 33.64 21.75 3.90
C11 PCW CA . 26.55 25.91 -3.38
C12 PCW CA . 25.40 25.37 -4.23
C31 PCW CA . 30.52 27.24 -4.85
C32 PCW CA . 30.99 28.63 -5.27
N PCW CA . 34.31 22.29 2.71
O2 PCW CA . 30.59 26.99 -3.52
O3 PCW CA . 27.71 25.22 -3.48
O11 PCW CA . 26.40 26.89 -2.66
O31 PCW CA . 30.14 26.43 -5.69
O1P PCW CA . 34.54 25.79 -1.25
O2P PCW CA . 33.98 23.67 -2.56
O3P PCW CA . 32.29 25.51 -2.31
O4P PCW CA . 33.01 24.08 -0.30
P PCW CA . 33.56 24.77 -1.65
C1 PCW DA . 22.31 4.93 -33.06
C2 PCW DA . 20.81 5.04 -33.32
C3 PCW DA . 20.28 6.43 -32.92
C4 PCW DA . 25.90 2.23 -33.13
C5 PCW DA . 26.16 1.70 -34.55
C6 PCW DA . 27.33 -0.21 -35.42
C7 PCW DA . 28.33 1.96 -35.52
C8 PCW DA . 28.16 0.81 -33.43
C11 PCW DA . 17.91 6.67 -32.99
C12 PCW DA . 16.59 6.49 -32.22
C13 PCW DA . 15.36 6.52 -33.13
C14 PCW DA . 14.31 7.51 -32.57
C15 PCW DA . 13.34 7.94 -33.68
C16 PCW DA . 12.39 9.06 -33.22
C17 PCW DA . 11.42 8.54 -32.16
C18 PCW DA . 11.08 9.66 -31.15
C19 PCW DA . 10.33 9.06 -29.94
C20 PCW DA . 9.00 9.68 -29.49
C21 PCW DA . 8.47 10.87 -30.29
C22 PCW DA . 7.13 11.32 -29.70
C23 PCW DA . 6.01 11.34 -30.76
C24 PCW DA . 4.73 11.89 -30.11
C25 PCW DA . 3.57 11.90 -31.11
C26 PCW DA . 2.28 12.32 -30.39
C27 PCW DA . 1.10 12.24 -31.36
C28 PCW DA . 0.28 13.52 -31.33
C31 PCW DA . 19.61 3.81 -34.95
C32 PCW DA . 19.31 3.62 -36.44
C33 PCW DA . 18.12 4.47 -36.89
C34 PCW DA . 16.82 3.68 -36.81
C35 PCW DA . 15.66 4.59 -37.20
C36 PCW DA . 14.32 3.84 -37.12
C37 PCW DA . 13.20 4.79 -37.53
C38 PCW DA . 11.84 4.32 -36.96
C39 PCW DA . 10.95 5.54 -36.84
C40 PCW DA . 9.45 5.38 -37.13
C41 PCW DA . 8.94 3.99 -37.53
C42 PCW DA . 7.43 4.16 -37.76
C43 PCW DA . 6.81 2.99 -38.53
C44 PCW DA . 5.34 2.86 -38.10
C45 PCW DA . 4.64 1.77 -38.91
C46 PCW DA . 4.88 0.38 -38.32
C47 PCW DA . 4.26 -0.64 -39.26
C48 PCW DA . 2.81 -0.90 -38.84
N PCW DA . 27.49 1.07 -34.71
O2 PCW DA . 20.54 4.78 -34.70
O3 PCW DA . 19.01 6.33 -32.27
O11 PCW DA . 17.94 7.07 -34.16
O31 PCW DA . 19.06 3.15 -34.07
O1P PCW DA . 23.98 2.36 -30.69
O2P PCW DA . 24.88 4.65 -31.39
O3P PCW DA . 22.56 3.93 -32.06
O4P PCW DA . 24.59 2.82 -33.06
P PCW DA . 24.06 3.45 -31.68
C1 CLR EA . 13.41 2.07 -33.86
C2 CLR EA . 14.77 1.36 -33.90
C3 CLR EA . 15.83 2.03 -32.98
C4 CLR EA . 15.24 2.14 -31.56
C5 CLR EA . 13.84 2.75 -31.49
C6 CLR EA . 13.67 3.82 -30.71
C7 CLR EA . 12.40 4.62 -30.66
C8 CLR EA . 11.21 3.82 -31.20
C9 CLR EA . 11.53 3.07 -32.52
C10 CLR EA . 12.79 2.14 -32.45
C11 CLR EA . 10.24 2.40 -33.12
C12 CLR EA . 9.00 3.36 -33.18
C13 CLR EA . 8.76 4.05 -31.78
C14 CLR EA . 10.10 4.78 -31.47
C15 CLR EA . 9.80 5.80 -30.35
C16 CLR EA . 8.29 6.22 -30.61
C17 CLR EA . 7.79 5.29 -31.81
C18 CLR EA . 8.38 3.11 -30.62
C19 CLR EA . 12.38 0.73 -32.00
C20 CLR EA . 6.32 4.97 -31.61
C21 CLR EA . 5.68 3.99 -32.62
C22 CLR EA . 5.59 6.34 -31.72
C23 CLR EA . 4.10 6.22 -31.38
C24 CLR EA . 3.57 7.70 -31.36
C25 CLR EA . 2.11 7.70 -30.96
C26 CLR EA . 1.11 7.25 -32.04
C27 CLR EA . 1.79 9.02 -30.25
O1 CLR EA . 17.11 1.38 -32.98
C1 CLR FA . -16.82 -2.07 -24.70
C2 CLR FA . -18.14 -1.35 -25.03
C3 CLR FA . -18.84 -0.74 -23.77
C4 CLR FA . -17.82 0.14 -23.03
C5 CLR FA . -16.47 -0.51 -22.76
C6 CLR FA . -16.05 -0.59 -21.51
C7 CLR FA . -14.84 -1.36 -21.09
C8 CLR FA . -13.88 -1.60 -22.25
C9 CLR FA . -14.57 -2.05 -23.56
C10 CLR FA . -15.78 -1.15 -24.00
C11 CLR FA . -13.52 -2.37 -24.67
C12 CLR FA . -12.35 -3.29 -24.19
C13 CLR FA . -11.72 -2.75 -22.84
C14 CLR FA . -12.90 -2.66 -21.86
C15 CLR FA . -12.30 -2.55 -20.43
C16 CLR FA . -10.95 -3.36 -20.54
C17 CLR FA . -10.83 -3.79 -22.08
C18 CLR FA . -11.00 -1.40 -22.95
C19 CLR FA . -15.29 -0.07 -25.00
C20 CLR FA . -9.36 -3.82 -22.47
C21 CLR FA . -9.06 -4.24 -23.92
C22 CLR FA . -8.70 -4.82 -21.50
C23 CLR FA . -7.21 -4.49 -21.25
C24 CLR FA . -6.69 -5.68 -20.37
C25 CLR FA . -5.17 -5.59 -20.28
C26 CLR FA . -4.40 -5.95 -21.55
C27 CLR FA . -4.71 -6.29 -18.99
O1 CLR FA . -20.06 -0.06 -24.01
C1 PCW GA . -5.54 32.45 2.31
C2 PCW GA . -5.22 32.20 3.79
C3 PCW GA . -4.70 30.78 4.02
C4 PCW GA . -8.33 31.49 -1.57
C5 PCW GA . -9.85 31.46 -1.72
C6 PCW GA . -11.33 30.69 -3.45
C7 PCW GA . -10.92 33.04 -3.17
C8 PCW GA . -9.21 31.62 -4.07
C11 PCW GA . -3.08 29.90 5.49
C12 PCW GA . -1.72 30.06 6.18
C13 PCW GA . -1.38 28.85 7.05
C14 PCW GA . 0.10 28.89 7.41
C15 PCW GA . 0.52 27.60 8.12
C16 PCW GA . 2.01 27.69 8.52
C17 PCW GA . 2.56 26.29 8.80
C18 PCW GA . 4.03 26.33 9.21
C19 PCW GA . 4.57 24.90 9.07
C20 PCW GA . 6.02 24.63 9.49
C21 PCW GA . 6.86 25.79 10.04
C22 PCW GA . 8.31 25.53 9.62
C23 PCW GA . 8.90 24.38 10.43
C24 PCW GA . 10.41 24.29 10.22
C25 PCW GA . 10.97 23.08 10.98
C26 PCW GA . 12.45 22.88 10.65
C27 PCW GA . 13.12 22.04 11.74
C28 PCW GA . 14.63 21.99 11.50
C31 PCW GA . -4.39 34.38 4.40
C32 PCW GA . -3.23 35.13 5.06
C33 PCW GA . -1.89 34.47 4.69
C34 PCW GA . -0.74 35.27 5.29
C35 PCW GA . 0.62 34.69 4.87
C36 PCW GA . 0.92 33.38 5.62
C37 PCW GA . 2.27 32.84 5.09
C38 PCW GA . 2.23 31.33 4.86
C39 PCW GA . 3.21 31.01 3.73
C40 PCW GA . 4.30 29.97 3.95
C41 PCW GA . 4.40 29.26 5.30
C42 PCW GA . 4.29 27.75 5.06
C43 PCW GA . 5.68 27.09 5.11
C44 PCW GA . 5.54 25.62 5.52
C45 PCW GA . 6.88 24.89 5.35
C46 PCW GA . 6.95 24.25 3.97
C47 PCW GA . 8.40 23.85 3.66
C48 PCW GA . 8.53 23.52 2.16
N PCW GA . -10.31 31.70 -3.10
O2 PCW GA . -4.17 33.04 4.29
O3 PCW GA . -3.43 30.94 4.69
O11 PCW GA . -3.76 28.90 5.66
O31 PCW GA . -5.40 34.98 4.04
O1P PCW GA . -7.01 33.55 0.11
O2P PCW GA . -9.08 32.79 1.37
O3P PCW GA . -6.82 31.89 1.99
O4P PCW GA . -7.93 31.26 -0.21
P PCW GA . -7.75 32.49 0.81
C1 PCW HA . -9.95 29.21 11.05
C2 PCW HA . -9.54 28.15 12.08
C3 PCW HA . -10.12 26.79 11.66
C4 PCW HA . -10.83 32.97 8.89
C5 PCW HA . -9.71 33.93 8.50
C6 PCW HA . -9.66 36.10 7.48
C7 PCW HA . -9.08 34.16 6.20
C8 PCW HA . -11.36 34.56 6.80
C11 PCW HA . -8.63 25.00 11.52
C12 PCW HA . -7.60 24.23 10.68
C13 PCW HA . -7.68 22.73 10.93
C14 PCW HA . -6.37 22.25 11.57
C15 PCW HA . -6.54 20.83 12.12
C16 PCW HA . -5.64 19.87 11.33
C17 PCW HA . -5.37 18.61 12.14
C18 PCW HA . -4.15 17.88 11.58
C19 PCW HA . -4.55 17.25 10.24
C20 PCW HA . -3.52 16.32 9.59
C21 PCW HA . -2.20 16.11 10.32
C22 PCW HA . -1.22 15.49 9.33
C23 PCW HA . -0.19 14.62 10.07
C24 PCW HA . 0.59 13.84 9.02
C25 PCW HA . 1.56 12.87 9.69
C26 PCW HA . 2.85 12.85 8.86
C27 PCW HA . 3.67 11.62 9.23
C28 PCW HA . 5.01 11.69 8.49
C31 PCW HA . -7.52 28.48 13.21
C32 PCW HA . -6.02 28.20 13.31
C33 PCW HA . -5.64 27.18 12.22
C34 PCW HA . -4.46 26.29 12.65
C35 PCW HA . -3.12 27.02 12.45
C36 PCW HA . -1.98 26.00 12.38
C37 PCW HA . -1.28 25.85 13.73
C38 PCW HA . -0.84 24.40 13.98
C39 PCW HA . -1.99 23.65 14.65
C40 PCW HA . -2.05 22.13 14.46
C41 PCW HA . -0.97 21.46 13.60
C42 PCW HA . -0.18 20.47 14.48
C43 PCW HA . 0.65 19.52 13.61
C44 PCW HA . 1.32 18.47 14.51
C45 PCW HA . 1.97 17.39 13.65
C46 PCW HA . 2.81 16.46 14.54
C47 PCW HA . 3.13 15.17 13.77
C48 PCW HA . 3.66 14.11 14.75
N PCW HA . -9.96 34.68 7.25
O2 PCW HA . -8.12 28.00 12.09
O3 PCW HA . -9.13 26.11 10.89
O11 PCW HA . -8.97 24.62 12.63
O31 PCW HA . -8.11 29.10 14.10
O1P PCW HA . -12.32 32.16 11.80
O2P PCW HA . -12.25 30.56 9.81
O3P PCW HA . -10.60 30.32 11.69
O4P PCW HA . -10.48 32.29 10.12
P PCW HA . -11.54 31.33 10.86
MG MG IA . -58.53 -5.05 24.92
NA NA JA . -47.56 -18.34 17.51
MG MG KA . -15.69 -25.54 6.58
PG ATP LA . -78.39 2.99 29.26
O1G ATP LA . -76.91 2.99 29.46
O2G ATP LA . -78.82 2.39 27.91
O3G ATP LA . -79.16 2.29 30.39
PB ATP LA . -78.59 5.93 29.76
O1B ATP LA . -77.18 6.26 29.52
O2B ATP LA . -79.61 6.91 29.17
O3B ATP LA . -78.97 4.48 29.24
PA ATP LA . -78.26 6.30 32.69
O1A ATP LA . -76.97 5.62 32.95
O2A ATP LA . -79.32 6.12 33.78
O3A ATP LA . -78.91 5.81 31.31
O5' ATP LA . -78.06 7.84 32.44
C5' ATP LA . -76.76 8.39 32.14
C4' ATP LA . -76.88 9.87 31.92
O4' ATP LA . -76.88 10.55 33.18
C3' ATP LA . -75.74 10.50 31.14
O3' ATP LA . -76.17 11.68 30.46
C2' ATP LA . -74.73 10.82 32.23
O2' ATP LA . -73.88 11.91 31.88
C1' ATP LA . -75.66 11.22 33.39
N9 ATP LA . -75.15 10.87 34.71
C8 ATP LA . -75.51 9.79 35.47
N7 ATP LA . -74.90 9.72 36.63
C5 ATP LA . -74.07 10.83 36.63
C6 ATP LA . -73.16 11.33 37.58
N6 ATP LA . -72.90 10.75 38.75
N1 ATP LA . -72.49 12.47 37.26
C2 ATP LA . -72.74 13.05 36.09
N3 ATP LA . -73.58 12.67 35.12
C4 ATP LA . -74.22 11.55 35.46
C1 CLR MA . 7.23 -9.69 9.86
C2 CLR MA . 8.32 -10.59 10.45
C3 CLR MA . 7.82 -11.41 11.69
C4 CLR MA . 6.54 -12.17 11.28
C5 CLR MA . 5.49 -11.31 10.62
C6 CLR MA . 4.30 -11.23 11.21
C7 CLR MA . 3.24 -10.25 10.82
C8 CLR MA . 3.42 -9.76 9.39
C9 CLR MA . 4.88 -9.39 9.03
C10 CLR MA . 5.97 -10.46 9.42
C11 CLR MA . 4.97 -8.83 7.58
C12 CLR MA . 3.92 -7.71 7.27
C13 CLR MA . 2.45 -8.17 7.70
C14 CLR MA . 2.59 -8.54 9.19
C15 CLR MA . 1.15 -8.59 9.77
C16 CLR MA . 0.38 -7.50 8.93
C17 CLR MA . 1.42 -7.00 7.82
C18 CLR MA . 1.86 -9.33 6.89
C19 CLR MA . 6.31 -11.34 8.19
C20 CLR MA . 0.65 -6.66 6.54
C21 CLR MA . 1.51 -6.33 5.30
C22 CLR MA . -0.18 -5.38 6.90
C23 CLR MA . -1.17 -5.01 5.79
C24 CLR MA . -1.85 -3.69 6.31
C25 CLR MA . -2.93 -3.27 5.32
C26 CLR MA . -2.43 -2.75 3.97
C27 CLR MA . -3.93 -2.38 6.05
O1 CLR MA . 8.80 -12.27 12.26
C1 CLR NA . 9.43 -14.10 -4.95
C2 CLR NA . 10.35 -15.00 -4.11
C3 CLR NA . 10.00 -14.99 -2.59
C4 CLR NA . 8.51 -15.33 -2.44
C5 CLR NA . 7.58 -14.50 -3.32
C6 CLR NA . 6.67 -13.75 -2.73
C7 CLR NA . 5.83 -12.74 -3.44
C8 CLR NA . 5.75 -13.01 -4.94
C9 CLR NA . 7.11 -13.38 -5.59
C10 CLR NA . 7.94 -14.48 -4.83
C11 CLR NA . 6.96 -13.58 -7.12
C12 CLR NA . 6.16 -12.42 -7.84
C13 CLR NA . 4.81 -12.09 -7.08
C14 CLR NA . 5.25 -11.79 -5.63
C15 CLR NA . 4.06 -11.06 -4.94
C16 CLR NA . 3.40 -10.27 -6.13
C17 CLR NA . 4.18 -10.72 -7.46
C18 CLR NA . 3.75 -13.20 -7.11
C19 CLR NA . 7.70 -15.87 -5.50
C20 CLR NA . 3.19 -10.75 -8.62
C21 CLR NA . 3.78 -11.09 -10.01
C22 CLR NA . 2.58 -9.32 -8.68
C23 CLR NA . 1.13 -9.33 -9.18
C24 CLR NA . 0.77 -7.81 -9.36
C25 CLR NA . -0.56 -7.71 -10.10
C26 CLR NA . -0.54 -8.12 -11.58
C27 CLR NA . -1.19 -6.35 -9.80
O1 CLR NA . 10.82 -15.82 -1.77
C1 PCW OA . -22.87 -7.98 23.57
C2 PCW OA . -21.75 -9.00 23.39
C3 PCW OA . -22.37 -10.40 23.38
C4 PCW OA . -23.98 -4.16 26.82
C5 PCW OA . -23.28 -3.50 28.01
C6 PCW OA . -24.27 -1.36 27.51
C7 PCW OA . -25.41 -2.88 28.97
C8 PCW OA . -23.42 -1.79 29.70
C11 PCW OA . -21.85 -12.62 23.18
C12 PCW OA . -20.84 -13.77 23.21
C31 PCW OA . -19.78 -8.65 22.26
C32 PCW OA . -19.01 -8.44 20.94
N PCW OA . -24.10 -2.39 28.55
O2 PCW OA . -21.13 -8.77 22.11
O3 PCW OA . -21.34 -11.38 23.42
O11 PCW OA . -23.04 -12.83 22.95
O31 PCW OA . -19.19 -8.69 23.33
O1P PCW OA . -24.97 -6.77 25.58
O2P PCW OA . -23.93 -5.14 23.91
O3P PCW OA . -22.64 -7.15 24.71
O4P PCW OA . -23.17 -5.20 26.28
P PCW OA . -23.78 -6.06 25.06
C1 PCW PA . -35.50 -26.70 -3.73
C2 PCW PA . -34.21 -27.53 -3.66
C3 PCW PA . -34.52 -29.03 -3.57
C4 PCW PA . -38.81 -28.91 -2.06
C5 PCW PA . -40.09 -29.33 -1.33
C6 PCW PA . -39.63 -31.66 -1.64
C7 PCW PA . -38.87 -30.54 0.34
C8 PCW PA . -41.20 -30.96 0.03
C11 PCW PA . -33.90 -30.93 -2.43
C12 PCW PA . -32.69 -31.80 -2.77
C31 PCW PA . -32.11 -27.38 -4.56
C32 PCW PA . -31.27 -28.00 -5.66
N PCW PA . -39.95 -30.62 -0.65
O2 PCW PA . -33.44 -27.27 -4.85
O3 PCW PA . -33.70 -29.59 -2.54
O11 PCW PA . -34.97 -31.44 -2.10
O31 PCW PA . -31.61 -27.02 -3.49
O1P PCW PA . -38.22 -25.92 -4.30
O2P PCW PA . -38.03 -25.72 -1.76
O3P PCW PA . -36.58 -27.33 -3.03
O4P PCW PA . -39.08 -27.72 -2.81
P PCW PA . -37.99 -26.55 -2.98
C1 PCW QA . -25.07 -6.74 -21.78
C2 PCW QA . -24.31 -7.59 -20.76
C3 PCW QA . -23.74 -8.84 -21.43
C4 PCW QA . -30.07 -7.06 -20.70
C5 PCW QA . -30.38 -8.54 -20.44
C6 PCW QA . -30.80 -10.24 -18.81
C7 PCW QA . -30.18 -8.02 -18.09
C8 PCW QA . -32.33 -8.40 -19.04
C11 PCW QA . -21.83 -10.23 -21.15
C12 PCW QA . -20.63 -10.59 -20.26
C13 PCW QA . -19.32 -10.61 -21.05
C14 PCW QA . -18.26 -9.77 -20.33
C15 PCW QA . -17.75 -10.51 -19.08
C16 PCW QA . -16.57 -9.76 -18.47
C17 PCW QA . -16.01 -10.54 -17.27
C18 PCW QA . -14.57 -10.13 -16.97
C19 PCW QA . -14.58 -9.19 -15.76
C20 PCW QA . -13.45 -9.34 -14.72
C21 PCW QA . -12.39 -10.41 -14.96
C22 PCW QA . -11.18 -10.07 -14.06
C23 PCW QA . -11.13 -11.00 -12.84
C24 PCW QA . -9.70 -10.98 -12.26
C25 PCW QA . -9.56 -12.00 -11.12
C26 PCW QA . -8.07 -12.24 -10.87
C27 PCW QA . -7.86 -13.12 -9.63
C28 PCW QA . -6.37 -13.43 -9.47
C31 PCW QA . -23.38 -5.91 -19.34
C32 PCW QA . -22.09 -5.21 -18.91
C33 PCW QA . -21.52 -5.90 -17.65
C34 PCW QA . -20.04 -6.26 -17.90
C35 PCW QA . -19.46 -6.91 -16.65
C36 PCW QA . -18.58 -5.90 -15.91
C37 PCW QA . -17.86 -6.62 -14.77
C38 PCW QA . -16.50 -6.00 -14.46
C39 PCW QA . -15.95 -6.76 -13.25
C40 PCW QA . -14.44 -6.73 -12.97
C41 PCW QA . -13.52 -5.94 -13.89
C42 PCW QA . -12.47 -5.30 -12.97
C43 PCW QA . -11.15 -6.05 -13.01
C44 PCW QA . -10.18 -5.39 -12.02
C45 PCW QA . -8.94 -6.27 -11.88
C46 PCW QA . -7.75 -5.47 -11.37
C47 PCW QA . -6.52 -6.37 -11.37
C48 PCW QA . -5.35 -5.69 -10.64
N PCW QA . -30.91 -8.79 -19.10
O2 PCW QA . -23.17 -6.87 -20.27
O3 PCW QA . -22.57 -9.18 -20.68
O11 PCW QA . -22.06 -10.84 -22.19
O31 PCW QA . -24.47 -5.60 -18.86
O1P PCW QA . -27.66 -4.90 -22.10
O2P PCW QA . -27.50 -6.00 -19.80
O3P PCW QA . -26.46 -7.10 -21.81
O4P PCW QA . -28.95 -6.99 -21.59
P PCW QA . -27.63 -6.11 -21.26
C1 PCW RA . -16.59 8.37 5.10
C2 PCW RA . -15.35 7.58 5.55
C3 PCW RA . -14.21 7.73 4.54
C4 PCW RA . -19.55 11.64 7.81
C5 PCW RA . -19.33 12.21 9.22
C6 PCW RA . -20.15 13.62 10.97
C7 PCW RA . -20.59 14.19 8.68
C8 PCW RA . -21.69 12.30 9.69
C11 PCW RA . -12.72 5.95 4.07
C12 PCW RA . -12.53 4.60 3.37
C13 PCW RA . -11.12 4.02 3.61
C14 PCW RA . -11.10 2.60 3.03
C15 PCW RA . -9.68 2.02 3.09
C16 PCW RA . -9.72 0.52 2.78
C17 PCW RA . -8.76 -0.22 3.71
C18 PCW RA . -8.64 -1.71 3.34
C19 PCW RA . -7.91 -2.40 4.50
C20 PCW RA . -7.69 -3.92 4.43
C21 PCW RA . -8.20 -4.71 3.21
C22 PCW RA . -7.23 -4.57 2.02
C23 PCW RA . -6.88 -5.98 1.53
C24 PCW RA . -5.96 -5.91 0.31
C25 PCW RA . -4.51 -5.68 0.74
C26 PCW RA . -3.64 -5.57 -0.53
C27 PCW RA . -2.22 -5.14 -0.15
C28 PCW RA . -1.45 -4.80 -1.42
C31 PCW RA . -15.04 6.97 7.79
C32 PCW RA . -14.68 7.39 9.23
C33 PCW RA . -13.20 7.17 9.54
C34 PCW RA . -12.83 5.68 9.43
C35 PCW RA . -11.30 5.53 9.35
C36 PCW RA . -10.95 4.07 9.05
C37 PCW RA . -9.45 3.85 9.20
C38 PCW RA . -9.18 2.35 9.36
C39 PCW RA . -9.01 1.75 7.96
C40 PCW RA . -8.48 0.31 7.86
C41 PCW RA . -8.15 -0.42 9.17
C42 PCW RA . -6.91 -1.27 8.89
C43 PCW RA . -7.25 -2.77 8.81
C44 PCW RA . -5.94 -3.53 8.64
C45 PCW RA . -6.14 -5.05 8.73
C46 PCW RA . -4.77 -5.71 8.90
C47 PCW RA . -4.59 -6.22 10.33
C48 PCW RA . -3.15 -6.68 10.52
N PCW RA . -20.44 13.07 9.63
O2 PCW RA . -14.95 7.97 6.87
O3 PCW RA . -13.97 6.47 3.91
O11 PCW RA . -11.82 6.48 4.71
O31 PCW RA . -15.39 5.82 7.53
O1P PCW RA . -19.42 9.15 5.87
O2P PCW RA . -18.22 11.24 5.00
O3P PCW RA . -16.92 9.37 6.07
O4P PCW RA . -18.42 10.82 7.46
P PCW RA . -18.33 10.15 6.00
C1 PCW SA . -19.70 6.35 -6.18
C2 PCW SA . -18.33 7.01 -5.98
C3 PCW SA . -18.45 8.09 -4.91
C4 PCW SA . -24.31 6.39 -6.34
C5 PCW SA . -25.04 6.80 -5.05
C6 PCW SA . -27.10 6.88 -3.83
C7 PCW SA . -27.12 7.05 -6.22
C8 PCW SA . -26.59 4.96 -5.18
C11 PCW SA . -16.81 9.50 -3.98
C12 PCW SA . -15.43 9.64 -3.35
C13 PCW SA . -14.44 8.72 -4.08
C14 PCW SA . -13.14 8.61 -3.27
C15 PCW SA . -12.18 7.62 -3.94
C16 PCW SA . -10.78 7.87 -3.40
C17 PCW SA . -9.72 7.54 -4.47
C18 PCW SA . -9.07 6.17 -4.23
C19 PCW SA . -8.03 6.33 -3.12
C20 PCW SA . -6.63 5.75 -3.42
C21 PCW SA . -6.44 5.08 -4.77
C22 PCW SA . -5.38 4.00 -4.62
C23 PCW SA . -4.99 3.44 -5.99
C24 PCW SA . -4.01 2.30 -5.79
C25 PCW SA . -3.83 1.60 -7.13
C26 PCW SA . -2.97 0.36 -6.94
C27 PCW SA . -2.96 -0.36 -8.28
C28 PCW SA . -2.06 -1.58 -8.20
C31 PCW SA . -16.64 5.41 -6.40
C32 PCW SA . -15.63 4.42 -5.81
C33 PCW SA . -15.00 3.58 -6.93
C34 PCW SA . -13.50 3.46 -6.66
C35 PCW SA . -12.97 2.13 -7.20
C36 PCW SA . -11.43 2.18 -7.21
C37 PCW SA . -10.81 1.22 -6.21
C38 PCW SA . -9.30 1.53 -6.10
C39 PCW SA . -8.58 0.26 -5.62
C40 PCW SA . -7.83 0.27 -4.29
C41 PCW SA . -7.81 1.57 -3.47
C42 PCW SA . -6.69 1.44 -2.44
C43 PCW SA . -7.28 1.00 -1.10
C44 PCW SA . -6.47 -0.15 -0.49
C45 PCW SA . -5.06 0.31 -0.09
C46 PCW SA . -4.06 -0.81 -0.34
C47 PCW SA . -2.68 -0.39 0.19
C48 PCW SA . -1.62 -1.40 -0.22
N PCW SA . -26.46 6.43 -5.08
O2 PCW SA . -17.39 6.07 -5.47
O3 PCW SA . -17.12 8.25 -4.38
O11 PCW SA . -17.57 10.47 -4.10
O31 PCW SA . -16.72 5.60 -7.61
O1P PCW SA . -21.91 5.06 -7.69
O2P PCW SA . -22.47 7.35 -8.66
O3P PCW SA . -20.54 7.10 -7.06
O4P PCW SA . -22.94 6.79 -6.27
P PCW SA . -21.98 6.52 -7.54
C1 PCW TA . -0.82 -37.64 18.51
C2 PCW TA . -1.48 -36.36 19.04
C3 PCW TA . -3.01 -36.42 18.82
C4 PCW TA . 3.09 -39.73 17.78
C5 PCW TA . 3.89 -39.90 19.08
C6 PCW TA . 6.20 -40.25 19.58
C7 PCW TA . 4.68 -42.09 19.70
C8 PCW TA . 5.32 -41.20 17.57
C11 PCW TA . -4.52 -34.63 18.68
C12 PCW TA . -4.91 -33.31 17.99
C13 PCW TA . -6.11 -32.62 18.68
C14 PCW TA . -6.58 -31.48 17.76
C15 PCW TA . -7.86 -30.84 18.31
C16 PCW TA . -8.42 -29.85 17.28
C17 PCW TA . -8.94 -28.56 17.92
C18 PCW TA . -8.71 -27.39 16.96
C19 PCW TA . -10.08 -26.81 16.57
C20 PCW TA . -10.38 -25.34 16.91
C21 PCW TA . -9.30 -24.51 17.62
C22 PCW TA . -9.90 -23.14 17.93
C23 PCW TA . -8.81 -22.07 18.07
C24 PCW TA . -8.91 -21.39 19.44
C25 PCW TA . -9.33 -19.92 19.26
C26 PCW TA . -10.58 -19.63 20.08
C27 PCW TA . -10.94 -18.15 19.98
C28 PCW TA . -12.10 -17.83 20.93
C31 PCW TA . -0.67 -34.98 20.75
C32 PCW TA . -0.41 -34.80 22.25
C33 PCW TA . -0.67 -33.36 22.73
C34 PCW TA . -2.17 -33.10 22.91
C35 PCW TA . -2.51 -31.71 22.36
C36 PCW TA . -4.00 -31.40 22.59
C37 PCW TA . -4.28 -29.99 22.05
C38 PCW TA . -5.77 -29.64 22.09
C39 PCW TA . -5.94 -28.33 21.31
C40 PCW TA . -7.30 -27.61 21.40
C41 PCW TA . -8.39 -28.25 22.25
C42 PCW TA . -9.06 -27.15 23.08
C43 PCW TA . -9.72 -26.13 22.14
C44 PCW TA . -10.93 -25.49 22.82
C45 PCW TA . -11.13 -24.07 22.26
C46 PCW TA . -12.39 -24.01 21.39
C47 PCW TA . -12.48 -22.62 20.75
C48 PCW TA . -13.94 -22.34 20.34
N PCW TA . 5.02 -40.86 18.97
O2 PCW TA . -1.19 -36.20 20.43
O3 PCW TA . -3.40 -35.21 18.18
O11 PCW TA . -5.18 -35.08 19.63
O31 PCW TA . -0.43 -34.09 19.94
O1P PCW TA . 1.85 -37.78 15.71
O2P PCW TA . 0.25 -39.63 16.44
O3P PCW TA . 0.06 -37.32 17.43
O4P PCW TA . 2.03 -38.80 17.98
P PCW TA . 1.04 -38.43 16.77
C1 PCW UA . 8.42 -27.31 24.16
C2 PCW UA . 7.46 -27.12 25.34
C3 PCW UA . 7.13 -25.63 25.56
C4 PCW UA . 10.89 -30.26 21.87
C5 PCW UA . 10.01 -31.34 21.23
C6 PCW UA . 10.40 -33.56 20.43
C7 PCW UA . 10.19 -31.76 18.87
C8 PCW UA . 12.16 -31.96 20.23
C11 PCW UA . 5.13 -24.41 25.86
C12 PCW UA . 3.63 -24.32 25.62
C13 PCW UA . 3.04 -23.04 26.20
C14 PCW UA . 1.61 -22.84 25.67
C15 PCW UA . 1.07 -21.47 26.07
C16 PCW UA . -0.42 -21.39 25.68
C17 PCW UA . -0.67 -20.01 25.09
C18 PCW UA . -0.60 -18.86 26.10
C19 PCW UA . -0.24 -17.58 25.33
C20 PCW UA . -1.27 -16.46 25.13
C21 PCW UA . -2.68 -16.64 25.71
C22 PCW UA . -3.55 -15.52 25.12
C23 PCW UA . -4.74 -15.23 26.04
C24 PCW UA . -5.35 -13.88 25.66
C25 PCW UA . -6.50 -13.55 26.63
C26 PCW UA . -7.02 -12.14 26.39
C27 PCW UA . -8.44 -12.00 26.98
C28 PCW UA . -9.03 -10.66 26.59
C31 PCW UA . 6.14 -29.11 25.11
C32 PCW UA . 4.71 -29.66 24.98
C33 PCW UA . 3.84 -28.68 24.18
C34 PCW UA . 2.44 -28.62 24.79
C35 PCW UA . 1.44 -27.99 23.80
C36 PCW UA . 0.62 -26.89 24.48
C37 PCW UA . -0.04 -26.02 23.39
C38 PCW UA . -1.56 -25.96 23.61
C39 PCW UA . -2.25 -26.47 22.34
C40 PCW UA . -3.56 -25.79 21.90
C41 PCW UA . -4.12 -24.64 22.73
C42 PCW UA . -4.12 -23.36 21.89
C43 PCW UA . -5.57 -22.90 21.69
C44 PCW UA . -5.63 -21.47 21.14
C45 PCW UA . -6.12 -20.51 22.24
C46 PCW UA . -6.16 -19.08 21.70
C47 PCW UA . -6.55 -18.11 22.81
C48 PCW UA . -6.65 -16.69 22.24
N PCW UA . 10.70 -32.14 20.20
O2 PCW UA . 6.20 -27.75 25.13
O3 PCW UA . 5.71 -25.54 25.35
O11 PCW UA . 5.74 -23.53 26.47
O31 PCW UA . 7.11 -29.87 25.22
O1P PCW UA . 11.93 -28.92 24.49
O2P PCW UA . 11.14 -27.24 22.72
O3P PCW UA . 9.66 -27.85 24.66
O4P PCW UA . 10.15 -29.52 22.84
P PCW UA . 10.84 -28.33 23.67
C1 PCW VA . 13.90 -9.90 6.79
C2 PCW VA . 12.82 -9.32 7.71
C3 PCW VA . 13.46 -8.62 8.92
C4 PCW VA . 16.03 -13.45 8.10
C5 PCW VA . 17.38 -13.54 8.84
C6 PCW VA . 18.62 -15.35 9.82
C7 PCW VA . 17.44 -13.82 11.22
C8 PCW VA . 16.23 -15.41 9.92
C11 PCW VA . 12.73 -7.53 10.88
C12 PCW VA . 11.53 -7.06 11.70
C13 PCW VA . 10.75 -5.99 10.93
C14 PCW VA . 9.26 -6.07 11.32
C15 PCW VA . 8.50 -4.82 10.88
C16 PCW VA . 7.01 -5.16 10.74
C17 PCW VA . 6.18 -3.87 10.68
C18 PCW VA . 4.68 -4.22 10.60
C19 PCW VA . 4.11 -4.18 12.02
C20 PCW VA . 2.69 -3.66 12.25
C21 PCW VA . 1.84 -3.16 11.08
C22 PCW VA . 0.72 -2.33 11.72
C23 PCW VA . -0.59 -2.39 10.92
C24 PCW VA . -0.89 -1.00 10.33
C25 PCW VA . -2.21 -1.05 9.57
C26 PCW VA . -2.60 0.37 9.12
C27 PCW VA . -3.88 0.32 8.28
C28 PCW VA . -4.15 1.69 7.65
C31 PCW VA . 10.68 -8.44 7.19
C32 PCW VA . 9.88 -7.33 6.48
C33 PCW VA . 8.73 -6.82 7.35
C34 PCW VA . 7.59 -6.31 6.46
C35 PCW VA . 7.92 -4.91 5.92
C36 PCW VA . 6.76 -3.93 6.14
C37 PCW VA . 6.12 -3.60 4.78
C38 PCW VA . 4.97 -2.58 4.91
C39 PCW VA . 4.05 -2.76 3.70
C40 PCW VA . 3.07 -1.63 3.32
C41 PCW VA . 3.03 -0.35 4.16
C42 PCW VA . 3.42 0.87 3.31
C43 PCW VA . 3.02 2.16 4.04
C44 PCW VA . 3.35 3.37 3.16
C45 PCW VA . 3.04 4.68 3.90
C46 PCW VA . 1.90 5.47 3.26
C47 PCW VA . 1.56 6.67 4.16
C48 PCW VA . 0.47 7.52 3.52
N PCW VA . 17.40 -14.53 9.93
O2 PCW VA . 12.03 -8.36 6.99
O3 PCW VA . 12.37 -8.16 9.73
O11 PCW VA . 13.88 -7.34 11.25
O31 PCW VA . 10.12 -9.30 7.87
O1P PCW VA . 15.52 -11.35 4.93
O2P PCW VA . 14.38 -13.50 5.67
O3P PCW VA . 13.86 -11.33 6.82
O4P PCW VA . 16.14 -12.44 7.09
P PCW VA . 14.96 -12.19 6.01
C1 PCW WA . -23.86 -13.52 28.90
C2 PCW WA . -23.33 -14.87 28.45
C3 PCW WA . -21.81 -14.80 28.33
C4 PCW WA . -25.57 -10.00 30.87
C5 PCW WA . -24.58 -8.84 30.87
C6 PCW WA . -26.31 -7.18 30.68
C7 PCW WA . -25.61 -7.94 32.85
C8 PCW WA . -24.16 -6.57 31.54
C11 PCW WA . -20.21 -15.76 27.04
C12 PCW WA . -19.66 -16.18 25.67
C31 PCW WA . -24.12 -17.00 28.76
C32 PCW WA . -24.46 -18.17 29.66
N PCW WA . -25.17 -7.63 31.49
O2 PCW WA . -23.65 -15.88 29.40
O3 PCW WA . -21.42 -15.13 26.99
O11 PCW WA . -19.59 -16.00 28.07
O31 PCW WA . -24.29 -17.06 27.55
O1P PCW WA . -26.42 -12.77 31.63
O2P PCW WA . -26.85 -12.27 29.17
O3P PCW WA . -24.92 -13.71 29.84
O4P PCW WA . -24.96 -11.20 30.36
P PCW WA . -25.90 -12.51 30.27
C1 PCW XA . -32.96 -21.97 -6.70
C2 PCW XA . -31.71 -22.49 -7.43
C3 PCW XA . -30.83 -23.31 -6.46
C4 PCW XA . -36.65 -19.46 -7.06
C5 PCW XA . -37.59 -20.00 -8.15
C6 PCW XA . -39.35 -19.04 -9.48
C7 PCW XA . -39.89 -20.46 -7.62
C8 PCW XA . -39.05 -18.25 -7.24
C11 PCW XA . -28.71 -23.95 -7.37
C12 PCW XA . -27.25 -23.54 -7.59
C13 PCW XA . -26.53 -24.41 -8.63
C14 PCW XA . -25.19 -24.91 -8.07
C15 PCW XA . -24.72 -26.15 -8.85
C16 PCW XA . -23.48 -26.80 -8.21
C17 PCW XA . -22.26 -25.89 -8.35
C18 PCW XA . -21.32 -26.06 -7.14
C19 PCW XA . -20.26 -24.94 -7.14
C20 PCW XA . -18.77 -25.32 -7.02
C21 PCW XA . -18.43 -26.80 -6.91
C22 PCW XA . -16.89 -26.96 -6.83
C23 PCW XA . -16.36 -27.90 -7.92
C24 PCW XA . -14.85 -28.08 -7.70
C25 PCW XA . -14.25 -28.97 -8.78
C26 PCW XA . -12.72 -29.02 -8.62
C27 PCW XA . -12.09 -29.85 -9.77
C28 PCW XA . -11.12 -30.87 -9.21
C31 PCW XA . -31.57 -22.96 -9.74
C32 PCW XA . -31.97 -23.89 -10.89
C33 PCW XA . -30.96 -25.03 -11.08
C34 PCW XA . -29.92 -24.64 -12.13
C35 PCW XA . -28.89 -25.78 -12.24
C36 PCW XA . -27.81 -25.42 -13.27
C37 PCW XA . -26.81 -26.58 -13.34
C38 PCW XA . -25.47 -26.12 -13.91
C39 PCW XA . -24.39 -27.06 -13.38
C40 PCW XA . -23.21 -27.41 -14.30
C41 PCW XA . -23.19 -26.80 -15.71
C42 PCW XA . -21.91 -27.34 -16.37
C43 PCW XA . -21.91 -27.14 -17.89
C44 PCW XA . -20.45 -27.04 -18.35
C45 PCW XA . -20.38 -26.95 -19.88
C46 PCW XA . -20.59 -25.52 -20.37
C47 PCW XA . -20.63 -25.54 -21.89
C48 PCW XA . -19.21 -25.34 -22.44
N PCW XA . -38.96 -19.43 -8.11
O2 PCW XA . -32.11 -23.31 -8.54
O3 PCW XA . -29.43 -23.02 -6.69
O11 PCW XA . -29.15 -25.03 -7.76
O31 PCW XA . -30.84 -21.99 -9.91
O1P PCW XA . -33.89 -18.23 -6.34
O2P PCW XA . -34.57 -20.17 -4.81
O3P PCW XA . -32.94 -20.53 -6.69
O4P PCW XA . -35.37 -20.06 -7.18
P PCW XA . -34.19 -19.66 -6.15
C1 CLR YA . -25.94 -22.12 -12.93
C2 CLR YA . -27.29 -21.39 -12.86
C3 CLR YA . -27.71 -21.04 -11.41
C4 CLR YA . -26.57 -20.26 -10.74
C5 CLR YA . -25.19 -20.90 -10.87
C6 CLR YA . -24.50 -21.15 -9.77
C7 CLR YA . -23.21 -21.92 -9.72
C8 CLR YA . -22.53 -21.94 -11.09
C9 CLR YA . -23.51 -22.24 -12.26
C10 CLR YA . -24.78 -21.31 -12.31
C11 CLR YA . -22.76 -22.41 -13.61
C12 CLR YA . -21.50 -23.36 -13.53
C13 CLR YA . -20.56 -22.94 -12.33
C14 CLR YA . -21.48 -23.00 -11.08
C15 CLR YA . -20.55 -23.02 -9.84
C16 CLR YA . -19.26 -23.75 -10.35
C17 CLR YA . -19.50 -24.01 -11.92
C18 CLR YA . -19.91 -21.55 -12.44
C19 CLR YA . -24.48 -20.08 -13.19
C20 CLR YA . -18.16 -23.92 -12.64
C21 CLR YA . -18.20 -24.03 -14.18
C22 CLR YA . -17.31 -25.09 -12.08
C23 CLR YA . -15.87 -25.06 -12.61
C24 CLR YA . -15.13 -26.19 -11.80
C25 CLR YA . -13.65 -26.17 -12.19
C26 CLR YA . -13.32 -26.77 -13.56
C27 CLR YA . -12.83 -26.67 -11.00
O1 CLR YA . -28.96 -20.35 -11.30
C1 CLR ZA . 3.98 -18.44 -23.21
C2 CLR ZA . 5.15 -19.41 -23.48
C3 CLR ZA . 6.41 -19.09 -22.62
C4 CLR ZA . 5.99 -19.03 -21.14
C5 CLR ZA . 4.78 -18.15 -20.86
C6 CLR ZA . 4.93 -17.16 -19.99
C7 CLR ZA . 3.90 -16.10 -19.75
C8 CLR ZA . 2.51 -16.55 -20.19
C9 CLR ZA . 2.49 -17.25 -21.57
C10 CLR ZA . 3.54 -18.42 -21.74
C11 CLR ZA . 1.03 -17.60 -22.00
C12 CLR ZA . 0.02 -16.41 -21.85
C13 CLR ZA . 0.13 -15.75 -20.40
C14 CLR ZA . 1.62 -15.36 -20.27
C15 CLR ZA . 1.71 -14.35 -19.08
C16 CLR ZA . 0.32 -13.60 -19.13
C17 CLR ZA . -0.52 -14.33 -20.29
C18 CLR ZA . -0.30 -16.64 -19.24
C19 CLR ZA . 2.87 -19.77 -21.38
C20 CLR ZA . -1.99 -14.32 -19.91
C21 CLR ZA . -2.96 -14.95 -20.93
C22 CLR ZA . -2.35 -12.81 -19.74
C23 CLR ZA . -3.49 -12.61 -18.73
C24 CLR ZA . -3.81 -11.07 -18.80
C25 CLR ZA . -5.10 -10.80 -18.03
C26 CLR ZA . -6.39 -11.28 -18.70
C27 CLR ZA . -5.08 -9.34 -17.55
O1 CLR ZA . 7.52 -19.97 -22.82
C1 PCW AB . 11.84 -22.35 21.17
C2 PCW AB . 12.14 -21.09 22.02
C3 PCW AB . 11.51 -19.84 21.42
C4 PCW AB . 12.48 -24.83 17.03
C5 PCW AB . 13.76 -25.17 16.28
C6 PCW AB . 14.19 -26.09 14.09
C7 PCW AB . 14.37 -27.48 16.03
C8 PCW AB . 12.22 -26.79 15.26
C11 PCW AB . 10.54 -17.92 22.38
C12 PCW AB . 9.66 -17.32 23.48
C13 PCW AB . 9.52 -15.81 23.30
C14 PCW AB . 8.36 -15.31 24.19
C15 PCW AB . 8.04 -13.84 23.91
C16 PCW AB . 6.93 -13.36 24.84
C17 PCW AB . 6.30 -12.09 24.27
C18 PCW AB . 5.18 -11.56 25.18
C19 PCW AB . 4.38 -10.55 24.35
C20 PCW AB . 3.22 -9.80 25.04
C21 PCW AB . 2.92 -10.10 26.51
C22 PCW AB . 1.41 -9.94 26.71
C23 PCW AB . 1.02 -8.46 26.65
C24 PCW AB . -0.42 -8.26 27.11
C25 PCW AB . -0.81 -6.79 26.97
C26 PCW AB . -2.30 -6.60 27.27
C27 PCW AB . -2.59 -5.14 27.63
C28 PCW AB . -4.03 -5.00 28.10
C31 PCW AB . 12.07 -22.07 24.23
C32 PCW AB . 11.46 -21.93 25.64
C33 PCW AB . 9.99 -21.49 25.52
C34 PCW AB . 9.38 -21.44 26.92
C35 PCW AB . 7.89 -21.05 26.85
C36 PCW AB . 7.69 -19.56 26.54
C37 PCW AB . 6.18 -19.30 26.44
C38 PCW AB . 5.84 -18.38 25.25
C39 PCW AB . 4.43 -18.77 24.77
C40 PCW AB . 3.36 -17.67 24.65
C41 PCW AB . 3.72 -16.23 25.02
C42 PCW AB . 3.44 -15.35 23.80
C43 PCW AB . 2.10 -14.60 23.97
C44 PCW AB . 2.13 -13.30 23.15
C45 PCW AB . 0.75 -12.66 23.12
C46 PCW AB . -0.03 -13.13 21.89
C47 PCW AB . -1.51 -12.81 22.04
C48 PCW AB . -2.32 -13.56 20.99
N PCW AB . 13.62 -26.37 15.42
O2 PCW AB . 11.59 -21.17 23.35
O3 PCW AB . 10.70 -19.27 22.45
O11 PCW AB . 11.05 -17.21 21.50
O31 PCW AB . 12.92 -22.93 23.99
O1P PCW AB . 12.40 -24.89 20.00
O2P PCW AB . 14.64 -23.88 19.34
O3P PCW AB . 12.74 -22.39 20.05
O4P PCW AB . 12.67 -23.66 17.85
P PCW AB . 13.17 -23.80 19.38
C1 PCW BB . 18.88 -14.89 22.28
C2 PCW BB . 18.75 -13.36 22.33
C3 PCW BB . 18.85 -12.80 20.91
C4 PCW BB . 19.43 -19.17 23.18
C5 PCW BB . 18.44 -19.92 24.09
C6 PCW BB . 18.35 -22.15 24.98
C7 PCW BB . 16.95 -21.55 23.14
C8 PCW BB . 19.30 -21.83 22.81
C11 PCW BB . 17.13 -11.35 20.24
C12 PCW BB . 15.72 -11.18 19.66
C13 PCW BB . 15.62 -9.97 18.74
C14 PCW BB . 14.64 -8.96 19.35
C15 PCW BB . 14.77 -7.61 18.64
C16 PCW BB . 13.46 -7.32 17.90
C17 PCW BB . 13.33 -5.80 17.64
C18 PCW BB . 11.88 -5.45 17.33
C19 PCW BB . 11.54 -5.99 15.94
C20 PCW BB . 10.19 -5.60 15.35
C21 PCW BB . 9.29 -4.71 16.21
C22 PCW BB . 7.89 -4.76 15.62
C23 PCW BB . 7.13 -3.47 15.89
C24 PCW BB . 5.85 -3.49 15.08
C25 PCW BB . 5.10 -2.17 15.22
C26 PCW BB . 3.61 -2.48 15.27
C27 PCW BB . 2.80 -1.21 14.98
C28 PCW BB . 1.32 -1.51 15.17
C31 PCW BB . 17.51 -12.45 24.09
C32 PCW BB . 16.16 -11.91 24.60
C33 PCW BB . 15.19 -11.86 23.42
C34 PCW BB . 14.15 -10.73 23.57
C35 PCW BB . 13.02 -11.14 24.52
C36 PCW BB . 11.79 -10.25 24.27
C37 PCW BB . 11.73 -9.10 25.27
C38 PCW BB . 11.17 -7.83 24.61
C39 PCW BB . 12.34 -7.04 24.01
C40 PCW BB . 12.03 -6.11 22.83
C41 PCW BB . 10.58 -6.03 22.32
C42 PCW BB . 10.08 -4.59 22.51
C43 PCW BB . 8.79 -4.35 21.70
C44 PCW BB . 8.39 -2.88 21.80
C45 PCW BB . 7.24 -2.58 20.84
C46 PCW BB . 6.71 -1.16 21.09
C47 PCW BB . 5.87 -0.71 19.89
C48 PCW BB . 5.63 0.80 19.97
N PCW BB . 18.27 -21.35 23.74
O2 PCW BB . 17.47 -12.98 22.84
O3 PCW BB . 17.51 -12.65 20.41
O11 PCW BB . 17.84 -10.38 20.50
O31 PCW BB . 18.52 -12.38 24.79
O1P PCW BB . 21.83 -16.89 23.72
O2P PCW BB . 20.64 -17.11 21.47
O3P PCW BB . 19.92 -15.35 23.13
O4P PCW BB . 19.51 -17.81 23.59
P PCW BB . 20.59 -16.81 22.92
#